data_5X6Z
#
_entry.id   5X6Z
#
_cell.length_a   77.394
_cell.length_b   83.447
_cell.length_c   141.979
_cell.angle_alpha   103.10
_cell.angle_beta   101.98
_cell.angle_gamma   95.69
#
_symmetry.space_group_name_H-M   'P 1'
#
loop_
_entity.id
_entity.type
_entity.pdbx_description
1 polymer 'mRNA capping enzyme P5'
2 non-polymer "GUANOSINE-5'-TRIPHOSPHATE"
3 non-polymer "GUANOSINE-5'-DIPHOSPHATE"
4 water water
#
_entity_poly.entity_id   1
_entity_poly.type   'polypeptide(L)'
_entity_poly.pdbx_seq_one_letter_code
;GGSMSNPDYCIPNFSQTVNERTIIDIFTICRYRSPLVVFCLSHNELAKKYAQDVSMSSGTHVHIIDGSVEITVSLYRTFR
TIATQLLGRMQIVVFVTVDKSVVSTQVMKSIAWAFRGSFVELRNQSVDSSTLVSKLENLVSFAPLYNVPKCGPDYYGPTV
YSELLSLATNARTHWYATIDYSMFTRSVLTGFVAKYFNEEAVPIDKRIVSIVGYNPPYVWTCLRHGIRPTYIEKSLPNPG
GKGPFGLILPVINELVLKSKVKYVMHNPQIKLLCLDTFMLSTSMNILYIGAYPATHLLSLQLNGWTILAFDPKITSDWTD
AMAKATGAKVIGVSKEFDFKSFSVQANQLNMFQNSKLSVIDDTWVETDYEKFQSEKQAYFEWLIDRTSIDVRLISMKWNR
SKDTSVSHLLALLPQPYGASIREMRAFFHKKGASDIKILAAETEKYMDDFTAMSVSDQINTQKFMHCMITTVGDALKMDL
DGGRAVIASYSLSNSSNSKERVLKFLSDANKAKAMVVFGAPNTHRLAYAKKVGLVLDSAIKMSKDLITFSNPTGRRWRDY
GYSQSELYDAGYVEITIDQMVAYSSDVYNGVGYFANSTYNDLFSWYIPKWYVHKRMLMQDIRLSPAALVKCFTTLIRNIC
YVPHETYYRFRGILVDKYLRSKNVDPSQYSIVGSGSKTFTVLSHFEVPHECGPLVFEASTDVNISGHLLSLAIAAHFVAS
PMILWAEQMKYMAVDRMLPPNLDKSLFFDNKVTPSGALQRWHSREEVLLAAEICESYAAMMLNNKHSPDIIGTLKSAINL
VFKI
;
_entity_poly.pdbx_strand_id   C,A,D,B
#
# COMPACT_ATOMS: atom_id res chain seq x y z
N ASP A 8 32.30 7.78 -49.75
CA ASP A 8 32.03 8.99 -50.54
C ASP A 8 31.97 10.23 -49.64
N TYR A 9 32.39 11.35 -50.21
CA TYR A 9 32.59 12.58 -49.47
C TYR A 9 31.64 13.67 -49.95
N CYS A 10 30.36 13.33 -50.11
CA CYS A 10 29.35 14.28 -50.55
C CYS A 10 28.09 14.13 -49.70
N ILE A 11 27.36 15.24 -49.58
CA ILE A 11 26.00 15.18 -49.02
C ILE A 11 25.07 15.78 -50.05
N PRO A 12 23.78 15.36 -50.09
CA PRO A 12 23.25 14.25 -49.29
C PRO A 12 23.97 12.97 -49.58
N ASN A 13 23.93 12.05 -48.63
CA ASN A 13 24.66 10.81 -48.76
C ASN A 13 23.74 9.65 -48.41
N PHE A 14 23.37 8.85 -49.42
CA PHE A 14 22.71 7.59 -49.17
C PHE A 14 23.65 6.39 -49.29
N SER A 15 24.76 6.54 -50.02
CA SER A 15 25.64 5.40 -50.32
C SER A 15 26.34 4.87 -49.08
N GLN A 16 26.74 5.75 -48.16
CA GLN A 16 27.43 5.34 -46.95
C GLN A 16 26.52 5.26 -45.73
N THR A 17 25.34 5.86 -45.80
CA THR A 17 24.45 5.92 -44.65
C THR A 17 23.42 4.81 -44.64
N VAL A 18 22.99 4.31 -45.79
CA VAL A 18 21.91 3.31 -45.85
C VAL A 18 22.49 2.02 -46.42
N ASN A 19 22.63 1.01 -45.56
CA ASN A 19 22.89 -0.37 -45.96
C ASN A 19 21.81 -1.24 -45.32
N GLU A 20 21.88 -2.56 -45.56
CA GLU A 20 20.85 -3.45 -45.01
C GLU A 20 20.77 -3.36 -43.49
N ARG A 21 21.87 -2.99 -42.84
CA ARG A 21 21.87 -2.73 -41.40
C ARG A 21 21.08 -1.47 -41.02
N THR A 22 21.13 -0.41 -41.83
CA THR A 22 20.26 0.75 -41.62
C THR A 22 18.81 0.34 -41.78
N ILE A 23 18.51 -0.45 -42.81
CA ILE A 23 17.15 -0.94 -43.03
C ILE A 23 16.64 -1.65 -41.78
N ILE A 24 17.48 -2.51 -41.21
CA ILE A 24 17.12 -3.20 -39.97
C ILE A 24 16.80 -2.20 -38.88
N ASP A 25 17.67 -1.21 -38.71
CA ASP A 25 17.45 -0.22 -37.67
C ASP A 25 16.16 0.55 -37.91
N ILE A 26 15.77 0.76 -39.18
CA ILE A 26 14.50 1.43 -39.43
C ILE A 26 13.35 0.54 -38.96
N PHE A 27 13.40 -0.76 -39.30
CA PHE A 27 12.43 -1.69 -38.74
C PHE A 27 12.38 -1.61 -37.22
N THR A 28 13.55 -1.56 -36.56
CA THR A 28 13.60 -1.52 -35.10
C THR A 28 12.96 -0.23 -34.56
N ILE A 29 13.23 0.90 -35.21
CA ILE A 29 12.65 2.17 -34.78
C ILE A 29 11.14 2.17 -34.94
N CYS A 30 10.61 1.39 -35.91
CA CYS A 30 9.17 1.27 -36.09
C CYS A 30 8.46 0.69 -34.88
N ARG A 31 9.18 -0.03 -34.00
CA ARG A 31 8.57 -0.51 -32.75
C ARG A 31 8.24 0.64 -31.81
N TYR A 32 8.85 1.81 -32.04
CA TYR A 32 8.73 2.95 -31.16
C TYR A 32 7.88 4.05 -31.77
N ARG A 33 7.13 3.75 -32.83
CA ARG A 33 6.50 4.78 -33.66
C ARG A 33 5.22 5.35 -33.04
N SER A 34 4.94 5.06 -31.77
CA SER A 34 3.76 5.60 -31.07
C SER A 34 4.16 6.41 -29.84
N PRO A 35 4.85 7.55 -30.03
CA PRO A 35 5.37 8.28 -28.86
C PRO A 35 4.40 9.28 -28.23
N LEU A 36 3.22 9.51 -28.79
CA LEU A 36 2.40 10.69 -28.44
C LEU A 36 1.48 10.47 -27.24
N VAL A 37 1.34 11.51 -26.42
CA VAL A 37 0.30 11.58 -25.38
C VAL A 37 -0.49 12.87 -25.58
N VAL A 38 -1.81 12.74 -25.65
CA VAL A 38 -2.71 13.90 -25.71
C VAL A 38 -3.42 14.00 -24.37
N PHE A 39 -3.20 15.11 -23.66
CA PHE A 39 -3.62 15.29 -22.26
C PHE A 39 -4.46 16.57 -22.16
N CYS A 40 -5.74 16.42 -21.88
CA CYS A 40 -6.69 17.54 -21.84
C CYS A 40 -7.01 17.91 -20.40
N LEU A 41 -6.88 19.20 -20.09
CA LEU A 41 -7.14 19.70 -18.74
C LEU A 41 -7.48 21.18 -18.84
N SER A 42 -8.05 21.71 -17.76
CA SER A 42 -8.64 23.05 -17.83
C SER A 42 -7.78 24.11 -17.19
N HIS A 43 -6.52 23.80 -16.84
CA HIS A 43 -5.72 24.73 -16.04
C HIS A 43 -4.37 24.97 -16.70
N ASN A 44 -4.20 26.17 -17.24
CA ASN A 44 -3.04 26.41 -18.08
C ASN A 44 -1.75 26.51 -17.28
N GLU A 45 -1.77 27.06 -16.05
CA GLU A 45 -0.52 27.16 -15.31
C GLU A 45 -0.04 25.78 -14.86
N LEU A 46 -0.97 24.91 -14.48
CA LEU A 46 -0.64 23.51 -14.24
C LEU A 46 -0.04 22.86 -15.49
N ALA A 47 -0.67 23.07 -16.65
CA ALA A 47 -0.13 22.53 -17.89
C ALA A 47 1.29 23.02 -18.13
N LYS A 48 1.55 24.31 -17.91
CA LYS A 48 2.89 24.83 -18.15
C LYS A 48 3.89 24.21 -17.17
N LYS A 49 3.48 23.98 -15.93
CA LYS A 49 4.41 23.43 -14.94
C LYS A 49 4.84 22.01 -15.31
N TYR A 50 3.90 21.15 -15.66
CA TYR A 50 4.27 19.78 -15.99
C TYR A 50 4.93 19.69 -17.37
N ALA A 51 4.60 20.60 -18.30
CA ALA A 51 5.31 20.68 -19.56
C ALA A 51 6.79 20.95 -19.34
N GLN A 52 7.11 21.94 -18.51
CA GLN A 52 8.50 22.21 -18.13
C GLN A 52 9.13 21.00 -17.42
N ASP A 53 8.39 20.35 -16.52
CA ASP A 53 8.98 19.28 -15.71
C ASP A 53 9.34 18.07 -16.57
N VAL A 54 8.47 17.67 -17.49
CA VAL A 54 8.77 16.48 -18.28
C VAL A 54 9.77 16.79 -19.41
N SER A 55 9.75 17.98 -20.00
CA SER A 55 10.74 18.27 -21.03
C SER A 55 12.14 18.42 -20.40
N MET A 56 12.25 19.07 -19.25
CA MET A 56 13.57 19.26 -18.64
C MET A 56 14.15 17.97 -18.08
N SER A 57 13.31 17.05 -17.60
CA SER A 57 13.86 15.87 -16.98
C SER A 57 14.11 14.73 -17.98
N SER A 58 13.30 14.62 -19.02
CA SER A 58 13.38 13.49 -19.95
C SER A 58 13.50 13.87 -21.42
N GLY A 59 13.48 15.16 -21.75
CA GLY A 59 13.58 15.56 -23.14
C GLY A 59 12.30 15.43 -23.96
N THR A 60 11.20 15.07 -23.33
CA THR A 60 9.90 15.01 -24.01
C THR A 60 9.61 16.33 -24.72
N HIS A 61 9.09 16.25 -25.94
CA HIS A 61 8.69 17.45 -26.67
C HIS A 61 7.26 17.80 -26.27
N VAL A 62 7.03 19.04 -25.85
CA VAL A 62 5.74 19.41 -25.30
C VAL A 62 5.13 20.52 -26.15
N HIS A 63 3.82 20.44 -26.38
CA HIS A 63 3.02 21.49 -26.99
C HIS A 63 1.82 21.78 -26.10
N ILE A 64 1.43 23.05 -26.06
CA ILE A 64 0.23 23.45 -25.33
C ILE A 64 -0.70 24.15 -26.31
N ILE A 65 -1.91 23.63 -26.44
CA ILE A 65 -2.95 24.28 -27.23
C ILE A 65 -3.88 24.94 -26.22
N ASP A 66 -3.68 26.25 -26.04
CA ASP A 66 -4.32 27.03 -24.98
C ASP A 66 -5.31 28.07 -25.47
N GLY A 67 -5.54 28.18 -26.78
CA GLY A 67 -6.53 29.11 -27.28
C GLY A 67 -6.04 30.50 -27.60
N SER A 68 -4.74 30.78 -27.47
CA SER A 68 -4.21 32.03 -28.00
C SER A 68 -4.26 32.08 -29.51
N VAL A 69 -4.39 30.92 -30.14
CA VAL A 69 -4.50 30.81 -31.59
C VAL A 69 -5.82 30.08 -31.86
N GLU A 70 -6.47 30.42 -32.97
CA GLU A 70 -7.71 29.77 -33.34
C GLU A 70 -7.49 28.26 -33.49
N ILE A 71 -8.49 27.47 -33.07
CA ILE A 71 -8.26 26.04 -32.78
C ILE A 71 -7.86 25.25 -34.03
N THR A 72 -8.45 25.56 -35.18
CA THR A 72 -8.11 24.80 -36.39
C THR A 72 -6.66 25.05 -36.80
N VAL A 73 -6.19 26.29 -36.69
CA VAL A 73 -4.80 26.61 -36.98
C VAL A 73 -3.85 26.02 -35.94
N SER A 74 -4.25 25.99 -34.65
CA SER A 74 -3.39 25.41 -33.62
C SER A 74 -3.20 23.93 -33.87
N LEU A 75 -4.29 23.23 -34.16
CA LEU A 75 -4.23 21.80 -34.43
C LEU A 75 -3.36 21.53 -35.65
N TYR A 76 -3.57 22.32 -36.71
CA TYR A 76 -2.80 22.15 -37.94
C TYR A 76 -1.30 22.34 -37.68
N ARG A 77 -0.93 23.42 -36.99
CA ARG A 77 0.47 23.68 -36.66
C ARG A 77 1.06 22.59 -35.79
N THR A 78 0.34 22.17 -34.76
CA THR A 78 0.87 21.22 -33.81
C THR A 78 1.04 19.84 -34.44
N PHE A 79 0.02 19.36 -35.14
CA PHE A 79 0.09 17.99 -35.61
C PHE A 79 0.82 17.82 -36.93
N ARG A 80 0.99 18.90 -37.70
CA ARG A 80 1.90 18.80 -38.86
C ARG A 80 3.34 18.65 -38.37
N THR A 81 3.70 19.40 -37.33
CA THR A 81 5.01 19.25 -36.71
C THR A 81 5.21 17.84 -36.19
N ILE A 82 4.20 17.34 -35.46
CA ILE A 82 4.34 16.04 -34.80
C ILE A 82 4.43 14.93 -35.83
N ALA A 83 3.71 15.06 -36.96
CA ALA A 83 3.72 14.02 -37.97
C ALA A 83 5.13 13.74 -38.48
N THR A 84 5.99 14.74 -38.51
CA THR A 84 7.35 14.49 -38.98
C THR A 84 8.21 13.80 -37.93
N GLN A 85 7.81 13.81 -36.66
CA GLN A 85 8.67 13.41 -35.56
C GLN A 85 8.36 12.01 -35.01
N LEU A 86 7.41 11.29 -35.58
CA LEU A 86 6.89 10.11 -34.91
C LEU A 86 7.89 8.93 -34.88
N LEU A 87 8.94 8.98 -35.71
CA LEU A 87 10.00 7.98 -35.66
C LEU A 87 11.22 8.49 -34.93
N GLY A 88 11.06 9.54 -34.11
CA GLY A 88 12.21 10.15 -33.45
C GLY A 88 12.64 9.48 -32.17
N ARG A 89 11.88 8.48 -31.73
CA ARG A 89 12.14 7.78 -30.47
C ARG A 89 12.24 8.74 -29.28
N MET A 90 11.42 9.79 -29.30
CA MET A 90 11.28 10.68 -28.15
C MET A 90 9.81 10.93 -27.89
N GLN A 91 9.44 10.95 -26.62
CA GLN A 91 8.05 11.18 -26.23
C GLN A 91 7.59 12.56 -26.70
N ILE A 92 6.30 12.63 -27.04
CA ILE A 92 5.63 13.87 -27.40
C ILE A 92 4.37 13.98 -26.57
N VAL A 93 4.17 15.14 -25.94
CA VAL A 93 2.98 15.44 -25.14
C VAL A 93 2.34 16.70 -25.68
N VAL A 94 1.07 16.59 -26.06
CA VAL A 94 0.23 17.74 -26.40
C VAL A 94 -0.74 17.96 -25.24
N PHE A 95 -0.56 19.08 -24.54
CA PHE A 95 -1.54 19.53 -23.55
C PHE A 95 -2.58 20.39 -24.27
N VAL A 96 -3.86 20.06 -24.07
CA VAL A 96 -4.98 20.79 -24.63
C VAL A 96 -5.73 21.43 -23.47
N THR A 97 -5.69 22.75 -23.36
CA THR A 97 -6.34 23.44 -22.26
C THR A 97 -7.56 24.27 -22.70
N VAL A 98 -7.90 24.29 -23.99
CA VAL A 98 -9.16 24.92 -24.40
C VAL A 98 -10.35 24.08 -23.95
N ASP A 99 -11.49 24.74 -23.84
CA ASP A 99 -12.74 24.14 -23.40
C ASP A 99 -13.26 23.10 -24.37
N LYS A 100 -14.03 22.14 -23.84
CA LYS A 100 -14.75 21.17 -24.66
C LYS A 100 -15.63 21.83 -25.72
N SER A 101 -16.08 23.05 -25.47
CA SER A 101 -16.85 23.78 -26.47
C SER A 101 -15.99 24.15 -27.68
N VAL A 102 -14.68 24.31 -27.48
CA VAL A 102 -13.77 24.67 -28.57
C VAL A 102 -13.33 23.44 -29.35
N VAL A 103 -12.89 22.40 -28.66
CA VAL A 103 -12.72 21.10 -29.31
C VAL A 103 -13.26 20.02 -28.38
N SER A 104 -14.17 19.23 -28.91
CA SER A 104 -14.89 18.26 -28.10
C SER A 104 -13.99 17.08 -27.73
N THR A 105 -14.43 16.35 -26.69
CA THR A 105 -13.74 15.14 -26.29
C THR A 105 -13.60 14.17 -27.46
N GLN A 106 -14.69 13.95 -28.21
CA GLN A 106 -14.62 12.94 -29.27
C GLN A 106 -13.68 13.35 -30.39
N VAL A 107 -13.64 14.65 -30.73
CA VAL A 107 -12.73 15.11 -31.79
C VAL A 107 -11.27 14.98 -31.34
N MET A 108 -10.96 15.45 -30.12
CA MET A 108 -9.58 15.39 -29.65
C MET A 108 -9.11 13.95 -29.50
N LYS A 109 -10.01 13.06 -29.10
CA LYS A 109 -9.72 11.65 -29.02
C LYS A 109 -9.47 11.05 -30.41
N SER A 110 -10.33 11.38 -31.38
CA SER A 110 -10.09 10.93 -32.76
C SER A 110 -8.73 11.40 -33.27
N ILE A 111 -8.34 12.63 -32.94
CA ILE A 111 -7.06 13.13 -33.42
C ILE A 111 -5.93 12.40 -32.72
N ALA A 112 -6.02 12.29 -31.38
CA ALA A 112 -5.01 11.55 -30.62
C ALA A 112 -4.77 10.18 -31.22
N TRP A 113 -5.84 9.44 -31.49
CA TRP A 113 -5.69 8.07 -31.96
C TRP A 113 -5.26 8.01 -33.42
N ALA A 114 -5.67 8.97 -34.24
CA ALA A 114 -5.14 8.98 -35.60
C ALA A 114 -3.62 9.16 -35.60
N PHE A 115 -3.07 9.76 -34.54
CA PHE A 115 -1.64 9.87 -34.40
C PHE A 115 -1.08 8.83 -33.43
N ARG A 116 -1.82 7.73 -33.22
CA ARG A 116 -1.34 6.58 -32.43
C ARG A 116 -1.01 6.97 -31.00
N GLY A 117 -1.76 7.89 -30.43
CA GLY A 117 -1.42 8.45 -29.14
C GLY A 117 -2.27 7.87 -28.03
N SER A 118 -1.83 8.11 -26.81
CA SER A 118 -2.69 7.90 -25.66
C SER A 118 -3.47 9.19 -25.41
N PHE A 119 -4.64 9.04 -24.81
CA PHE A 119 -5.58 10.15 -24.71
C PHE A 119 -6.09 10.24 -23.28
N VAL A 120 -5.98 11.43 -22.69
CA VAL A 120 -6.44 11.68 -21.32
C VAL A 120 -7.41 12.86 -21.39
N GLU A 121 -8.62 12.67 -20.90
CA GLU A 121 -9.63 13.74 -20.89
C GLU A 121 -9.90 14.10 -19.45
N LEU A 122 -9.37 15.22 -19.00
CA LEU A 122 -9.65 15.56 -17.61
C LEU A 122 -10.12 17.00 -17.47
N ARG A 123 -10.66 17.58 -18.55
CA ARG A 123 -11.03 18.99 -18.51
C ARG A 123 -12.13 19.31 -17.49
N ASN A 124 -12.87 18.30 -17.02
CA ASN A 124 -13.85 18.54 -15.97
C ASN A 124 -13.26 18.74 -14.58
N GLN A 125 -11.95 18.52 -14.39
CA GLN A 125 -11.38 18.49 -13.05
C GLN A 125 -10.95 19.86 -12.57
N SER A 126 -11.03 20.04 -11.26
CA SER A 126 -10.57 21.28 -10.66
C SER A 126 -9.06 21.22 -10.48
N VAL A 127 -8.47 22.40 -10.26
CA VAL A 127 -7.01 22.53 -10.30
C VAL A 127 -6.33 21.68 -9.22
N ASP A 128 -7.03 21.37 -8.13
CA ASP A 128 -6.47 20.59 -7.04
C ASP A 128 -7.06 19.19 -6.99
N SER A 129 -7.72 18.75 -8.06
CA SER A 129 -8.16 17.36 -8.18
C SER A 129 -6.99 16.41 -7.97
N SER A 130 -7.18 15.46 -7.06
CA SER A 130 -6.12 14.49 -6.78
C SER A 130 -5.88 13.60 -7.99
N THR A 131 -6.93 13.27 -8.74
CA THR A 131 -6.76 12.46 -9.94
C THR A 131 -6.00 13.22 -11.02
N LEU A 132 -6.29 14.53 -11.17
CA LEU A 132 -5.59 15.33 -12.18
C LEU A 132 -4.11 15.42 -11.87
N VAL A 133 -3.75 15.81 -10.65
CA VAL A 133 -2.35 15.91 -10.27
C VAL A 133 -1.68 14.56 -10.39
N SER A 134 -2.39 13.49 -9.98
CA SER A 134 -1.82 12.16 -10.06
C SER A 134 -1.45 11.80 -11.50
N LYS A 135 -2.34 12.10 -12.44
CA LYS A 135 -2.03 11.76 -13.82
C LYS A 135 -0.94 12.66 -14.40
N LEU A 136 -0.89 13.93 -13.97
CA LEU A 136 0.21 14.82 -14.39
C LEU A 136 1.56 14.33 -13.85
N GLU A 137 1.63 13.99 -12.56
CA GLU A 137 2.90 13.52 -12.01
C GLU A 137 3.33 12.21 -12.69
N ASN A 138 2.37 11.39 -13.10
CA ASN A 138 2.69 10.15 -13.81
C ASN A 138 3.47 10.42 -15.09
N LEU A 139 3.21 11.56 -15.76
CA LEU A 139 3.96 11.93 -16.96
C LEU A 139 5.44 12.00 -16.67
N VAL A 140 5.81 12.68 -15.59
CA VAL A 140 7.20 12.87 -15.22
C VAL A 140 7.82 11.58 -14.71
N SER A 141 7.10 10.83 -13.86
CA SER A 141 7.64 9.58 -13.32
C SER A 141 7.94 8.57 -14.43
N PHE A 142 7.03 8.42 -15.37
CA PHE A 142 7.17 7.32 -16.31
C PHE A 142 7.91 7.69 -17.59
N ALA A 143 8.00 8.97 -17.93
CA ALA A 143 8.59 9.39 -19.21
C ALA A 143 9.95 8.71 -19.42
N PRO A 144 10.24 8.20 -20.64
CA PRO A 144 9.50 8.41 -21.90
C PRO A 144 8.26 7.55 -22.10
N LEU A 145 7.99 6.63 -21.18
CA LEU A 145 6.78 5.84 -21.23
C LEU A 145 5.65 6.59 -20.53
N TYR A 146 4.44 6.05 -20.66
CA TYR A 146 3.28 6.56 -19.95
C TYR A 146 2.34 5.39 -19.68
N ASN A 147 1.61 5.46 -18.57
CA ASN A 147 0.80 4.33 -18.13
C ASN A 147 -0.65 4.40 -18.62
N VAL A 148 -0.99 5.31 -19.50
CA VAL A 148 -2.26 5.30 -20.23
C VAL A 148 -2.00 4.63 -21.58
N PRO A 149 -2.77 3.63 -21.98
CA PRO A 149 -2.54 2.96 -23.26
C PRO A 149 -2.77 3.88 -24.45
N LYS A 150 -2.11 3.54 -25.55
CA LYS A 150 -2.32 4.23 -26.81
C LYS A 150 -3.52 3.64 -27.54
N CYS A 151 -4.35 4.51 -28.12
CA CYS A 151 -5.46 4.09 -28.98
C CYS A 151 -6.50 3.23 -28.26
N GLY A 152 -6.73 3.47 -26.99
CA GLY A 152 -7.78 2.76 -26.30
C GLY A 152 -7.77 3.10 -24.84
N PRO A 153 -8.93 3.05 -24.20
CA PRO A 153 -9.02 3.50 -22.79
C PRO A 153 -8.38 2.52 -21.82
N ASP A 154 -8.49 1.22 -22.07
CA ASP A 154 -8.18 0.22 -21.06
C ASP A 154 -7.08 -0.71 -21.52
N TYR A 155 -6.50 -1.42 -20.56
CA TYR A 155 -5.49 -2.43 -20.82
C TYR A 155 -5.55 -3.48 -19.72
N TYR A 156 -5.43 -4.75 -20.11
CA TYR A 156 -5.54 -5.86 -19.18
C TYR A 156 -4.40 -6.87 -19.33
N GLY A 157 -3.35 -6.54 -20.08
CA GLY A 157 -2.25 -7.47 -20.28
C GLY A 157 -1.35 -7.53 -19.05
N PRO A 158 -0.18 -8.16 -19.19
CA PRO A 158 0.66 -8.37 -18.01
C PRO A 158 1.54 -7.19 -17.63
N THR A 159 1.64 -6.16 -18.48
CA THR A 159 2.45 -4.99 -18.15
C THR A 159 1.78 -4.20 -17.02
N VAL A 160 2.49 -4.01 -15.91
CA VAL A 160 1.96 -3.33 -14.74
C VAL A 160 2.90 -2.17 -14.41
N TYR A 161 2.47 -0.94 -14.72
CA TYR A 161 3.39 0.19 -14.60
C TYR A 161 3.84 0.44 -13.16
N SER A 162 2.98 0.18 -12.17
CA SER A 162 3.40 0.38 -10.79
C SER A 162 4.65 -0.43 -10.46
N GLU A 163 4.80 -1.63 -11.04
CA GLU A 163 5.95 -2.47 -10.76
C GLU A 163 7.26 -1.82 -11.16
N LEU A 164 7.23 -0.97 -12.19
CA LEU A 164 8.42 -0.21 -12.60
C LEU A 164 8.92 0.71 -11.49
N LEU A 165 8.09 1.01 -10.50
CA LEU A 165 8.44 1.91 -9.41
C LEU A 165 8.78 1.21 -8.10
N SER A 166 8.69 -0.12 -8.03
CA SER A 166 8.85 -0.81 -6.76
C SER A 166 10.20 -1.53 -6.69
N LEU A 167 10.92 -1.31 -5.59
CA LEU A 167 12.13 -2.10 -5.34
C LEU A 167 11.82 -3.57 -5.18
N ALA A 168 10.61 -3.90 -4.69
CA ALA A 168 10.24 -5.30 -4.46
C ALA A 168 10.29 -6.13 -5.74
N THR A 169 9.91 -5.53 -6.88
CA THR A 169 9.94 -6.23 -8.16
C THR A 169 11.23 -6.00 -8.92
N ASN A 170 12.21 -5.30 -8.31
CA ASN A 170 13.42 -4.87 -9.00
C ASN A 170 13.12 -3.86 -10.11
N ALA A 171 12.06 -3.08 -9.92
CA ALA A 171 11.71 -1.96 -10.78
C ALA A 171 11.58 -2.41 -12.24
N ARG A 172 10.96 -3.57 -12.44
CA ARG A 172 10.80 -4.19 -13.74
C ARG A 172 9.37 -4.70 -13.86
N THR A 173 8.90 -4.82 -15.10
CA THR A 173 7.59 -5.41 -15.30
C THR A 173 7.59 -6.16 -16.63
N HIS A 174 6.52 -6.93 -16.84
CA HIS A 174 6.39 -7.72 -18.05
C HIS A 174 6.08 -6.87 -19.27
N TRP A 175 6.47 -7.39 -20.45
CA TRP A 175 6.42 -6.67 -21.73
C TRP A 175 6.31 -7.69 -22.85
N TYR A 176 5.08 -8.01 -23.23
CA TYR A 176 4.78 -8.96 -24.30
C TYR A 176 4.15 -8.17 -25.45
N ALA A 177 4.99 -7.53 -26.26
CA ALA A 177 4.51 -6.59 -27.27
C ALA A 177 3.63 -7.28 -28.30
N THR A 178 4.05 -8.45 -28.76
CA THR A 178 3.33 -9.10 -29.85
C THR A 178 1.95 -9.56 -29.39
N ILE A 179 1.88 -10.20 -28.22
CA ILE A 179 0.60 -10.69 -27.69
C ILE A 179 -0.33 -9.53 -27.37
N ASP A 180 0.21 -8.44 -26.80
CA ASP A 180 -0.65 -7.30 -26.48
C ASP A 180 -1.16 -6.60 -27.75
N TYR A 181 -0.32 -6.53 -28.79
CA TYR A 181 -0.78 -5.87 -30.01
C TYR A 181 -1.75 -6.75 -30.78
N SER A 182 -1.58 -8.08 -30.74
CA SER A 182 -2.59 -8.96 -31.32
C SER A 182 -3.93 -8.81 -30.61
N MET A 183 -3.90 -8.59 -29.29
CA MET A 183 -5.15 -8.40 -28.55
C MET A 183 -5.76 -7.03 -28.86
N PHE A 184 -4.92 -5.99 -28.93
CA PHE A 184 -5.34 -4.71 -29.46
C PHE A 184 -6.02 -4.87 -30.82
N THR A 185 -5.42 -5.67 -31.70
CA THR A 185 -5.96 -5.84 -33.06
C THR A 185 -7.36 -6.45 -33.05
N ARG A 186 -7.57 -7.50 -32.25
CA ARG A 186 -8.90 -8.10 -32.13
C ARG A 186 -9.92 -7.07 -31.67
N SER A 187 -9.55 -6.29 -30.65
CA SER A 187 -10.39 -5.21 -30.14
C SER A 187 -10.72 -4.19 -31.22
N VAL A 188 -9.72 -3.73 -31.99
CA VAL A 188 -9.98 -2.72 -33.03
C VAL A 188 -10.87 -3.30 -34.14
N LEU A 189 -10.61 -4.55 -34.55
CA LEU A 189 -11.45 -5.13 -35.60
C LEU A 189 -12.90 -5.18 -35.15
N THR A 190 -13.12 -5.52 -33.87
CA THR A 190 -14.46 -5.54 -33.31
C THR A 190 -15.08 -4.16 -33.32
N GLY A 191 -14.34 -3.16 -32.86
CA GLY A 191 -14.86 -1.79 -32.84
C GLY A 191 -15.11 -1.24 -34.22
N PHE A 192 -14.34 -1.68 -35.22
CA PHE A 192 -14.64 -1.28 -36.59
C PHE A 192 -15.99 -1.84 -37.03
N VAL A 193 -16.28 -3.10 -36.71
CA VAL A 193 -17.58 -3.67 -37.07
C VAL A 193 -18.70 -2.97 -36.34
N ALA A 194 -18.46 -2.58 -35.08
CA ALA A 194 -19.45 -1.81 -34.34
C ALA A 194 -19.68 -0.45 -34.97
N LYS A 195 -18.61 0.16 -35.50
CA LYS A 195 -18.76 1.42 -36.19
C LYS A 195 -19.54 1.22 -37.48
N TYR A 196 -19.23 0.14 -38.21
CA TYR A 196 -19.97 -0.21 -39.41
C TYR A 196 -21.47 -0.33 -39.13
N PHE A 197 -21.83 -1.16 -38.15
CA PHE A 197 -23.24 -1.33 -37.76
C PHE A 197 -23.90 0.01 -37.47
N ASN A 198 -23.16 0.95 -36.88
CA ASN A 198 -23.74 2.24 -36.50
C ASN A 198 -23.94 3.13 -37.72
N GLU A 199 -22.92 3.22 -38.60
CA GLU A 199 -23.04 4.05 -39.78
C GLU A 199 -24.14 3.55 -40.72
N GLU A 200 -24.32 2.24 -40.79
CA GLU A 200 -25.30 1.62 -41.66
C GLU A 200 -26.67 1.49 -41.00
N ALA A 201 -26.81 1.92 -39.75
CA ALA A 201 -28.07 1.88 -39.00
C ALA A 201 -28.69 0.49 -39.01
N VAL A 202 -27.85 -0.53 -38.84
CA VAL A 202 -28.35 -1.90 -38.71
C VAL A 202 -29.16 -2.01 -37.42
N PRO A 203 -30.35 -2.62 -37.44
CA PRO A 203 -31.12 -2.78 -36.21
C PRO A 203 -30.31 -3.48 -35.13
N ILE A 204 -30.56 -3.09 -33.87
CA ILE A 204 -29.74 -3.58 -32.76
C ILE A 204 -29.80 -5.09 -32.65
N ASP A 205 -30.94 -5.69 -32.97
CA ASP A 205 -31.08 -7.14 -32.86
C ASP A 205 -30.22 -7.88 -33.87
N LYS A 206 -29.87 -7.23 -34.98
CA LYS A 206 -29.09 -7.86 -36.04
C LYS A 206 -27.60 -7.56 -35.97
N ARG A 207 -27.12 -6.99 -34.86
CA ARG A 207 -25.70 -6.63 -34.74
C ARG A 207 -24.93 -7.84 -34.23
N ILE A 208 -24.72 -8.76 -35.16
CA ILE A 208 -24.10 -10.05 -34.90
C ILE A 208 -22.95 -10.18 -35.88
N VAL A 209 -21.82 -10.66 -35.41
CA VAL A 209 -20.66 -10.83 -36.27
C VAL A 209 -20.20 -12.28 -36.20
N SER A 210 -19.79 -12.81 -37.35
CA SER A 210 -19.20 -14.14 -37.44
C SER A 210 -17.69 -14.03 -37.40
N ILE A 211 -17.08 -14.80 -36.51
CA ILE A 211 -15.64 -14.88 -36.36
C ILE A 211 -15.17 -16.18 -37.00
N VAL A 212 -14.34 -16.09 -38.03
CA VAL A 212 -13.89 -17.29 -38.71
C VAL A 212 -12.71 -17.86 -37.94
N GLY A 213 -12.86 -19.11 -37.49
CA GLY A 213 -11.84 -19.73 -36.67
C GLY A 213 -12.04 -19.36 -35.22
N TYR A 214 -12.02 -20.34 -34.33
CA TYR A 214 -12.29 -20.08 -32.92
C TYR A 214 -11.21 -19.21 -32.30
N ASN A 215 -11.63 -18.13 -31.63
CA ASN A 215 -10.71 -17.10 -31.16
C ASN A 215 -11.30 -16.50 -29.89
N PRO A 216 -10.93 -17.04 -28.73
CA PRO A 216 -11.70 -16.78 -27.47
C PRO A 216 -11.88 -15.31 -27.14
N PRO A 217 -10.86 -14.44 -27.28
CA PRO A 217 -11.03 -13.05 -26.81
C PRO A 217 -12.17 -12.30 -27.47
N TYR A 218 -12.64 -12.73 -28.64
CA TYR A 218 -13.69 -11.98 -29.32
C TYR A 218 -15.01 -11.93 -28.57
N VAL A 219 -15.28 -12.89 -27.68
CA VAL A 219 -16.53 -12.82 -26.95
C VAL A 219 -16.56 -11.58 -26.07
N TRP A 220 -15.44 -11.31 -25.39
CA TRP A 220 -15.35 -10.12 -24.56
C TRP A 220 -15.35 -8.84 -25.42
N THR A 221 -14.50 -8.77 -26.45
CA THR A 221 -14.44 -7.54 -27.24
C THR A 221 -15.80 -7.22 -27.87
N CYS A 222 -16.53 -8.25 -28.28
CA CYS A 222 -17.82 -8.02 -28.89
C CYS A 222 -18.83 -7.41 -27.92
N LEU A 223 -18.88 -7.95 -26.69
CA LEU A 223 -19.85 -7.43 -25.73
C LEU A 223 -19.43 -6.07 -25.20
N ARG A 224 -18.12 -5.78 -25.17
CA ARG A 224 -17.69 -4.42 -24.87
C ARG A 224 -18.23 -3.42 -25.88
N HIS A 225 -18.60 -3.87 -27.08
CA HIS A 225 -19.15 -3.03 -28.13
C HIS A 225 -20.60 -3.32 -28.46
N GLY A 226 -21.31 -4.04 -27.59
CA GLY A 226 -22.73 -4.27 -27.83
C GLY A 226 -23.03 -5.05 -29.08
N ILE A 227 -22.18 -6.01 -29.43
CA ILE A 227 -22.33 -6.87 -30.58
C ILE A 227 -22.34 -8.31 -30.09
N ARG A 228 -23.03 -9.20 -30.82
CA ARG A 228 -22.97 -10.60 -30.39
C ARG A 228 -22.09 -11.42 -31.31
N PRO A 229 -21.15 -12.18 -30.77
CA PRO A 229 -20.30 -13.04 -31.60
C PRO A 229 -20.89 -14.41 -31.89
N THR A 230 -20.50 -14.95 -33.05
CA THR A 230 -20.74 -16.32 -33.48
C THR A 230 -19.46 -16.84 -34.13
N TYR A 231 -19.00 -18.01 -33.73
CA TYR A 231 -17.83 -18.61 -34.35
C TYR A 231 -18.24 -19.56 -35.47
N ILE A 232 -17.49 -19.54 -36.57
CA ILE A 232 -17.60 -20.53 -37.63
C ILE A 232 -16.31 -21.31 -37.64
N GLU A 233 -16.38 -22.62 -37.49
CA GLU A 233 -15.19 -23.46 -37.69
C GLU A 233 -15.52 -24.60 -38.64
N LYS A 234 -14.53 -24.96 -39.45
CA LYS A 234 -14.78 -25.90 -40.55
C LYS A 234 -15.13 -27.28 -40.01
N SER A 235 -14.39 -27.77 -39.02
CA SER A 235 -14.67 -29.04 -38.38
C SER A 235 -14.89 -28.83 -36.88
N LEU A 236 -15.86 -29.56 -36.32
CA LEU A 236 -16.18 -29.47 -34.90
C LEU A 236 -15.61 -30.69 -34.18
N PRO A 237 -14.49 -30.56 -33.46
CA PRO A 237 -14.04 -31.66 -32.60
C PRO A 237 -15.05 -31.89 -31.47
N ASN A 238 -15.52 -33.12 -31.36
CA ASN A 238 -16.41 -33.47 -30.27
C ASN A 238 -15.66 -33.37 -28.95
N PRO A 239 -16.22 -32.75 -27.92
CA PRO A 239 -15.50 -32.56 -26.66
C PRO A 239 -15.24 -33.85 -25.89
N GLY A 240 -15.89 -34.96 -26.27
CA GLY A 240 -15.64 -36.24 -25.66
C GLY A 240 -16.50 -36.61 -24.47
N GLY A 241 -17.37 -35.70 -24.00
CA GLY A 241 -18.22 -35.97 -22.86
C GLY A 241 -19.58 -36.50 -23.26
N LYS A 242 -20.50 -36.51 -22.30
CA LYS A 242 -21.80 -37.12 -22.50
C LYS A 242 -22.80 -36.11 -23.07
N GLY A 243 -24.02 -36.59 -23.33
CA GLY A 243 -25.06 -35.75 -23.89
C GLY A 243 -24.95 -35.61 -25.40
N PRO A 244 -26.01 -35.07 -26.02
CA PRO A 244 -26.05 -35.01 -27.50
C PRO A 244 -24.94 -34.19 -28.14
N PHE A 245 -24.17 -33.41 -27.38
CA PHE A 245 -23.13 -32.57 -27.95
C PHE A 245 -21.76 -32.81 -27.30
N GLY A 246 -21.65 -33.81 -26.43
CA GLY A 246 -20.38 -34.13 -25.81
C GLY A 246 -19.91 -33.16 -24.75
N LEU A 247 -20.80 -32.29 -24.26
CA LEU A 247 -20.41 -31.20 -23.37
C LEU A 247 -20.71 -31.47 -21.90
N ILE A 248 -21.21 -32.66 -21.57
CA ILE A 248 -21.41 -33.06 -20.19
C ILE A 248 -20.14 -33.79 -19.74
N LEU A 249 -19.36 -33.13 -18.89
CA LEU A 249 -18.03 -33.56 -18.47
C LEU A 249 -17.15 -33.89 -19.67
N PRO A 250 -16.79 -32.91 -20.48
CA PRO A 250 -15.90 -33.18 -21.62
C PRO A 250 -14.47 -33.46 -21.17
N VAL A 251 -13.75 -34.19 -22.03
CA VAL A 251 -12.43 -34.69 -21.68
C VAL A 251 -11.47 -33.53 -21.46
N ILE A 252 -10.87 -33.48 -20.26
CA ILE A 252 -9.91 -32.44 -19.90
C ILE A 252 -8.53 -33.05 -19.71
N HIS A 266 -4.94 -10.05 -15.90
CA HIS A 266 -6.16 -9.79 -16.66
C HIS A 266 -7.21 -9.01 -15.84
N ASN A 267 -8.46 -8.98 -16.33
CA ASN A 267 -9.48 -8.12 -15.72
C ASN A 267 -9.71 -8.51 -14.27
N PRO A 268 -9.91 -7.54 -13.37
CA PRO A 268 -10.11 -7.87 -11.95
C PRO A 268 -11.34 -8.74 -11.69
N GLN A 269 -12.29 -8.82 -12.61
CA GLN A 269 -13.45 -9.68 -12.46
C GLN A 269 -13.67 -10.51 -13.71
N ILE A 270 -12.57 -11.10 -14.22
CA ILE A 270 -12.66 -11.94 -15.40
C ILE A 270 -13.45 -13.22 -15.12
N LYS A 271 -13.52 -13.63 -13.86
CA LYS A 271 -14.39 -14.74 -13.46
C LYS A 271 -15.80 -14.49 -13.95
N LEU A 272 -16.37 -13.36 -13.53
CA LEU A 272 -17.75 -13.06 -13.86
C LEU A 272 -17.90 -12.64 -15.32
N LEU A 273 -16.90 -11.96 -15.89
CA LEU A 273 -17.01 -11.56 -17.28
C LEU A 273 -17.05 -12.76 -18.21
N CYS A 274 -16.25 -13.79 -17.92
CA CYS A 274 -16.16 -14.95 -18.81
C CYS A 274 -17.52 -15.61 -19.00
N LEU A 275 -18.21 -15.92 -17.89
CA LEU A 275 -19.53 -16.51 -18.03
C LEU A 275 -20.55 -15.51 -18.60
N ASP A 276 -20.53 -14.27 -18.11
CA ASP A 276 -21.60 -13.34 -18.46
C ASP A 276 -21.49 -12.83 -19.90
N THR A 277 -20.27 -12.55 -20.39
CA THR A 277 -20.18 -12.15 -21.80
C THR A 277 -20.64 -13.29 -22.71
N PHE A 278 -20.29 -14.54 -22.36
CA PHE A 278 -20.79 -15.68 -23.12
C PHE A 278 -22.32 -15.75 -23.06
N MET A 279 -22.88 -15.62 -21.86
CA MET A 279 -24.33 -15.72 -21.70
C MET A 279 -25.04 -14.56 -22.37
N LEU A 280 -24.45 -13.37 -22.31
CA LEU A 280 -25.02 -12.23 -23.04
C LEU A 280 -24.99 -12.43 -24.55
N SER A 281 -24.13 -13.32 -25.04
CA SER A 281 -24.10 -13.58 -26.48
C SER A 281 -25.34 -14.35 -26.95
N THR A 282 -26.03 -15.06 -26.05
CA THR A 282 -27.08 -15.99 -26.46
C THR A 282 -28.46 -15.37 -26.56
N SER A 283 -28.68 -14.18 -26.00
CA SER A 283 -30.00 -13.57 -26.02
C SER A 283 -29.90 -12.10 -25.64
N MET A 284 -30.78 -11.29 -26.24
CA MET A 284 -30.84 -9.87 -25.91
C MET A 284 -31.60 -9.61 -24.62
N ASN A 285 -32.21 -10.65 -24.04
CA ASN A 285 -33.03 -10.54 -22.85
C ASN A 285 -32.48 -11.49 -21.81
N ILE A 286 -32.21 -10.98 -20.61
CA ILE A 286 -31.51 -11.76 -19.60
C ILE A 286 -32.31 -11.73 -18.32
N LEU A 287 -32.52 -12.89 -17.72
CA LEU A 287 -32.93 -13.02 -16.33
C LEU A 287 -31.67 -13.27 -15.51
N TYR A 288 -31.33 -12.33 -14.64
CA TYR A 288 -30.09 -12.39 -13.88
C TYR A 288 -30.45 -12.62 -12.41
N ILE A 289 -30.23 -13.84 -11.94
CA ILE A 289 -30.64 -14.23 -10.60
C ILE A 289 -29.44 -14.11 -9.68
N GLY A 290 -29.56 -13.24 -8.67
CA GLY A 290 -28.47 -12.99 -7.75
C GLY A 290 -27.45 -12.00 -8.27
N ALA A 291 -27.90 -10.90 -8.88
CA ALA A 291 -27.06 -10.06 -9.72
C ALA A 291 -26.18 -9.07 -8.95
N TYR A 292 -26.59 -8.63 -7.76
CA TYR A 292 -25.84 -7.58 -7.08
C TYR A 292 -24.44 -8.07 -6.71
N PRO A 293 -23.41 -7.21 -6.88
CA PRO A 293 -23.54 -5.87 -7.45
C PRO A 293 -23.32 -5.85 -8.98
N ALA A 294 -22.67 -6.88 -9.54
CA ALA A 294 -22.42 -6.99 -10.99
C ALA A 294 -21.66 -5.77 -11.52
N THR A 295 -20.64 -5.35 -10.77
CA THR A 295 -19.83 -4.21 -11.17
C THR A 295 -19.19 -4.42 -12.53
N HIS A 296 -18.77 -5.65 -12.83
CA HIS A 296 -18.12 -5.96 -14.10
C HIS A 296 -19.00 -5.63 -15.30
N LEU A 297 -20.32 -5.55 -15.13
CA LEU A 297 -21.16 -5.25 -16.28
C LEU A 297 -21.02 -3.80 -16.71
N LEU A 298 -20.67 -2.90 -15.77
CA LEU A 298 -20.59 -1.47 -16.06
C LEU A 298 -19.64 -1.16 -17.21
N SER A 299 -18.69 -2.03 -17.52
CA SER A 299 -17.74 -1.79 -18.61
C SER A 299 -18.26 -2.18 -19.99
N LEU A 300 -19.39 -2.88 -20.08
CA LEU A 300 -19.89 -3.28 -21.38
C LEU A 300 -20.86 -2.23 -21.94
N GLN A 301 -21.03 -2.23 -23.26
CA GLN A 301 -22.05 -1.45 -23.95
C GLN A 301 -23.20 -2.40 -24.26
N LEU A 302 -24.36 -2.19 -23.63
CA LEU A 302 -25.46 -3.15 -23.68
C LEU A 302 -26.75 -2.52 -24.18
N ASN A 303 -26.65 -1.42 -24.94
CA ASN A 303 -27.81 -0.88 -25.64
C ASN A 303 -28.48 -1.98 -26.48
N GLY A 304 -29.79 -2.07 -26.36
CA GLY A 304 -30.53 -3.14 -27.00
C GLY A 304 -30.81 -4.33 -26.11
N TRP A 305 -30.13 -4.46 -24.97
CA TRP A 305 -30.41 -5.56 -24.06
C TRP A 305 -31.45 -5.15 -23.01
N THR A 306 -32.13 -6.14 -22.46
CA THR A 306 -33.01 -5.95 -21.31
C THR A 306 -32.61 -6.95 -20.24
N ILE A 307 -32.33 -6.47 -19.04
CA ILE A 307 -31.90 -7.32 -17.94
C ILE A 307 -32.96 -7.26 -16.84
N LEU A 308 -33.55 -8.42 -16.52
CA LEU A 308 -34.36 -8.60 -15.31
C LEU A 308 -33.46 -9.20 -14.24
N ALA A 309 -33.19 -8.42 -13.18
CA ALA A 309 -32.23 -8.78 -12.16
C ALA A 309 -32.90 -8.92 -10.80
N PHE A 310 -32.65 -10.05 -10.12
CA PHE A 310 -33.21 -10.35 -8.81
C PHE A 310 -32.08 -10.41 -7.78
N ASP A 311 -32.21 -9.61 -6.70
CA ASP A 311 -31.32 -9.63 -5.53
C ASP A 311 -31.88 -8.71 -4.45
N PRO A 312 -31.98 -9.18 -3.20
CA PRO A 312 -32.49 -8.31 -2.14
C PRO A 312 -31.68 -7.04 -1.97
N LYS A 313 -30.35 -7.12 -2.04
CA LYS A 313 -29.50 -5.94 -1.86
C LYS A 313 -29.66 -4.92 -2.97
N ILE A 314 -30.39 -5.26 -4.05
CA ILE A 314 -30.59 -4.31 -5.14
C ILE A 314 -31.38 -3.10 -4.64
N THR A 315 -30.91 -1.91 -4.99
CA THR A 315 -31.57 -0.67 -4.68
C THR A 315 -31.93 0.04 -5.98
N SER A 316 -32.71 1.12 -5.86
CA SER A 316 -33.04 1.91 -7.04
C SER A 316 -31.79 2.55 -7.63
N ASP A 317 -30.83 2.93 -6.77
CA ASP A 317 -29.63 3.59 -7.27
C ASP A 317 -28.79 2.64 -8.10
N TRP A 318 -28.66 1.38 -7.67
CA TRP A 318 -27.90 0.40 -8.44
C TRP A 318 -28.52 0.22 -9.82
N THR A 319 -29.84 0.10 -9.88
CA THR A 319 -30.53 -0.05 -11.17
C THR A 319 -30.22 1.11 -12.09
N ASP A 320 -30.37 2.35 -11.60
CA ASP A 320 -30.14 3.51 -12.45
C ASP A 320 -28.69 3.59 -12.91
N ALA A 321 -27.75 3.42 -11.98
CA ALA A 321 -26.33 3.45 -12.34
C ALA A 321 -26.00 2.38 -13.39
N MET A 322 -26.69 1.24 -13.34
CA MET A 322 -26.38 0.16 -14.26
C MET A 322 -26.89 0.47 -15.67
N ALA A 323 -28.12 0.96 -15.78
CA ALA A 323 -28.64 1.34 -17.09
C ALA A 323 -27.88 2.54 -17.66
N LYS A 324 -27.45 3.46 -16.81
CA LYS A 324 -26.71 4.62 -17.29
C LYS A 324 -25.37 4.19 -17.90
N ALA A 325 -24.65 3.30 -17.22
CA ALA A 325 -23.32 2.94 -17.67
C ALA A 325 -23.36 2.07 -18.92
N THR A 326 -24.30 1.14 -19.00
CA THR A 326 -24.32 0.16 -20.10
C THR A 326 -25.26 0.50 -21.23
N GLY A 327 -26.23 1.38 -21.00
CA GLY A 327 -27.28 1.57 -21.97
C GLY A 327 -28.35 0.50 -22.01
N ALA A 328 -28.27 -0.53 -21.16
CA ALA A 328 -29.33 -1.53 -21.18
C ALA A 328 -30.58 -1.02 -20.46
N LYS A 329 -31.71 -1.68 -20.73
CA LYS A 329 -32.93 -1.51 -19.95
C LYS A 329 -32.87 -2.45 -18.75
N VAL A 330 -32.82 -1.90 -17.55
CA VAL A 330 -32.67 -2.70 -16.33
C VAL A 330 -33.93 -2.59 -15.50
N ILE A 331 -34.55 -3.74 -15.22
CA ILE A 331 -35.59 -3.86 -14.20
C ILE A 331 -34.95 -4.54 -13.00
N GLY A 332 -34.76 -3.79 -11.92
CA GLY A 332 -34.15 -4.31 -10.71
C GLY A 332 -35.18 -4.64 -9.63
N VAL A 333 -35.30 -5.92 -9.31
CA VAL A 333 -36.28 -6.40 -8.36
C VAL A 333 -35.55 -6.71 -7.05
N SER A 334 -36.05 -6.15 -5.95
CA SER A 334 -35.41 -6.26 -4.63
C SER A 334 -35.92 -7.45 -3.81
N LYS A 335 -36.17 -8.60 -4.43
CA LYS A 335 -36.64 -9.78 -3.71
C LYS A 335 -35.69 -10.96 -3.95
N GLU A 336 -35.92 -12.02 -3.19
CA GLU A 336 -35.43 -13.34 -3.59
C GLU A 336 -36.25 -13.81 -4.78
N PHE A 337 -35.58 -14.44 -5.74
CA PHE A 337 -36.30 -15.13 -6.80
C PHE A 337 -37.07 -16.29 -6.20
N ASP A 338 -38.29 -16.49 -6.67
CA ASP A 338 -39.20 -17.51 -6.17
C ASP A 338 -39.15 -18.73 -7.10
N PHE A 339 -38.31 -19.71 -6.74
CA PHE A 339 -38.21 -20.96 -7.48
C PHE A 339 -39.39 -21.90 -7.22
N LYS A 340 -40.30 -21.52 -6.33
CA LYS A 340 -41.48 -22.33 -6.03
C LYS A 340 -42.67 -22.00 -6.91
N SER A 341 -42.67 -20.86 -7.61
CA SER A 341 -43.83 -20.43 -8.41
C SER A 341 -43.62 -20.85 -9.86
N PHE A 342 -44.35 -21.88 -10.27
CA PHE A 342 -44.15 -22.47 -11.60
C PHE A 342 -45.14 -21.88 -12.59
N SER A 343 -45.13 -20.55 -12.75
CA SER A 343 -45.87 -19.94 -13.85
C SER A 343 -45.07 -18.79 -14.47
N VAL A 344 -45.29 -18.61 -15.78
CA VAL A 344 -44.72 -17.50 -16.52
C VAL A 344 -45.22 -16.15 -15.99
N GLN A 345 -46.30 -16.16 -15.22
CA GLN A 345 -46.84 -14.94 -14.65
C GLN A 345 -46.15 -14.53 -13.36
N ALA A 346 -45.39 -15.44 -12.76
CA ALA A 346 -44.68 -15.15 -11.53
C ALA A 346 -43.28 -14.58 -11.85
N ASN A 347 -42.65 -14.00 -10.82
CA ASN A 347 -41.31 -13.45 -10.88
C ASN A 347 -41.16 -12.38 -11.96
N GLN A 348 -42.28 -11.78 -12.38
CA GLN A 348 -42.38 -10.72 -13.38
C GLN A 348 -42.00 -11.18 -14.79
N LEU A 349 -41.93 -12.49 -15.04
CA LEU A 349 -41.44 -13.01 -16.32
C LEU A 349 -42.30 -12.62 -17.51
N ASN A 350 -43.34 -11.83 -17.25
CA ASN A 350 -44.33 -11.51 -18.27
C ASN A 350 -43.75 -10.63 -19.38
N MET A 351 -42.78 -9.77 -19.04
CA MET A 351 -42.18 -8.90 -20.05
C MET A 351 -41.50 -9.67 -21.17
N PHE A 352 -41.16 -10.95 -20.96
CA PHE A 352 -40.46 -11.75 -21.96
C PHE A 352 -41.37 -12.62 -22.83
N GLN A 353 -42.69 -12.42 -22.78
CA GLN A 353 -43.57 -13.25 -23.59
C GLN A 353 -43.33 -13.01 -25.07
N ASN A 354 -43.18 -14.11 -25.83
CA ASN A 354 -42.95 -14.06 -27.28
C ASN A 354 -41.60 -13.43 -27.63
N SER A 355 -40.60 -13.66 -26.79
CA SER A 355 -39.25 -13.20 -27.09
C SER A 355 -38.26 -14.27 -26.65
N LYS A 356 -37.00 -14.09 -27.05
CA LYS A 356 -35.95 -14.96 -26.56
C LYS A 356 -35.58 -14.56 -25.13
N LEU A 357 -35.01 -15.51 -24.40
CA LEU A 357 -34.59 -15.25 -23.03
C LEU A 357 -33.47 -16.21 -22.64
N SER A 358 -32.46 -15.70 -21.95
CA SER A 358 -31.48 -16.55 -21.28
C SER A 358 -31.41 -16.16 -19.81
N VAL A 359 -30.91 -17.09 -19.00
CA VAL A 359 -30.96 -16.97 -17.56
C VAL A 359 -29.57 -17.23 -16.99
N ILE A 360 -29.06 -16.27 -16.23
CA ILE A 360 -27.80 -16.37 -15.48
C ILE A 360 -28.19 -16.49 -14.02
N ASP A 361 -27.92 -17.65 -13.41
CA ASP A 361 -28.32 -17.90 -12.03
C ASP A 361 -27.06 -17.97 -11.18
N ASP A 362 -26.79 -16.90 -10.45
CA ASP A 362 -25.58 -16.80 -9.64
C ASP A 362 -25.82 -17.13 -8.17
N THR A 363 -27.01 -17.58 -7.80
CA THR A 363 -27.34 -17.74 -6.39
C THR A 363 -26.69 -18.97 -5.79
N TRP A 364 -26.44 -18.90 -4.47
CA TRP A 364 -25.98 -20.03 -3.68
C TRP A 364 -26.32 -19.75 -2.22
N VAL A 365 -26.23 -20.79 -1.39
CA VAL A 365 -26.47 -20.69 0.05
C VAL A 365 -25.50 -21.64 0.75
N GLU A 366 -25.10 -21.27 1.97
CA GLU A 366 -24.12 -22.08 2.68
C GLU A 366 -24.76 -23.15 3.57
N THR A 367 -26.06 -23.08 3.80
CA THR A 367 -26.79 -24.09 4.57
C THR A 367 -27.82 -24.77 3.67
N ASP A 368 -27.80 -26.10 3.67
CA ASP A 368 -28.70 -26.91 2.85
C ASP A 368 -28.57 -26.55 1.37
N TYR A 369 -27.32 -26.35 0.94
CA TYR A 369 -27.08 -25.98 -0.45
C TYR A 369 -27.60 -27.04 -1.42
N GLU A 370 -27.48 -28.33 -1.07
CA GLU A 370 -27.91 -29.39 -1.98
C GLU A 370 -29.41 -29.32 -2.26
N LYS A 371 -30.22 -29.05 -1.24
CA LYS A 371 -31.66 -29.00 -1.45
C LYS A 371 -32.06 -27.76 -2.26
N PHE A 372 -31.40 -26.63 -1.99
CA PHE A 372 -31.58 -25.42 -2.80
C PHE A 372 -31.35 -25.71 -4.29
N GLN A 373 -30.21 -26.33 -4.61
CA GLN A 373 -29.94 -26.70 -6.00
C GLN A 373 -31.03 -27.62 -6.55
N SER A 374 -31.46 -28.58 -5.73
CA SER A 374 -32.53 -29.51 -6.11
C SER A 374 -33.78 -28.75 -6.57
N GLU A 375 -34.20 -27.75 -5.79
CA GLU A 375 -35.39 -26.98 -6.14
C GLU A 375 -35.15 -26.09 -7.35
N LYS A 376 -33.98 -25.44 -7.42
CA LYS A 376 -33.67 -24.64 -8.60
C LYS A 376 -33.62 -25.51 -9.85
N GLN A 377 -33.06 -26.71 -9.75
CA GLN A 377 -32.99 -27.59 -10.92
C GLN A 377 -34.38 -27.93 -11.43
N ALA A 378 -35.29 -28.31 -10.52
CA ALA A 378 -36.68 -28.53 -10.90
C ALA A 378 -37.27 -27.32 -11.60
N TYR A 379 -36.98 -26.12 -11.10
CA TYR A 379 -37.53 -24.91 -11.71
C TYR A 379 -37.03 -24.77 -13.14
N PHE A 380 -35.71 -24.89 -13.35
CA PHE A 380 -35.14 -24.65 -14.67
C PHE A 380 -35.57 -25.71 -15.67
N GLU A 381 -35.69 -26.98 -15.23
CA GLU A 381 -36.21 -28.02 -16.12
C GLU A 381 -37.61 -27.66 -16.63
N TRP A 382 -38.41 -26.98 -15.80
CA TRP A 382 -39.69 -26.47 -16.26
C TRP A 382 -39.51 -25.28 -17.18
N LEU A 383 -38.62 -24.34 -16.80
CA LEU A 383 -38.51 -23.07 -17.52
C LEU A 383 -38.01 -23.27 -18.95
N ILE A 384 -37.04 -24.17 -19.16
CA ILE A 384 -36.45 -24.35 -20.48
C ILE A 384 -37.49 -24.81 -21.50
N ASP A 385 -38.59 -25.42 -21.04
CA ASP A 385 -39.65 -25.96 -21.89
C ASP A 385 -40.84 -25.01 -22.10
N ARG A 386 -40.79 -23.77 -21.58
CA ARG A 386 -41.89 -22.85 -21.82
C ARG A 386 -42.10 -22.66 -23.32
N THR A 387 -43.37 -22.46 -23.71
CA THR A 387 -43.68 -22.21 -25.11
C THR A 387 -44.02 -20.75 -25.39
N SER A 388 -44.52 -20.02 -24.40
CA SER A 388 -44.74 -18.58 -24.57
C SER A 388 -43.47 -17.75 -24.45
N ILE A 389 -42.36 -18.38 -24.06
CA ILE A 389 -41.04 -17.74 -24.01
C ILE A 389 -40.05 -18.70 -24.64
N ASP A 390 -39.19 -18.18 -25.52
CA ASP A 390 -38.14 -18.98 -26.14
C ASP A 390 -36.91 -18.88 -25.27
N VAL A 391 -36.83 -19.76 -24.26
CA VAL A 391 -35.70 -19.79 -23.34
C VAL A 391 -34.51 -20.44 -24.05
N ARG A 392 -33.43 -19.67 -24.20
CA ARG A 392 -32.29 -20.13 -24.99
C ARG A 392 -31.28 -20.91 -24.15
N LEU A 393 -30.83 -20.35 -23.03
CA LEU A 393 -29.79 -20.99 -22.24
C LEU A 393 -29.99 -20.60 -20.79
N ILE A 394 -29.84 -21.56 -19.88
CA ILE A 394 -29.82 -21.31 -18.44
C ILE A 394 -28.50 -21.84 -17.89
N SER A 395 -27.84 -21.04 -17.07
CA SER A 395 -26.65 -21.44 -16.35
C SER A 395 -26.93 -21.43 -14.84
N MET A 396 -26.38 -22.43 -14.16
CA MET A 396 -26.56 -22.60 -12.72
C MET A 396 -25.28 -23.19 -12.15
N LYS A 397 -24.92 -22.78 -10.93
CA LYS A 397 -23.84 -23.42 -10.20
C LYS A 397 -24.22 -24.85 -9.78
N TRP A 398 -23.26 -25.76 -9.85
CA TRP A 398 -23.51 -27.19 -9.62
C TRP A 398 -22.49 -27.75 -8.64
N ASN A 399 -22.94 -28.10 -7.45
CA ASN A 399 -22.14 -28.88 -6.49
C ASN A 399 -23.08 -29.85 -5.78
N ARG A 400 -23.09 -31.10 -6.24
CA ARG A 400 -23.97 -32.13 -5.72
C ARG A 400 -23.15 -33.29 -5.15
N SER A 401 -23.51 -33.74 -3.96
CA SER A 401 -22.90 -34.93 -3.36
C SER A 401 -23.74 -36.18 -3.58
N LYS A 402 -25.01 -36.03 -3.94
CA LYS A 402 -25.89 -37.13 -4.28
C LYS A 402 -25.90 -37.37 -5.78
N ASP A 403 -26.07 -38.63 -6.17
CA ASP A 403 -26.38 -38.92 -7.57
C ASP A 403 -27.72 -38.28 -7.91
N THR A 404 -27.82 -37.72 -9.12
CA THR A 404 -29.06 -37.04 -9.47
C THR A 404 -29.26 -37.06 -10.98
N SER A 405 -30.50 -37.33 -11.37
CA SER A 405 -30.90 -37.39 -12.77
C SER A 405 -31.37 -36.01 -13.22
N VAL A 406 -31.07 -35.66 -14.46
CA VAL A 406 -31.28 -34.30 -14.96
C VAL A 406 -31.90 -34.39 -16.35
N SER A 407 -32.87 -33.51 -16.61
CA SER A 407 -33.45 -33.39 -17.94
C SER A 407 -33.00 -32.08 -18.60
N HIS A 408 -32.89 -32.11 -19.93
CA HIS A 408 -32.53 -30.92 -20.73
C HIS A 408 -31.16 -30.37 -20.35
N LEU A 409 -30.25 -31.23 -19.91
CA LEU A 409 -28.90 -30.84 -19.55
C LEU A 409 -28.04 -30.86 -20.80
N LEU A 410 -27.64 -29.67 -21.28
CA LEU A 410 -26.79 -29.59 -22.47
C LEU A 410 -25.32 -29.74 -22.12
N ALA A 411 -24.89 -29.15 -21.01
CA ALA A 411 -23.48 -29.15 -20.66
C ALA A 411 -23.34 -29.09 -19.16
N LEU A 412 -22.23 -29.67 -18.68
CA LEU A 412 -21.84 -29.63 -17.26
C LEU A 412 -20.35 -29.37 -17.27
N LEU A 413 -19.95 -28.18 -16.84
CA LEU A 413 -18.62 -27.70 -17.18
C LEU A 413 -17.88 -27.18 -15.95
N PRO A 414 -16.55 -27.30 -15.94
CA PRO A 414 -15.77 -26.57 -14.94
C PRO A 414 -15.78 -25.08 -15.24
N GLN A 415 -15.54 -24.27 -14.20
CA GLN A 415 -15.39 -22.83 -14.33
C GLN A 415 -13.96 -22.49 -14.73
N PRO A 416 -13.73 -22.01 -15.97
CA PRO A 416 -12.35 -21.77 -16.42
C PRO A 416 -11.58 -20.81 -15.52
N TYR A 417 -12.26 -19.89 -14.82
CA TYR A 417 -11.61 -19.04 -13.84
C TYR A 417 -12.01 -19.42 -12.41
N GLY A 418 -12.46 -20.65 -12.20
CA GLY A 418 -12.84 -21.13 -10.89
C GLY A 418 -11.69 -21.45 -9.96
N ALA A 419 -10.45 -21.18 -10.39
CA ALA A 419 -9.26 -21.53 -9.62
C ALA A 419 -9.34 -22.98 -9.16
N SER A 420 -9.40 -23.20 -7.85
CA SER A 420 -9.49 -24.55 -7.30
C SER A 420 -10.78 -24.79 -6.53
N ILE A 421 -11.81 -23.96 -6.71
CA ILE A 421 -13.10 -24.29 -6.10
C ILE A 421 -13.71 -25.49 -6.80
N ARG A 422 -14.58 -26.19 -6.09
CA ARG A 422 -15.12 -27.47 -6.52
C ARG A 422 -16.46 -27.36 -7.25
N GLU A 423 -16.95 -26.15 -7.44
CA GLU A 423 -18.26 -25.95 -8.07
C GLU A 423 -18.16 -25.98 -9.60
N MET A 424 -19.17 -26.58 -10.23
CA MET A 424 -19.29 -26.69 -11.68
C MET A 424 -20.39 -25.76 -12.18
N ARG A 425 -20.59 -25.79 -13.51
CA ARG A 425 -21.66 -25.02 -14.17
C ARG A 425 -22.50 -25.96 -15.02
N ALA A 426 -23.78 -26.06 -14.69
CA ALA A 426 -24.74 -26.79 -15.51
C ALA A 426 -25.44 -25.82 -16.46
N PHE A 427 -25.64 -26.25 -17.71
CA PHE A 427 -26.29 -25.44 -18.74
C PHE A 427 -27.50 -26.21 -19.26
N PHE A 428 -28.68 -25.67 -19.04
CA PHE A 428 -29.92 -26.24 -19.55
C PHE A 428 -30.22 -25.68 -20.93
N HIS A 429 -30.80 -26.53 -21.79
CA HIS A 429 -31.04 -26.18 -23.19
C HIS A 429 -32.06 -27.16 -23.73
N LYS A 430 -32.93 -26.68 -24.63
CA LYS A 430 -33.99 -27.54 -25.16
C LYS A 430 -33.42 -28.70 -25.95
N LYS A 431 -32.22 -28.55 -26.51
CA LYS A 431 -31.56 -29.60 -27.28
C LYS A 431 -30.55 -30.37 -26.44
N GLY A 432 -30.66 -30.32 -25.11
CA GLY A 432 -29.81 -31.10 -24.25
C GLY A 432 -30.31 -32.53 -24.13
N ALA A 433 -29.60 -33.32 -23.33
CA ALA A 433 -30.06 -34.68 -23.05
C ALA A 433 -31.47 -34.63 -22.46
N SER A 434 -32.38 -35.44 -23.04
CA SER A 434 -33.74 -35.52 -22.50
C SER A 434 -33.72 -35.97 -21.05
N ASP A 435 -32.79 -36.87 -20.71
CA ASP A 435 -32.59 -37.32 -19.35
C ASP A 435 -31.20 -37.92 -19.26
N ILE A 436 -30.50 -37.63 -18.18
CA ILE A 436 -29.18 -38.20 -17.94
C ILE A 436 -28.95 -38.24 -16.43
N LYS A 437 -28.22 -39.25 -15.99
CA LYS A 437 -27.92 -39.45 -14.58
C LYS A 437 -26.49 -39.00 -14.31
N ILE A 438 -26.34 -38.00 -13.45
CA ILE A 438 -25.04 -37.46 -13.08
C ILE A 438 -24.62 -38.10 -11.75
N LEU A 439 -23.52 -38.87 -11.80
CA LEU A 439 -23.01 -39.57 -10.63
C LEU A 439 -22.04 -38.68 -9.86
N ALA A 440 -22.29 -38.51 -8.56
CA ALA A 440 -21.47 -37.57 -7.79
C ALA A 440 -20.02 -38.00 -7.72
N ALA A 441 -19.76 -39.32 -7.73
CA ALA A 441 -18.37 -39.78 -7.71
C ALA A 441 -17.62 -39.31 -8.96
N GLU A 442 -18.25 -39.46 -10.13
CA GLU A 442 -17.65 -39.01 -11.38
C GLU A 442 -17.33 -37.52 -11.35
N THR A 443 -18.30 -36.68 -10.95
CA THR A 443 -18.06 -35.24 -10.92
C THR A 443 -16.99 -34.89 -9.91
N GLU A 444 -17.00 -35.56 -8.75
CA GLU A 444 -15.95 -35.35 -7.76
C GLU A 444 -14.58 -35.63 -8.35
N LYS A 445 -14.44 -36.76 -9.05
CA LYS A 445 -13.15 -37.08 -9.66
C LYS A 445 -12.83 -36.14 -10.81
N TYR A 446 -13.86 -35.62 -11.49
CA TYR A 446 -13.63 -34.58 -12.49
C TYR A 446 -13.07 -33.31 -11.84
N MET A 447 -13.62 -32.93 -10.68
CA MET A 447 -13.14 -31.75 -9.96
C MET A 447 -11.76 -31.96 -9.37
N ASP A 448 -11.48 -33.17 -8.87
CA ASP A 448 -10.12 -33.51 -8.47
C ASP A 448 -9.13 -33.17 -9.58
N ASP A 449 -9.43 -33.62 -10.79
CA ASP A 449 -8.50 -33.43 -11.91
C ASP A 449 -8.45 -31.98 -12.35
N PHE A 450 -9.61 -31.30 -12.41
CA PHE A 450 -9.62 -29.92 -12.88
C PHE A 450 -8.88 -29.00 -11.92
N THR A 451 -9.19 -29.10 -10.61
CA THR A 451 -8.54 -28.20 -9.66
C THR A 451 -7.04 -28.43 -9.59
N ALA A 452 -6.55 -29.60 -10.03
CA ALA A 452 -5.13 -29.90 -10.03
C ALA A 452 -4.43 -29.50 -11.32
N MET A 453 -5.17 -29.05 -12.34
CA MET A 453 -4.51 -28.59 -13.55
C MET A 453 -3.91 -27.21 -13.34
N SER A 454 -2.94 -26.88 -14.19
CA SER A 454 -2.37 -25.53 -14.17
C SER A 454 -3.44 -24.52 -14.54
N VAL A 455 -3.24 -23.28 -14.10
CA VAL A 455 -4.24 -22.24 -14.30
C VAL A 455 -4.49 -22.03 -15.79
N SER A 456 -3.44 -22.09 -16.60
CA SER A 456 -3.60 -21.91 -18.05
C SER A 456 -4.55 -22.96 -18.63
N ASP A 457 -4.31 -24.24 -18.33
CA ASP A 457 -5.17 -25.32 -18.84
C ASP A 457 -6.61 -25.14 -18.37
N GLN A 458 -6.79 -24.70 -17.12
CA GLN A 458 -8.13 -24.40 -16.61
C GLN A 458 -8.83 -23.35 -17.47
N ILE A 459 -8.15 -22.23 -17.69
CA ILE A 459 -8.74 -21.12 -18.46
C ILE A 459 -9.14 -21.60 -19.86
N ASN A 460 -8.29 -22.42 -20.48
CA ASN A 460 -8.54 -22.89 -21.83
C ASN A 460 -9.76 -23.79 -21.95
N THR A 461 -10.38 -24.17 -20.83
CA THR A 461 -11.64 -24.93 -20.92
C THR A 461 -12.83 -24.03 -21.25
N GLN A 462 -12.65 -22.72 -21.29
CA GLN A 462 -13.74 -21.86 -21.77
C GLN A 462 -14.17 -22.25 -23.18
N LYS A 463 -13.34 -23.01 -23.91
CA LYS A 463 -13.69 -23.44 -25.25
C LYS A 463 -14.89 -24.37 -25.26
N PHE A 464 -15.15 -25.07 -24.15
CA PHE A 464 -16.37 -25.88 -24.04
C PHE A 464 -17.62 -24.98 -23.95
N MET A 465 -17.53 -23.85 -23.27
CA MET A 465 -18.68 -22.94 -23.28
C MET A 465 -18.86 -22.34 -24.68
N HIS A 466 -17.76 -21.94 -25.31
CA HIS A 466 -17.86 -21.31 -26.62
C HIS A 466 -18.30 -22.27 -27.72
N CYS A 467 -18.20 -23.59 -27.50
CA CYS A 467 -18.81 -24.56 -28.41
C CYS A 467 -20.26 -24.21 -28.70
N MET A 468 -20.99 -23.77 -27.68
CA MET A 468 -22.41 -23.51 -27.82
C MET A 468 -22.72 -22.28 -28.66
N ILE A 469 -21.72 -21.45 -29.00
CA ILE A 469 -21.95 -20.36 -29.94
C ILE A 469 -21.05 -20.52 -31.16
N THR A 470 -20.70 -21.75 -31.48
CA THR A 470 -19.92 -22.07 -32.66
C THR A 470 -20.80 -22.82 -33.65
N THR A 471 -20.71 -22.43 -34.92
CA THR A 471 -21.40 -23.11 -36.01
C THR A 471 -20.35 -23.78 -36.89
N VAL A 472 -20.64 -24.99 -37.34
CA VAL A 472 -19.76 -25.68 -38.25
C VAL A 472 -20.18 -25.34 -39.67
N GLY A 473 -19.19 -25.05 -40.51
CA GLY A 473 -19.42 -24.70 -41.90
C GLY A 473 -18.15 -24.23 -42.57
N ASP A 474 -18.10 -24.33 -43.90
CA ASP A 474 -17.01 -23.70 -44.64
C ASP A 474 -17.35 -22.22 -44.79
N ALA A 475 -16.46 -21.36 -44.31
CA ALA A 475 -16.71 -19.93 -44.36
C ALA A 475 -16.86 -19.44 -45.80
N LEU A 476 -16.05 -19.99 -46.72
CA LEU A 476 -16.15 -19.56 -48.10
C LEU A 476 -17.50 -19.91 -48.74
N LYS A 477 -18.32 -20.72 -48.09
CA LYS A 477 -19.62 -21.10 -48.63
C LYS A 477 -20.79 -20.35 -47.97
N MET A 478 -20.51 -19.48 -47.00
CA MET A 478 -21.57 -18.92 -46.16
C MET A 478 -22.41 -17.89 -46.92
N ASP A 479 -23.65 -17.72 -46.44
CA ASP A 479 -24.58 -16.73 -46.98
C ASP A 479 -24.15 -15.33 -46.56
N LEU A 480 -24.19 -14.39 -47.50
CA LEU A 480 -23.68 -13.04 -47.26
C LEU A 480 -24.72 -11.96 -47.52
N ASP A 481 -26.00 -12.30 -47.50
CA ASP A 481 -27.05 -11.31 -47.67
C ASP A 481 -27.08 -10.33 -46.50
N GLY A 482 -27.75 -9.20 -46.72
CA GLY A 482 -28.11 -8.31 -45.62
C GLY A 482 -26.96 -7.54 -45.01
N GLY A 483 -25.90 -7.28 -45.77
CA GLY A 483 -24.77 -6.54 -45.22
C GLY A 483 -24.08 -7.25 -44.08
N ARG A 484 -24.03 -8.58 -44.16
CA ARG A 484 -23.51 -9.41 -43.08
C ARG A 484 -22.07 -9.06 -42.74
N ALA A 485 -21.76 -9.04 -41.45
CA ALA A 485 -20.43 -8.69 -40.97
C ALA A 485 -19.70 -9.95 -40.51
N VAL A 486 -18.51 -10.14 -41.04
CA VAL A 486 -17.66 -11.28 -40.74
C VAL A 486 -16.28 -10.76 -40.42
N ILE A 487 -15.63 -11.31 -39.39
CA ILE A 487 -14.22 -11.05 -39.16
C ILE A 487 -13.46 -12.32 -39.50
N ALA A 488 -12.64 -12.27 -40.56
CA ALA A 488 -11.89 -13.44 -40.98
C ALA A 488 -10.57 -13.59 -40.23
N SER A 489 -10.23 -12.64 -39.35
CA SER A 489 -8.95 -12.64 -38.66
C SER A 489 -7.83 -13.00 -39.63
N TYR A 490 -6.93 -13.89 -39.21
CA TYR A 490 -5.95 -14.44 -40.14
C TYR A 490 -6.42 -15.72 -40.82
N SER A 491 -7.58 -16.24 -40.40
CA SER A 491 -7.90 -17.65 -40.57
C SER A 491 -7.97 -18.05 -42.04
N LEU A 492 -8.52 -17.18 -42.89
CA LEU A 492 -8.72 -17.49 -44.30
C LEU A 492 -7.41 -17.50 -45.09
N SER A 493 -6.34 -16.96 -44.53
CA SER A 493 -5.04 -17.04 -45.16
C SER A 493 -4.36 -18.39 -44.96
N ASN A 494 -5.00 -19.33 -44.26
CA ASN A 494 -4.41 -20.65 -44.07
C ASN A 494 -4.40 -21.41 -45.38
N SER A 495 -3.31 -22.15 -45.61
CA SER A 495 -3.05 -22.76 -46.91
C SER A 495 -4.12 -23.76 -47.32
N SER A 496 -4.96 -24.21 -46.40
CA SER A 496 -6.06 -25.08 -46.82
C SER A 496 -7.06 -24.36 -47.71
N ASN A 497 -7.01 -23.04 -47.76
CA ASN A 497 -7.84 -22.25 -48.65
C ASN A 497 -6.97 -21.78 -49.81
N SER A 498 -7.22 -22.31 -51.02
CA SER A 498 -6.51 -21.83 -52.19
C SER A 498 -6.74 -20.33 -52.35
N LYS A 499 -5.70 -19.62 -52.81
CA LYS A 499 -5.85 -18.19 -53.04
C LYS A 499 -6.98 -17.92 -54.02
N GLU A 500 -7.08 -18.74 -55.07
CA GLU A 500 -8.18 -18.63 -56.03
C GLU A 500 -9.54 -18.56 -55.35
N ARG A 501 -9.80 -19.50 -54.44
CA ARG A 501 -11.11 -19.58 -53.79
C ARG A 501 -11.36 -18.39 -52.86
N VAL A 502 -10.35 -18.02 -52.07
CA VAL A 502 -10.53 -16.89 -51.17
C VAL A 502 -10.84 -15.63 -51.95
N LEU A 503 -10.14 -15.41 -53.06
CA LEU A 503 -10.32 -14.17 -53.81
C LEU A 503 -11.69 -14.13 -54.48
N LYS A 504 -12.18 -15.28 -54.97
CA LYS A 504 -13.54 -15.31 -55.50
C LYS A 504 -14.55 -15.09 -54.39
N PHE A 505 -14.31 -15.65 -53.21
CA PHE A 505 -15.19 -15.40 -52.07
C PHE A 505 -15.19 -13.92 -51.71
N LEU A 506 -14.00 -13.33 -51.58
CA LEU A 506 -13.92 -11.91 -51.27
C LEU A 506 -14.53 -11.06 -52.38
N SER A 507 -14.27 -11.43 -53.63
CA SER A 507 -14.86 -10.67 -54.73
C SER A 507 -16.39 -10.75 -54.68
N ASP A 508 -16.92 -11.91 -54.32
CA ASP A 508 -18.36 -12.06 -54.19
C ASP A 508 -18.91 -11.28 -52.99
N ALA A 509 -18.18 -11.24 -51.88
CA ALA A 509 -18.64 -10.47 -50.73
C ALA A 509 -18.75 -8.99 -51.07
N ASN A 510 -17.73 -8.43 -51.73
CA ASN A 510 -17.79 -7.01 -52.09
C ASN A 510 -18.99 -6.72 -52.99
N LYS A 511 -19.20 -7.56 -54.01
CA LYS A 511 -20.32 -7.36 -54.92
C LYS A 511 -21.65 -7.46 -54.18
N ALA A 512 -21.75 -8.39 -53.23
CA ALA A 512 -22.95 -8.54 -52.42
C ALA A 512 -23.09 -7.47 -51.34
N LYS A 513 -22.16 -6.51 -51.25
CA LYS A 513 -22.24 -5.44 -50.27
C LYS A 513 -22.20 -5.96 -48.84
N ALA A 514 -21.52 -7.08 -48.63
CA ALA A 514 -21.27 -7.63 -47.31
C ALA A 514 -20.06 -6.95 -46.68
N MET A 515 -19.87 -7.17 -45.37
CA MET A 515 -18.75 -6.58 -44.65
C MET A 515 -17.87 -7.70 -44.07
N VAL A 516 -17.09 -8.32 -44.94
CA VAL A 516 -16.08 -9.28 -44.54
C VAL A 516 -14.76 -8.53 -44.38
N VAL A 517 -14.25 -8.47 -43.15
CA VAL A 517 -12.96 -7.87 -42.86
C VAL A 517 -11.91 -8.98 -42.96
N PHE A 518 -10.91 -8.79 -43.79
CA PHE A 518 -9.97 -9.83 -44.18
C PHE A 518 -8.53 -9.45 -43.81
N GLY A 519 -7.84 -10.36 -43.12
CA GLY A 519 -6.43 -10.17 -42.80
C GLY A 519 -5.57 -11.28 -43.38
N ALA A 520 -4.31 -10.93 -43.69
CA ALA A 520 -3.35 -11.90 -44.22
C ALA A 520 -1.93 -11.36 -44.18
N PRO A 521 -0.92 -12.23 -44.09
CA PRO A 521 0.45 -11.76 -44.20
C PRO A 521 0.63 -11.08 -45.54
N ASN A 522 1.40 -10.01 -45.54
CA ASN A 522 1.69 -9.25 -46.74
C ASN A 522 2.92 -9.84 -47.39
N THR A 523 2.72 -10.52 -48.53
CA THR A 523 3.80 -11.31 -49.14
C THR A 523 5.07 -10.50 -49.32
N HIS A 524 4.95 -9.34 -49.95
CA HIS A 524 6.13 -8.58 -50.32
C HIS A 524 6.80 -7.92 -49.12
N ARG A 525 6.02 -7.48 -48.11
CA ARG A 525 6.65 -6.94 -46.90
C ARG A 525 7.45 -8.02 -46.17
N LEU A 526 6.89 -9.22 -46.05
CA LEU A 526 7.60 -10.31 -45.40
C LEU A 526 8.87 -10.70 -46.17
N ALA A 527 8.76 -10.86 -47.49
CA ALA A 527 9.95 -11.16 -48.28
C ALA A 527 11.03 -10.10 -48.09
N TYR A 528 10.62 -8.84 -47.93
CA TYR A 528 11.62 -7.79 -47.75
C TYR A 528 12.29 -7.93 -46.38
N ALA A 529 11.48 -8.14 -45.34
CA ALA A 529 12.03 -8.31 -44.00
C ALA A 529 13.03 -9.46 -43.97
N LYS A 530 12.75 -10.53 -44.70
CA LYS A 530 13.68 -11.65 -44.76
C LYS A 530 14.92 -11.28 -45.57
N LYS A 531 14.72 -10.70 -46.77
CA LYS A 531 15.85 -10.35 -47.63
C LYS A 531 16.89 -9.49 -46.90
N VAL A 532 16.44 -8.53 -46.08
CA VAL A 532 17.39 -7.67 -45.41
C VAL A 532 17.99 -8.31 -44.17
N GLY A 533 17.50 -9.48 -43.75
CA GLY A 533 18.05 -10.15 -42.60
C GLY A 533 17.42 -9.80 -41.26
N LEU A 534 16.18 -9.33 -41.25
CA LEU A 534 15.45 -9.11 -40.01
C LEU A 534 14.86 -10.40 -39.50
N VAL A 535 14.12 -11.09 -40.36
CA VAL A 535 13.49 -12.37 -40.06
C VAL A 535 14.41 -13.48 -40.52
N LEU A 536 14.52 -14.53 -39.71
CA LEU A 536 15.30 -15.71 -40.05
C LEU A 536 14.38 -16.81 -40.55
N ASP A 537 14.94 -17.71 -41.36
CA ASP A 537 14.20 -18.90 -41.79
C ASP A 537 13.82 -19.78 -40.60
N SER A 538 14.57 -19.68 -39.49
CA SER A 538 14.24 -20.41 -38.28
C SER A 538 12.90 -19.97 -37.70
N ALA A 539 12.51 -18.72 -37.93
CA ALA A 539 11.21 -18.22 -37.50
C ALA A 539 10.18 -18.28 -38.60
N ILE A 540 10.48 -17.73 -39.78
CA ILE A 540 9.55 -17.72 -40.90
C ILE A 540 10.30 -18.02 -42.18
N LYS A 541 9.76 -18.93 -42.98
CA LYS A 541 10.28 -19.22 -44.31
C LYS A 541 9.15 -19.05 -45.31
N MET A 542 9.53 -18.79 -46.56
CA MET A 542 8.53 -18.64 -47.60
C MET A 542 9.10 -19.08 -48.93
N SER A 543 8.26 -19.75 -49.72
CA SER A 543 8.51 -20.01 -51.12
C SER A 543 7.41 -19.33 -51.90
N LYS A 544 7.79 -18.35 -52.71
CA LYS A 544 6.81 -17.45 -53.33
C LYS A 544 5.86 -16.92 -52.25
N ASP A 545 4.57 -17.25 -52.33
CA ASP A 545 3.58 -16.74 -51.39
C ASP A 545 3.13 -17.77 -50.35
N LEU A 546 3.83 -18.90 -50.22
CA LEU A 546 3.54 -19.90 -49.18
C LEU A 546 4.51 -19.69 -48.02
N ILE A 547 3.96 -19.49 -46.83
CA ILE A 547 4.70 -18.99 -45.68
C ILE A 547 4.58 -20.00 -44.54
N THR A 548 5.70 -20.32 -43.89
CA THR A 548 5.71 -21.25 -42.76
C THR A 548 6.16 -20.53 -41.49
N PHE A 549 5.25 -20.43 -40.52
CA PHE A 549 5.55 -19.86 -39.21
C PHE A 549 6.05 -20.96 -38.28
N SER A 550 7.13 -20.69 -37.56
CA SER A 550 7.75 -21.68 -36.67
C SER A 550 7.70 -21.26 -35.20
N ARG A 558 0.99 -22.71 -41.30
CA ARG A 558 1.44 -22.07 -42.54
C ARG A 558 0.29 -21.37 -43.31
N ASP A 559 0.58 -20.18 -43.83
CA ASP A 559 -0.40 -19.32 -44.49
C ASP A 559 0.01 -19.03 -45.93
N TYR A 560 -0.94 -18.49 -46.68
CA TYR A 560 -0.67 -17.81 -47.94
C TYR A 560 -0.56 -16.31 -47.69
N GLY A 561 0.53 -15.73 -48.15
CA GLY A 561 0.61 -14.27 -48.20
C GLY A 561 -0.28 -13.71 -49.30
N TYR A 562 -0.77 -12.49 -49.07
CA TYR A 562 -1.53 -11.75 -50.07
C TYR A 562 -0.92 -10.37 -50.27
N SER A 563 -1.22 -9.78 -51.42
CA SER A 563 -0.68 -8.47 -51.75
C SER A 563 -1.81 -7.50 -52.10
N GLN A 564 -1.48 -6.21 -52.09
CA GLN A 564 -2.50 -5.17 -52.25
C GLN A 564 -3.10 -5.18 -53.66
N SER A 565 -2.31 -5.57 -54.67
CA SER A 565 -2.88 -5.60 -56.02
C SER A 565 -3.83 -6.77 -56.22
N GLU A 566 -3.50 -7.94 -55.65
CA GLU A 566 -4.44 -9.08 -55.73
C GLU A 566 -5.78 -8.70 -55.13
N LEU A 567 -5.76 -8.04 -53.96
CA LEU A 567 -7.00 -7.80 -53.25
C LEU A 567 -7.81 -6.68 -53.89
N TYR A 568 -7.15 -5.67 -54.44
CA TYR A 568 -7.93 -4.62 -55.10
C TYR A 568 -8.67 -5.18 -56.32
N ASP A 569 -8.03 -6.08 -57.07
CA ASP A 569 -8.74 -6.75 -58.16
C ASP A 569 -9.96 -7.53 -57.67
N ALA A 570 -9.91 -8.05 -56.45
CA ALA A 570 -11.06 -8.73 -55.86
C ALA A 570 -11.98 -7.77 -55.09
N GLY A 571 -11.87 -6.47 -55.33
CA GLY A 571 -12.76 -5.53 -54.68
C GLY A 571 -12.41 -5.15 -53.24
N TYR A 572 -11.16 -5.29 -52.82
CA TYR A 572 -10.80 -5.03 -51.43
C TYR A 572 -9.72 -3.96 -51.33
N VAL A 573 -9.81 -3.13 -50.29
CA VAL A 573 -8.91 -1.99 -50.08
C VAL A 573 -8.21 -2.15 -48.74
N GLU A 574 -6.89 -2.04 -48.73
CA GLU A 574 -6.18 -2.06 -47.46
C GLU A 574 -6.53 -0.86 -46.58
N ILE A 575 -6.68 -1.10 -45.28
CA ILE A 575 -6.82 -0.05 -44.29
C ILE A 575 -5.97 -0.43 -43.09
N THR A 576 -5.29 0.56 -42.51
CA THR A 576 -4.41 0.21 -41.38
C THR A 576 -5.22 0.10 -40.09
N ILE A 577 -4.62 -0.56 -39.11
CA ILE A 577 -5.25 -0.70 -37.79
C ILE A 577 -5.40 0.68 -37.14
N ASP A 578 -4.42 1.58 -37.37
CA ASP A 578 -4.53 2.95 -36.86
C ASP A 578 -5.77 3.64 -37.39
N GLN A 579 -6.02 3.53 -38.70
CA GLN A 579 -7.20 4.17 -39.30
C GLN A 579 -8.50 3.55 -38.80
N MET A 580 -8.54 2.23 -38.66
CA MET A 580 -9.75 1.59 -38.15
C MET A 580 -10.12 2.11 -36.75
N VAL A 581 -9.15 2.20 -35.84
CA VAL A 581 -9.49 2.62 -34.49
C VAL A 581 -9.82 4.13 -34.45
N ALA A 582 -9.07 4.94 -35.20
CA ALA A 582 -9.42 6.36 -35.29
C ALA A 582 -10.79 6.55 -35.92
N TYR A 583 -11.07 5.85 -37.01
CA TYR A 583 -12.39 5.93 -37.64
C TYR A 583 -13.49 5.49 -36.67
N SER A 584 -13.22 4.44 -35.89
CA SER A 584 -14.21 3.91 -34.96
C SER A 584 -14.21 4.59 -33.59
N SER A 585 -13.47 5.70 -33.43
CA SER A 585 -13.15 6.19 -32.09
C SER A 585 -14.40 6.55 -31.28
N ASP A 586 -15.48 7.03 -31.92
CA ASP A 586 -16.61 7.44 -31.11
C ASP A 586 -17.49 6.28 -30.66
N VAL A 587 -17.26 5.05 -31.11
CA VAL A 587 -17.91 3.89 -30.48
C VAL A 587 -16.92 2.96 -29.81
N TYR A 588 -15.62 3.24 -29.87
CA TYR A 588 -14.65 2.26 -29.42
C TYR A 588 -14.70 2.11 -27.90
N ASN A 589 -14.56 0.87 -27.44
CA ASN A 589 -14.56 0.59 -26.01
C ASN A 589 -13.65 -0.61 -25.75
N GLY A 590 -12.59 -0.73 -26.52
CA GLY A 590 -11.67 -1.83 -26.43
C GLY A 590 -10.45 -1.51 -25.60
N VAL A 591 -9.38 -2.24 -25.88
CA VAL A 591 -8.11 -2.01 -25.21
C VAL A 591 -7.21 -1.17 -26.11
N GLY A 592 -6.24 -0.51 -25.49
CA GLY A 592 -5.13 0.10 -26.19
C GLY A 592 -3.91 -0.82 -26.18
N TYR A 593 -2.77 -0.24 -26.55
CA TYR A 593 -1.47 -0.92 -26.54
C TYR A 593 -0.41 0.05 -26.01
N PHE A 594 0.79 -0.49 -25.75
CA PHE A 594 1.96 0.31 -25.39
C PHE A 594 3.07 0.20 -26.41
N ALA A 595 3.41 -1.00 -26.86
CA ALA A 595 4.45 -1.20 -27.86
C ALA A 595 3.84 -1.61 -29.20
N ASN A 596 4.44 -1.12 -30.27
CA ASN A 596 4.24 -1.71 -31.59
C ASN A 596 5.08 -2.98 -31.74
N SER A 597 4.69 -3.84 -32.69
CA SER A 597 5.26 -5.19 -32.80
C SER A 597 5.63 -5.50 -34.24
N THR A 598 6.88 -5.90 -34.46
CA THR A 598 7.32 -6.25 -35.82
C THR A 598 6.44 -7.33 -36.43
N TYR A 599 6.15 -8.38 -35.65
CA TYR A 599 5.38 -9.51 -36.17
C TYR A 599 3.99 -9.09 -36.64
N ASN A 600 3.26 -8.30 -35.83
CA ASN A 600 1.92 -7.86 -36.26
C ASN A 600 1.99 -6.97 -37.51
N ASP A 601 3.04 -6.16 -37.62
CA ASP A 601 3.15 -5.28 -38.78
C ASP A 601 3.37 -6.04 -40.09
N LEU A 602 3.76 -7.32 -40.04
CA LEU A 602 3.91 -8.12 -41.25
C LEU A 602 2.58 -8.44 -41.91
N PHE A 603 1.47 -8.17 -41.24
CA PHE A 603 0.14 -8.46 -41.73
C PHE A 603 -0.56 -7.18 -42.18
N SER A 604 -1.47 -7.34 -43.13
CA SER A 604 -2.27 -6.26 -43.69
C SER A 604 -3.74 -6.61 -43.56
N TRP A 605 -4.58 -5.59 -43.45
CA TRP A 605 -6.03 -5.74 -43.29
C TRP A 605 -6.77 -5.02 -44.39
N TYR A 606 -7.92 -5.58 -44.79
CA TYR A 606 -8.63 -5.11 -45.97
C TYR A 606 -10.13 -5.09 -45.71
N ILE A 607 -10.78 -4.06 -46.24
CA ILE A 607 -12.23 -3.92 -46.18
C ILE A 607 -12.75 -3.81 -47.61
N PRO A 608 -14.03 -4.09 -47.82
CA PRO A 608 -14.56 -4.09 -49.21
C PRO A 608 -14.65 -2.70 -49.81
N LYS A 609 -14.35 -2.63 -51.11
CA LYS A 609 -14.33 -1.35 -51.83
C LYS A 609 -15.67 -0.60 -51.75
N TRP A 610 -16.79 -1.33 -51.75
CA TRP A 610 -18.07 -0.62 -51.78
C TRP A 610 -18.25 0.26 -50.54
N TYR A 611 -17.72 -0.18 -49.40
CA TYR A 611 -17.83 0.65 -48.21
C TYR A 611 -16.86 1.83 -48.25
N VAL A 612 -15.69 1.63 -48.84
CA VAL A 612 -14.73 2.74 -48.99
C VAL A 612 -15.32 3.84 -49.86
N HIS A 613 -15.93 3.48 -50.99
CA HIS A 613 -16.53 4.49 -51.86
C HIS A 613 -17.73 5.16 -51.21
N LYS A 614 -18.48 4.43 -50.39
CA LYS A 614 -19.68 5.01 -49.80
C LYS A 614 -19.33 6.01 -48.70
N ARG A 615 -18.36 5.68 -47.85
CA ARG A 615 -18.15 6.43 -46.62
C ARG A 615 -16.75 6.98 -46.41
N MET A 616 -15.77 6.68 -47.26
CA MET A 616 -14.41 7.06 -46.88
C MET A 616 -13.66 7.93 -47.90
N LEU A 617 -14.33 8.46 -48.93
CA LEU A 617 -13.60 9.24 -49.92
C LEU A 617 -13.27 10.65 -49.45
N MET A 618 -14.03 11.19 -48.50
CA MET A 618 -13.71 12.46 -47.87
C MET A 618 -12.80 12.20 -46.69
N GLN A 619 -11.54 12.54 -46.84
CA GLN A 619 -10.50 12.18 -45.89
C GLN A 619 -10.50 13.17 -44.73
N ASP A 620 -11.22 12.87 -43.66
CA ASP A 620 -10.92 13.60 -42.44
C ASP A 620 -9.71 12.96 -41.76
N ILE A 621 -9.32 13.46 -40.60
CA ILE A 621 -8.04 13.05 -40.04
C ILE A 621 -8.06 11.57 -39.66
N ARG A 622 -9.23 11.03 -39.33
CA ARG A 622 -9.33 9.62 -38.94
C ARG A 622 -8.94 8.67 -40.07
N LEU A 623 -9.21 9.03 -41.31
CA LEU A 623 -8.95 8.14 -42.44
C LEU A 623 -7.72 8.55 -43.23
N SER A 624 -6.87 9.28 -42.63
CA SER A 624 -5.80 9.90 -43.40
C SER A 624 -4.48 9.19 -43.14
N PRO A 625 -3.49 9.36 -44.01
CA PRO A 625 -2.16 8.80 -43.76
C PRO A 625 -1.22 9.71 -42.99
N ALA A 626 -1.73 10.77 -42.35
CA ALA A 626 -0.86 11.80 -41.77
C ALA A 626 0.21 11.20 -40.85
N ALA A 627 -0.14 10.16 -40.11
CA ALA A 627 0.79 9.56 -39.16
C ALA A 627 1.84 8.64 -39.83
N LEU A 628 1.83 8.52 -41.16
CA LEU A 628 2.86 7.71 -41.83
C LEU A 628 3.57 8.49 -42.94
N VAL A 629 2.91 9.50 -43.50
CA VAL A 629 3.42 10.13 -44.73
C VAL A 629 4.59 11.06 -44.51
N LYS A 630 4.91 11.43 -43.28
CA LYS A 630 5.99 12.35 -43.01
C LYS A 630 7.12 11.73 -42.21
N CYS A 631 6.84 10.78 -41.33
CA CYS A 631 7.86 10.38 -40.37
C CYS A 631 8.99 9.55 -40.99
N PHE A 632 8.72 8.72 -42.01
CA PHE A 632 9.84 7.98 -42.63
C PHE A 632 10.71 8.91 -43.48
N THR A 633 10.09 9.81 -44.23
CA THR A 633 10.85 10.77 -45.04
C THR A 633 11.75 11.63 -44.16
N THR A 634 11.19 12.20 -43.09
CA THR A 634 11.99 13.03 -42.20
C THR A 634 13.14 12.24 -41.57
N LEU A 635 12.87 11.00 -41.14
CA LEU A 635 13.93 10.19 -40.56
C LEU A 635 15.06 9.96 -41.57
N ILE A 636 14.72 9.61 -42.80
CA ILE A 636 15.75 9.38 -43.83
C ILE A 636 16.52 10.66 -44.13
N ARG A 637 15.81 11.80 -44.24
CA ARG A 637 16.49 13.08 -44.48
C ARG A 637 17.46 13.45 -43.36
N ASN A 638 17.10 13.13 -42.11
CA ASN A 638 18.00 13.39 -40.99
C ASN A 638 19.25 12.50 -41.07
N ILE A 639 19.06 11.20 -41.33
CA ILE A 639 20.18 10.27 -41.40
C ILE A 639 21.09 10.59 -42.61
N CYS A 640 20.50 10.98 -43.73
CA CYS A 640 21.21 11.08 -45.00
C CYS A 640 21.62 12.49 -45.35
N TYR A 641 21.40 13.46 -44.46
CA TYR A 641 21.79 14.86 -44.68
C TYR A 641 21.13 15.46 -45.92
N VAL A 642 19.80 15.39 -45.96
CA VAL A 642 19.02 15.94 -47.07
C VAL A 642 18.36 17.24 -46.60
N PRO A 643 18.84 18.42 -47.02
CA PRO A 643 18.09 19.64 -46.74
C PRO A 643 16.68 19.58 -47.29
N HIS A 644 15.81 20.38 -46.66
CA HIS A 644 14.41 20.44 -47.07
C HIS A 644 14.27 20.81 -48.54
N GLU A 645 14.99 21.85 -48.99
CA GLU A 645 14.80 22.26 -50.38
C GLU A 645 15.47 21.26 -51.33
N THR A 646 16.59 20.68 -50.92
CA THR A 646 17.29 19.69 -51.74
C THR A 646 16.41 18.50 -52.05
N TYR A 647 15.56 18.12 -51.10
CA TYR A 647 14.64 17.00 -51.30
C TYR A 647 13.77 17.22 -52.53
N TYR A 648 13.21 18.42 -52.68
CA TYR A 648 12.40 18.75 -53.85
C TYR A 648 13.23 18.87 -55.14
N ARG A 649 14.51 19.27 -55.04
CA ARG A 649 15.40 19.23 -56.21
C ARG A 649 15.58 17.81 -56.71
N PHE A 650 15.78 16.85 -55.80
CA PHE A 650 15.93 15.45 -56.17
C PHE A 650 14.68 14.95 -56.91
N ARG A 651 13.51 15.34 -56.43
CA ARG A 651 12.28 14.94 -57.07
C ARG A 651 12.18 15.50 -58.49
N GLY A 652 12.61 16.75 -58.69
CA GLY A 652 12.65 17.28 -60.05
C GLY A 652 13.63 16.52 -60.93
N ILE A 653 14.80 16.17 -60.37
CA ILE A 653 15.77 15.39 -61.12
C ILE A 653 15.18 14.05 -61.54
N LEU A 654 14.49 13.36 -60.62
CA LEU A 654 13.89 12.07 -60.97
C LEU A 654 12.85 12.24 -62.07
N VAL A 655 12.09 13.33 -62.06
CA VAL A 655 11.06 13.52 -63.09
C VAL A 655 11.71 13.82 -64.43
N ASP A 656 12.81 14.58 -64.42
CA ASP A 656 13.58 14.83 -65.63
C ASP A 656 14.02 13.53 -66.28
N LYS A 657 14.68 12.66 -65.51
CA LYS A 657 15.11 11.37 -66.04
C LYS A 657 13.94 10.56 -66.57
N TYR A 658 12.84 10.50 -65.83
CA TYR A 658 11.69 9.73 -66.32
C TYR A 658 11.20 10.27 -67.66
N LEU A 659 11.03 11.59 -67.77
CA LEU A 659 10.54 12.18 -69.01
C LEU A 659 11.52 11.94 -70.17
N ARG A 660 12.83 11.99 -69.90
CA ARG A 660 13.82 11.65 -70.91
C ARG A 660 13.60 10.22 -71.40
N SER A 661 13.46 9.27 -70.46
CA SER A 661 13.26 7.86 -70.77
C SER A 661 11.99 7.60 -71.57
N LYS A 662 11.08 8.56 -71.65
CA LYS A 662 9.91 8.47 -72.51
C LYS A 662 10.04 9.33 -73.76
N ASN A 663 11.27 9.75 -74.08
CA ASN A 663 11.59 10.51 -75.29
C ASN A 663 10.79 11.79 -75.38
N VAL A 664 10.51 12.42 -74.24
CA VAL A 664 9.90 13.75 -74.26
C VAL A 664 11.01 14.76 -74.52
N ASP A 665 10.83 15.60 -75.52
CA ASP A 665 11.88 16.54 -75.90
C ASP A 665 12.08 17.55 -74.78
N PRO A 666 13.29 17.69 -74.22
CA PRO A 666 13.46 18.51 -73.02
C PRO A 666 13.21 20.00 -73.23
N SER A 667 13.00 20.46 -74.46
CA SER A 667 12.60 21.86 -74.60
C SER A 667 11.11 22.07 -74.34
N GLN A 668 10.32 20.99 -74.21
CA GLN A 668 8.91 21.12 -73.86
C GLN A 668 8.67 21.34 -72.36
N TYR A 669 9.69 21.23 -71.52
CA TYR A 669 9.49 21.45 -70.09
C TYR A 669 10.78 22.00 -69.47
N SER A 670 10.60 22.69 -68.35
CA SER A 670 11.72 23.20 -67.57
C SER A 670 11.57 22.75 -66.12
N ILE A 671 12.56 21.98 -65.64
CA ILE A 671 12.59 21.47 -64.27
C ILE A 671 12.77 22.62 -63.28
N VAL A 672 11.90 22.68 -62.27
CA VAL A 672 12.04 23.63 -61.18
C VAL A 672 12.51 22.95 -59.90
N GLY A 673 11.96 21.78 -59.59
CA GLY A 673 12.43 21.03 -58.42
C GLY A 673 12.27 21.76 -57.10
N SER A 674 11.14 22.43 -56.92
CA SER A 674 10.83 23.12 -55.68
C SER A 674 9.57 22.51 -55.09
N GLY A 675 9.24 22.97 -53.87
CA GLY A 675 8.08 22.44 -53.19
C GLY A 675 6.77 22.76 -53.86
N SER A 676 6.68 23.88 -54.57
CA SER A 676 5.44 24.29 -55.22
C SER A 676 5.37 23.93 -56.69
N LYS A 677 6.50 23.82 -57.38
CA LYS A 677 6.51 23.39 -58.78
C LYS A 677 7.55 22.30 -58.95
N THR A 678 7.15 21.18 -59.57
CA THR A 678 8.16 20.21 -59.95
C THR A 678 8.80 20.61 -61.28
N PHE A 679 7.96 21.00 -62.24
CA PHE A 679 8.44 21.53 -63.52
C PHE A 679 7.32 22.35 -64.13
N THR A 680 7.70 23.23 -65.05
CA THR A 680 6.75 24.03 -65.83
C THR A 680 6.65 23.42 -67.22
N VAL A 681 5.45 23.46 -67.80
CA VAL A 681 5.23 22.95 -69.15
C VAL A 681 5.38 24.10 -70.14
N LEU A 682 6.28 23.94 -71.12
CA LEU A 682 6.56 25.00 -72.08
C LEU A 682 5.70 24.87 -73.34
N SER A 683 5.68 23.69 -73.95
CA SER A 683 4.74 23.39 -75.02
C SER A 683 3.92 22.15 -74.67
N HIS A 684 2.75 22.03 -75.30
CA HIS A 684 1.89 20.86 -75.09
C HIS A 684 2.65 19.60 -75.46
N PHE A 685 2.49 18.56 -74.63
CA PHE A 685 3.07 17.25 -74.90
C PHE A 685 2.30 16.21 -74.09
N GLU A 686 2.54 14.95 -74.43
CA GLU A 686 1.77 13.83 -73.89
C GLU A 686 2.72 12.68 -73.60
N VAL A 687 2.39 11.90 -72.57
CA VAL A 687 3.16 10.71 -72.22
C VAL A 687 2.24 9.50 -72.23
N PRO A 688 2.55 8.46 -73.00
CA PRO A 688 1.71 7.27 -73.03
C PRO A 688 1.71 6.54 -71.69
N HIS A 689 0.54 6.05 -71.31
CA HIS A 689 0.30 5.45 -70.00
C HIS A 689 -0.94 4.59 -70.11
N GLU A 690 -0.92 3.42 -69.46
CA GLU A 690 -2.08 2.55 -69.54
C GLU A 690 -3.33 3.15 -68.93
N CYS A 691 -3.20 4.20 -68.10
CA CYS A 691 -4.33 4.94 -67.54
C CYS A 691 -4.49 6.32 -68.16
N GLY A 692 -3.73 6.62 -69.21
CA GLY A 692 -3.71 7.95 -69.76
C GLY A 692 -4.31 8.02 -71.15
N PRO A 693 -3.58 8.64 -72.09
CA PRO A 693 -2.25 9.21 -71.84
C PRO A 693 -2.23 10.45 -70.93
N LEU A 694 -1.10 10.67 -70.27
CA LEU A 694 -0.92 11.87 -69.46
C LEU A 694 -0.75 13.07 -70.38
N VAL A 695 -1.57 14.09 -70.19
CA VAL A 695 -1.60 15.26 -71.06
C VAL A 695 -1.10 16.47 -70.29
N PHE A 696 -0.18 17.21 -70.88
CA PHE A 696 0.39 18.39 -70.24
C PHE A 696 0.20 19.61 -71.14
N GLU A 697 -0.50 20.62 -70.64
CA GLU A 697 -0.81 21.80 -71.43
C GLU A 697 0.26 22.87 -71.26
N ALA A 698 0.54 23.60 -72.34
CA ALA A 698 1.60 24.60 -72.31
C ALA A 698 1.25 25.71 -71.33
N SER A 699 2.30 26.28 -70.71
CA SER A 699 2.17 27.37 -69.74
C SER A 699 1.45 26.92 -68.45
N THR A 700 1.63 25.65 -68.05
CA THR A 700 1.13 25.17 -66.77
C THR A 700 2.29 24.71 -65.90
N ASP A 701 2.12 24.82 -64.59
CA ASP A 701 3.04 24.23 -63.62
C ASP A 701 2.50 22.88 -63.16
N VAL A 702 3.39 21.90 -63.11
CA VAL A 702 3.07 20.54 -62.68
C VAL A 702 3.75 20.30 -61.34
N ASN A 703 2.97 19.82 -60.37
CA ASN A 703 3.45 19.51 -59.02
C ASN A 703 3.04 18.09 -58.70
N ILE A 704 4.01 17.16 -58.67
CA ILE A 704 3.66 15.74 -58.53
C ILE A 704 3.25 15.42 -57.09
N SER A 705 2.56 14.29 -56.92
CA SER A 705 2.01 13.94 -55.61
C SER A 705 3.12 13.43 -54.70
N GLY A 706 3.49 14.24 -53.71
CA GLY A 706 4.52 13.81 -52.78
C GLY A 706 4.06 12.73 -51.83
N HIS A 707 2.78 12.71 -51.47
CA HIS A 707 2.30 11.69 -50.54
C HIS A 707 2.48 10.27 -51.11
N LEU A 708 2.27 10.11 -52.42
CA LEU A 708 2.44 8.79 -53.04
C LEU A 708 3.86 8.27 -52.81
N LEU A 709 4.86 9.12 -53.04
CA LEU A 709 6.26 8.72 -52.87
C LEU A 709 6.57 8.30 -51.42
N SER A 710 6.13 9.11 -50.44
CA SER A 710 6.38 8.80 -49.03
C SER A 710 5.71 7.51 -48.60
N LEU A 711 4.46 7.31 -49.00
CA LEU A 711 3.76 6.09 -48.62
C LEU A 711 4.43 4.86 -49.23
N ALA A 712 5.10 5.01 -50.37
CA ALA A 712 5.79 3.85 -50.94
C ALA A 712 6.96 3.40 -50.06
N ILE A 713 7.67 4.37 -49.47
CA ILE A 713 8.70 4.06 -48.47
C ILE A 713 8.09 3.37 -47.26
N ALA A 714 7.03 3.97 -46.70
CA ALA A 714 6.44 3.44 -45.47
C ALA A 714 5.95 2.01 -45.66
N ALA A 715 5.44 1.70 -46.84
CA ALA A 715 4.95 0.36 -47.17
C ALA A 715 6.05 -0.69 -47.15
N HIS A 716 7.32 -0.29 -47.12
CA HIS A 716 8.38 -1.28 -46.93
C HIS A 716 8.42 -1.82 -45.51
N PHE A 717 7.88 -1.09 -44.54
CA PHE A 717 8.14 -1.35 -43.15
C PHE A 717 6.90 -1.66 -42.33
N VAL A 718 5.75 -1.06 -42.65
CA VAL A 718 4.52 -1.26 -41.91
C VAL A 718 3.38 -1.34 -42.92
N ALA A 719 2.20 -1.74 -42.44
CA ALA A 719 1.01 -1.71 -43.28
C ALA A 719 0.77 -0.28 -43.78
N SER A 720 0.25 -0.18 -45.00
CA SER A 720 0.23 1.05 -45.76
C SER A 720 -1.18 1.52 -46.04
N PRO A 721 -1.43 2.81 -45.97
CA PRO A 721 -2.75 3.31 -46.36
C PRO A 721 -2.82 3.70 -47.84
N MET A 722 -1.94 3.16 -48.69
CA MET A 722 -1.74 3.72 -50.03
C MET A 722 -2.98 3.62 -50.91
N ILE A 723 -3.72 2.50 -50.81
CA ILE A 723 -4.83 2.29 -51.74
C ILE A 723 -6.04 3.09 -51.31
N LEU A 724 -6.28 3.18 -50.00
CA LEU A 724 -7.34 4.05 -49.51
C LEU A 724 -7.01 5.51 -49.80
N TRP A 725 -5.75 5.89 -49.61
CA TRP A 725 -5.30 7.21 -50.00
C TRP A 725 -5.56 7.48 -51.48
N ALA A 726 -5.19 6.53 -52.35
CA ALA A 726 -5.35 6.74 -53.80
C ALA A 726 -6.82 6.97 -54.18
N GLU A 727 -7.73 6.20 -53.59
CA GLU A 727 -9.15 6.42 -53.85
C GLU A 727 -9.58 7.82 -53.42
N GLN A 728 -9.09 8.27 -52.27
CA GLN A 728 -9.40 9.63 -51.84
C GLN A 728 -8.79 10.65 -52.79
N MET A 729 -7.54 10.42 -53.21
CA MET A 729 -6.90 11.35 -54.13
C MET A 729 -7.67 11.44 -55.44
N LYS A 730 -8.16 10.31 -55.95
CA LYS A 730 -8.96 10.34 -57.17
C LYS A 730 -10.19 11.22 -56.98
N TYR A 731 -10.82 11.13 -55.82
CA TYR A 731 -11.98 11.94 -55.54
C TYR A 731 -11.63 13.43 -55.49
N MET A 732 -10.40 13.78 -55.12
CA MET A 732 -10.00 15.17 -54.91
C MET A 732 -9.36 15.81 -56.14
N ALA A 733 -9.79 15.42 -57.35
CA ALA A 733 -9.40 16.18 -58.54
C ALA A 733 -10.04 17.56 -58.58
N VAL A 734 -11.15 17.76 -57.89
CA VAL A 734 -11.85 19.04 -57.79
C VAL A 734 -12.18 19.28 -56.33
N ASP A 735 -12.53 20.53 -56.00
CA ASP A 735 -13.03 20.84 -54.67
C ASP A 735 -14.26 20.00 -54.35
N ARG A 736 -14.43 19.67 -53.06
CA ARG A 736 -15.51 18.83 -52.59
C ARG A 736 -16.08 19.39 -51.29
N MET A 737 -17.38 19.61 -51.25
CA MET A 737 -18.01 20.19 -50.05
C MET A 737 -17.85 19.25 -48.85
N LEU A 738 -17.67 19.84 -47.66
CA LEU A 738 -17.49 19.06 -46.45
C LEU A 738 -18.78 18.38 -46.04
N PRO A 739 -18.72 17.14 -45.53
CA PRO A 739 -19.93 16.44 -45.06
C PRO A 739 -20.61 17.20 -43.94
N PRO A 740 -21.91 17.45 -44.05
CA PRO A 740 -22.56 18.37 -43.10
C PRO A 740 -22.59 17.85 -41.67
N ASN A 741 -22.70 16.54 -41.46
CA ASN A 741 -22.81 15.97 -40.12
C ASN A 741 -21.47 15.49 -39.56
N LEU A 742 -20.38 16.17 -39.86
CA LEU A 742 -19.11 15.90 -39.20
C LEU A 742 -18.55 17.20 -38.65
N ASP A 743 -17.99 17.12 -37.46
CA ASP A 743 -17.29 18.26 -36.88
C ASP A 743 -16.17 18.71 -37.83
N LYS A 744 -16.28 19.95 -38.28
CA LYS A 744 -15.31 20.47 -39.25
C LYS A 744 -13.87 20.43 -38.74
N SER A 745 -13.67 20.45 -37.42
CA SER A 745 -12.32 20.35 -36.86
C SER A 745 -11.64 19.03 -37.18
N LEU A 746 -12.40 17.99 -37.58
CA LEU A 746 -11.76 16.78 -38.10
C LEU A 746 -11.08 17.00 -39.43
N PHE A 747 -11.32 18.15 -40.08
CA PHE A 747 -10.72 18.46 -41.36
C PHE A 747 -9.58 19.47 -41.21
N PHE A 748 -9.04 19.62 -40.00
CA PHE A 748 -8.03 20.65 -39.74
C PHE A 748 -6.81 20.48 -40.64
N ASP A 749 -6.50 19.25 -41.04
CA ASP A 749 -5.23 18.97 -41.69
C ASP A 749 -5.28 19.07 -43.20
N ASN A 750 -6.41 19.47 -43.77
CA ASN A 750 -6.49 19.69 -45.20
C ASN A 750 -6.94 21.12 -45.50
N LYS A 751 -6.45 21.64 -46.61
CA LYS A 751 -6.82 22.98 -47.06
C LYS A 751 -8.31 23.08 -47.34
N VAL A 752 -8.90 24.18 -46.91
CA VAL A 752 -10.29 24.51 -47.21
C VAL A 752 -10.29 25.79 -48.03
N THR A 753 -11.28 25.92 -48.94
CA THR A 753 -11.40 27.05 -49.84
C THR A 753 -12.16 28.19 -49.17
N PRO A 754 -12.08 29.41 -49.72
CA PRO A 754 -12.95 30.49 -49.24
C PRO A 754 -14.41 30.07 -49.06
N SER A 755 -14.99 29.42 -50.08
CA SER A 755 -16.37 28.94 -50.03
C SER A 755 -16.58 27.76 -49.08
N GLY A 756 -15.55 27.33 -48.37
CA GLY A 756 -15.74 26.28 -47.37
C GLY A 756 -15.78 24.88 -47.92
N ALA A 757 -15.14 24.62 -49.05
CA ALA A 757 -15.01 23.27 -49.55
C ALA A 757 -13.60 22.74 -49.27
N LEU A 758 -13.49 21.42 -49.18
CA LEU A 758 -12.17 20.79 -49.24
C LEU A 758 -11.53 21.13 -50.59
N GLN A 759 -10.39 21.81 -50.55
CA GLN A 759 -9.70 22.19 -51.78
C GLN A 759 -9.14 20.96 -52.50
N ARG A 760 -9.18 21.01 -53.83
CA ARG A 760 -8.64 19.94 -54.66
C ARG A 760 -7.16 19.72 -54.35
N TRP A 761 -6.69 18.49 -54.60
CA TRP A 761 -5.33 18.10 -54.26
C TRP A 761 -4.41 18.10 -55.48
N HIS A 762 -4.68 17.21 -56.44
CA HIS A 762 -3.79 17.00 -57.57
C HIS A 762 -4.60 16.46 -58.73
N SER A 763 -4.13 16.75 -59.94
CA SER A 763 -4.69 16.14 -61.14
C SER A 763 -4.20 14.70 -61.28
N ARG A 764 -4.90 13.92 -62.11
CA ARG A 764 -4.49 12.53 -62.33
C ARG A 764 -3.10 12.44 -62.95
N GLU A 765 -2.73 13.40 -63.78
CA GLU A 765 -1.36 13.46 -64.29
C GLU A 765 -0.36 13.55 -63.15
N GLU A 766 -0.64 14.42 -62.18
CA GLU A 766 0.31 14.64 -61.10
C GLU A 766 0.43 13.43 -60.18
N VAL A 767 -0.63 12.63 -60.06
CA VAL A 767 -0.56 11.41 -59.26
C VAL A 767 0.17 10.30 -60.03
N LEU A 768 -0.18 10.12 -61.32
CA LEU A 768 0.40 9.01 -62.06
C LEU A 768 1.86 9.28 -62.43
N LEU A 769 2.25 10.54 -62.56
CA LEU A 769 3.66 10.87 -62.70
C LEU A 769 4.45 10.41 -61.49
N ALA A 770 3.90 10.65 -60.30
CA ALA A 770 4.52 10.19 -59.07
C ALA A 770 4.62 8.68 -59.07
N ALA A 771 3.55 7.98 -59.45
CA ALA A 771 3.61 6.54 -59.49
C ALA A 771 4.68 6.07 -60.48
N GLU A 772 4.85 6.82 -61.58
CA GLU A 772 5.83 6.44 -62.59
C GLU A 772 7.27 6.58 -62.09
N ILE A 773 7.56 7.56 -61.23
CA ILE A 773 8.92 7.73 -60.71
C ILE A 773 9.10 7.05 -59.36
N CYS A 774 8.04 6.43 -58.85
CA CYS A 774 8.07 5.89 -57.51
C CYS A 774 9.24 4.93 -57.32
N GLU A 775 9.51 4.09 -58.32
CA GLU A 775 10.54 3.08 -58.17
C GLU A 775 11.93 3.71 -58.06
N SER A 776 12.19 4.73 -58.87
CA SER A 776 13.49 5.40 -58.79
C SER A 776 13.62 6.22 -57.51
N TYR A 777 12.50 6.71 -56.97
CA TYR A 777 12.53 7.44 -55.71
C TYR A 777 12.87 6.51 -54.55
N ALA A 778 12.25 5.33 -54.50
CA ALA A 778 12.59 4.39 -53.44
C ALA A 778 14.02 3.89 -53.58
N ALA A 779 14.49 3.69 -54.82
CA ALA A 779 15.88 3.30 -55.02
C ALA A 779 16.84 4.39 -54.54
N MET A 780 16.49 5.66 -54.76
CA MET A 780 17.35 6.74 -54.26
C MET A 780 17.33 6.79 -52.74
N MET A 781 16.14 6.87 -52.15
CA MET A 781 16.02 7.02 -50.69
C MET A 781 16.62 5.84 -49.94
N LEU A 782 16.53 4.63 -50.50
CA LEU A 782 17.03 3.47 -49.77
C LEU A 782 18.33 2.91 -50.36
N ASN A 783 19.08 3.73 -51.08
CA ASN A 783 20.40 3.32 -51.63
C ASN A 783 20.28 1.98 -52.38
N ASN A 784 19.29 1.90 -53.26
CA ASN A 784 19.00 0.71 -54.05
C ASN A 784 18.77 -0.55 -53.20
N LYS A 785 18.42 -0.40 -51.92
CA LYS A 785 18.10 -1.54 -51.07
C LYS A 785 16.60 -1.62 -50.79
N HIS A 786 15.81 -1.09 -51.70
CA HIS A 786 14.35 -1.08 -51.63
C HIS A 786 13.80 -2.41 -52.13
N SER A 787 12.48 -2.52 -52.18
CA SER A 787 11.87 -3.72 -52.75
C SER A 787 11.14 -3.34 -54.02
N PRO A 788 11.63 -3.77 -55.19
CA PRO A 788 10.89 -3.58 -56.44
C PRO A 788 9.52 -4.22 -56.42
N ASP A 789 9.36 -5.36 -55.73
CA ASP A 789 8.06 -6.03 -55.66
C ASP A 789 7.04 -5.19 -54.87
N ILE A 790 7.47 -4.56 -53.77
CA ILE A 790 6.53 -3.74 -53.02
C ILE A 790 6.08 -2.55 -53.87
N ILE A 791 7.04 -1.88 -54.51
CA ILE A 791 6.68 -0.78 -55.41
C ILE A 791 5.80 -1.28 -56.54
N GLY A 792 6.12 -2.46 -57.09
CA GLY A 792 5.32 -2.98 -58.20
C GLY A 792 3.89 -3.28 -57.82
N THR A 793 3.66 -3.88 -56.65
CA THR A 793 2.27 -4.16 -56.28
C THR A 793 1.50 -2.87 -55.99
N LEU A 794 2.16 -1.84 -55.47
CA LEU A 794 1.49 -0.55 -55.23
C LEU A 794 1.17 0.16 -56.53
N LYS A 795 2.15 0.21 -57.44
CA LYS A 795 1.95 0.88 -58.72
C LYS A 795 0.84 0.22 -59.52
N SER A 796 0.79 -1.10 -59.54
CA SER A 796 -0.28 -1.77 -60.28
C SER A 796 -1.65 -1.52 -59.65
N ALA A 797 -1.72 -1.42 -58.32
CA ALA A 797 -3.00 -1.14 -57.67
C ALA A 797 -3.44 0.30 -57.94
N ILE A 798 -2.49 1.24 -57.88
CA ILE A 798 -2.82 2.62 -58.19
C ILE A 798 -3.35 2.74 -59.62
N ASN A 799 -2.73 2.01 -60.55
CA ASN A 799 -3.21 2.04 -61.94
C ASN A 799 -4.64 1.52 -62.05
N LEU A 800 -4.99 0.51 -61.26
CA LEU A 800 -6.38 0.06 -61.25
C LEU A 800 -7.30 1.11 -60.67
N VAL A 801 -6.86 1.79 -59.59
CA VAL A 801 -7.67 2.87 -59.03
C VAL A 801 -7.94 3.93 -60.09
N PHE A 802 -6.93 4.25 -60.89
CA PHE A 802 -7.06 5.29 -61.91
C PHE A 802 -7.36 4.71 -63.29
N LYS A 803 -7.88 3.48 -63.34
CA LYS A 803 -8.13 2.80 -64.60
C LYS A 803 -9.07 3.60 -65.49
N ILE A 804 -8.78 3.63 -66.78
CA ILE A 804 -9.67 4.26 -67.76
C ILE A 804 -10.37 3.21 -68.62
N ASN B 6 -13.56 -0.86 59.88
CA ASN B 6 -13.95 -0.27 58.60
C ASN B 6 -13.97 -1.29 57.46
N PRO B 7 -15.17 -1.69 57.02
CA PRO B 7 -15.27 -2.59 55.87
C PRO B 7 -14.66 -2.03 54.60
N ASP B 8 -14.52 -0.70 54.49
CA ASP B 8 -13.93 -0.11 53.28
C ASP B 8 -12.52 -0.63 53.05
N TYR B 9 -11.76 -0.86 54.12
CA TYR B 9 -10.37 -1.29 54.02
C TYR B 9 -10.17 -2.75 54.42
N CYS B 10 -11.21 -3.56 54.26
CA CYS B 10 -11.10 -5.01 54.42
C CYS B 10 -11.62 -5.72 53.17
N ILE B 11 -11.06 -6.88 52.89
CA ILE B 11 -11.65 -7.84 51.96
C ILE B 11 -12.02 -9.08 52.74
N PRO B 12 -13.06 -9.83 52.32
CA PRO B 12 -13.95 -9.48 51.20
C PRO B 12 -14.68 -8.18 51.50
N ASN B 13 -15.14 -7.49 50.48
CA ASN B 13 -15.86 -6.25 50.67
C ASN B 13 -17.18 -6.27 49.91
N PHE B 14 -18.28 -6.22 50.64
CA PHE B 14 -19.59 -6.00 50.05
C PHE B 14 -20.06 -4.56 50.19
N SER B 15 -19.65 -3.87 51.26
CA SER B 15 -20.17 -2.55 51.60
C SER B 15 -19.83 -1.48 50.57
N GLN B 16 -18.67 -1.56 49.91
CA GLN B 16 -18.27 -0.57 48.90
C GLN B 16 -18.34 -1.09 47.47
N THR B 17 -18.53 -2.39 47.27
CA THR B 17 -18.60 -2.95 45.94
C THR B 17 -20.03 -3.16 45.46
N VAL B 18 -21.01 -3.35 46.35
CA VAL B 18 -22.38 -3.66 45.95
C VAL B 18 -23.30 -2.52 46.39
N ASN B 19 -23.67 -1.65 45.47
CA ASN B 19 -24.78 -0.73 45.70
C ASN B 19 -25.90 -1.03 44.70
N GLU B 20 -26.96 -0.20 44.71
CA GLU B 20 -28.06 -0.40 43.78
C GLU B 20 -27.61 -0.26 42.33
N ARG B 21 -26.51 0.44 42.10
CA ARG B 21 -26.00 0.55 40.75
C ARG B 21 -25.23 -0.70 40.32
N THR B 22 -24.53 -1.36 41.27
CA THR B 22 -24.01 -2.71 40.99
C THR B 22 -25.14 -3.67 40.66
N ILE B 23 -26.26 -3.55 41.38
CA ILE B 23 -27.42 -4.38 41.11
C ILE B 23 -27.92 -4.15 39.68
N ILE B 24 -27.95 -2.88 39.25
CA ILE B 24 -28.33 -2.55 37.87
C ILE B 24 -27.39 -3.24 36.89
N ASP B 25 -26.08 -3.15 37.15
CA ASP B 25 -25.12 -3.79 36.25
C ASP B 25 -25.28 -5.31 36.23
N ILE B 26 -25.73 -5.93 37.32
CA ILE B 26 -25.97 -7.37 37.27
C ILE B 26 -27.17 -7.67 36.36
N PHE B 27 -28.26 -6.90 36.49
CA PHE B 27 -29.37 -7.01 35.56
C PHE B 27 -28.90 -6.89 34.11
N THR B 28 -28.05 -5.90 33.85
CA THR B 28 -27.54 -5.65 32.52
C THR B 28 -26.75 -6.84 32.01
N ILE B 29 -25.82 -7.37 32.84
CA ILE B 29 -25.03 -8.53 32.41
C ILE B 29 -25.92 -9.72 32.12
N CYS B 30 -27.09 -9.81 32.78
CA CYS B 30 -27.98 -10.94 32.52
C CYS B 30 -28.42 -11.00 31.06
N ARG B 31 -28.39 -9.88 30.33
CA ARG B 31 -28.69 -9.89 28.91
C ARG B 31 -27.64 -10.63 28.10
N TYR B 32 -26.47 -10.86 28.68
CA TYR B 32 -25.35 -11.51 28.01
C TYR B 32 -25.14 -12.93 28.52
N ARG B 33 -26.12 -13.50 29.20
CA ARG B 33 -25.90 -14.75 29.94
C ARG B 33 -25.92 -16.01 29.07
N SER B 34 -25.96 -15.88 27.75
CA SER B 34 -26.00 -17.03 26.86
C SER B 34 -24.80 -17.03 25.90
N PRO B 35 -23.57 -17.16 26.40
CA PRO B 35 -22.39 -17.04 25.53
C PRO B 35 -21.92 -18.31 24.82
N LEU B 36 -22.55 -19.46 25.04
CA LEU B 36 -21.98 -20.75 24.65
C LEU B 36 -22.28 -21.13 23.20
N VAL B 37 -21.27 -21.67 22.53
CA VAL B 37 -21.42 -22.38 21.25
C VAL B 37 -20.89 -23.79 21.44
N VAL B 38 -21.69 -24.78 21.07
CA VAL B 38 -21.27 -26.17 21.03
C VAL B 38 -21.19 -26.58 19.55
N PHE B 39 -19.98 -26.95 19.11
CA PHE B 39 -19.65 -27.17 17.69
C PHE B 39 -19.06 -28.57 17.56
N CYS B 40 -19.75 -29.46 16.85
CA CYS B 40 -19.32 -30.84 16.68
C CYS B 40 -18.76 -31.06 15.28
N LEU B 41 -17.55 -31.62 15.21
CA LEU B 41 -16.92 -31.88 13.92
C LEU B 41 -15.95 -33.03 14.11
N SER B 42 -15.67 -33.73 13.02
CA SER B 42 -14.95 -34.98 13.06
C SER B 42 -13.45 -34.82 12.83
N HIS B 43 -12.93 -33.60 12.82
CA HIS B 43 -11.54 -33.31 12.44
C HIS B 43 -10.84 -32.55 13.55
N ASN B 44 -9.99 -33.24 14.31
CA ASN B 44 -9.42 -32.66 15.51
C ASN B 44 -8.42 -31.56 15.21
N GLU B 45 -7.58 -31.72 14.19
CA GLU B 45 -6.58 -30.69 13.93
C GLU B 45 -7.24 -29.40 13.43
N LEU B 46 -8.29 -29.53 12.63
CA LEU B 46 -9.08 -28.35 12.29
C LEU B 46 -9.68 -27.70 13.54
N ALA B 47 -10.17 -28.51 14.48
CA ALA B 47 -10.76 -27.96 15.69
C ALA B 47 -9.72 -27.17 16.47
N LYS B 48 -8.51 -27.72 16.61
CA LYS B 48 -7.43 -26.99 17.27
C LYS B 48 -7.10 -25.70 16.53
N LYS B 49 -7.16 -25.72 15.20
CA LYS B 49 -6.81 -24.52 14.45
C LYS B 49 -7.75 -23.37 14.79
N TYR B 50 -9.06 -23.62 14.74
CA TYR B 50 -10.03 -22.54 14.92
C TYR B 50 -10.23 -22.19 16.39
N ALA B 51 -10.11 -23.17 17.30
CA ALA B 51 -9.99 -22.87 18.73
C ALA B 51 -8.89 -21.84 18.99
N GLN B 52 -7.71 -22.07 18.41
CA GLN B 52 -6.61 -21.12 18.59
C GLN B 52 -6.93 -19.79 17.92
N ASP B 53 -7.52 -19.82 16.72
CA ASP B 53 -7.83 -18.58 16.02
C ASP B 53 -8.85 -17.73 16.78
N VAL B 54 -9.95 -18.34 17.26
CA VAL B 54 -10.96 -17.49 17.89
C VAL B 54 -10.52 -17.04 19.30
N SER B 55 -9.77 -17.86 20.02
CA SER B 55 -9.34 -17.43 21.34
C SER B 55 -8.27 -16.34 21.23
N MET B 56 -7.31 -16.48 20.30
CA MET B 56 -6.27 -15.48 20.15
C MET B 56 -6.82 -14.16 19.66
N SER B 57 -7.81 -14.20 18.76
CA SER B 57 -8.30 -12.96 18.17
C SER B 57 -9.35 -12.24 19.02
N SER B 58 -10.18 -12.98 19.78
CA SER B 58 -11.27 -12.33 20.51
C SER B 58 -11.32 -12.69 22.00
N GLY B 59 -10.41 -13.53 22.49
CA GLY B 59 -10.47 -13.95 23.88
C GLY B 59 -11.56 -14.94 24.22
N THR B 60 -12.21 -15.53 23.21
CA THR B 60 -13.16 -16.62 23.44
C THR B 60 -12.50 -17.76 24.20
N HIS B 61 -13.20 -18.26 25.22
CA HIS B 61 -12.74 -19.42 25.99
C HIS B 61 -13.10 -20.69 25.22
N VAL B 62 -12.13 -21.59 25.04
CA VAL B 62 -12.32 -22.72 24.13
C VAL B 62 -12.01 -24.03 24.85
N HIS B 63 -12.85 -25.03 24.61
CA HIS B 63 -12.64 -26.39 25.08
C HIS B 63 -12.74 -27.34 23.90
N ILE B 64 -11.95 -28.41 23.93
CA ILE B 64 -12.07 -29.47 22.93
C ILE B 64 -12.29 -30.79 23.67
N ILE B 65 -13.42 -31.44 23.37
CA ILE B 65 -13.75 -32.75 23.91
C ILE B 65 -13.41 -33.74 22.80
N ASP B 66 -12.22 -34.34 22.88
CA ASP B 66 -11.60 -35.05 21.77
C ASP B 66 -11.41 -36.54 21.97
N GLY B 67 -11.66 -37.07 23.15
CA GLY B 67 -11.50 -38.49 23.39
C GLY B 67 -10.22 -38.88 24.10
N SER B 68 -9.35 -37.92 24.42
CA SER B 68 -8.22 -38.23 25.29
C SER B 68 -8.67 -38.55 26.70
N VAL B 69 -9.89 -38.17 27.07
CA VAL B 69 -10.45 -38.44 28.38
C VAL B 69 -11.79 -39.11 28.16
N GLU B 70 -12.18 -39.97 29.10
CA GLU B 70 -13.49 -40.61 29.05
C GLU B 70 -14.58 -39.55 28.94
N ILE B 71 -15.59 -39.83 28.09
CA ILE B 71 -16.56 -38.81 27.67
C ILE B 71 -17.29 -38.21 28.87
N THR B 72 -17.65 -39.06 29.84
CA THR B 72 -18.46 -38.61 30.96
C THR B 72 -17.68 -37.68 31.87
N VAL B 73 -16.42 -38.02 32.15
CA VAL B 73 -15.54 -37.12 32.91
C VAL B 73 -15.26 -35.86 32.12
N SER B 74 -15.09 -35.98 30.80
CA SER B 74 -14.80 -34.83 29.96
C SER B 74 -15.95 -33.81 29.99
N LEU B 75 -17.19 -34.30 29.89
CA LEU B 75 -18.36 -33.45 30.00
C LEU B 75 -18.43 -32.81 31.39
N TYR B 76 -18.21 -33.62 32.42
CA TYR B 76 -18.24 -33.12 33.80
C TYR B 76 -17.27 -31.96 33.98
N ARG B 77 -16.01 -32.14 33.58
CA ARG B 77 -15.02 -31.08 33.79
C ARG B 77 -15.33 -29.84 32.97
N THR B 78 -15.69 -30.03 31.70
CA THR B 78 -15.92 -28.89 30.80
C THR B 78 -17.08 -28.04 31.30
N PHE B 79 -18.21 -28.68 31.61
CA PHE B 79 -19.41 -27.90 31.85
C PHE B 79 -19.51 -27.42 33.28
N ARG B 80 -18.81 -28.08 34.21
CA ARG B 80 -18.63 -27.52 35.55
C ARG B 80 -17.88 -26.20 35.48
N THR B 81 -16.79 -26.15 34.73
CA THR B 81 -16.08 -24.90 34.49
C THR B 81 -16.98 -23.86 33.83
N ILE B 82 -17.65 -24.23 32.75
CA ILE B 82 -18.46 -23.29 31.97
C ILE B 82 -19.58 -22.71 32.82
N ALA B 83 -20.18 -23.53 33.67
CA ALA B 83 -21.28 -23.03 34.51
C ALA B 83 -20.87 -21.82 35.36
N THR B 84 -19.62 -21.77 35.84
CA THR B 84 -19.21 -20.62 36.65
C THR B 84 -19.02 -19.35 35.81
N GLN B 85 -18.90 -19.46 34.50
CA GLN B 85 -18.45 -18.36 33.67
C GLN B 85 -19.56 -17.67 32.87
N LEU B 86 -20.82 -18.07 33.07
CA LEU B 86 -21.82 -17.66 32.09
C LEU B 86 -22.17 -16.19 32.17
N LEU B 87 -21.88 -15.52 33.29
CA LEU B 87 -22.07 -14.07 33.38
C LEU B 87 -20.79 -13.33 33.08
N GLY B 88 -19.85 -13.96 32.36
CA GLY B 88 -18.56 -13.34 32.16
C GLY B 88 -18.46 -12.42 30.96
N ARG B 89 -19.48 -12.36 30.12
CA ARG B 89 -19.47 -11.51 28.93
C ARG B 89 -18.36 -11.89 27.98
N MET B 90 -17.96 -13.15 27.98
CA MET B 90 -17.03 -13.64 26.97
C MET B 90 -17.63 -14.88 26.34
N GLN B 91 -17.51 -14.95 25.03
CA GLN B 91 -17.90 -16.15 24.31
C GLN B 91 -17.18 -17.39 24.82
N ILE B 92 -17.89 -18.52 24.82
CA ILE B 92 -17.34 -19.82 25.16
C ILE B 92 -17.68 -20.78 24.02
N VAL B 93 -16.69 -21.54 23.56
CA VAL B 93 -16.90 -22.53 22.50
C VAL B 93 -16.39 -23.88 22.98
N VAL B 94 -17.24 -24.91 22.88
CA VAL B 94 -16.86 -26.31 23.13
C VAL B 94 -16.89 -27.02 21.78
N PHE B 95 -15.73 -27.37 21.26
CA PHE B 95 -15.66 -28.25 20.09
C PHE B 95 -15.75 -29.70 20.57
N VAL B 96 -16.64 -30.49 19.96
CA VAL B 96 -16.78 -31.91 20.28
C VAL B 96 -16.31 -32.67 19.04
N THR B 97 -15.22 -33.43 19.16
CA THR B 97 -14.70 -34.14 17.99
C THR B 97 -14.72 -35.65 18.13
N VAL B 98 -15.23 -36.18 19.23
CA VAL B 98 -15.52 -37.60 19.29
C VAL B 98 -16.72 -37.93 18.39
N ASP B 99 -16.86 -39.20 18.08
CA ASP B 99 -17.86 -39.68 17.13
C ASP B 99 -19.26 -39.67 17.75
N LYS B 100 -20.26 -39.70 16.86
CA LYS B 100 -21.66 -39.79 17.25
C LYS B 100 -21.96 -41.04 18.08
N SER B 101 -21.13 -42.08 17.97
CA SER B 101 -21.27 -43.24 18.85
C SER B 101 -20.78 -42.98 20.26
N VAL B 102 -19.86 -42.03 20.45
CA VAL B 102 -19.43 -41.70 21.81
C VAL B 102 -20.43 -40.78 22.50
N VAL B 103 -20.86 -39.72 21.82
CA VAL B 103 -21.96 -38.91 22.33
C VAL B 103 -22.87 -38.55 21.16
N SER B 104 -24.13 -38.94 21.26
CA SER B 104 -25.05 -38.80 20.16
C SER B 104 -25.36 -37.32 19.90
N THR B 105 -25.94 -37.08 18.73
CA THR B 105 -26.35 -35.73 18.36
C THR B 105 -27.40 -35.20 19.31
N GLN B 106 -28.44 -36.00 19.59
CA GLN B 106 -29.51 -35.52 20.46
C GLN B 106 -29.02 -35.26 21.88
N VAL B 107 -28.06 -36.06 22.36
CA VAL B 107 -27.53 -35.83 23.70
C VAL B 107 -26.69 -34.57 23.76
N MET B 108 -25.78 -34.40 22.81
CA MET B 108 -24.96 -33.18 22.77
C MET B 108 -25.83 -31.94 22.58
N LYS B 109 -26.96 -32.07 21.86
CA LYS B 109 -27.87 -30.94 21.70
C LYS B 109 -28.61 -30.63 22.99
N SER B 110 -29.01 -31.67 23.77
CA SER B 110 -29.65 -31.41 25.05
C SER B 110 -28.70 -30.68 25.99
N ILE B 111 -27.44 -31.09 25.99
CA ILE B 111 -26.47 -30.46 26.86
C ILE B 111 -26.23 -29.02 26.43
N ALA B 112 -26.03 -28.79 25.12
CA ALA B 112 -25.84 -27.44 24.62
C ALA B 112 -26.98 -26.53 25.07
N TRP B 113 -28.21 -26.98 24.88
CA TRP B 113 -29.36 -26.13 25.19
C TRP B 113 -29.57 -25.99 26.69
N ALA B 114 -29.21 -27.00 27.47
CA ALA B 114 -29.26 -26.87 28.94
C ALA B 114 -28.37 -25.73 29.43
N PHE B 115 -27.33 -25.38 28.66
CA PHE B 115 -26.46 -24.26 29.01
C PHE B 115 -26.71 -23.07 28.10
N ARG B 116 -27.94 -22.95 27.57
CA ARG B 116 -28.35 -21.80 26.75
C ARG B 116 -27.44 -21.56 25.55
N GLY B 117 -26.90 -22.62 24.95
CA GLY B 117 -25.94 -22.47 23.89
C GLY B 117 -26.56 -22.65 22.50
N SER B 118 -25.78 -22.30 21.49
CA SER B 118 -26.10 -22.66 20.12
C SER B 118 -25.45 -24.00 19.83
N PHE B 119 -26.09 -24.77 18.96
CA PHE B 119 -25.64 -26.12 18.68
C PHE B 119 -25.35 -26.28 17.20
N VAL B 120 -24.14 -26.73 16.87
CA VAL B 120 -23.74 -27.00 15.50
C VAL B 120 -23.34 -28.47 15.41
N GLU B 121 -24.03 -29.23 14.55
CA GLU B 121 -23.74 -30.64 14.34
C GLU B 121 -23.20 -30.80 12.91
N LEU B 122 -21.89 -30.99 12.80
CA LEU B 122 -21.27 -31.16 11.49
C LEU B 122 -20.33 -32.36 11.45
N ARG B 123 -20.53 -33.33 12.34
CA ARG B 123 -19.66 -34.49 12.36
C ARG B 123 -19.93 -35.36 11.13
N ASN B 124 -18.87 -36.02 10.66
CA ASN B 124 -18.91 -36.83 9.44
C ASN B 124 -19.06 -35.96 8.19
N GLN B 125 -18.56 -34.73 8.25
CA GLN B 125 -18.30 -33.91 7.06
C GLN B 125 -16.81 -33.90 6.80
N SER B 126 -16.43 -33.92 5.52
CA SER B 126 -15.02 -34.01 5.19
C SER B 126 -14.26 -32.78 5.71
N VAL B 127 -12.94 -32.92 5.79
CA VAL B 127 -12.11 -31.86 6.35
C VAL B 127 -12.14 -30.60 5.49
N ASP B 128 -12.50 -30.72 4.21
CA ASP B 128 -12.48 -29.57 3.30
C ASP B 128 -13.89 -29.21 2.82
N SER B 129 -14.92 -29.70 3.51
CA SER B 129 -16.29 -29.34 3.16
C SER B 129 -16.51 -27.83 3.22
N SER B 130 -17.32 -27.32 2.29
CA SER B 130 -17.57 -25.88 2.25
C SER B 130 -18.40 -25.41 3.44
N THR B 131 -19.33 -26.25 3.90
CA THR B 131 -20.17 -25.82 5.01
C THR B 131 -19.37 -25.84 6.31
N LEU B 132 -18.50 -26.83 6.50
CA LEU B 132 -17.71 -26.90 7.72
C LEU B 132 -16.75 -25.73 7.82
N VAL B 133 -15.94 -25.51 6.77
CA VAL B 133 -14.96 -24.42 6.81
C VAL B 133 -15.65 -23.07 6.99
N SER B 134 -16.80 -22.89 6.35
CA SER B 134 -17.50 -21.62 6.48
C SER B 134 -18.02 -21.40 7.90
N LYS B 135 -18.64 -22.42 8.50
CA LYS B 135 -19.20 -22.21 9.82
C LYS B 135 -18.10 -22.04 10.87
N LEU B 136 -16.93 -22.64 10.64
CA LEU B 136 -15.78 -22.43 11.52
C LEU B 136 -15.18 -21.05 11.32
N GLU B 137 -15.04 -20.61 10.06
CA GLU B 137 -14.58 -19.25 9.80
C GLU B 137 -15.54 -18.22 10.41
N ASN B 138 -16.84 -18.50 10.36
CA ASN B 138 -17.85 -17.64 10.99
C ASN B 138 -17.61 -17.44 12.47
N LEU B 139 -17.07 -18.46 13.16
CA LEU B 139 -16.75 -18.30 14.58
C LEU B 139 -15.80 -17.13 14.78
N VAL B 140 -14.70 -17.10 14.02
CA VAL B 140 -13.70 -16.05 14.13
C VAL B 140 -14.24 -14.70 13.69
N SER B 141 -15.04 -14.68 12.61
CA SER B 141 -15.52 -13.41 12.08
C SER B 141 -16.49 -12.72 13.05
N PHE B 142 -17.39 -13.49 13.66
CA PHE B 142 -18.47 -12.86 14.41
C PHE B 142 -18.19 -12.72 15.91
N ALA B 143 -17.25 -13.48 16.48
CA ALA B 143 -16.99 -13.44 17.92
C ALA B 143 -16.86 -12.00 18.44
N PRO B 144 -17.41 -11.69 19.62
CA PRO B 144 -17.98 -12.64 20.58
C PRO B 144 -19.39 -13.13 20.24
N LEU B 145 -19.94 -12.74 19.09
CA LEU B 145 -21.25 -13.19 18.65
C LEU B 145 -21.09 -14.38 17.71
N TYR B 146 -22.22 -15.03 17.39
CA TYR B 146 -22.24 -16.13 16.43
C TYR B 146 -23.62 -16.17 15.76
N ASN B 147 -23.65 -16.63 14.52
CA ASN B 147 -24.87 -16.50 13.73
C ASN B 147 -25.75 -17.74 13.79
N VAL B 148 -25.39 -18.74 14.59
CA VAL B 148 -26.30 -19.88 14.80
C VAL B 148 -27.15 -19.56 16.02
N PRO B 149 -28.48 -19.64 15.95
CA PRO B 149 -29.31 -19.29 17.12
C PRO B 149 -29.03 -20.18 18.32
N LYS B 150 -29.31 -19.65 19.50
CA LYS B 150 -29.22 -20.38 20.75
C LYS B 150 -30.54 -21.08 21.02
N CYS B 151 -30.45 -22.35 21.40
CA CYS B 151 -31.61 -23.11 21.88
C CYS B 151 -32.65 -23.33 20.79
N GLY B 152 -32.21 -23.44 19.56
CA GLY B 152 -33.15 -23.72 18.51
C GLY B 152 -32.47 -23.69 17.19
N PRO B 153 -32.96 -24.52 16.26
CA PRO B 153 -32.27 -24.64 14.96
C PRO B 153 -32.43 -23.43 14.08
N ASP B 154 -33.57 -22.75 14.15
CA ASP B 154 -33.95 -21.77 13.15
C ASP B 154 -34.19 -20.40 13.77
N TYR B 155 -34.28 -19.40 12.90
CA TYR B 155 -34.50 -18.02 13.30
C TYR B 155 -35.11 -17.28 12.12
N TYR B 156 -36.19 -16.54 12.37
CA TYR B 156 -36.92 -15.87 11.31
C TYR B 156 -37.14 -14.40 11.61
N GLY B 157 -36.39 -13.84 12.58
CA GLY B 157 -36.53 -12.45 12.98
C GLY B 157 -35.72 -11.51 12.10
N PRO B 158 -35.64 -10.24 12.48
CA PRO B 158 -35.01 -9.24 11.61
C PRO B 158 -33.49 -9.14 11.67
N THR B 159 -32.83 -9.82 12.61
CA THR B 159 -31.37 -9.80 12.69
C THR B 159 -30.77 -10.59 11.53
N VAL B 160 -29.87 -9.97 10.77
CA VAL B 160 -29.22 -10.64 9.64
C VAL B 160 -27.70 -10.52 9.80
N TYR B 161 -27.05 -11.63 10.16
CA TYR B 161 -25.65 -11.53 10.55
C TYR B 161 -24.75 -11.10 9.38
N SER B 162 -25.03 -11.58 8.16
CA SER B 162 -24.23 -11.17 7.01
C SER B 162 -24.18 -9.64 6.85
N GLU B 163 -25.22 -8.93 7.27
CA GLU B 163 -25.20 -7.47 7.18
C GLU B 163 -24.14 -6.83 8.08
N LEU B 164 -23.69 -7.55 9.12
CA LEU B 164 -22.64 -7.05 10.01
C LEU B 164 -21.30 -6.99 9.31
N LEU B 165 -21.17 -7.67 8.17
CA LEU B 165 -19.93 -7.80 7.41
C LEU B 165 -19.91 -6.95 6.14
N SER B 166 -20.96 -6.16 5.88
CA SER B 166 -21.11 -5.43 4.63
C SER B 166 -20.86 -3.96 4.85
N LEU B 167 -19.92 -3.39 4.07
CA LEU B 167 -19.71 -1.95 4.11
C LEU B 167 -20.95 -1.18 3.69
N ALA B 168 -21.80 -1.80 2.86
CA ALA B 168 -22.94 -1.08 2.28
C ALA B 168 -24.07 -0.87 3.28
N THR B 169 -24.18 -1.71 4.31
CA THR B 169 -25.12 -1.50 5.40
C THR B 169 -24.49 -0.79 6.59
N ASN B 170 -23.29 -0.21 6.40
CA ASN B 170 -22.51 0.34 7.50
C ASN B 170 -22.25 -0.72 8.58
N ALA B 171 -22.20 -1.98 8.14
CA ALA B 171 -21.77 -3.09 8.98
C ALA B 171 -22.55 -3.11 10.30
N ARG B 172 -23.87 -2.88 10.20
CA ARG B 172 -24.80 -2.96 11.31
C ARG B 172 -26.01 -3.80 10.89
N THR B 173 -26.74 -4.32 11.88
CA THR B 173 -27.97 -5.05 11.59
C THR B 173 -28.99 -4.78 12.70
N HIS B 174 -30.21 -5.25 12.47
CA HIS B 174 -31.29 -5.06 13.43
C HIS B 174 -31.14 -6.01 14.61
N TRP B 175 -31.74 -5.60 15.73
CA TRP B 175 -31.56 -6.28 17.02
C TRP B 175 -32.79 -5.95 17.87
N TYR B 176 -33.78 -6.83 17.83
CA TYR B 176 -35.04 -6.67 18.57
C TYR B 176 -35.14 -7.80 19.59
N ALA B 177 -34.49 -7.60 20.74
CA ALA B 177 -34.28 -8.70 21.69
C ALA B 177 -35.59 -9.16 22.29
N THR B 178 -36.42 -8.23 22.75
CA THR B 178 -37.67 -8.60 23.39
C THR B 178 -38.60 -9.35 22.43
N ILE B 179 -38.77 -8.81 21.22
CA ILE B 179 -39.70 -9.41 20.27
C ILE B 179 -39.21 -10.80 19.87
N ASP B 180 -37.90 -10.96 19.61
CA ASP B 180 -37.36 -12.27 19.24
C ASP B 180 -37.46 -13.26 20.41
N TYR B 181 -37.21 -12.79 21.63
CA TYR B 181 -37.30 -13.72 22.76
C TYR B 181 -38.75 -14.09 23.07
N SER B 182 -39.70 -13.16 22.84
CA SER B 182 -41.11 -13.54 22.97
C SER B 182 -41.49 -14.60 21.94
N MET B 183 -41.01 -14.47 20.70
CA MET B 183 -41.28 -15.49 19.70
C MET B 183 -40.64 -16.83 20.09
N PHE B 184 -39.38 -16.77 20.53
CA PHE B 184 -38.70 -17.94 21.12
C PHE B 184 -39.57 -18.60 22.18
N THR B 185 -40.13 -17.81 23.09
CA THR B 185 -40.95 -18.36 24.18
C THR B 185 -42.20 -19.06 23.65
N ARG B 186 -42.89 -18.46 22.68
CA ARG B 186 -44.05 -19.13 22.07
C ARG B 186 -43.65 -20.47 21.49
N SER B 187 -42.51 -20.50 20.82
CA SER B 187 -42.00 -21.73 20.25
C SER B 187 -41.76 -22.79 21.32
N VAL B 188 -41.12 -22.40 22.42
CA VAL B 188 -40.73 -23.36 23.45
C VAL B 188 -41.97 -23.90 24.18
N LEU B 189 -42.93 -23.03 24.49
CA LEU B 189 -44.17 -23.49 25.11
C LEU B 189 -44.83 -24.54 24.22
N THR B 190 -44.89 -24.28 22.92
CA THR B 190 -45.44 -25.25 21.98
C THR B 190 -44.62 -26.54 21.99
N GLY B 191 -43.28 -26.42 21.94
CA GLY B 191 -42.45 -27.61 21.99
C GLY B 191 -42.65 -28.40 23.27
N PHE B 192 -42.86 -27.72 24.38
CA PHE B 192 -43.06 -28.44 25.63
C PHE B 192 -44.37 -29.22 25.60
N VAL B 193 -45.44 -28.59 25.10
CA VAL B 193 -46.71 -29.30 24.95
C VAL B 193 -46.53 -30.51 24.04
N ALA B 194 -45.72 -30.36 22.99
CA ALA B 194 -45.46 -31.49 22.08
C ALA B 194 -44.70 -32.60 22.78
N LYS B 195 -43.77 -32.25 23.66
CA LYS B 195 -43.04 -33.27 24.40
C LYS B 195 -43.97 -34.00 25.36
N TYR B 196 -44.88 -33.26 25.97
CA TYR B 196 -45.85 -33.85 26.89
C TYR B 196 -46.76 -34.86 26.16
N PHE B 197 -47.23 -34.49 24.97
CA PHE B 197 -48.03 -35.42 24.17
C PHE B 197 -47.26 -36.70 23.92
N ASN B 198 -45.99 -36.59 23.55
CA ASN B 198 -45.16 -37.77 23.29
C ASN B 198 -45.05 -38.65 24.52
N GLU B 199 -44.73 -38.05 25.67
CA GLU B 199 -44.44 -38.83 26.86
C GLU B 199 -45.69 -39.53 27.38
N GLU B 200 -46.82 -38.85 27.28
CA GLU B 200 -48.11 -39.36 27.71
C GLU B 200 -48.77 -40.23 26.63
N ALA B 201 -48.08 -40.42 25.50
CA ALA B 201 -48.55 -41.23 24.37
C ALA B 201 -49.98 -40.84 23.99
N VAL B 202 -50.21 -39.56 23.81
CA VAL B 202 -51.53 -39.10 23.41
C VAL B 202 -51.75 -39.45 21.94
N PRO B 203 -52.93 -39.96 21.57
CA PRO B 203 -53.20 -40.25 20.15
C PRO B 203 -53.05 -39.01 19.28
N ILE B 204 -52.42 -39.21 18.12
CA ILE B 204 -52.00 -38.08 17.29
C ILE B 204 -53.19 -37.19 16.95
N ASP B 205 -54.34 -37.77 16.62
CA ASP B 205 -55.49 -36.92 16.32
C ASP B 205 -56.00 -36.17 17.53
N LYS B 206 -55.59 -36.54 18.75
CA LYS B 206 -55.96 -35.83 19.96
C LYS B 206 -54.90 -34.82 20.42
N ARG B 207 -53.88 -34.55 19.59
CA ARG B 207 -52.82 -33.62 19.97
C ARG B 207 -53.25 -32.22 19.54
N ILE B 208 -54.08 -31.64 20.41
CA ILE B 208 -54.75 -30.38 20.20
C ILE B 208 -54.45 -29.53 21.42
N VAL B 209 -54.00 -28.30 21.20
CA VAL B 209 -53.71 -27.40 22.31
C VAL B 209 -54.66 -26.22 22.22
N SER B 210 -55.20 -25.80 23.36
CA SER B 210 -56.05 -24.62 23.43
C SER B 210 -55.19 -23.44 23.85
N ILE B 211 -55.20 -22.39 23.03
CA ILE B 211 -54.49 -21.15 23.32
C ILE B 211 -55.49 -20.13 23.85
N VAL B 212 -55.29 -19.68 25.08
CA VAL B 212 -56.18 -18.72 25.71
C VAL B 212 -55.88 -17.33 25.18
N GLY B 213 -56.83 -16.75 24.45
CA GLY B 213 -56.58 -15.45 23.85
C GLY B 213 -55.88 -15.55 22.51
N TYR B 214 -56.33 -14.77 21.53
CA TYR B 214 -55.85 -14.93 20.17
C TYR B 214 -54.39 -14.49 20.08
N ASN B 215 -53.56 -15.32 19.45
CA ASN B 215 -52.11 -15.15 19.49
C ASN B 215 -51.54 -15.76 18.22
N PRO B 216 -51.38 -14.96 17.17
CA PRO B 216 -51.24 -15.50 15.80
C PRO B 216 -50.08 -16.47 15.64
N PRO B 217 -48.89 -16.23 16.22
CA PRO B 217 -47.76 -17.11 15.90
C PRO B 217 -47.98 -18.58 16.26
N TYR B 218 -48.94 -18.89 17.13
CA TYR B 218 -49.08 -20.26 17.60
C TYR B 218 -49.57 -21.22 16.51
N VAL B 219 -50.22 -20.74 15.43
CA VAL B 219 -50.60 -21.67 14.37
C VAL B 219 -49.35 -22.27 13.73
N TRP B 220 -48.39 -21.42 13.39
CA TRP B 220 -47.14 -21.89 12.82
C TRP B 220 -46.36 -22.77 13.82
N THR B 221 -46.18 -22.30 15.06
CA THR B 221 -45.40 -23.10 16.01
C THR B 221 -46.02 -24.46 16.22
N CYS B 222 -47.36 -24.52 16.30
CA CYS B 222 -48.05 -25.80 16.54
C CYS B 222 -47.82 -26.78 15.40
N LEU B 223 -47.94 -26.32 14.14
CA LEU B 223 -47.76 -27.25 13.04
C LEU B 223 -46.30 -27.63 12.84
N ARG B 224 -45.37 -26.73 13.19
CA ARG B 224 -43.96 -27.13 13.23
C ARG B 224 -43.73 -28.33 14.14
N HIS B 225 -44.64 -28.58 15.09
CA HIS B 225 -44.50 -29.67 16.06
C HIS B 225 -45.60 -30.71 15.91
N GLY B 226 -46.33 -30.71 14.79
CA GLY B 226 -47.35 -31.71 14.60
C GLY B 226 -48.46 -31.66 15.61
N ILE B 227 -48.81 -30.47 16.08
CA ILE B 227 -49.90 -30.25 17.02
C ILE B 227 -50.89 -29.32 16.35
N ARG B 228 -52.16 -29.42 16.73
CA ARG B 228 -53.16 -28.55 16.16
C ARG B 228 -53.65 -27.53 17.17
N PRO B 229 -53.69 -26.25 16.83
CA PRO B 229 -54.17 -25.24 17.78
C PRO B 229 -55.65 -24.97 17.62
N THR B 230 -56.26 -24.58 18.75
CA THR B 230 -57.55 -23.92 18.77
C THR B 230 -57.45 -22.73 19.72
N TYR B 231 -58.03 -21.59 19.32
CA TYR B 231 -58.03 -20.41 20.17
C TYR B 231 -59.31 -20.36 20.99
N ILE B 232 -59.20 -19.87 22.23
CA ILE B 232 -60.34 -19.66 23.09
C ILE B 232 -60.42 -18.17 23.39
N GLU B 233 -61.59 -17.59 23.14
CA GLU B 233 -61.84 -16.18 23.35
C GLU B 233 -63.16 -16.02 24.09
N LYS B 234 -63.20 -15.05 25.01
CA LYS B 234 -64.41 -14.88 25.82
C LYS B 234 -65.60 -14.45 24.96
N SER B 235 -65.41 -13.48 24.08
CA SER B 235 -66.45 -13.09 23.14
C SER B 235 -65.85 -13.05 21.74
N LEU B 236 -66.72 -13.28 20.74
CA LEU B 236 -66.30 -13.16 19.34
C LEU B 236 -66.59 -11.75 18.85
N PRO B 237 -65.56 -10.91 18.61
CA PRO B 237 -65.80 -9.64 17.92
C PRO B 237 -66.34 -9.85 16.51
N ASN B 238 -67.64 -9.53 16.30
CA ASN B 238 -68.30 -9.63 15.00
C ASN B 238 -67.41 -9.03 13.92
N PRO B 239 -66.90 -9.86 13.00
CA PRO B 239 -66.04 -9.31 11.94
C PRO B 239 -66.77 -8.34 11.02
N GLY B 240 -68.09 -8.30 11.08
CA GLY B 240 -68.86 -7.27 10.42
C GLY B 240 -69.20 -7.53 8.97
N GLY B 241 -68.79 -8.67 8.41
CA GLY B 241 -69.13 -9.03 7.03
C GLY B 241 -70.43 -9.80 6.94
N LYS B 242 -70.58 -10.55 5.86
CA LYS B 242 -71.82 -11.27 5.60
C LYS B 242 -71.69 -12.76 5.91
N GLY B 243 -72.83 -13.44 5.82
CA GLY B 243 -72.89 -14.85 6.10
C GLY B 243 -73.12 -15.09 7.58
N PRO B 244 -73.38 -16.35 7.95
CA PRO B 244 -73.71 -16.65 9.36
C PRO B 244 -72.62 -16.29 10.36
N PHE B 245 -71.38 -16.06 9.92
CA PHE B 245 -70.31 -15.74 10.87
C PHE B 245 -69.60 -14.45 10.50
N GLY B 246 -70.20 -13.65 9.62
CA GLY B 246 -69.65 -12.36 9.25
C GLY B 246 -68.31 -12.39 8.55
N LEU B 247 -67.92 -13.53 7.99
CA LEU B 247 -66.59 -13.69 7.42
C LEU B 247 -66.57 -13.54 5.89
N ILE B 248 -67.68 -13.14 5.29
CA ILE B 248 -67.72 -12.82 3.86
C ILE B 248 -67.53 -11.32 3.74
N LEU B 249 -66.38 -10.92 3.20
CA LEU B 249 -65.98 -9.52 3.12
C LEU B 249 -66.03 -8.83 4.48
N PRO B 250 -65.27 -9.31 5.47
CA PRO B 250 -65.34 -8.70 6.80
C PRO B 250 -64.72 -7.32 6.80
N VAL B 251 -65.20 -6.49 7.74
CA VAL B 251 -64.85 -5.06 7.74
C VAL B 251 -63.37 -4.90 8.03
N ILE B 252 -62.68 -4.15 7.16
CA ILE B 252 -61.27 -3.85 7.33
C ILE B 252 -61.11 -2.33 7.52
N ASN B 253 -60.70 -1.92 8.73
CA ASN B 253 -60.38 -0.52 9.01
C ASN B 253 -59.27 -0.47 10.06
N GLU B 254 -58.91 0.76 10.44
CA GLU B 254 -57.89 1.11 11.43
C GLU B 254 -56.50 1.03 10.83
N MET B 265 -41.89 -12.54 11.87
CA MET B 265 -41.65 -13.76 11.10
C MET B 265 -41.23 -13.46 9.66
N HIS B 266 -40.00 -12.94 9.50
CA HIS B 266 -39.42 -12.67 8.18
C HIS B 266 -38.99 -13.97 7.50
N ASN B 267 -39.97 -14.78 7.12
CA ASN B 267 -39.78 -16.16 6.67
C ASN B 267 -40.20 -16.26 5.22
N PRO B 268 -39.33 -16.66 4.30
CA PRO B 268 -39.74 -16.69 2.88
C PRO B 268 -40.88 -17.68 2.59
N GLN B 269 -41.00 -18.73 3.40
CA GLN B 269 -42.09 -19.67 3.26
C GLN B 269 -43.42 -19.15 3.81
N ILE B 270 -43.42 -18.03 4.55
CA ILE B 270 -44.61 -17.57 5.27
C ILE B 270 -45.80 -17.34 4.34
N LYS B 271 -45.57 -16.95 3.09
CA LYS B 271 -46.68 -16.62 2.20
C LYS B 271 -47.62 -17.80 2.02
N LEU B 272 -47.06 -18.99 1.79
CA LEU B 272 -47.81 -20.21 1.59
C LEU B 272 -48.11 -20.91 2.91
N LEU B 273 -47.24 -20.72 3.92
CA LEU B 273 -47.44 -21.34 5.23
C LEU B 273 -48.62 -20.74 5.98
N CYS B 274 -48.98 -19.49 5.68
CA CYS B 274 -50.11 -18.86 6.36
C CYS B 274 -51.39 -19.66 6.12
N LEU B 275 -51.71 -19.92 4.86
CA LEU B 275 -52.93 -20.68 4.56
C LEU B 275 -52.78 -22.14 4.97
N ASP B 276 -51.63 -22.74 4.70
CA ASP B 276 -51.53 -24.19 4.83
C ASP B 276 -51.51 -24.62 6.29
N THR B 277 -50.81 -23.90 7.16
CA THR B 277 -50.85 -24.32 8.56
C THR B 277 -52.24 -24.12 9.16
N PHE B 278 -52.95 -23.09 8.72
CA PHE B 278 -54.34 -22.93 9.15
C PHE B 278 -55.17 -24.10 8.64
N MET B 279 -55.08 -24.41 7.34
CA MET B 279 -55.89 -25.52 6.80
C MET B 279 -55.54 -26.83 7.48
N LEU B 280 -54.25 -27.08 7.73
CA LEU B 280 -53.83 -28.29 8.42
C LEU B 280 -54.35 -28.37 9.85
N SER B 281 -54.71 -27.25 10.46
CA SER B 281 -55.33 -27.30 11.78
C SER B 281 -56.76 -27.82 11.73
N THR B 282 -57.41 -27.78 10.57
CA THR B 282 -58.82 -28.12 10.51
C THR B 282 -59.07 -29.61 10.29
N SER B 283 -58.05 -30.37 9.90
CA SER B 283 -58.27 -31.79 9.60
C SER B 283 -56.93 -32.50 9.57
N MET B 284 -56.94 -33.76 9.99
CA MET B 284 -55.76 -34.61 9.79
C MET B 284 -55.69 -35.20 8.39
N ASN B 285 -56.75 -35.08 7.60
CA ASN B 285 -56.72 -35.54 6.21
C ASN B 285 -56.89 -34.34 5.29
N ILE B 286 -56.04 -34.25 4.27
CA ILE B 286 -56.01 -33.11 3.37
C ILE B 286 -56.02 -33.60 1.94
N LEU B 287 -56.93 -33.04 1.14
CA LEU B 287 -56.87 -33.13 -0.32
C LEU B 287 -56.19 -31.86 -0.79
N TYR B 288 -54.98 -31.99 -1.35
CA TYR B 288 -54.19 -30.84 -1.80
C TYR B 288 -54.16 -30.86 -3.34
N ILE B 289 -54.92 -29.97 -3.97
CA ILE B 289 -55.05 -29.93 -5.42
C ILE B 289 -54.11 -28.86 -5.94
N GLY B 290 -53.22 -29.26 -6.86
CA GLY B 290 -52.18 -28.35 -7.36
C GLY B 290 -51.10 -28.17 -6.30
N ALA B 291 -50.68 -29.30 -5.72
CA ALA B 291 -49.80 -29.29 -4.56
C ALA B 291 -48.34 -28.97 -4.88
N TYR B 292 -47.90 -29.19 -6.11
CA TYR B 292 -46.47 -29.13 -6.41
C TYR B 292 -45.96 -27.68 -6.42
N PRO B 293 -44.77 -27.43 -5.86
CA PRO B 293 -43.89 -28.36 -5.14
C PRO B 293 -44.16 -28.46 -3.63
N ALA B 294 -44.92 -27.53 -3.03
CA ALA B 294 -45.17 -27.49 -1.58
C ALA B 294 -43.88 -27.62 -0.76
N THR B 295 -42.82 -26.97 -1.24
CA THR B 295 -41.54 -26.99 -0.53
C THR B 295 -41.69 -26.53 0.91
N HIS B 296 -42.60 -25.58 1.17
CA HIS B 296 -42.80 -25.05 2.51
C HIS B 296 -43.35 -26.09 3.49
N LEU B 297 -43.95 -27.18 3.02
CA LEU B 297 -44.43 -28.19 3.97
C LEU B 297 -43.30 -28.97 4.62
N LEU B 298 -42.12 -28.99 3.99
CA LEU B 298 -41.02 -29.83 4.46
C LEU B 298 -40.52 -29.45 5.85
N SER B 299 -40.77 -28.23 6.32
CA SER B 299 -40.35 -27.83 7.66
C SER B 299 -41.30 -28.28 8.76
N LEU B 300 -42.47 -28.78 8.40
CA LEU B 300 -43.47 -29.15 9.39
C LEU B 300 -43.29 -30.60 9.83
N GLN B 301 -43.87 -30.93 10.99
CA GLN B 301 -43.91 -32.28 11.52
C GLN B 301 -45.36 -32.76 11.36
N LEU B 302 -45.60 -33.67 10.43
CA LEU B 302 -46.97 -34.01 10.05
C LEU B 302 -47.29 -35.47 10.31
N ASN B 303 -46.62 -36.11 11.28
CA ASN B 303 -46.98 -37.47 11.64
C ASN B 303 -48.45 -37.51 12.04
N GLY B 304 -49.17 -38.47 11.47
CA GLY B 304 -50.59 -38.60 11.69
C GLY B 304 -51.44 -37.96 10.60
N TRP B 305 -50.90 -37.02 9.82
CA TRP B 305 -51.64 -36.45 8.71
C TRP B 305 -51.59 -37.37 7.48
N THR B 306 -52.67 -37.35 6.72
CA THR B 306 -52.70 -37.96 5.40
C THR B 306 -52.92 -36.85 4.37
N ILE B 307 -52.10 -36.84 3.33
CA ILE B 307 -52.21 -35.84 2.27
C ILE B 307 -52.41 -36.59 0.96
N LEU B 308 -53.51 -36.30 0.29
CA LEU B 308 -53.74 -36.76 -1.07
C LEU B 308 -53.43 -35.55 -1.96
N ALA B 309 -52.36 -35.63 -2.73
CA ALA B 309 -51.89 -34.50 -3.53
C ALA B 309 -52.05 -34.84 -5.00
N PHE B 310 -52.66 -33.91 -5.74
CA PHE B 310 -52.82 -34.00 -7.19
C PHE B 310 -51.99 -32.90 -7.84
N ASP B 311 -51.17 -33.28 -8.82
CA ASP B 311 -50.48 -32.32 -9.68
C ASP B 311 -49.76 -33.06 -10.81
N PRO B 312 -49.96 -32.65 -12.07
CA PRO B 312 -49.20 -33.27 -13.17
C PRO B 312 -47.70 -33.30 -12.94
N LYS B 313 -47.16 -32.39 -12.13
CA LYS B 313 -45.72 -32.34 -11.92
C LYS B 313 -45.24 -33.25 -10.80
N ILE B 314 -46.15 -33.88 -10.05
CA ILE B 314 -45.73 -34.80 -9.01
C ILE B 314 -45.02 -36.00 -9.62
N THR B 315 -43.97 -36.47 -8.94
CA THR B 315 -43.28 -37.72 -9.23
C THR B 315 -43.20 -38.53 -7.94
N SER B 316 -42.87 -39.82 -8.09
CA SER B 316 -42.80 -40.67 -6.90
C SER B 316 -41.64 -40.26 -5.98
N ASP B 317 -40.56 -39.69 -6.55
CA ASP B 317 -39.50 -39.12 -5.71
C ASP B 317 -40.01 -37.95 -4.89
N TRP B 318 -40.86 -37.11 -5.49
CA TRP B 318 -41.46 -36.00 -4.75
C TRP B 318 -42.32 -36.54 -3.61
N THR B 319 -43.09 -37.59 -3.88
CA THR B 319 -43.95 -38.17 -2.85
C THR B 319 -43.13 -38.76 -1.72
N ASP B 320 -42.09 -39.53 -2.06
CA ASP B 320 -41.26 -40.15 -1.02
C ASP B 320 -40.57 -39.10 -0.18
N ALA B 321 -40.13 -38.00 -0.79
CA ALA B 321 -39.39 -36.98 -0.05
C ALA B 321 -40.31 -36.22 0.89
N MET B 322 -41.51 -35.87 0.42
CA MET B 322 -42.50 -35.24 1.29
C MET B 322 -42.78 -36.10 2.51
N ALA B 323 -43.05 -37.39 2.29
CA ALA B 323 -43.33 -38.29 3.42
C ALA B 323 -42.14 -38.39 4.37
N LYS B 324 -40.93 -38.54 3.82
CA LYS B 324 -39.77 -38.73 4.68
C LYS B 324 -39.50 -37.48 5.53
N ALA B 325 -39.66 -36.30 4.93
CA ALA B 325 -39.36 -35.06 5.64
C ALA B 325 -40.41 -34.73 6.70
N THR B 326 -41.70 -34.94 6.41
CA THR B 326 -42.71 -34.49 7.36
C THR B 326 -43.28 -35.59 8.23
N GLY B 327 -43.15 -36.86 7.85
CA GLY B 327 -43.81 -37.94 8.55
C GLY B 327 -45.26 -38.17 8.15
N ALA B 328 -45.82 -37.35 7.27
CA ALA B 328 -47.18 -37.60 6.81
C ALA B 328 -47.22 -38.79 5.86
N LYS B 329 -48.39 -39.43 5.82
CA LYS B 329 -48.73 -40.37 4.75
C LYS B 329 -49.09 -39.58 3.51
N VAL B 330 -48.32 -39.71 2.45
CA VAL B 330 -48.52 -38.90 1.25
C VAL B 330 -48.84 -39.81 0.08
N ILE B 331 -49.98 -39.55 -0.58
CA ILE B 331 -50.30 -40.20 -1.85
C ILE B 331 -50.21 -39.12 -2.93
N GLY B 332 -49.24 -39.27 -3.83
CA GLY B 332 -49.03 -38.31 -4.89
C GLY B 332 -49.55 -38.83 -6.22
N VAL B 333 -50.50 -38.10 -6.79
CA VAL B 333 -51.15 -38.46 -8.04
C VAL B 333 -50.70 -37.48 -9.12
N SER B 334 -49.98 -38.00 -10.12
CA SER B 334 -49.44 -37.20 -11.23
C SER B 334 -50.50 -36.94 -12.29
N LYS B 335 -51.61 -36.32 -11.87
CA LYS B 335 -52.68 -36.01 -12.80
C LYS B 335 -53.33 -34.69 -12.43
N GLU B 336 -54.04 -34.11 -13.39
CA GLU B 336 -55.02 -33.08 -13.07
C GLU B 336 -56.16 -33.71 -12.28
N PHE B 337 -56.61 -33.01 -11.25
CA PHE B 337 -57.82 -33.39 -10.54
C PHE B 337 -59.00 -33.34 -11.51
N ASP B 338 -59.90 -34.32 -11.40
CA ASP B 338 -61.05 -34.39 -12.31
C ASP B 338 -62.26 -33.71 -11.66
N PHE B 339 -62.45 -32.42 -11.98
CA PHE B 339 -63.58 -31.70 -11.40
C PHE B 339 -64.92 -32.04 -12.07
N LYS B 340 -64.96 -32.94 -13.05
CA LYS B 340 -66.20 -33.33 -13.71
C LYS B 340 -66.84 -34.59 -13.15
N SER B 341 -66.17 -35.31 -12.24
CA SER B 341 -66.67 -36.60 -11.77
C SER B 341 -67.25 -36.38 -10.38
N PHE B 342 -68.58 -36.19 -10.33
CA PHE B 342 -69.29 -35.92 -9.08
C PHE B 342 -69.59 -37.25 -8.39
N SER B 343 -68.51 -37.89 -7.94
CA SER B 343 -68.64 -39.20 -7.32
C SER B 343 -67.44 -39.44 -6.43
N VAL B 344 -67.69 -39.97 -5.23
CA VAL B 344 -66.58 -40.33 -4.36
C VAL B 344 -65.80 -41.52 -4.87
N GLN B 345 -66.29 -42.21 -5.91
CA GLN B 345 -65.49 -43.24 -6.55
C GLN B 345 -64.37 -42.66 -7.41
N ALA B 346 -64.39 -41.37 -7.69
CA ALA B 346 -63.39 -40.71 -8.51
C ALA B 346 -62.41 -39.94 -7.63
N ASN B 347 -61.24 -39.63 -8.20
CA ASN B 347 -60.24 -38.79 -7.53
C ASN B 347 -59.74 -39.42 -6.22
N GLN B 348 -59.89 -40.75 -6.09
CA GLN B 348 -59.45 -41.52 -4.94
C GLN B 348 -60.05 -41.02 -3.62
N LEU B 349 -61.19 -40.32 -3.65
CA LEU B 349 -61.77 -39.79 -2.42
C LEU B 349 -62.22 -40.90 -1.47
N ASN B 350 -62.41 -42.12 -1.97
CA ASN B 350 -62.90 -43.21 -1.12
C ASN B 350 -61.92 -43.59 -0.01
N MET B 351 -60.65 -43.20 -0.11
CA MET B 351 -59.75 -43.42 1.03
C MET B 351 -60.16 -42.62 2.26
N PHE B 352 -61.03 -41.62 2.10
CA PHE B 352 -61.46 -40.80 3.23
C PHE B 352 -62.87 -41.15 3.69
N GLN B 353 -63.42 -42.26 3.20
CA GLN B 353 -64.72 -42.71 3.63
C GLN B 353 -64.74 -42.82 5.15
N ASN B 354 -65.80 -42.28 5.77
CA ASN B 354 -65.97 -42.31 7.24
C ASN B 354 -64.90 -41.50 7.96
N SER B 355 -64.44 -40.40 7.36
CA SER B 355 -63.39 -39.61 7.95
C SER B 355 -63.69 -38.14 7.76
N LYS B 356 -62.97 -37.30 8.48
CA LYS B 356 -62.99 -35.88 8.21
C LYS B 356 -61.99 -35.57 7.10
N LEU B 357 -62.25 -34.49 6.36
CA LEU B 357 -61.41 -34.10 5.24
C LEU B 357 -61.48 -32.59 5.05
N SER B 358 -60.34 -31.98 4.79
CA SER B 358 -60.28 -30.59 4.33
C SER B 358 -59.53 -30.55 3.01
N VAL B 359 -59.77 -29.48 2.25
CA VAL B 359 -59.31 -29.38 0.88
C VAL B 359 -58.58 -28.06 0.70
N ILE B 360 -57.34 -28.13 0.25
CA ILE B 360 -56.59 -26.96 -0.17
C ILE B 360 -56.54 -27.01 -1.68
N ASP B 361 -57.30 -26.14 -2.34
CA ASP B 361 -57.28 -26.06 -3.80
C ASP B 361 -56.44 -24.86 -4.20
N ASP B 362 -55.25 -25.15 -4.69
CA ASP B 362 -54.35 -24.09 -5.12
C ASP B 362 -54.36 -23.88 -6.62
N THR B 363 -55.28 -24.51 -7.35
CA THR B 363 -55.22 -24.49 -8.81
C THR B 363 -55.71 -23.16 -9.37
N TRP B 364 -55.17 -22.81 -10.52
CA TRP B 364 -55.67 -21.69 -11.32
C TRP B 364 -55.24 -21.92 -12.76
N VAL B 365 -55.81 -21.14 -13.66
CA VAL B 365 -55.44 -21.21 -15.07
C VAL B 365 -55.18 -19.80 -15.58
N GLU B 366 -54.48 -19.73 -16.73
CA GLU B 366 -54.19 -18.43 -17.32
C GLU B 366 -55.37 -17.88 -18.11
N THR B 367 -56.06 -18.73 -18.88
CA THR B 367 -57.17 -18.31 -19.73
C THR B 367 -58.45 -19.03 -19.33
N ASP B 368 -59.57 -18.32 -19.50
CA ASP B 368 -60.89 -18.80 -19.09
C ASP B 368 -60.91 -19.10 -17.59
N TYR B 369 -60.26 -18.24 -16.81
CA TYR B 369 -60.10 -18.49 -15.38
C TYR B 369 -61.45 -18.41 -14.66
N GLU B 370 -62.32 -17.47 -15.06
CA GLU B 370 -63.63 -17.36 -14.43
C GLU B 370 -64.48 -18.60 -14.66
N LYS B 371 -64.40 -19.19 -15.86
CA LYS B 371 -65.12 -20.44 -16.12
C LYS B 371 -64.53 -21.58 -15.30
N PHE B 372 -63.20 -21.66 -15.26
CA PHE B 372 -62.54 -22.72 -14.48
C PHE B 372 -62.97 -22.66 -13.01
N GLN B 373 -63.00 -21.46 -12.42
CA GLN B 373 -63.51 -21.35 -11.06
C GLN B 373 -64.97 -21.78 -10.96
N SER B 374 -65.76 -21.49 -11.99
CA SER B 374 -67.17 -21.84 -11.94
C SER B 374 -67.36 -23.35 -11.88
N GLU B 375 -66.53 -24.08 -12.62
CA GLU B 375 -66.58 -25.54 -12.60
C GLU B 375 -66.12 -26.08 -11.25
N LYS B 376 -65.03 -25.53 -10.71
CA LYS B 376 -64.58 -25.93 -9.37
C LYS B 376 -65.61 -25.63 -8.31
N GLN B 377 -66.24 -24.45 -8.38
CA GLN B 377 -67.24 -24.07 -7.39
C GLN B 377 -68.39 -25.08 -7.35
N ALA B 378 -68.93 -25.43 -8.54
CA ALA B 378 -69.95 -26.47 -8.62
C ALA B 378 -69.46 -27.78 -8.03
N TYR B 379 -68.21 -28.14 -8.29
CA TYR B 379 -67.68 -29.37 -7.72
C TYR B 379 -67.60 -29.27 -6.19
N PHE B 380 -67.14 -28.14 -5.64
CA PHE B 380 -67.00 -28.06 -4.19
C PHE B 380 -68.34 -27.89 -3.48
N GLU B 381 -69.34 -27.28 -4.13
CA GLU B 381 -70.66 -27.20 -3.53
C GLU B 381 -71.27 -28.59 -3.38
N TRP B 382 -70.88 -29.50 -4.25
CA TRP B 382 -71.28 -30.91 -4.16
C TRP B 382 -70.45 -31.63 -3.11
N LEU B 383 -69.13 -31.43 -3.14
CA LEU B 383 -68.23 -32.14 -2.25
C LEU B 383 -68.52 -31.82 -0.79
N ILE B 384 -68.79 -30.55 -0.50
CA ILE B 384 -68.98 -30.14 0.90
C ILE B 384 -70.18 -30.83 1.53
N ASP B 385 -71.09 -31.39 0.73
CA ASP B 385 -72.30 -32.02 1.22
C ASP B 385 -72.22 -33.55 1.27
N ARG B 386 -71.05 -34.14 1.10
CA ARG B 386 -70.98 -35.60 1.19
C ARG B 386 -71.38 -36.07 2.59
N THR B 387 -72.01 -37.24 2.65
CA THR B 387 -72.33 -37.90 3.90
C THR B 387 -71.39 -39.04 4.21
N SER B 388 -70.75 -39.63 3.20
CA SER B 388 -69.78 -40.68 3.48
C SER B 388 -68.43 -40.11 3.88
N ILE B 389 -68.25 -38.79 3.74
CA ILE B 389 -67.06 -38.06 4.18
C ILE B 389 -67.54 -36.83 4.92
N ASP B 390 -66.91 -36.52 6.06
CA ASP B 390 -67.22 -35.29 6.80
C ASP B 390 -66.23 -34.23 6.33
N VAL B 391 -66.64 -33.45 5.31
CA VAL B 391 -65.76 -32.43 4.75
C VAL B 391 -65.84 -31.18 5.62
N ARG B 392 -64.70 -30.72 6.11
CA ARG B 392 -64.69 -29.69 7.14
C ARG B 392 -64.54 -28.29 6.56
N LEU B 393 -63.59 -28.10 5.64
CA LEU B 393 -63.29 -26.78 5.11
C LEU B 393 -62.64 -26.97 3.75
N ILE B 394 -62.98 -26.09 2.81
CA ILE B 394 -62.43 -26.06 1.45
C ILE B 394 -61.98 -24.63 1.18
N SER B 395 -60.69 -24.45 0.89
CA SER B 395 -60.18 -23.16 0.45
C SER B 395 -59.97 -23.16 -1.05
N MET B 396 -60.30 -22.05 -1.70
CA MET B 396 -60.14 -21.88 -3.14
C MET B 396 -59.83 -20.42 -3.47
N LYS B 397 -58.95 -20.20 -4.45
CA LYS B 397 -58.75 -18.84 -4.95
C LYS B 397 -60.01 -18.30 -5.63
N TRP B 398 -60.19 -16.99 -5.52
CA TRP B 398 -61.42 -16.35 -5.98
C TRP B 398 -61.09 -15.05 -6.71
N ASN B 399 -61.42 -14.99 -8.00
CA ASN B 399 -61.33 -13.75 -8.77
C ASN B 399 -62.42 -13.78 -9.83
N ARG B 400 -63.55 -13.12 -9.57
CA ARG B 400 -64.71 -13.15 -10.45
C ARG B 400 -65.12 -11.72 -10.80
N SER B 401 -65.12 -11.40 -12.10
CA SER B 401 -65.55 -10.07 -12.53
C SER B 401 -67.07 -9.94 -12.67
N LYS B 402 -67.83 -11.04 -12.58
CA LYS B 402 -69.28 -10.99 -12.66
C LYS B 402 -69.89 -11.40 -11.33
N ASP B 403 -71.11 -10.93 -11.08
CA ASP B 403 -71.82 -11.34 -9.88
C ASP B 403 -72.07 -12.85 -9.91
N THR B 404 -71.93 -13.48 -8.76
CA THR B 404 -71.99 -14.93 -8.65
C THR B 404 -72.78 -15.34 -7.41
N SER B 405 -73.71 -16.28 -7.59
CA SER B 405 -74.33 -16.99 -6.49
C SER B 405 -73.42 -18.15 -6.06
N VAL B 406 -73.26 -18.32 -4.75
CA VAL B 406 -72.40 -19.36 -4.17
C VAL B 406 -73.19 -20.07 -3.08
N SER B 407 -73.00 -21.37 -2.95
CA SER B 407 -73.60 -22.18 -1.90
C SER B 407 -72.54 -22.67 -0.92
N HIS B 408 -72.92 -22.65 0.36
CA HIS B 408 -72.07 -23.08 1.49
C HIS B 408 -70.83 -22.21 1.64
N LEU B 409 -70.91 -20.93 1.25
CA LEU B 409 -69.79 -20.03 1.41
C LEU B 409 -69.71 -19.57 2.87
N LEU B 410 -68.59 -19.86 3.53
CA LEU B 410 -68.41 -19.45 4.91
C LEU B 410 -67.64 -18.15 5.03
N ALA B 411 -66.64 -17.96 4.19
CA ALA B 411 -65.80 -16.77 4.28
C ALA B 411 -65.30 -16.44 2.89
N LEU B 412 -65.06 -15.15 2.68
CA LEU B 412 -64.47 -14.64 1.46
C LEU B 412 -63.51 -13.56 1.94
N LEU B 413 -62.21 -13.81 1.78
CA LEU B 413 -61.22 -13.07 2.54
C LEU B 413 -60.09 -12.61 1.65
N PRO B 414 -59.46 -11.49 2.01
CA PRO B 414 -58.19 -11.15 1.35
C PRO B 414 -57.10 -12.09 1.81
N GLN B 415 -56.13 -12.30 0.92
CA GLN B 415 -54.96 -13.07 1.32
C GLN B 415 -54.02 -12.17 2.13
N PRO B 416 -53.77 -12.49 3.41
CA PRO B 416 -52.91 -11.63 4.23
C PRO B 416 -51.54 -11.36 3.65
N TYR B 417 -51.00 -12.28 2.84
CA TYR B 417 -49.71 -12.09 2.19
C TYR B 417 -49.85 -11.86 0.70
N GLY B 418 -51.03 -11.41 0.24
CA GLY B 418 -51.23 -11.23 -1.18
C GLY B 418 -50.64 -9.96 -1.74
N ALA B 419 -50.29 -9.00 -0.88
CA ALA B 419 -49.82 -7.68 -1.30
C ALA B 419 -50.76 -7.06 -2.33
N SER B 420 -50.28 -6.93 -3.56
CA SER B 420 -51.01 -6.18 -4.57
C SER B 420 -52.01 -7.01 -5.36
N ILE B 421 -52.01 -8.34 -5.23
CA ILE B 421 -52.82 -9.16 -6.13
C ILE B 421 -54.31 -8.90 -5.87
N ARG B 422 -55.12 -9.06 -6.93
CA ARG B 422 -56.56 -8.85 -6.82
C ARG B 422 -57.29 -10.08 -6.31
N GLU B 423 -56.57 -11.17 -6.06
CA GLU B 423 -57.16 -12.45 -5.74
C GLU B 423 -57.58 -12.54 -4.27
N MET B 424 -58.80 -13.02 -4.03
CA MET B 424 -59.28 -13.32 -2.70
C MET B 424 -59.27 -14.84 -2.49
N ARG B 425 -59.82 -15.27 -1.34
CA ARG B 425 -59.86 -16.68 -0.98
C ARG B 425 -61.25 -17.04 -0.47
N ALA B 426 -61.89 -18.02 -1.08
CA ALA B 426 -63.19 -18.50 -0.66
C ALA B 426 -63.01 -19.71 0.24
N PHE B 427 -63.83 -19.80 1.28
CA PHE B 427 -63.89 -20.96 2.16
C PHE B 427 -65.32 -21.50 2.17
N PHE B 428 -65.47 -22.77 1.78
CA PHE B 428 -66.75 -23.48 1.82
C PHE B 428 -66.80 -24.33 3.08
N HIS B 429 -67.99 -24.39 3.69
CA HIS B 429 -68.19 -25.09 4.95
C HIS B 429 -69.68 -25.46 5.05
N LYS B 430 -69.98 -26.61 5.64
CA LYS B 430 -71.39 -27.01 5.72
C LYS B 430 -72.23 -26.01 6.50
N LYS B 431 -71.64 -25.23 7.40
CA LYS B 431 -72.33 -24.20 8.14
C LYS B 431 -72.23 -22.83 7.48
N GLY B 432 -71.75 -22.75 6.22
CA GLY B 432 -71.71 -21.48 5.53
C GLY B 432 -73.10 -21.04 5.06
N ALA B 433 -73.15 -19.81 4.52
CA ALA B 433 -74.39 -19.31 3.93
C ALA B 433 -74.98 -20.35 2.97
N SER B 434 -76.28 -20.62 3.12
CA SER B 434 -76.94 -21.58 2.24
C SER B 434 -76.83 -21.15 0.80
N ASP B 435 -77.09 -19.87 0.56
CA ASP B 435 -77.04 -19.23 -0.75
C ASP B 435 -76.71 -17.77 -0.52
N ILE B 436 -75.82 -17.22 -1.34
CA ILE B 436 -75.52 -15.79 -1.25
C ILE B 436 -74.97 -15.33 -2.59
N LYS B 437 -75.26 -14.08 -2.93
CA LYS B 437 -74.79 -13.47 -4.15
C LYS B 437 -73.64 -12.52 -3.84
N ILE B 438 -72.46 -12.84 -4.34
CA ILE B 438 -71.29 -11.98 -4.25
C ILE B 438 -71.30 -11.05 -5.46
N LEU B 439 -71.30 -9.74 -5.20
CA LEU B 439 -71.29 -8.74 -6.26
C LEU B 439 -69.87 -8.32 -6.58
N ALA B 440 -69.51 -8.36 -7.86
CA ALA B 440 -68.12 -8.07 -8.25
C ALA B 440 -67.71 -6.62 -8.00
N ALA B 441 -68.67 -5.68 -8.04
CA ALA B 441 -68.30 -4.30 -7.70
C ALA B 441 -67.92 -4.19 -6.24
N GLU B 442 -68.57 -4.95 -5.37
CA GLU B 442 -68.24 -4.94 -3.95
C GLU B 442 -66.84 -5.49 -3.71
N THR B 443 -66.51 -6.64 -4.34
CA THR B 443 -65.19 -7.23 -4.13
C THR B 443 -64.11 -6.38 -4.78
N GLU B 444 -64.42 -5.75 -5.92
CA GLU B 444 -63.45 -4.88 -6.58
C GLU B 444 -63.03 -3.75 -5.65
N LYS B 445 -63.99 -3.09 -5.02
CA LYS B 445 -63.69 -2.02 -4.08
C LYS B 445 -63.04 -2.57 -2.81
N TYR B 446 -63.51 -3.73 -2.33
CA TYR B 446 -62.91 -4.33 -1.14
C TYR B 446 -61.43 -4.57 -1.35
N MET B 447 -61.05 -4.98 -2.56
CA MET B 447 -59.65 -5.22 -2.86
C MET B 447 -58.91 -3.94 -3.19
N ASP B 448 -59.61 -2.88 -3.61
CA ASP B 448 -58.96 -1.58 -3.71
C ASP B 448 -58.60 -1.03 -2.34
N ASP B 449 -59.45 -1.27 -1.35
CA ASP B 449 -59.12 -0.89 0.02
C ASP B 449 -57.98 -1.73 0.56
N PHE B 450 -58.05 -3.04 0.36
CA PHE B 450 -57.03 -3.94 0.90
C PHE B 450 -55.68 -3.68 0.25
N THR B 451 -55.64 -3.45 -1.06
CA THR B 451 -54.35 -3.22 -1.72
C THR B 451 -53.76 -1.87 -1.34
N ALA B 452 -54.57 -0.97 -0.79
CA ALA B 452 -54.11 0.36 -0.38
C ALA B 452 -53.51 0.35 1.02
N MET B 453 -53.81 -0.65 1.84
CA MET B 453 -53.32 -0.67 3.21
C MET B 453 -51.82 -0.97 3.23
N SER B 454 -51.21 -0.79 4.40
CA SER B 454 -49.82 -1.17 4.49
C SER B 454 -49.69 -2.67 4.70
N VAL B 455 -48.50 -3.18 4.38
CA VAL B 455 -48.24 -4.61 4.42
C VAL B 455 -48.51 -5.16 5.82
N SER B 456 -48.19 -4.39 6.86
CA SER B 456 -48.43 -4.83 8.22
C SER B 456 -49.92 -5.02 8.50
N ASP B 457 -50.74 -4.06 8.06
CA ASP B 457 -52.18 -4.20 8.29
C ASP B 457 -52.79 -5.28 7.41
N GLN B 458 -52.20 -5.52 6.24
CA GLN B 458 -52.64 -6.62 5.41
C GLN B 458 -52.42 -7.96 6.12
N ILE B 459 -51.19 -8.20 6.60
CA ILE B 459 -50.86 -9.44 7.28
C ILE B 459 -51.82 -9.69 8.43
N ASN B 460 -52.20 -8.62 9.13
CA ASN B 460 -53.02 -8.79 10.32
C ASN B 460 -54.42 -9.32 10.01
N THR B 461 -54.88 -9.25 8.76
CA THR B 461 -56.20 -9.79 8.44
C THR B 461 -56.25 -11.32 8.57
N GLN B 462 -55.09 -11.98 8.75
CA GLN B 462 -55.08 -13.43 8.99
C GLN B 462 -55.90 -13.78 10.20
N LYS B 463 -56.22 -12.80 11.05
CA LYS B 463 -57.14 -13.03 12.15
C LYS B 463 -58.51 -13.51 11.66
N PHE B 464 -58.91 -13.14 10.44
CA PHE B 464 -60.23 -13.59 9.95
C PHE B 464 -60.23 -15.07 9.64
N MET B 465 -59.16 -15.56 9.00
CA MET B 465 -58.95 -17.01 8.90
C MET B 465 -58.99 -17.70 10.26
N HIS B 466 -58.25 -17.17 11.24
CA HIS B 466 -58.12 -17.85 12.50
C HIS B 466 -59.40 -17.79 13.33
N CYS B 467 -60.33 -16.87 13.00
CA CYS B 467 -61.67 -16.96 13.59
C CYS B 467 -62.28 -18.34 13.42
N MET B 468 -61.93 -19.01 12.32
CA MET B 468 -62.49 -20.32 12.02
C MET B 468 -61.89 -21.45 12.86
N ILE B 469 -60.81 -21.21 13.61
CA ILE B 469 -60.35 -22.19 14.60
C ILE B 469 -60.39 -21.57 16.00
N THR B 470 -61.37 -20.70 16.24
CA THR B 470 -61.58 -20.06 17.54
C THR B 470 -62.88 -20.55 18.15
N THR B 471 -62.80 -21.07 19.38
CA THR B 471 -63.97 -21.39 20.19
C THR B 471 -64.26 -20.21 21.11
N VAL B 472 -65.55 -19.90 21.30
CA VAL B 472 -65.97 -18.85 22.21
C VAL B 472 -66.41 -19.51 23.52
N GLY B 473 -66.04 -18.90 24.63
CA GLY B 473 -66.29 -19.47 25.93
C GLY B 473 -65.40 -18.82 26.96
N ASP B 474 -65.73 -19.09 28.22
CA ASP B 474 -64.89 -18.62 29.32
C ASP B 474 -63.81 -19.65 29.60
N ALA B 475 -62.55 -19.22 29.54
CA ALA B 475 -61.44 -20.13 29.81
C ALA B 475 -61.59 -20.85 31.14
N LEU B 476 -61.99 -20.13 32.19
CA LEU B 476 -62.03 -20.73 33.53
C LEU B 476 -63.07 -21.82 33.66
N LYS B 477 -64.03 -21.91 32.72
CA LYS B 477 -65.07 -22.91 32.79
C LYS B 477 -64.82 -24.07 31.84
N MET B 478 -63.70 -24.09 31.14
CA MET B 478 -63.49 -25.12 30.11
C MET B 478 -63.40 -26.50 30.75
N ASP B 479 -63.79 -27.51 29.97
CA ASP B 479 -63.64 -28.90 30.35
C ASP B 479 -62.16 -29.28 30.30
N LEU B 480 -61.69 -29.99 31.33
CA LEU B 480 -60.26 -30.25 31.47
C LEU B 480 -59.94 -31.73 31.68
N ASP B 481 -60.85 -32.64 31.33
CA ASP B 481 -60.53 -34.05 31.46
C ASP B 481 -59.77 -34.54 30.23
N GLY B 482 -59.22 -35.75 30.34
CA GLY B 482 -58.45 -36.32 29.26
C GLY B 482 -57.03 -35.80 29.13
N GLY B 483 -56.50 -35.15 30.16
CA GLY B 483 -55.16 -34.61 30.07
C GLY B 483 -55.05 -33.45 29.10
N ARG B 484 -56.07 -32.59 29.06
CA ARG B 484 -56.17 -31.54 28.05
C ARG B 484 -55.02 -30.54 28.19
N ALA B 485 -54.46 -30.15 27.05
CA ALA B 485 -53.32 -29.25 27.00
C ALA B 485 -53.80 -27.84 26.67
N VAL B 486 -53.35 -26.87 27.47
CA VAL B 486 -53.78 -25.49 27.32
C VAL B 486 -52.55 -24.61 27.54
N ILE B 487 -52.43 -23.51 26.81
CA ILE B 487 -51.40 -22.52 27.08
C ILE B 487 -52.09 -21.22 27.44
N ALA B 488 -51.82 -20.70 28.65
CA ALA B 488 -52.56 -19.55 29.16
C ALA B 488 -51.63 -18.56 29.86
N SER B 489 -51.68 -17.30 29.45
CA SER B 489 -51.00 -16.24 30.19
C SER B 489 -51.95 -15.07 30.47
N TYR B 490 -51.92 -14.06 29.61
CA TYR B 490 -52.50 -12.76 29.95
C TYR B 490 -54.00 -12.86 30.26
N SER B 491 -54.79 -13.36 29.31
CA SER B 491 -56.20 -12.99 29.22
C SER B 491 -57.14 -14.00 29.88
N LEU B 492 -56.92 -14.37 31.15
CA LEU B 492 -57.66 -15.51 31.67
C LEU B 492 -59.07 -15.15 32.14
N SER B 493 -59.22 -14.06 32.91
CA SER B 493 -60.51 -13.78 33.54
C SER B 493 -60.84 -12.30 33.57
N ASN B 494 -62.10 -11.98 33.31
CA ASN B 494 -62.65 -10.64 33.46
C ASN B 494 -63.34 -10.41 34.80
N SER B 495 -63.89 -11.47 35.41
CA SER B 495 -64.70 -11.31 36.60
C SER B 495 -63.77 -11.13 37.80
N SER B 496 -64.17 -10.23 38.70
CA SER B 496 -63.29 -9.80 39.79
C SER B 496 -62.88 -10.91 40.75
N ASN B 497 -61.80 -10.67 41.49
CA ASN B 497 -60.97 -11.73 42.05
C ASN B 497 -60.57 -12.69 40.93
N SER B 498 -60.26 -12.11 39.77
CA SER B 498 -59.75 -12.90 38.66
C SER B 498 -58.51 -13.65 39.08
N LYS B 499 -57.64 -12.99 39.85
CA LYS B 499 -56.48 -13.68 40.41
C LYS B 499 -56.92 -14.84 41.28
N GLU B 500 -57.92 -14.61 42.14
CA GLU B 500 -58.45 -15.69 42.98
C GLU B 500 -59.11 -16.79 42.13
N ARG B 501 -59.69 -16.42 40.99
CA ARG B 501 -60.35 -17.42 40.14
C ARG B 501 -59.33 -18.17 39.29
N VAL B 502 -58.28 -17.50 38.84
CA VAL B 502 -57.22 -18.19 38.11
C VAL B 502 -56.58 -19.26 39.00
N LEU B 503 -56.25 -18.88 40.23
CA LEU B 503 -55.62 -19.84 41.14
C LEU B 503 -56.54 -21.04 41.39
N LYS B 504 -57.85 -20.80 41.48
CA LYS B 504 -58.79 -21.92 41.65
C LYS B 504 -58.86 -22.78 40.39
N PHE B 505 -58.94 -22.13 39.22
CA PHE B 505 -58.85 -22.85 37.95
C PHE B 505 -57.58 -23.70 37.87
N LEU B 506 -56.41 -23.08 38.12
CA LEU B 506 -55.15 -23.83 38.05
C LEU B 506 -55.17 -24.98 39.04
N SER B 507 -55.66 -24.73 40.26
CA SER B 507 -55.72 -25.76 41.28
C SER B 507 -56.56 -26.94 40.84
N ASP B 508 -57.72 -26.67 40.22
CA ASP B 508 -58.55 -27.76 39.70
C ASP B 508 -57.88 -28.46 38.52
N ALA B 509 -57.21 -27.70 37.66
CA ALA B 509 -56.52 -28.31 36.52
C ALA B 509 -55.51 -29.34 36.98
N ASN B 510 -54.72 -29.03 38.02
CA ASN B 510 -53.75 -29.99 38.54
C ASN B 510 -54.44 -31.19 39.18
N LYS B 511 -55.51 -30.94 39.95
CA LYS B 511 -56.28 -32.04 40.51
C LYS B 511 -56.87 -32.92 39.41
N ALA B 512 -57.32 -32.31 38.33
CA ALA B 512 -57.86 -33.06 37.19
C ALA B 512 -56.79 -33.76 36.34
N LYS B 513 -55.51 -33.58 36.62
CA LYS B 513 -54.42 -34.14 35.80
C LYS B 513 -54.41 -33.56 34.38
N ALA B 514 -54.85 -32.32 34.24
CA ALA B 514 -54.76 -31.63 32.96
C ALA B 514 -53.37 -31.00 32.80
N MET B 515 -53.08 -30.50 31.59
CA MET B 515 -51.79 -29.87 31.29
C MET B 515 -52.04 -28.42 30.86
N VAL B 516 -52.39 -27.59 31.82
CA VAL B 516 -52.50 -26.15 31.59
C VAL B 516 -51.15 -25.54 31.93
N VAL B 517 -50.50 -24.93 30.93
CA VAL B 517 -49.22 -24.27 31.11
C VAL B 517 -49.47 -22.79 31.32
N PHE B 518 -48.96 -22.24 32.42
CA PHE B 518 -49.37 -20.92 32.86
C PHE B 518 -48.16 -20.00 33.00
N GLY B 519 -48.30 -18.77 32.56
CA GLY B 519 -47.24 -17.78 32.72
C GLY B 519 -47.81 -16.45 33.17
N ALA B 520 -46.98 -15.69 33.89
CA ALA B 520 -47.38 -14.39 34.42
C ALA B 520 -46.15 -13.62 34.87
N PRO B 521 -46.20 -12.29 34.88
CA PRO B 521 -45.15 -11.51 35.52
C PRO B 521 -44.97 -11.96 36.95
N ASN B 522 -43.72 -11.97 37.39
CA ASN B 522 -43.40 -12.34 38.76
C ASN B 522 -43.47 -11.09 39.63
N THR B 523 -44.38 -11.09 40.60
CA THR B 523 -44.63 -9.89 41.40
C THR B 523 -43.36 -9.37 42.04
N HIS B 524 -42.63 -10.24 42.73
CA HIS B 524 -41.52 -9.78 43.55
C HIS B 524 -40.28 -9.49 42.72
N ARG B 525 -40.10 -10.13 41.56
CA ARG B 525 -39.00 -9.76 40.66
C ARG B 525 -39.23 -8.37 40.08
N LEU B 526 -40.46 -8.09 39.64
CA LEU B 526 -40.71 -6.77 39.06
C LEU B 526 -40.58 -5.68 40.12
N ALA B 527 -41.08 -5.94 41.34
CA ALA B 527 -40.93 -4.96 42.42
C ALA B 527 -39.47 -4.68 42.70
N TYR B 528 -38.62 -5.71 42.66
CA TYR B 528 -37.18 -5.51 42.88
C TYR B 528 -36.59 -4.70 41.75
N ALA B 529 -36.89 -5.07 40.50
CA ALA B 529 -36.38 -4.32 39.35
C ALA B 529 -36.70 -2.83 39.47
N LYS B 530 -37.93 -2.50 39.87
CA LYS B 530 -38.31 -1.10 40.05
C LYS B 530 -37.63 -0.50 41.27
N LYS B 531 -37.55 -1.26 42.37
CA LYS B 531 -36.99 -0.75 43.62
C LYS B 531 -35.55 -0.29 43.44
N VAL B 532 -34.74 -1.02 42.68
CA VAL B 532 -33.34 -0.63 42.47
C VAL B 532 -33.17 0.39 41.37
N GLY B 533 -34.23 0.74 40.65
CA GLY B 533 -34.17 1.77 39.64
C GLY B 533 -33.95 1.30 38.22
N LEU B 534 -34.09 0.00 37.95
CA LEU B 534 -33.92 -0.47 36.57
C LEU B 534 -35.12 -0.08 35.72
N VAL B 535 -36.31 -0.44 36.19
CA VAL B 535 -37.56 -0.19 35.47
C VAL B 535 -38.19 1.08 36.05
N LEU B 536 -38.60 1.99 35.17
CA LEU B 536 -39.21 3.24 35.57
C LEU B 536 -40.73 3.15 35.50
N ASP B 537 -41.39 3.92 36.38
CA ASP B 537 -42.85 3.99 36.38
C ASP B 537 -43.42 4.45 35.05
N SER B 538 -42.62 5.08 34.19
CA SER B 538 -43.09 5.46 32.86
C SER B 538 -43.34 4.26 31.96
N ALA B 539 -42.80 3.09 32.29
CA ALA B 539 -43.00 1.89 31.49
C ALA B 539 -43.81 0.82 32.18
N ILE B 540 -43.57 0.57 33.47
CA ILE B 540 -44.32 -0.41 34.24
C ILE B 540 -44.60 0.17 35.62
N LYS B 541 -45.86 0.11 36.05
CA LYS B 541 -46.27 0.49 37.39
C LYS B 541 -46.94 -0.70 38.07
N MET B 542 -47.01 -0.65 39.39
CA MET B 542 -47.58 -1.76 40.13
C MET B 542 -48.29 -1.26 41.38
N SER B 543 -49.46 -1.85 41.66
CA SER B 543 -50.23 -1.58 42.87
C SER B 543 -50.45 -2.91 43.57
N LYS B 544 -49.67 -3.18 44.61
CA LYS B 544 -49.53 -4.52 45.15
C LYS B 544 -49.11 -5.46 44.02
N ASP B 545 -50.03 -6.29 43.53
CA ASP B 545 -49.72 -7.23 42.47
C ASP B 545 -50.43 -6.92 41.16
N LEU B 546 -51.01 -5.72 41.03
CA LEU B 546 -51.71 -5.34 39.81
C LEU B 546 -50.82 -4.40 39.02
N ILE B 547 -50.44 -4.83 37.82
CA ILE B 547 -49.37 -4.22 37.05
C ILE B 547 -49.95 -3.52 35.83
N THR B 548 -49.47 -2.32 35.54
CA THR B 548 -49.84 -1.58 34.34
C THR B 548 -48.62 -1.47 33.42
N PHE B 549 -48.72 -2.08 32.23
CA PHE B 549 -47.69 -1.98 31.21
C PHE B 549 -48.04 -0.88 30.22
N SER B 550 -47.01 -0.31 29.58
CA SER B 550 -47.15 0.82 28.67
C SER B 550 -46.78 0.43 27.25
N ASN B 551 -46.86 1.41 26.35
CA ASN B 551 -46.52 1.20 24.94
C ASN B 551 -45.38 2.12 24.50
N TRP B 557 -52.08 -1.67 28.95
CA TRP B 557 -52.80 -2.83 29.46
C TRP B 557 -52.39 -3.17 30.89
N ARG B 558 -53.23 -3.97 31.56
CA ARG B 558 -53.06 -4.24 32.98
C ARG B 558 -53.25 -5.73 33.24
N ASP B 559 -52.53 -6.23 34.23
CA ASP B 559 -52.34 -7.66 34.41
C ASP B 559 -51.90 -7.95 35.85
N TYR B 560 -52.21 -9.14 36.33
CA TYR B 560 -51.84 -9.55 37.68
C TYR B 560 -50.49 -10.27 37.69
N GLY B 561 -49.62 -9.84 38.61
CA GLY B 561 -48.43 -10.62 38.91
C GLY B 561 -48.72 -11.74 39.88
N TYR B 562 -47.92 -12.80 39.78
CA TYR B 562 -48.04 -13.97 40.62
C TYR B 562 -46.66 -14.34 41.16
N SER B 563 -46.65 -15.10 42.24
CA SER B 563 -45.40 -15.50 42.90
C SER B 563 -45.32 -17.01 42.97
N GLN B 564 -44.11 -17.50 43.23
CA GLN B 564 -43.87 -18.94 43.19
C GLN B 564 -44.66 -19.68 44.26
N SER B 565 -44.82 -19.08 45.44
CA SER B 565 -45.52 -19.82 46.49
C SER B 565 -47.05 -19.74 46.34
N GLU B 566 -47.58 -18.64 45.77
CA GLU B 566 -48.97 -18.64 45.35
C GLU B 566 -49.27 -19.82 44.43
N LEU B 567 -48.42 -20.00 43.40
CA LEU B 567 -48.64 -21.07 42.43
C LEU B 567 -48.45 -22.44 43.06
N TYR B 568 -47.42 -22.61 43.89
CA TYR B 568 -47.21 -23.92 44.52
C TYR B 568 -48.40 -24.29 45.40
N ASP B 569 -48.96 -23.29 46.11
CA ASP B 569 -50.20 -23.55 46.86
C ASP B 569 -51.32 -24.02 45.94
N ALA B 570 -51.39 -23.47 44.72
CA ALA B 570 -52.38 -23.88 43.71
C ALA B 570 -51.94 -25.12 42.93
N GLY B 571 -50.88 -25.81 43.37
CA GLY B 571 -50.47 -27.03 42.72
C GLY B 571 -49.61 -26.85 41.48
N TYR B 572 -48.90 -25.74 41.37
CA TYR B 572 -48.08 -25.47 40.19
C TYR B 572 -46.63 -25.19 40.57
N VAL B 573 -45.71 -25.62 39.69
CA VAL B 573 -44.26 -25.58 39.90
C VAL B 573 -43.64 -24.69 38.82
N GLU B 574 -42.83 -23.72 39.23
CA GLU B 574 -42.15 -22.90 38.23
C GLU B 574 -41.14 -23.75 37.46
N ILE B 575 -41.09 -23.55 36.14
CA ILE B 575 -40.05 -24.14 35.31
C ILE B 575 -39.54 -23.05 34.38
N THR B 576 -38.24 -23.03 34.14
CA THR B 576 -37.76 -21.95 33.30
C THR B 576 -37.91 -22.31 31.82
N ILE B 577 -37.89 -21.28 30.97
CA ILE B 577 -37.94 -21.50 29.52
C ILE B 577 -36.74 -22.33 29.08
N ASP B 578 -35.55 -22.03 29.64
CA ASP B 578 -34.35 -22.84 29.42
C ASP B 578 -34.60 -24.33 29.65
N GLN B 579 -35.17 -24.65 30.82
CA GLN B 579 -35.43 -26.04 31.18
C GLN B 579 -36.40 -26.69 30.21
N MET B 580 -37.45 -25.96 29.82
CA MET B 580 -38.48 -26.51 28.93
C MET B 580 -37.90 -26.90 27.58
N VAL B 581 -37.02 -26.09 27.00
CA VAL B 581 -36.56 -26.39 25.65
C VAL B 581 -35.51 -27.50 25.68
N ALA B 582 -34.66 -27.54 26.72
CA ALA B 582 -33.74 -28.66 26.87
C ALA B 582 -34.48 -29.97 27.13
N TYR B 583 -35.48 -29.93 28.02
CA TYR B 583 -36.32 -31.11 28.26
C TYR B 583 -36.99 -31.58 26.97
N SER B 584 -37.47 -30.64 26.15
CA SER B 584 -38.16 -30.97 24.91
C SER B 584 -37.24 -31.10 23.70
N SER B 585 -35.93 -31.20 23.91
CA SER B 585 -35.00 -31.03 22.80
C SER B 585 -35.17 -32.09 21.72
N ASP B 586 -35.54 -33.32 22.08
CA ASP B 586 -35.60 -34.33 21.03
C ASP B 586 -36.87 -34.25 20.19
N VAL B 587 -37.82 -33.39 20.54
CA VAL B 587 -38.94 -33.12 19.64
C VAL B 587 -38.98 -31.67 19.18
N TYR B 588 -38.03 -30.85 19.59
CA TYR B 588 -38.15 -29.42 19.35
C TYR B 588 -37.85 -29.09 17.89
N ASN B 589 -38.67 -28.19 17.33
CA ASN B 589 -38.57 -27.79 15.92
C ASN B 589 -38.97 -26.32 15.78
N GLY B 590 -38.65 -25.51 16.78
CA GLY B 590 -38.99 -24.11 16.80
C GLY B 590 -37.80 -23.24 16.48
N VAL B 591 -37.86 -21.98 16.94
CA VAL B 591 -36.81 -21.02 16.70
C VAL B 591 -35.89 -20.96 17.91
N GLY B 592 -34.70 -20.43 17.69
CA GLY B 592 -33.78 -20.06 18.74
C GLY B 592 -33.89 -18.58 19.03
N TYR B 593 -32.86 -18.06 19.72
CA TYR B 593 -32.76 -16.65 20.01
C TYR B 593 -31.29 -16.25 19.96
N PHE B 594 -31.05 -14.95 19.90
CA PHE B 594 -29.70 -14.41 20.01
C PHE B 594 -29.47 -13.63 21.29
N ALA B 595 -30.38 -12.75 21.68
CA ALA B 595 -30.23 -11.91 22.87
C ALA B 595 -31.16 -12.36 23.99
N ASN B 596 -30.70 -12.23 25.23
CA ASN B 596 -31.66 -12.32 26.34
C ASN B 596 -32.33 -10.96 26.53
N SER B 597 -33.50 -10.98 27.17
CA SER B 597 -34.31 -9.77 27.28
C SER B 597 -34.74 -9.55 28.72
N THR B 598 -34.48 -8.34 29.23
CA THR B 598 -34.90 -7.98 30.59
C THR B 598 -36.40 -8.07 30.77
N TYR B 599 -37.18 -7.59 29.79
CA TYR B 599 -38.63 -7.63 29.88
C TYR B 599 -39.14 -9.06 30.03
N ASN B 600 -38.67 -9.97 29.17
CA ASN B 600 -39.16 -11.35 29.24
C ASN B 600 -38.79 -12.03 30.55
N ASP B 601 -37.62 -11.69 31.10
CA ASP B 601 -37.15 -12.28 32.35
C ASP B 601 -38.03 -11.92 33.55
N LEU B 602 -38.82 -10.83 33.47
CA LEU B 602 -39.81 -10.51 34.51
C LEU B 602 -40.91 -11.56 34.62
N PHE B 603 -41.11 -12.41 33.60
CA PHE B 603 -42.17 -13.41 33.61
C PHE B 603 -41.65 -14.76 34.05
N SER B 604 -42.52 -15.52 34.74
CA SER B 604 -42.25 -16.89 35.13
C SER B 604 -43.31 -17.81 34.53
N TRP B 605 -42.92 -19.05 34.26
CA TRP B 605 -43.82 -20.04 33.70
C TRP B 605 -43.94 -21.21 34.66
N TYR B 606 -45.09 -21.89 34.62
CA TYR B 606 -45.42 -22.89 35.63
C TYR B 606 -46.14 -24.06 34.99
N ILE B 607 -45.84 -25.26 35.47
CA ILE B 607 -46.50 -26.49 35.01
C ILE B 607 -47.05 -27.24 36.22
N PRO B 608 -48.06 -28.08 36.03
CA PRO B 608 -48.77 -28.64 37.18
C PRO B 608 -47.93 -29.67 37.93
N LYS B 609 -48.08 -29.65 39.25
CA LYS B 609 -47.36 -30.55 40.15
C LYS B 609 -47.48 -32.02 39.76
N TRP B 610 -48.69 -32.46 39.38
CA TRP B 610 -48.88 -33.89 39.13
C TRP B 610 -47.93 -34.38 38.03
N TYR B 611 -47.65 -33.55 37.03
CA TYR B 611 -46.81 -34.00 35.94
C TYR B 611 -45.34 -34.00 36.34
N VAL B 612 -44.93 -32.99 37.11
CA VAL B 612 -43.58 -32.95 37.67
C VAL B 612 -43.31 -34.22 38.47
N HIS B 613 -44.27 -34.62 39.31
CA HIS B 613 -44.06 -35.79 40.15
C HIS B 613 -44.05 -37.06 39.32
N LYS B 614 -44.84 -37.10 38.24
CA LYS B 614 -44.89 -38.32 37.45
C LYS B 614 -43.61 -38.50 36.63
N ARG B 615 -43.05 -37.42 36.07
CA ARG B 615 -42.05 -37.58 35.03
C ARG B 615 -40.78 -36.76 35.17
N MET B 616 -40.69 -35.85 36.15
CA MET B 616 -39.57 -34.91 36.16
C MET B 616 -38.80 -34.87 37.48
N LEU B 617 -39.01 -35.82 38.40
CA LEU B 617 -38.31 -35.79 39.67
C LEU B 617 -36.86 -36.28 39.54
N MET B 618 -36.59 -37.13 38.56
CA MET B 618 -35.24 -37.61 38.30
C MET B 618 -34.54 -36.59 37.39
N GLN B 619 -33.64 -35.79 37.95
CA GLN B 619 -33.05 -34.68 37.23
C GLN B 619 -31.84 -35.15 36.44
N ASP B 620 -31.94 -35.17 35.11
CA ASP B 620 -30.75 -35.20 34.30
C ASP B 620 -30.40 -33.76 33.87
N ILE B 621 -29.41 -33.63 33.00
CA ILE B 621 -28.87 -32.31 32.68
C ILE B 621 -29.93 -31.42 32.06
N ARG B 622 -30.93 -32.01 31.37
CA ARG B 622 -31.97 -31.23 30.72
C ARG B 622 -32.77 -30.38 31.72
N LEU B 623 -32.99 -30.88 32.92
CA LEU B 623 -33.72 -30.10 33.91
C LEU B 623 -32.81 -29.50 34.97
N SER B 624 -31.51 -29.59 34.76
CA SER B 624 -30.54 -29.15 35.76
C SER B 624 -30.54 -27.63 35.90
N PRO B 625 -30.38 -27.11 37.12
CA PRO B 625 -30.16 -25.67 37.31
C PRO B 625 -28.71 -25.24 37.12
N ALA B 626 -27.85 -26.09 36.54
CA ALA B 626 -26.41 -25.84 36.53
C ALA B 626 -26.07 -24.51 35.89
N ALA B 627 -26.84 -24.10 34.87
CA ALA B 627 -26.57 -22.87 34.14
C ALA B 627 -27.01 -21.61 34.89
N LEU B 628 -27.53 -21.75 36.10
CA LEU B 628 -27.85 -20.60 36.95
C LEU B 628 -27.23 -20.68 38.34
N VAL B 629 -26.80 -21.85 38.80
CA VAL B 629 -26.46 -22.02 40.21
C VAL B 629 -25.03 -21.58 40.54
N LYS B 630 -24.21 -21.28 39.55
CA LYS B 630 -22.81 -20.96 39.74
C LYS B 630 -22.43 -19.58 39.24
N CYS B 631 -23.07 -19.08 38.18
CA CYS B 631 -22.56 -17.89 37.53
C CYS B 631 -22.82 -16.60 38.33
N PHE B 632 -23.90 -16.53 39.10
CA PHE B 632 -24.13 -15.33 39.92
C PHE B 632 -23.21 -15.31 41.12
N THR B 633 -23.04 -16.47 41.77
CA THR B 633 -22.11 -16.58 42.89
C THR B 633 -20.70 -16.20 42.46
N THR B 634 -20.26 -16.71 41.31
CA THR B 634 -18.90 -16.45 40.87
C THR B 634 -18.71 -14.98 40.49
N LEU B 635 -19.69 -14.37 39.81
CA LEU B 635 -19.62 -12.93 39.52
C LEU B 635 -19.46 -12.12 40.80
N ILE B 636 -20.30 -12.39 41.80
CA ILE B 636 -20.23 -11.63 43.05
C ILE B 636 -18.89 -11.87 43.76
N ARG B 637 -18.41 -13.11 43.79
CA ARG B 637 -17.11 -13.37 44.44
C ARG B 637 -15.97 -12.60 43.77
N ASN B 638 -16.03 -12.46 42.44
CA ASN B 638 -14.97 -11.75 41.73
C ASN B 638 -15.04 -10.25 42.04
N ILE B 639 -16.24 -9.68 41.98
CA ILE B 639 -16.44 -8.27 42.29
C ILE B 639 -16.07 -7.95 43.73
N CYS B 640 -16.40 -8.85 44.66
CA CYS B 640 -16.33 -8.53 46.07
C CYS B 640 -15.10 -9.13 46.76
N TYR B 641 -14.18 -9.70 45.99
CA TYR B 641 -12.94 -10.26 46.51
C TYR B 641 -13.19 -11.38 47.53
N VAL B 642 -14.01 -12.36 47.15
CA VAL B 642 -14.37 -13.44 48.06
C VAL B 642 -13.62 -14.70 47.66
N PRO B 643 -12.53 -15.03 48.34
CA PRO B 643 -11.82 -16.27 48.02
C PRO B 643 -12.74 -17.48 48.17
N HIS B 644 -12.44 -18.52 47.40
CA HIS B 644 -13.24 -19.73 47.38
C HIS B 644 -13.46 -20.30 48.80
N GLU B 645 -12.39 -20.42 49.58
CA GLU B 645 -12.55 -21.02 50.91
C GLU B 645 -13.22 -20.05 51.88
N THR B 646 -12.92 -18.75 51.75
CA THR B 646 -13.58 -17.73 52.57
C THR B 646 -15.09 -17.80 52.43
N TYR B 647 -15.58 -18.06 51.21
CA TYR B 647 -17.00 -18.22 50.94
C TYR B 647 -17.63 -19.22 51.90
N TYR B 648 -16.99 -20.39 52.05
CA TYR B 648 -17.55 -21.42 52.93
C TYR B 648 -17.41 -21.04 54.40
N ARG B 649 -16.36 -20.29 54.76
CA ARG B 649 -16.29 -19.76 56.13
C ARG B 649 -17.50 -18.86 56.44
N PHE B 650 -17.87 -17.98 55.50
CA PHE B 650 -19.02 -17.10 55.71
C PHE B 650 -20.29 -17.90 55.95
N ARG B 651 -20.49 -18.99 55.20
CA ARG B 651 -21.66 -19.85 55.43
C ARG B 651 -21.61 -20.47 56.82
N GLY B 652 -20.43 -20.94 57.25
CA GLY B 652 -20.28 -21.42 58.62
C GLY B 652 -20.67 -20.37 59.64
N ILE B 653 -20.20 -19.14 59.43
CA ILE B 653 -20.55 -18.05 60.33
C ILE B 653 -22.05 -17.79 60.31
N LEU B 654 -22.68 -17.85 59.13
CA LEU B 654 -24.13 -17.61 59.09
C LEU B 654 -24.89 -18.68 59.85
N VAL B 655 -24.45 -19.93 59.77
CA VAL B 655 -25.13 -21.01 60.50
C VAL B 655 -24.93 -20.86 62.01
N ASP B 656 -23.70 -20.51 62.42
CA ASP B 656 -23.42 -20.18 63.82
C ASP B 656 -24.41 -19.14 64.34
N LYS B 657 -24.59 -18.03 63.60
CA LYS B 657 -25.49 -16.99 64.07
C LYS B 657 -26.94 -17.48 64.15
N TYR B 658 -27.34 -18.33 63.21
CA TYR B 658 -28.69 -18.86 63.22
C TYR B 658 -28.90 -19.82 64.40
N LEU B 659 -27.94 -20.72 64.64
CA LEU B 659 -28.10 -21.66 65.74
C LEU B 659 -28.17 -20.94 67.10
N ARG B 660 -27.34 -19.92 67.30
CA ARG B 660 -27.42 -19.13 68.52
C ARG B 660 -28.78 -18.46 68.65
N SER B 661 -29.35 -17.97 67.54
CA SER B 661 -30.63 -17.29 67.61
C SER B 661 -31.76 -18.25 67.97
N LYS B 662 -31.60 -19.54 67.68
CA LYS B 662 -32.55 -20.54 68.12
C LYS B 662 -32.18 -21.10 69.49
N ASN B 663 -31.21 -20.50 70.18
CA ASN B 663 -30.83 -20.90 71.54
C ASN B 663 -30.35 -22.36 71.59
N VAL B 664 -29.59 -22.76 70.58
CA VAL B 664 -28.79 -23.98 70.71
C VAL B 664 -27.52 -23.60 71.47
N ASP B 665 -27.16 -24.40 72.47
CA ASP B 665 -25.93 -24.09 73.20
C ASP B 665 -24.73 -24.27 72.27
N PRO B 666 -23.83 -23.30 72.16
CA PRO B 666 -22.68 -23.45 71.26
C PRO B 666 -21.78 -24.64 71.58
N SER B 667 -21.78 -25.14 72.82
CA SER B 667 -21.00 -26.32 73.15
C SER B 667 -21.53 -27.57 72.45
N GLN B 668 -22.68 -27.52 71.80
CA GLN B 668 -23.21 -28.69 71.14
C GLN B 668 -22.77 -28.81 69.69
N TYR B 669 -21.98 -27.88 69.17
CA TYR B 669 -21.55 -27.99 67.78
C TYR B 669 -20.22 -27.28 67.59
N SER B 670 -19.57 -27.60 66.47
CA SER B 670 -18.30 -27.01 66.08
C SER B 670 -18.42 -26.49 64.65
N ILE B 671 -18.37 -25.17 64.48
CA ILE B 671 -18.38 -24.59 63.14
C ILE B 671 -17.09 -24.99 62.42
N VAL B 672 -17.22 -25.55 61.22
CA VAL B 672 -16.05 -25.78 60.36
C VAL B 672 -15.98 -24.76 59.22
N GLY B 673 -17.09 -24.53 58.54
CA GLY B 673 -17.11 -23.52 57.49
C GLY B 673 -16.24 -23.86 56.30
N SER B 674 -16.23 -25.12 55.88
CA SER B 674 -15.53 -25.56 54.68
C SER B 674 -16.55 -26.06 53.67
N GLY B 675 -16.06 -26.44 52.48
CA GLY B 675 -16.95 -26.91 51.44
C GLY B 675 -17.55 -28.28 51.75
N SER B 676 -16.84 -29.11 52.50
CA SER B 676 -17.32 -30.45 52.83
C SER B 676 -18.01 -30.54 54.18
N LYS B 677 -17.82 -29.56 55.07
CA LYS B 677 -18.51 -29.52 56.36
C LYS B 677 -18.80 -28.07 56.73
N THR B 678 -20.08 -27.75 56.89
CA THR B 678 -20.46 -26.48 57.52
C THR B 678 -20.18 -26.52 59.02
N PHE B 679 -20.72 -27.52 59.72
CA PHE B 679 -20.46 -27.74 61.14
C PHE B 679 -20.57 -29.22 61.47
N THR B 680 -20.03 -29.58 62.63
CA THR B 680 -20.10 -30.92 63.21
C THR B 680 -20.97 -30.90 64.47
N VAL B 681 -21.87 -31.87 64.60
CA VAL B 681 -22.73 -32.00 65.77
C VAL B 681 -21.99 -32.77 66.86
N LEU B 682 -21.81 -32.14 68.01
CA LEU B 682 -21.13 -32.77 69.13
C LEU B 682 -22.10 -33.47 70.06
N SER B 683 -23.28 -32.91 70.28
CA SER B 683 -24.31 -33.60 71.04
C SER B 683 -25.65 -33.32 70.39
N HIS B 684 -26.58 -34.25 70.59
CA HIS B 684 -27.85 -34.23 69.88
C HIS B 684 -28.64 -32.99 70.26
N PHE B 685 -29.24 -32.35 69.25
CA PHE B 685 -30.15 -31.24 69.52
C PHE B 685 -31.12 -31.13 68.34
N GLU B 686 -32.21 -30.40 68.59
CA GLU B 686 -33.27 -30.20 67.61
C GLU B 686 -33.65 -28.73 67.57
N VAL B 687 -34.05 -28.29 66.37
CA VAL B 687 -34.50 -26.93 66.14
C VAL B 687 -35.95 -27.02 65.66
N PRO B 688 -36.90 -26.38 66.36
CA PRO B 688 -38.30 -26.48 65.93
C PRO B 688 -38.46 -25.88 64.53
N HIS B 689 -39.30 -26.51 63.73
CA HIS B 689 -39.51 -26.06 62.36
C HIS B 689 -40.94 -26.40 61.97
N GLU B 690 -41.51 -25.57 61.09
CA GLU B 690 -42.84 -25.86 60.55
C GLU B 690 -42.91 -27.26 59.96
N CYS B 691 -41.83 -27.71 59.30
CA CYS B 691 -41.83 -29.03 58.69
C CYS B 691 -41.45 -30.13 59.69
N GLY B 692 -41.85 -29.99 60.96
CA GLY B 692 -41.37 -30.88 62.00
C GLY B 692 -39.95 -30.51 62.36
N PRO B 693 -39.48 -30.86 63.55
CA PRO B 693 -38.16 -30.39 64.00
C PRO B 693 -37.02 -30.83 63.06
N LEU B 694 -36.04 -29.94 62.90
CA LEU B 694 -34.76 -30.29 62.31
C LEU B 694 -33.94 -31.05 63.35
N VAL B 695 -33.58 -32.29 63.05
CA VAL B 695 -32.93 -33.18 64.01
C VAL B 695 -31.44 -33.26 63.68
N PHE B 696 -30.59 -33.05 64.69
CA PHE B 696 -29.14 -33.08 64.51
C PHE B 696 -28.55 -34.10 65.48
N GLU B 697 -28.00 -35.18 64.92
CA GLU B 697 -27.51 -36.31 65.69
C GLU B 697 -26.03 -36.15 66.00
N ALA B 698 -25.63 -36.57 67.20
CA ALA B 698 -24.26 -36.41 67.65
C ALA B 698 -23.28 -37.16 66.76
N SER B 699 -22.07 -36.59 66.62
CA SER B 699 -21.00 -37.16 65.81
C SER B 699 -21.35 -37.20 64.32
N THR B 700 -22.15 -36.26 63.84
CA THR B 700 -22.39 -36.16 62.41
C THR B 700 -21.89 -34.82 61.88
N ASP B 701 -21.54 -34.82 60.59
CA ASP B 701 -21.14 -33.60 59.89
C ASP B 701 -22.33 -33.10 59.08
N VAL B 702 -22.63 -31.82 59.22
CA VAL B 702 -23.74 -31.19 58.49
C VAL B 702 -23.18 -30.32 57.37
N ASN B 703 -23.65 -30.56 56.14
CA ASN B 703 -23.27 -29.81 54.94
C ASN B 703 -24.52 -29.21 54.31
N ILE B 704 -24.76 -27.91 54.51
CA ILE B 704 -26.02 -27.31 54.06
C ILE B 704 -26.02 -27.17 52.53
N SER B 705 -27.21 -26.97 51.98
CA SER B 705 -27.38 -27.00 50.53
C SER B 705 -26.89 -25.70 49.92
N GLY B 706 -25.76 -25.76 49.22
CA GLY B 706 -25.28 -24.58 48.50
C GLY B 706 -26.20 -24.18 47.35
N HIS B 707 -26.81 -25.16 46.68
CA HIS B 707 -27.69 -24.83 45.55
C HIS B 707 -28.82 -23.89 45.97
N LEU B 708 -29.45 -24.17 47.12
CA LEU B 708 -30.56 -23.33 47.56
C LEU B 708 -30.11 -21.88 47.68
N LEU B 709 -28.96 -21.66 48.30
CA LEU B 709 -28.49 -20.31 48.57
C LEU B 709 -28.23 -19.54 47.27
N SER B 710 -27.55 -20.16 46.31
CA SER B 710 -27.24 -19.39 45.11
C SER B 710 -28.44 -19.25 44.18
N LEU B 711 -29.35 -20.25 44.14
CA LEU B 711 -30.59 -20.06 43.37
C LEU B 711 -31.43 -18.92 43.96
N ALA B 712 -31.34 -18.69 45.28
CA ALA B 712 -32.04 -17.56 45.86
C ALA B 712 -31.54 -16.25 45.30
N ILE B 713 -30.22 -16.15 45.06
CA ILE B 713 -29.65 -14.94 44.46
C ILE B 713 -30.09 -14.82 42.99
N ALA B 714 -29.88 -15.89 42.22
CA ALA B 714 -30.31 -15.84 40.83
C ALA B 714 -31.78 -15.43 40.69
N ALA B 715 -32.62 -15.84 41.65
CA ALA B 715 -34.07 -15.55 41.61
C ALA B 715 -34.37 -14.05 41.73
N HIS B 716 -33.36 -13.23 42.08
CA HIS B 716 -33.58 -11.79 42.08
C HIS B 716 -33.59 -11.21 40.67
N PHE B 717 -33.03 -11.92 39.71
CA PHE B 717 -32.71 -11.35 38.41
C PHE B 717 -33.39 -12.03 37.25
N VAL B 718 -33.64 -13.34 37.32
CA VAL B 718 -34.21 -14.09 36.22
C VAL B 718 -35.12 -15.14 36.82
N ALA B 719 -35.94 -15.76 35.96
CA ALA B 719 -36.83 -16.83 36.38
C ALA B 719 -36.01 -17.97 36.98
N SER B 720 -36.64 -18.69 37.90
CA SER B 720 -35.87 -19.52 38.83
C SER B 720 -36.23 -20.99 38.69
N PRO B 721 -35.25 -21.87 38.70
CA PRO B 721 -35.56 -23.31 38.75
C PRO B 721 -35.72 -23.83 40.17
N MET B 722 -35.90 -22.92 41.14
CA MET B 722 -35.78 -23.28 42.55
C MET B 722 -36.82 -24.31 42.99
N ILE B 723 -38.07 -24.16 42.54
CA ILE B 723 -39.14 -25.02 43.01
C ILE B 723 -39.00 -26.42 42.41
N LEU B 724 -38.80 -26.49 41.10
CA LEU B 724 -38.49 -27.77 40.48
C LEU B 724 -37.26 -28.42 41.12
N TRP B 725 -36.20 -27.63 41.33
CA TRP B 725 -35.01 -28.21 41.94
C TRP B 725 -35.32 -28.79 43.31
N ALA B 726 -36.10 -28.06 44.12
CA ALA B 726 -36.44 -28.52 45.47
C ALA B 726 -37.17 -29.86 45.44
N GLU B 727 -38.10 -30.02 44.51
CA GLU B 727 -38.80 -31.29 44.35
C GLU B 727 -37.83 -32.39 43.96
N GLN B 728 -36.87 -32.07 43.09
CA GLN B 728 -35.90 -33.10 42.70
C GLN B 728 -34.96 -33.41 43.85
N MET B 729 -34.64 -32.41 44.67
CA MET B 729 -33.77 -32.62 45.82
C MET B 729 -34.45 -33.54 46.83
N LYS B 730 -35.71 -33.25 47.18
CA LYS B 730 -36.50 -34.13 48.03
C LYS B 730 -36.52 -35.55 47.48
N TYR B 731 -36.80 -35.70 46.19
CA TYR B 731 -36.79 -37.03 45.59
C TYR B 731 -35.45 -37.72 45.79
N MET B 732 -34.35 -36.97 45.75
CA MET B 732 -33.01 -37.52 45.94
C MET B 732 -32.56 -37.50 47.40
N ALA B 733 -33.49 -37.66 48.35
CA ALA B 733 -33.08 -37.83 49.73
C ALA B 733 -32.42 -39.19 49.94
N VAL B 734 -32.60 -40.12 49.00
CA VAL B 734 -32.03 -41.46 49.05
C VAL B 734 -31.46 -41.77 47.67
N ASP B 735 -30.61 -42.81 47.64
CA ASP B 735 -30.06 -43.26 46.38
C ASP B 735 -31.18 -43.69 45.42
N ARG B 736 -30.88 -43.63 44.13
CA ARG B 736 -31.82 -43.99 43.08
C ARG B 736 -31.09 -44.78 42.01
N MET B 737 -31.85 -45.55 41.23
CA MET B 737 -31.29 -46.23 40.08
C MET B 737 -31.19 -45.28 38.89
N LEU B 738 -30.09 -45.38 38.17
CA LEU B 738 -29.93 -44.67 36.90
C LEU B 738 -30.97 -45.16 35.91
N PRO B 739 -31.88 -44.30 35.45
CA PRO B 739 -32.95 -44.74 34.55
C PRO B 739 -32.40 -45.48 33.34
N PRO B 740 -32.86 -46.71 33.10
CA PRO B 740 -32.25 -47.52 32.03
C PRO B 740 -32.64 -47.06 30.63
N ASN B 741 -33.69 -46.25 30.49
CA ASN B 741 -34.22 -45.83 29.19
C ASN B 741 -33.54 -44.58 28.64
N LEU B 742 -32.77 -43.86 29.44
CA LEU B 742 -32.12 -42.63 29.00
C LEU B 742 -30.63 -42.87 28.75
N ASP B 743 -30.12 -42.14 27.76
CA ASP B 743 -28.68 -42.15 27.52
C ASP B 743 -27.94 -41.75 28.79
N LYS B 744 -26.94 -42.55 29.16
CA LYS B 744 -26.28 -42.32 30.43
C LYS B 744 -25.50 -41.00 30.44
N SER B 745 -25.09 -40.50 29.26
CA SER B 745 -24.34 -39.26 29.22
C SER B 745 -25.16 -38.08 29.71
N LEU B 746 -26.49 -38.15 29.66
CA LEU B 746 -27.34 -37.11 30.22
C LEU B 746 -27.16 -36.96 31.73
N PHE B 747 -26.52 -37.92 32.39
CA PHE B 747 -26.35 -37.88 33.83
C PHE B 747 -24.91 -37.56 34.24
N PHE B 748 -24.12 -36.93 33.34
CA PHE B 748 -22.71 -36.69 33.65
C PHE B 748 -22.55 -35.81 34.88
N ASP B 749 -23.53 -34.95 35.18
CA ASP B 749 -23.45 -34.05 36.31
C ASP B 749 -24.15 -34.60 37.54
N ASN B 750 -24.53 -35.88 37.54
CA ASN B 750 -25.18 -36.52 38.69
C ASN B 750 -24.15 -37.42 39.35
N LYS B 751 -23.89 -37.19 40.63
CA LYS B 751 -22.90 -37.99 41.36
C LYS B 751 -23.36 -39.44 41.44
N VAL B 752 -22.40 -40.36 41.30
CA VAL B 752 -22.68 -41.79 41.29
C VAL B 752 -21.96 -42.45 42.47
N THR B 753 -22.59 -43.50 43.03
CA THR B 753 -21.99 -44.32 44.08
C THR B 753 -21.05 -45.37 43.49
N PRO B 754 -20.14 -45.92 44.30
CA PRO B 754 -19.30 -47.03 43.81
C PRO B 754 -20.08 -48.16 43.16
N SER B 755 -21.27 -48.50 43.67
CA SER B 755 -22.10 -49.50 43.02
C SER B 755 -22.57 -49.05 41.64
N GLY B 756 -22.54 -47.75 41.35
CA GLY B 756 -23.06 -47.24 40.09
C GLY B 756 -24.43 -46.62 40.14
N ALA B 757 -25.05 -46.51 41.32
CA ALA B 757 -26.34 -45.82 41.42
C ALA B 757 -26.15 -44.31 41.59
N LEU B 758 -27.24 -43.57 41.40
CA LEU B 758 -27.26 -42.12 41.59
C LEU B 758 -27.33 -41.80 43.09
N GLN B 759 -26.29 -41.14 43.58
CA GLN B 759 -26.13 -40.91 45.01
C GLN B 759 -27.07 -39.82 45.52
N ARG B 760 -27.62 -40.05 46.71
CA ARG B 760 -28.42 -39.05 47.40
C ARG B 760 -27.64 -37.75 47.53
N TRP B 761 -28.39 -36.64 47.63
CA TRP B 761 -27.83 -35.28 47.62
C TRP B 761 -27.68 -34.68 49.01
N HIS B 762 -28.80 -34.40 49.66
CA HIS B 762 -28.78 -33.82 51.00
C HIS B 762 -29.95 -34.37 51.80
N SER B 763 -29.81 -34.28 53.13
CA SER B 763 -30.91 -34.55 54.05
C SER B 763 -31.85 -33.34 54.08
N ARG B 764 -33.03 -33.52 54.68
CA ARG B 764 -33.95 -32.39 54.74
C ARG B 764 -33.44 -31.32 55.70
N GLU B 765 -32.67 -31.72 56.70
CA GLU B 765 -32.05 -30.72 57.56
C GLU B 765 -31.04 -29.87 56.80
N GLU B 766 -30.25 -30.50 55.93
CA GLU B 766 -29.27 -29.71 55.16
C GLU B 766 -29.95 -28.75 54.19
N VAL B 767 -31.08 -29.17 53.57
CA VAL B 767 -31.82 -28.25 52.71
C VAL B 767 -32.51 -27.18 53.54
N LEU B 768 -33.27 -27.57 54.56
CA LEU B 768 -34.08 -26.60 55.29
C LEU B 768 -33.21 -25.64 56.10
N LEU B 769 -32.08 -26.10 56.62
CA LEU B 769 -31.19 -25.17 57.31
C LEU B 769 -30.70 -24.09 56.36
N ALA B 770 -30.44 -24.44 55.09
CA ALA B 770 -30.07 -23.43 54.12
C ALA B 770 -31.21 -22.45 53.88
N ALA B 771 -32.45 -22.96 53.82
CA ALA B 771 -33.60 -22.06 53.69
C ALA B 771 -33.67 -21.12 54.87
N GLU B 772 -33.34 -21.62 56.07
CA GLU B 772 -33.43 -20.81 57.28
C GLU B 772 -32.41 -19.70 57.30
N ILE B 773 -31.23 -19.91 56.73
CA ILE B 773 -30.23 -18.85 56.68
C ILE B 773 -30.27 -18.06 55.38
N CYS B 774 -31.20 -18.38 54.47
CA CYS B 774 -31.14 -17.81 53.13
C CYS B 774 -31.26 -16.28 53.13
N GLU B 775 -32.09 -15.73 54.01
CA GLU B 775 -32.24 -14.27 54.04
C GLU B 775 -30.94 -13.59 54.45
N SER B 776 -30.29 -14.10 55.51
CA SER B 776 -29.03 -13.48 55.94
C SER B 776 -27.93 -13.66 54.89
N TYR B 777 -27.92 -14.78 54.18
CA TYR B 777 -26.94 -15.00 53.11
C TYR B 777 -27.15 -13.99 51.98
N ALA B 778 -28.41 -13.83 51.56
CA ALA B 778 -28.74 -12.85 50.52
C ALA B 778 -28.38 -11.43 50.95
N ALA B 779 -28.71 -11.06 52.20
CA ALA B 779 -28.32 -9.76 52.73
C ALA B 779 -26.80 -9.59 52.74
N MET B 780 -26.07 -10.66 53.04
CA MET B 780 -24.62 -10.53 53.01
C MET B 780 -24.13 -10.35 51.58
N MET B 781 -24.60 -11.19 50.65
CA MET B 781 -24.01 -11.20 49.31
C MET B 781 -24.33 -9.95 48.54
N LEU B 782 -25.47 -9.32 48.84
CA LEU B 782 -25.91 -8.15 48.09
C LEU B 782 -25.90 -6.88 48.94
N ASN B 783 -25.13 -6.88 50.03
CA ASN B 783 -24.93 -5.67 50.84
C ASN B 783 -26.28 -5.09 51.28
N ASN B 784 -27.17 -5.96 51.75
CA ASN B 784 -28.51 -5.61 52.21
C ASN B 784 -29.37 -4.95 51.13
N LYS B 785 -28.97 -5.06 49.87
CA LYS B 785 -29.79 -4.58 48.76
C LYS B 785 -30.55 -5.73 48.09
N HIS B 786 -30.81 -6.80 48.84
CA HIS B 786 -31.59 -7.94 48.38
C HIS B 786 -33.07 -7.64 48.50
N SER B 787 -33.90 -8.58 48.05
CA SER B 787 -35.35 -8.50 48.23
C SER B 787 -35.83 -9.53 49.26
N PRO B 788 -36.25 -9.11 50.45
CA PRO B 788 -36.80 -10.08 51.41
C PRO B 788 -38.03 -10.81 50.90
N ASP B 789 -38.86 -10.13 50.09
CA ASP B 789 -40.07 -10.78 49.57
C ASP B 789 -39.72 -11.93 48.63
N ILE B 790 -38.72 -11.74 47.77
CA ILE B 790 -38.29 -12.84 46.92
C ILE B 790 -37.83 -14.02 47.76
N ILE B 791 -37.02 -13.73 48.80
CA ILE B 791 -36.54 -14.80 49.68
C ILE B 791 -37.71 -15.47 50.38
N GLY B 792 -38.64 -14.67 50.90
CA GLY B 792 -39.76 -15.23 51.64
C GLY B 792 -40.69 -16.08 50.79
N THR B 793 -40.95 -15.66 49.55
CA THR B 793 -41.81 -16.48 48.70
C THR B 793 -41.13 -17.80 48.34
N LEU B 794 -39.81 -17.78 48.14
CA LEU B 794 -39.13 -19.05 47.85
C LEU B 794 -39.08 -19.92 49.10
N LYS B 795 -38.78 -19.30 50.24
CA LYS B 795 -38.73 -20.02 51.51
C LYS B 795 -40.06 -20.72 51.81
N SER B 796 -41.18 -20.00 51.63
CA SER B 796 -42.48 -20.61 51.95
C SER B 796 -42.82 -21.75 50.97
N ALA B 797 -42.45 -21.63 49.69
CA ALA B 797 -42.67 -22.74 48.76
C ALA B 797 -41.82 -23.95 49.11
N ILE B 798 -40.54 -23.73 49.47
CA ILE B 798 -39.68 -24.85 49.82
C ILE B 798 -40.20 -25.59 51.03
N ASN B 799 -40.78 -24.84 51.99
CA ASN B 799 -41.36 -25.50 53.17
C ASN B 799 -42.57 -26.34 52.77
N LEU B 800 -43.38 -25.84 51.83
CA LEU B 800 -44.48 -26.65 51.32
C LEU B 800 -43.96 -27.88 50.58
N VAL B 801 -42.86 -27.74 49.84
CA VAL B 801 -42.30 -28.92 49.17
C VAL B 801 -41.91 -29.96 50.21
N PHE B 802 -41.30 -29.54 51.30
CA PHE B 802 -40.93 -30.44 52.39
C PHE B 802 -42.00 -30.54 53.49
N LYS B 803 -43.30 -30.55 53.16
CA LYS B 803 -44.32 -30.61 54.22
C LYS B 803 -44.35 -31.99 54.88
N ILE B 804 -44.98 -32.03 56.06
CA ILE B 804 -45.08 -33.25 56.87
C ILE B 804 -45.73 -34.42 56.11
N MET C 4 9.69 -12.15 -13.79
CA MET C 4 9.88 -13.51 -14.30
C MET C 4 11.32 -13.72 -14.76
N SER C 5 11.56 -14.85 -15.42
CA SER C 5 12.92 -15.32 -15.71
C SER C 5 13.67 -14.49 -16.74
N ASN C 6 13.39 -14.67 -18.04
CA ASN C 6 14.26 -14.04 -19.03
C ASN C 6 13.98 -12.54 -19.13
N PRO C 7 15.02 -11.70 -19.08
CA PRO C 7 14.80 -10.26 -19.27
C PRO C 7 14.23 -9.92 -20.63
N ASP C 8 14.15 -10.89 -21.54
CA ASP C 8 13.70 -10.63 -22.91
C ASP C 8 12.25 -10.14 -22.94
N TYR C 9 11.43 -10.53 -21.96
CA TYR C 9 10.02 -10.16 -21.92
C TYR C 9 9.71 -9.24 -20.74
N CYS C 10 10.71 -8.44 -20.35
CA CYS C 10 10.60 -7.48 -19.28
C CYS C 10 11.16 -6.13 -19.74
N ILE C 11 10.56 -5.06 -19.24
CA ILE C 11 11.17 -3.73 -19.34
C ILE C 11 11.49 -3.23 -17.93
N PRO C 12 12.49 -2.36 -17.77
CA PRO C 12 13.41 -1.91 -18.83
C PRO C 12 14.16 -3.10 -19.40
N ASN C 13 14.58 -2.98 -20.64
CA ASN C 13 15.23 -4.09 -21.32
C ASN C 13 16.55 -3.62 -21.90
N PHE C 14 17.65 -4.14 -21.36
CA PHE C 14 18.96 -3.96 -21.98
C PHE C 14 19.41 -5.18 -22.79
N SER C 15 18.93 -6.37 -22.45
CA SER C 15 19.49 -7.61 -22.99
C SER C 15 19.17 -7.76 -24.46
N GLN C 16 17.99 -7.32 -24.89
CA GLN C 16 17.61 -7.41 -26.29
C GLN C 16 17.90 -6.13 -27.07
N THR C 17 18.02 -4.99 -26.38
CA THR C 17 18.11 -3.70 -27.06
C THR C 17 19.54 -3.25 -27.29
N VAL C 18 20.48 -3.72 -26.48
CA VAL C 18 21.87 -3.27 -26.57
C VAL C 18 22.74 -4.47 -26.93
N ASN C 19 23.13 -4.57 -28.19
CA ASN C 19 24.20 -5.49 -28.60
C ASN C 19 25.31 -4.67 -29.26
N GLU C 20 26.31 -5.38 -29.79
CA GLU C 20 27.44 -4.69 -30.42
C GLU C 20 26.98 -3.73 -31.51
N ARG C 21 25.89 -4.06 -32.22
CA ARG C 21 25.40 -3.17 -33.26
C ARG C 21 24.69 -1.94 -32.70
N THR C 22 24.05 -2.04 -31.53
CA THR C 22 23.58 -0.84 -30.86
C THR C 22 24.73 0.09 -30.53
N ILE C 23 25.85 -0.47 -30.06
CA ILE C 23 27.02 0.34 -29.74
C ILE C 23 27.55 1.06 -30.98
N ILE C 24 27.66 0.33 -32.09
CA ILE C 24 28.00 0.95 -33.37
C ILE C 24 27.06 2.12 -33.65
N ASP C 25 25.76 1.90 -33.45
CA ASP C 25 24.78 2.95 -33.75
C ASP C 25 24.95 4.17 -32.86
N ILE C 26 25.34 3.97 -31.60
CA ILE C 26 25.59 5.11 -30.74
C ILE C 26 26.80 5.89 -31.25
N PHE C 27 27.84 5.18 -31.73
CA PHE C 27 28.99 5.82 -32.36
C PHE C 27 28.57 6.64 -33.56
N THR C 28 27.73 6.05 -34.41
CA THR C 28 27.23 6.71 -35.61
C THR C 28 26.43 7.96 -35.25
N ILE C 29 25.53 7.84 -34.27
CA ILE C 29 24.71 8.98 -33.83
C ILE C 29 25.58 10.13 -33.34
N CYS C 30 26.70 9.82 -32.68
CA CYS C 30 27.60 10.85 -32.19
C CYS C 30 28.14 11.77 -33.29
N ARG C 31 28.11 11.34 -34.55
CA ARG C 31 28.45 12.25 -35.65
C ARG C 31 27.41 13.35 -35.85
N TYR C 32 26.23 13.21 -35.26
CA TYR C 32 25.13 14.16 -35.41
C TYR C 32 24.88 14.93 -34.11
N ARG C 33 25.81 14.91 -33.17
CA ARG C 33 25.54 15.39 -31.82
C ARG C 33 25.59 16.91 -31.71
N SER C 34 25.64 17.64 -32.82
CA SER C 34 25.66 19.10 -32.80
C SER C 34 24.44 19.68 -33.53
N PRO C 35 23.22 19.48 -33.03
CA PRO C 35 22.04 19.92 -33.82
C PRO C 35 21.62 21.37 -33.63
N LEU C 36 22.19 22.11 -32.68
CA LEU C 36 21.60 23.38 -32.22
C LEU C 36 21.91 24.58 -33.12
N VAL C 37 20.91 25.43 -33.33
CA VAL C 37 21.08 26.79 -33.86
C VAL C 37 20.54 27.78 -32.82
N VAL C 38 21.36 28.78 -32.45
CA VAL C 38 20.93 29.90 -31.62
C VAL C 38 20.86 31.15 -32.51
N PHE C 39 19.69 31.78 -32.57
CA PHE C 39 19.40 32.83 -33.55
C PHE C 39 18.79 34.03 -32.81
N CYS C 40 19.52 35.14 -32.73
CA CYS C 40 19.07 36.33 -32.01
C CYS C 40 18.55 37.38 -32.99
N LEU C 41 17.35 37.89 -32.71
CA LEU C 41 16.72 38.91 -33.54
C LEU C 41 15.71 39.67 -32.66
N SER C 42 15.35 40.87 -33.11
CA SER C 42 14.57 41.78 -32.28
C SER C 42 13.09 41.79 -32.61
N HIS C 43 12.59 40.82 -33.37
CA HIS C 43 11.21 40.85 -33.86
C HIS C 43 10.53 39.53 -33.53
N ASN C 44 9.66 39.55 -32.51
N ASN C 44 9.67 39.58 -32.51
CA ASN C 44 9.10 38.30 -32.00
CA ASN C 44 9.04 38.37 -31.97
C ASN C 44 8.07 37.71 -32.96
C ASN C 44 8.12 37.72 -33.00
N GLU C 45 7.31 38.53 -33.69
CA GLU C 45 6.37 37.95 -34.64
C GLU C 45 7.11 37.27 -35.78
N LEU C 46 8.23 37.83 -36.20
CA LEU C 46 9.08 37.18 -37.20
C LEU C 46 9.61 35.84 -36.67
N ALA C 47 10.18 35.85 -35.45
CA ALA C 47 10.64 34.60 -34.83
C ALA C 47 9.54 33.55 -34.86
N LYS C 48 8.33 33.92 -34.45
CA LYS C 48 7.26 32.94 -34.36
C LYS C 48 6.90 32.39 -35.73
N LYS C 49 6.96 33.24 -36.77
CA LYS C 49 6.61 32.76 -38.10
C LYS C 49 7.63 31.73 -38.59
N TYR C 50 8.92 32.01 -38.43
CA TYR C 50 9.90 31.04 -38.89
C TYR C 50 10.01 29.83 -37.97
N ALA C 51 9.75 30.01 -36.67
CA ALA C 51 9.64 28.85 -35.79
C ALA C 51 8.58 27.89 -36.31
N GLN C 52 7.39 28.42 -36.65
CA GLN C 52 6.32 27.57 -37.19
C GLN C 52 6.72 26.95 -38.52
N ASP C 53 7.35 27.72 -39.40
CA ASP C 53 7.69 27.24 -40.73
C ASP C 53 8.69 26.09 -40.64
N VAL C 54 9.74 26.25 -39.83
CA VAL C 54 10.74 25.18 -39.82
C VAL C 54 10.25 23.95 -39.03
N SER C 55 9.45 24.14 -37.98
CA SER C 55 9.04 22.94 -37.25
C SER C 55 7.99 22.17 -38.03
N MET C 56 7.10 22.87 -38.74
CA MET C 56 6.06 22.16 -39.48
C MET C 56 6.62 21.47 -40.71
N SER C 57 7.66 22.03 -41.33
CA SER C 57 8.15 21.47 -42.58
C SER C 57 9.21 20.39 -42.35
N SER C 58 10.04 20.51 -41.31
CA SER C 58 11.10 19.53 -41.09
C SER C 58 11.11 18.89 -39.70
N GLY C 59 10.19 19.24 -38.82
CA GLY C 59 10.21 18.68 -37.48
C GLY C 59 11.29 19.21 -36.56
N THR C 60 11.99 20.27 -36.96
CA THR C 60 12.90 20.99 -36.08
C THR C 60 12.19 21.39 -34.79
N HIS C 61 12.85 21.17 -33.65
CA HIS C 61 12.34 21.59 -32.35
C HIS C 61 12.72 23.06 -32.13
N VAL C 62 11.74 23.90 -31.75
CA VAL C 62 11.96 25.34 -31.70
C VAL C 62 11.63 25.88 -30.32
N HIS C 63 12.44 26.82 -29.85
CA HIS C 63 12.22 27.53 -28.61
C HIS C 63 12.35 29.02 -28.86
N ILE C 64 11.56 29.82 -28.16
CA ILE C 64 11.69 31.27 -28.24
C ILE C 64 11.88 31.78 -26.82
N ILE C 65 13.01 32.45 -26.59
CA ILE C 65 13.27 33.13 -25.33
C ILE C 65 12.90 34.59 -25.59
N ASP C 66 11.69 34.96 -25.20
CA ASP C 66 11.12 36.26 -25.55
C ASP C 66 10.99 37.22 -24.39
N GLY C 67 11.36 36.83 -23.18
CA GLY C 67 11.26 37.74 -22.05
C GLY C 67 9.94 37.73 -21.30
N SER C 68 9.02 36.82 -21.64
CA SER C 68 7.90 36.58 -20.74
C SER C 68 8.34 35.91 -19.45
N VAL C 69 9.52 35.30 -19.44
CA VAL C 69 10.05 34.67 -18.24
C VAL C 69 11.39 35.34 -17.97
N GLU C 70 11.73 35.48 -16.69
CA GLU C 70 13.05 35.98 -16.30
C GLU C 70 14.15 35.20 -17.02
N ILE C 71 15.24 35.90 -17.36
CA ILE C 71 16.18 35.39 -18.38
C ILE C 71 16.93 34.15 -17.88
N THR C 72 17.37 34.14 -16.61
CA THR C 72 18.16 33.01 -16.16
C THR C 72 17.30 31.77 -15.99
N VAL C 73 16.04 31.95 -15.62
CA VAL C 73 15.09 30.84 -15.58
C VAL C 73 14.77 30.35 -16.99
N SER C 74 14.60 31.26 -17.96
CA SER C 74 14.30 30.83 -19.33
C SER C 74 15.49 30.05 -19.94
N LEU C 75 16.70 30.49 -19.67
CA LEU C 75 17.89 29.77 -20.12
C LEU C 75 17.95 28.38 -19.49
N TYR C 76 17.73 28.30 -18.18
CA TYR C 76 17.77 27.03 -17.46
C TYR C 76 16.74 26.06 -18.03
N ARG C 77 15.49 26.52 -18.20
CA ARG C 77 14.44 25.64 -18.73
C ARG C 77 14.75 25.19 -20.14
N THR C 78 15.19 26.13 -20.98
CA THR C 78 15.43 25.84 -22.40
C THR C 78 16.60 24.89 -22.56
N PHE C 79 17.72 25.17 -21.92
CA PHE C 79 18.92 24.40 -22.19
C PHE C 79 19.04 23.13 -21.35
N ARG C 80 18.32 23.03 -20.24
CA ARG C 80 18.20 21.73 -19.58
C ARG C 80 17.45 20.74 -20.47
N THR C 81 16.35 21.20 -21.07
CA THR C 81 15.63 20.38 -22.04
C THR C 81 16.54 19.99 -23.21
N ILE C 82 17.22 20.98 -23.79
CA ILE C 82 18.00 20.71 -24.99
C ILE C 82 19.13 19.73 -24.68
N ALA C 83 19.76 19.88 -23.51
CA ALA C 83 20.85 18.99 -23.13
C ALA C 83 20.43 17.53 -23.23
N THR C 84 19.19 17.20 -22.87
CA THR C 84 18.80 15.79 -22.96
C THR C 84 18.62 15.32 -24.40
N GLN C 85 18.54 16.23 -25.37
CA GLN C 85 18.10 15.90 -26.72
C GLN C 85 19.22 15.89 -27.76
N LEU C 86 20.47 16.09 -27.37
CA LEU C 86 21.49 16.38 -28.36
C LEU C 86 21.85 15.19 -29.22
N LEU C 87 21.41 13.99 -28.85
CA LEU C 87 21.63 12.77 -29.60
C LEU C 87 20.36 12.30 -30.28
N GLY C 88 19.34 13.16 -30.35
CA GLY C 88 18.10 12.78 -31.00
C GLY C 88 18.10 12.83 -32.51
N ARG C 89 19.15 13.39 -33.12
CA ARG C 89 19.29 13.48 -34.58
C ARG C 89 18.23 14.35 -35.21
N MET C 90 17.72 15.33 -34.47
CA MET C 90 16.82 16.32 -35.03
C MET C 90 17.38 17.70 -34.72
N GLN C 91 17.20 18.61 -35.67
CA GLN C 91 17.61 19.98 -35.47
C GLN C 91 16.83 20.64 -34.32
N ILE C 92 17.51 21.56 -33.65
CA ILE C 92 16.96 22.36 -32.55
C ILE C 92 17.31 23.82 -32.80
N VAL C 93 16.34 24.71 -32.67
CA VAL C 93 16.59 26.13 -32.87
C VAL C 93 16.04 26.90 -31.66
N VAL C 94 16.89 27.73 -31.06
CA VAL C 94 16.47 28.66 -30.02
C VAL C 94 16.53 30.06 -30.63
N PHE C 95 15.36 30.67 -30.80
CA PHE C 95 15.28 32.09 -31.12
C PHE C 95 15.37 32.89 -29.82
N VAL C 96 16.23 33.90 -29.79
CA VAL C 96 16.39 34.79 -28.65
C VAL C 96 15.97 36.18 -29.10
N THR C 97 14.89 36.72 -28.54
CA THR C 97 14.36 38.01 -28.96
C THR C 97 14.34 39.05 -27.85
N VAL C 98 14.92 38.75 -26.68
CA VAL C 98 15.12 39.79 -25.68
C VAL C 98 16.29 40.68 -26.08
N ASP C 99 16.34 41.84 -25.46
CA ASP C 99 17.34 42.87 -25.73
C ASP C 99 18.76 42.40 -25.35
N LYS C 100 19.75 43.01 -26.01
CA LYS C 100 21.15 42.77 -25.64
C LYS C 100 21.44 43.12 -24.19
N SER C 101 20.62 43.99 -23.58
CA SER C 101 20.81 44.31 -22.17
C SER C 101 20.21 43.24 -21.27
N VAL C 102 19.33 42.40 -21.80
CA VAL C 102 18.85 41.25 -21.03
C VAL C 102 19.84 40.10 -21.10
N VAL C 103 20.30 39.74 -22.31
CA VAL C 103 21.39 38.77 -22.43
C VAL C 103 22.29 39.21 -23.57
N SER C 104 23.55 39.52 -23.24
CA SER C 104 24.48 40.12 -24.19
C SER C 104 24.87 39.13 -25.29
N THR C 105 25.40 39.70 -26.38
CA THR C 105 25.90 38.91 -27.48
C THR C 105 26.94 37.91 -27.00
N GLN C 106 27.91 38.37 -26.22
CA GLN C 106 28.98 37.47 -25.82
C GLN C 106 28.46 36.35 -24.93
N VAL C 107 27.48 36.63 -24.07
CA VAL C 107 26.96 35.58 -23.20
C VAL C 107 26.16 34.54 -23.99
N MET C 108 25.29 35.01 -24.89
CA MET C 108 24.51 34.09 -25.70
C MET C 108 25.41 33.25 -26.63
N LYS C 109 26.48 33.84 -27.14
CA LYS C 109 27.41 33.09 -27.99
C LYS C 109 28.16 32.03 -27.19
N SER C 110 28.56 32.37 -25.97
CA SER C 110 29.15 31.40 -25.05
C SER C 110 28.22 30.21 -24.83
N ILE C 111 26.96 30.49 -24.54
CA ILE C 111 26.01 29.41 -24.28
C ILE C 111 25.82 28.58 -25.53
N ALA C 112 25.64 29.25 -26.69
CA ALA C 112 25.44 28.54 -27.94
C ALA C 112 26.59 27.58 -28.22
N TRP C 113 27.82 28.06 -28.06
CA TRP C 113 28.98 27.22 -28.37
C TRP C 113 29.18 26.12 -27.32
N ALA C 114 28.87 26.40 -26.06
CA ALA C 114 28.89 25.34 -25.06
C ALA C 114 27.95 24.20 -25.44
N PHE C 115 26.88 24.49 -26.20
CA PHE C 115 26.00 23.41 -26.65
C PHE C 115 26.27 23.04 -28.12
N ARG C 116 27.48 23.30 -28.60
CA ARG C 116 27.92 22.87 -29.94
C ARG C 116 27.05 23.47 -31.05
N GLY C 117 26.51 24.66 -30.85
CA GLY C 117 25.53 25.21 -31.76
C GLY C 117 26.13 26.23 -32.70
N SER C 118 25.40 26.51 -33.77
CA SER C 118 25.76 27.70 -34.50
C SER C 118 25.11 28.91 -33.84
N PHE C 119 25.69 30.08 -34.09
CA PHE C 119 25.28 31.30 -33.43
C PHE C 119 25.07 32.38 -34.48
N VAL C 120 23.90 33.04 -34.44
CA VAL C 120 23.54 34.15 -35.31
C VAL C 120 23.09 35.30 -34.42
N GLU C 121 23.76 36.45 -34.52
CA GLU C 121 23.38 37.66 -33.81
C GLU C 121 22.90 38.69 -34.83
N LEU C 122 21.59 38.97 -34.83
CA LEU C 122 21.02 39.97 -35.71
C LEU C 122 20.04 40.89 -34.99
N ARG C 123 20.14 41.00 -33.66
CA ARG C 123 19.19 41.86 -32.95
C ARG C 123 19.29 43.33 -33.38
N ASN C 124 20.39 43.77 -33.96
CA ASN C 124 20.43 45.15 -34.43
C ASN C 124 19.43 45.44 -35.57
N GLN C 125 19.01 44.40 -36.31
CA GLN C 125 18.45 44.57 -37.64
C GLN C 125 16.97 44.93 -37.62
N SER C 126 16.57 45.78 -38.55
CA SER C 126 15.17 46.11 -38.74
C SER C 126 14.39 44.91 -39.26
N VAL C 127 13.06 45.00 -39.14
CA VAL C 127 12.19 43.87 -39.43
C VAL C 127 12.23 43.46 -40.89
N ASP C 128 12.58 44.38 -41.79
CA ASP C 128 12.63 44.08 -43.22
C ASP C 128 14.05 43.93 -43.73
N SER C 129 15.03 43.85 -42.83
CA SER C 129 16.44 43.75 -43.24
C SER C 129 16.61 42.56 -44.16
N SER C 130 17.20 42.80 -45.33
CA SER C 130 17.34 41.71 -46.29
C SER C 130 18.23 40.61 -45.73
N THR C 131 19.24 40.95 -44.93
CA THR C 131 20.11 39.90 -44.39
C THR C 131 19.37 39.05 -43.35
N LEU C 132 18.57 39.69 -42.49
CA LEU C 132 17.80 38.96 -41.48
C LEU C 132 16.81 37.99 -42.12
N VAL C 133 16.04 38.46 -43.12
CA VAL C 133 15.09 37.60 -43.79
C VAL C 133 15.82 36.48 -44.51
N SER C 134 16.97 36.78 -45.12
CA SER C 134 17.74 35.76 -45.83
C SER C 134 18.18 34.64 -44.88
N LYS C 135 18.71 35.03 -43.72
CA LYS C 135 19.17 34.03 -42.78
C LYS C 135 18.01 33.28 -42.16
N LEU C 136 16.85 33.93 -41.98
CA LEU C 136 15.67 33.21 -41.50
C LEU C 136 15.16 32.21 -42.53
N GLU C 137 15.05 32.63 -43.80
CA GLU C 137 14.58 31.70 -44.83
C GLU C 137 15.54 30.54 -45.01
N ASN C 138 16.83 30.78 -44.77
CA ASN C 138 17.84 29.72 -44.83
C ASN C 138 17.56 28.60 -43.83
N LEU C 139 16.97 28.95 -42.67
CA LEU C 139 16.62 27.91 -41.70
C LEU C 139 15.69 26.89 -42.31
N VAL C 140 14.68 27.37 -43.05
CA VAL C 140 13.69 26.47 -43.62
C VAL C 140 14.23 25.74 -44.84
N SER C 141 14.99 26.45 -45.69
CA SER C 141 15.57 25.81 -46.87
C SER C 141 16.51 24.66 -46.50
N PHE C 142 17.35 24.87 -45.49
CA PHE C 142 18.42 23.89 -45.27
C PHE C 142 18.09 22.84 -44.22
N ALA C 143 17.06 23.05 -43.38
CA ALA C 143 16.77 22.13 -42.28
C ALA C 143 16.63 20.69 -42.79
N PRO C 144 17.20 19.69 -42.08
CA PRO C 144 17.73 19.85 -40.71
C PRO C 144 19.16 20.39 -40.61
N LEU C 145 19.80 20.72 -41.74
CA LEU C 145 21.13 21.31 -41.72
C LEU C 145 21.01 22.84 -41.65
N TYR C 146 22.14 23.52 -41.44
CA TYR C 146 22.16 24.98 -41.52
C TYR C 146 23.51 25.46 -42.04
N ASN C 147 23.52 26.59 -42.74
CA ASN C 147 24.73 27.05 -43.43
C ASN C 147 25.57 28.01 -42.59
N VAL C 148 25.23 28.23 -41.33
CA VAL C 148 26.09 28.93 -40.38
C VAL C 148 26.89 27.88 -39.63
N PRO C 149 28.21 27.99 -39.56
CA PRO C 149 29.01 26.97 -38.87
C PRO C 149 28.72 26.92 -37.38
N LYS C 150 28.93 25.74 -36.81
CA LYS C 150 28.83 25.57 -35.37
C LYS C 150 30.14 25.94 -34.72
N CYS C 151 30.05 26.66 -33.59
CA CYS C 151 31.23 26.99 -32.75
C CYS C 151 32.25 27.84 -33.50
N GLY C 152 31.79 28.75 -34.35
CA GLY C 152 32.70 29.63 -35.03
C GLY C 152 31.99 30.40 -36.10
N PRO C 153 32.39 31.66 -36.31
CA PRO C 153 31.70 32.50 -37.29
C PRO C 153 32.03 32.17 -38.74
N ASP C 154 33.17 31.54 -39.02
CA ASP C 154 33.67 31.42 -40.38
C ASP C 154 33.96 29.97 -40.72
N TYR C 155 34.05 29.71 -42.02
CA TYR C 155 34.35 28.38 -42.56
C TYR C 155 34.91 28.55 -43.97
N TYR C 156 35.97 27.81 -44.28
CA TYR C 156 36.63 27.95 -45.57
C TYR C 156 36.94 26.59 -46.21
N GLY C 157 36.25 25.53 -45.78
CA GLY C 157 36.47 24.22 -46.33
C GLY C 157 35.71 24.00 -47.62
N PRO C 158 35.65 22.74 -48.07
CA PRO C 158 35.03 22.45 -49.38
C PRO C 158 33.49 22.54 -49.39
N THR C 159 32.82 22.39 -48.25
CA THR C 159 31.36 22.43 -48.24
C THR C 159 30.82 23.79 -48.68
N VAL C 160 29.88 23.78 -49.62
CA VAL C 160 29.28 25.00 -50.14
C VAL C 160 27.78 24.79 -50.14
N TYR C 161 27.08 25.33 -49.13
CA TYR C 161 25.66 25.04 -48.96
C TYR C 161 24.82 25.44 -50.18
N SER C 162 25.17 26.52 -50.86
CA SER C 162 24.39 26.90 -52.03
C SER C 162 24.37 25.80 -53.11
N GLU C 163 25.37 24.90 -53.13
CA GLU C 163 25.38 23.82 -54.12
C GLU C 163 24.28 22.78 -53.85
N LEU C 164 23.86 22.66 -52.59
CA LEU C 164 22.74 21.78 -52.25
C LEU C 164 21.45 22.21 -52.92
N LEU C 165 21.35 23.46 -53.39
CA LEU C 165 20.14 23.98 -54.02
C LEU C 165 20.24 24.12 -55.54
N SER C 166 21.33 23.70 -56.16
CA SER C 166 21.53 23.89 -57.59
C SER C 166 21.34 22.57 -58.33
N LEU C 167 20.49 22.60 -59.36
CA LEU C 167 20.37 21.47 -60.27
C LEU C 167 21.64 21.24 -61.06
N ALA C 168 22.45 22.30 -61.27
CA ALA C 168 23.71 22.15 -62.00
C ALA C 168 24.68 21.24 -61.28
N THR C 169 24.58 21.12 -59.96
CA THR C 169 25.46 20.26 -59.19
C THR C 169 24.81 18.94 -58.80
N ASN C 170 23.62 18.68 -59.33
CA ASN C 170 22.77 17.60 -58.84
C ASN C 170 22.49 17.77 -57.35
N ALA C 171 22.45 19.03 -56.93
CA ALA C 171 22.00 19.39 -55.58
C ALA C 171 22.80 18.64 -54.53
N ARG C 172 24.12 18.62 -54.72
CA ARG C 172 25.06 17.95 -53.83
C ARG C 172 26.25 18.86 -53.58
N THR C 173 26.91 18.67 -52.44
CA THR C 173 28.15 19.40 -52.16
C THR C 173 29.11 18.47 -51.43
N HIS C 174 30.37 18.89 -51.36
CA HIS C 174 31.37 18.09 -50.67
C HIS C 174 31.19 18.15 -49.16
N TRP C 175 31.70 17.11 -48.48
CA TRP C 175 31.54 16.88 -47.04
C TRP C 175 32.75 16.06 -46.56
N TYR C 176 33.76 16.77 -46.05
CA TYR C 176 34.99 16.16 -45.56
C TYR C 176 35.05 16.41 -44.06
N ALA C 177 34.34 15.58 -43.31
CA ALA C 177 34.13 15.82 -41.89
C ALA C 177 35.46 15.83 -41.13
N THR C 178 36.32 14.85 -41.39
CA THR C 178 37.53 14.73 -40.58
C THR C 178 38.46 15.91 -40.82
N ILE C 179 38.71 16.22 -42.10
CA ILE C 179 39.56 17.33 -42.46
C ILE C 179 39.03 18.64 -41.89
N ASP C 180 37.73 18.91 -42.07
CA ASP C 180 37.15 20.13 -41.52
C ASP C 180 37.24 20.16 -40.00
N TYR C 181 37.00 19.02 -39.34
CA TYR C 181 37.05 19.04 -37.89
C TYR C 181 38.49 19.20 -37.39
N SER C 182 39.46 18.64 -38.10
CA SER C 182 40.85 18.85 -37.72
C SER C 182 41.22 20.32 -37.82
N MET C 183 40.73 21.00 -38.87
CA MET C 183 41.01 22.42 -39.01
C MET C 183 40.34 23.22 -37.89
N PHE C 184 39.06 22.90 -37.62
CA PHE C 184 38.37 23.47 -36.45
C PHE C 184 39.19 23.29 -35.19
N THR C 185 39.73 22.08 -34.98
CA THR C 185 40.52 21.83 -33.78
C THR C 185 41.77 22.71 -33.71
N ARG C 186 42.54 22.81 -34.81
CA ARG C 186 43.70 23.73 -34.81
C ARG C 186 43.28 25.14 -34.42
N SER C 187 42.17 25.59 -34.97
CA SER C 187 41.62 26.90 -34.68
C SER C 187 41.32 27.05 -33.20
N VAL C 188 40.65 26.05 -32.60
CA VAL C 188 40.23 26.16 -31.21
C VAL C 188 41.43 26.18 -30.27
N LEU C 189 42.41 25.32 -30.54
CA LEU C 189 43.61 25.33 -29.71
C LEU C 189 44.30 26.70 -29.75
N THR C 190 44.40 27.31 -30.93
CA THR C 190 44.93 28.67 -31.03
C THR C 190 44.08 29.63 -30.21
N GLY C 191 42.77 29.54 -30.37
CA GLY C 191 41.88 30.41 -29.61
C GLY C 191 42.04 30.23 -28.12
N PHE C 192 42.26 29.00 -27.67
CA PHE C 192 42.44 28.76 -26.24
C PHE C 192 43.70 29.45 -25.72
N VAL C 193 44.80 29.35 -26.48
CA VAL C 193 46.03 30.03 -26.09
C VAL C 193 45.83 31.53 -26.07
N ALA C 194 45.15 32.06 -27.08
CA ALA C 194 44.74 33.47 -27.06
C ALA C 194 43.96 33.82 -25.79
N LYS C 195 43.03 32.96 -25.37
CA LYS C 195 42.29 33.26 -24.15
C LYS C 195 43.22 33.24 -22.92
N TYR C 196 44.15 32.29 -22.90
CA TYR C 196 45.08 32.16 -21.78
C TYR C 196 45.97 33.41 -21.67
N PHE C 197 46.50 33.88 -22.79
CA PHE C 197 47.26 35.13 -22.79
C PHE C 197 46.42 36.26 -22.22
N ASN C 198 45.17 36.38 -22.65
CA ASN C 198 44.31 37.45 -22.16
C ASN C 198 44.05 37.31 -20.66
N GLU C 199 43.79 36.09 -20.21
CA GLU C 199 43.48 35.89 -18.80
C GLU C 199 44.69 36.13 -17.91
N GLU C 200 45.88 35.77 -18.39
CA GLU C 200 47.11 35.92 -17.62
C GLU C 200 47.75 37.28 -17.83
N ALA C 201 47.08 38.16 -18.56
CA ALA C 201 47.55 39.52 -18.85
C ALA C 201 49.00 39.50 -19.34
N VAL C 202 49.28 38.64 -20.29
CA VAL C 202 50.61 38.59 -20.90
C VAL C 202 50.80 39.84 -21.76
N PRO C 203 51.96 40.50 -21.70
CA PRO C 203 52.19 41.65 -22.58
C PRO C 203 52.10 41.24 -24.05
N ILE C 204 51.49 42.11 -24.86
CA ILE C 204 51.12 41.72 -26.22
C ILE C 204 52.33 41.24 -27.02
N ASP C 205 53.50 41.87 -26.80
CA ASP C 205 54.67 41.44 -27.58
C ASP C 205 55.23 40.10 -27.13
N LYS C 206 54.74 39.52 -26.03
CA LYS C 206 55.16 38.18 -25.61
C LYS C 206 54.12 37.12 -25.97
N ARG C 207 53.11 37.47 -26.75
CA ARG C 207 52.05 36.53 -27.12
C ARG C 207 52.53 35.73 -28.32
N ILE C 208 53.40 34.77 -28.02
CA ILE C 208 54.03 33.89 -28.98
C ILE C 208 53.74 32.47 -28.54
N VAL C 209 53.38 31.62 -29.47
CA VAL C 209 53.13 30.21 -29.13
C VAL C 209 54.06 29.36 -29.97
N SER C 210 54.64 28.35 -29.33
CA SER C 210 55.47 27.39 -30.04
C SER C 210 54.60 26.22 -30.47
N ILE C 211 54.60 25.96 -31.77
CA ILE C 211 53.92 24.81 -32.37
C ILE C 211 54.98 23.72 -32.52
N VAL C 212 54.78 22.58 -31.85
CA VAL C 212 55.72 21.48 -31.99
C VAL C 212 55.40 20.75 -33.29
N GLY C 213 56.30 20.88 -34.27
CA GLY C 213 56.09 20.28 -35.57
C GLY C 213 55.47 21.23 -36.57
N TYR C 214 55.99 21.23 -37.81
CA TYR C 214 55.50 22.16 -38.81
C TYR C 214 54.04 21.84 -39.16
N ASN C 215 53.18 22.85 -39.04
CA ASN C 215 51.74 22.70 -39.20
C ASN C 215 51.25 23.98 -39.83
N PRO C 216 51.12 24.01 -41.16
CA PRO C 216 50.96 25.29 -41.89
C PRO C 216 49.77 26.12 -41.43
N PRO C 217 48.59 25.53 -41.16
CA PRO C 217 47.42 26.38 -40.87
C PRO C 217 47.61 27.32 -39.67
N TYR C 218 48.55 27.03 -38.76
CA TYR C 218 48.67 27.82 -37.53
C TYR C 218 49.14 29.24 -37.80
N VAL C 219 49.86 29.51 -38.89
CA VAL C 219 50.22 30.90 -39.17
C VAL C 219 48.95 31.73 -39.29
N TRP C 220 48.01 31.28 -40.10
CA TRP C 220 46.74 31.98 -40.27
C TRP C 220 45.96 32.03 -38.95
N THR C 221 45.81 30.88 -38.26
CA THR C 221 44.98 30.87 -37.05
C THR C 221 45.56 31.78 -35.97
N CYS C 222 46.89 31.83 -35.87
CA CYS C 222 47.51 32.68 -34.85
C CYS C 222 47.26 34.16 -35.14
N LEU C 223 47.46 34.58 -36.39
CA LEU C 223 47.25 35.98 -36.73
C LEU C 223 45.77 36.35 -36.67
N ARG C 224 44.87 35.43 -37.03
CA ARG C 224 43.45 35.66 -36.74
C ARG C 224 43.20 35.95 -35.27
N HIS C 225 44.09 35.52 -34.38
CA HIS C 225 43.92 35.71 -32.95
C HIS C 225 44.93 36.69 -32.35
N GLY C 226 45.66 37.42 -33.19
CA GLY C 226 46.60 38.40 -32.67
C GLY C 226 47.72 37.84 -31.83
N ILE C 227 48.22 36.65 -32.18
CA ILE C 227 49.38 36.08 -31.50
C ILE C 227 50.32 35.56 -32.57
N ARG C 228 51.58 35.38 -32.18
CA ARG C 228 52.53 35.08 -33.26
C ARG C 228 53.03 33.65 -33.13
N PRO C 229 53.15 32.94 -34.23
CA PRO C 229 53.59 31.54 -34.13
C PRO C 229 55.08 31.40 -34.36
N THR C 230 55.68 30.35 -33.78
CA THR C 230 57.02 29.90 -34.15
C THR C 230 57.02 28.37 -34.09
N TYR C 231 57.55 27.72 -35.11
CA TYR C 231 57.58 26.27 -35.12
C TYR C 231 58.87 25.76 -34.51
N ILE C 232 58.80 24.56 -33.95
CA ILE C 232 59.96 23.85 -33.42
C ILE C 232 60.09 22.56 -34.22
N GLU C 233 61.21 22.40 -34.91
CA GLU C 233 61.52 21.20 -35.67
C GLU C 233 62.79 20.59 -35.12
N LYS C 234 62.84 19.25 -35.05
CA LYS C 234 64.04 18.61 -34.52
C LYS C 234 65.20 18.67 -35.52
N SER C 235 64.92 18.77 -36.82
CA SER C 235 65.96 18.81 -37.82
C SER C 235 65.56 19.76 -38.94
N LEU C 236 66.56 20.23 -39.69
CA LEU C 236 66.34 21.17 -40.78
C LEU C 236 66.50 20.47 -42.14
N PRO C 237 65.41 20.10 -42.82
CA PRO C 237 65.53 19.62 -44.20
C PRO C 237 66.21 20.67 -45.07
N ASN C 238 67.11 20.21 -45.94
CA ASN C 238 68.02 21.10 -46.66
C ASN C 238 67.30 21.83 -47.79
N PRO C 239 67.11 23.15 -47.65
CA PRO C 239 66.43 23.90 -48.73
C PRO C 239 67.13 23.80 -50.07
N GLY C 240 68.45 23.65 -50.09
CA GLY C 240 69.15 23.38 -51.34
C GLY C 240 69.25 24.58 -52.26
N GLY C 241 69.46 25.77 -51.71
CA GLY C 241 69.65 26.96 -52.51
C GLY C 241 70.87 27.74 -52.04
N LYS C 242 71.07 28.89 -52.66
CA LYS C 242 72.20 29.75 -52.34
C LYS C 242 71.77 30.79 -51.31
N GLY C 243 72.76 31.44 -50.71
CA GLY C 243 72.54 32.32 -49.60
C GLY C 243 72.86 31.58 -48.32
N PRO C 244 73.10 32.32 -47.24
CA PRO C 244 73.46 31.68 -45.96
C PRO C 244 72.50 30.59 -45.53
N PHE C 245 71.22 30.66 -45.90
CA PHE C 245 70.20 29.75 -45.41
C PHE C 245 69.60 28.87 -46.50
N GLY C 246 70.02 29.02 -47.75
CA GLY C 246 69.50 28.21 -48.83
C GLY C 246 68.12 28.59 -49.32
N LEU C 247 67.70 29.83 -49.09
CA LEU C 247 66.34 30.28 -49.44
C LEU C 247 66.31 31.17 -50.69
N ILE C 248 67.47 31.54 -51.24
CA ILE C 248 67.51 32.10 -52.59
C ILE C 248 67.35 30.90 -53.54
N LEU C 249 66.14 30.70 -54.02
CA LEU C 249 65.86 29.61 -54.95
C LEU C 249 66.12 28.27 -54.28
N PRO C 250 65.35 27.82 -53.30
CA PRO C 250 65.53 26.45 -52.82
C PRO C 250 65.06 25.44 -53.87
N VAL C 251 65.44 24.16 -53.71
CA VAL C 251 65.03 23.14 -54.70
C VAL C 251 63.53 22.86 -54.59
N ILE C 252 62.94 22.30 -55.67
CA ILE C 252 61.47 22.16 -55.87
C ILE C 252 61.19 20.94 -56.71
N TYR C 263 44.81 19.26 -45.38
CA TYR C 263 43.93 20.34 -44.97
C TYR C 263 43.41 21.18 -46.16
N VAL C 264 42.24 21.80 -46.00
CA VAL C 264 41.59 22.60 -47.03
C VAL C 264 41.35 24.01 -46.49
N MET C 265 41.62 25.02 -47.32
CA MET C 265 41.49 26.42 -46.87
C MET C 265 41.28 27.29 -48.12
N HIS C 266 40.01 27.56 -48.44
CA HIS C 266 39.63 28.33 -49.63
C HIS C 266 39.36 29.79 -49.30
N ASN C 267 40.28 30.44 -48.58
CA ASN C 267 40.08 31.83 -48.21
C ASN C 267 40.02 32.71 -49.47
N PRO C 268 39.20 33.75 -49.45
CA PRO C 268 38.93 34.49 -50.70
C PRO C 268 40.17 35.13 -51.31
N GLN C 269 40.96 35.85 -50.53
CA GLN C 269 42.22 36.36 -51.03
C GLN C 269 43.34 35.70 -50.22
N ILE C 270 43.36 34.37 -50.29
CA ILE C 270 44.41 33.58 -49.67
C ILE C 270 45.79 33.97 -50.19
N LYS C 271 45.85 34.55 -51.39
CA LYS C 271 47.11 35.03 -51.95
C LYS C 271 47.75 36.07 -51.04
N LEU C 272 47.00 37.12 -50.72
CA LEU C 272 47.55 38.20 -49.90
C LEU C 272 47.64 37.78 -48.43
N LEU C 273 46.78 36.85 -48.00
CA LEU C 273 46.84 36.34 -46.63
C LEU C 273 48.13 35.60 -46.37
N CYS C 274 48.59 34.81 -47.35
CA CYS C 274 49.78 33.99 -47.19
C CYS C 274 50.99 34.82 -46.80
N LEU C 275 51.30 35.85 -47.59
CA LEU C 275 52.44 36.69 -47.27
C LEU C 275 52.21 37.49 -46.00
N ASP C 276 51.03 38.10 -45.88
CA ASP C 276 50.85 39.11 -44.84
C ASP C 276 50.81 38.49 -43.46
N THR C 277 50.16 37.32 -43.31
CA THR C 277 50.17 36.71 -41.98
C THR C 277 51.58 36.26 -41.58
N PHE C 278 52.37 35.82 -42.55
CA PHE C 278 53.76 35.49 -42.22
C PHE C 278 54.53 36.75 -41.84
N MET C 279 54.39 37.82 -42.61
CA MET C 279 55.18 39.01 -42.33
C MET C 279 54.76 39.66 -41.01
N LEU C 280 53.48 39.60 -40.67
CA LEU C 280 53.00 40.08 -39.38
C LEU C 280 53.54 39.24 -38.22
N SER C 281 54.07 38.05 -38.50
CA SER C 281 54.73 37.26 -37.47
C SER C 281 56.05 37.88 -37.06
N THR C 282 56.78 38.44 -38.04
CA THR C 282 58.18 38.86 -37.80
C THR C 282 58.28 40.07 -36.89
N SER C 283 57.23 40.89 -36.77
CA SER C 283 57.37 42.13 -36.03
C SER C 283 56.01 42.74 -35.73
N MET C 284 55.91 43.41 -34.59
CA MET C 284 54.70 44.17 -34.25
C MET C 284 54.60 45.50 -34.99
N ASN C 285 55.70 45.97 -35.58
CA ASN C 285 55.72 47.22 -36.31
C ASN C 285 55.86 46.92 -37.79
N ILE C 286 54.96 47.45 -38.62
CA ILE C 286 54.93 47.11 -40.03
C ILE C 286 54.85 48.38 -40.87
N LEU C 287 55.75 48.47 -41.86
CA LEU C 287 55.65 49.50 -42.90
C LEU C 287 55.04 48.82 -44.13
N TYR C 288 53.90 49.34 -44.58
CA TYR C 288 53.15 48.71 -45.67
C TYR C 288 52.99 49.73 -46.80
N ILE C 289 53.65 49.46 -47.93
CA ILE C 289 53.66 50.37 -49.07
C ILE C 289 52.84 49.76 -50.19
N GLY C 290 51.92 50.54 -50.75
CA GLY C 290 50.94 49.97 -51.65
C GLY C 290 49.91 49.17 -50.88
N ALA C 291 49.46 49.70 -49.73
CA ALA C 291 48.58 48.94 -48.84
C ALA C 291 47.16 48.85 -49.39
N TYR C 292 46.64 49.95 -49.94
CA TYR C 292 45.26 49.97 -50.42
C TYR C 292 45.02 48.84 -51.41
N PRO C 293 43.92 48.07 -51.26
CA PRO C 293 42.92 48.26 -50.21
C PRO C 293 43.22 47.49 -48.92
N ALA C 294 43.88 46.32 -49.01
CA ALA C 294 44.23 45.50 -47.85
C ALA C 294 42.97 45.03 -47.11
N THR C 295 42.00 44.52 -47.87
CA THR C 295 40.74 44.09 -47.28
C THR C 295 40.90 42.78 -46.50
N HIS C 296 41.81 41.91 -46.94
CA HIS C 296 42.12 40.68 -46.22
C HIS C 296 42.62 40.92 -44.79
N LEU C 297 43.20 42.10 -44.52
CA LEU C 297 43.65 42.38 -43.16
C LEU C 297 42.48 42.61 -42.21
N LEU C 298 41.31 42.96 -42.74
CA LEU C 298 40.17 43.25 -41.88
C LEU C 298 39.75 42.04 -41.07
N SER C 299 40.08 40.83 -41.52
CA SER C 299 39.73 39.61 -40.81
C SER C 299 40.65 39.32 -39.64
N LEU C 300 41.79 39.99 -39.51
CA LEU C 300 42.75 39.62 -38.48
C LEU C 300 42.53 40.44 -37.20
N GLN C 301 43.04 39.91 -36.10
CA GLN C 301 43.12 40.65 -34.85
C GLN C 301 44.55 41.13 -34.71
N LEU C 302 44.75 42.44 -34.61
CA LEU C 302 46.11 43.00 -34.64
C LEU C 302 46.33 44.00 -33.52
N ASN C 303 45.76 43.75 -32.34
CA ASN C 303 46.09 44.62 -31.22
C ASN C 303 47.57 44.47 -30.89
N GLY C 304 48.22 45.61 -30.63
CA GLY C 304 49.65 45.63 -30.38
C GLY C 304 50.51 45.80 -31.62
N TRP C 305 49.92 45.69 -32.81
CA TRP C 305 50.65 45.98 -34.03
C TRP C 305 50.54 47.47 -34.36
N THR C 306 51.56 47.99 -35.03
CA THR C 306 51.55 49.34 -35.58
C THR C 306 51.76 49.23 -37.08
N ILE C 307 50.82 49.76 -37.86
CA ILE C 307 50.88 49.67 -39.31
C ILE C 307 51.01 51.08 -39.87
N LEU C 308 52.14 51.36 -40.53
CA LEU C 308 52.36 52.60 -41.26
C LEU C 308 52.11 52.31 -42.74
N ALA C 309 51.02 52.86 -43.28
CA ALA C 309 50.53 52.49 -44.60
C ALA C 309 50.67 53.67 -45.55
N PHE C 310 51.35 53.43 -46.67
CA PHE C 310 51.65 54.44 -47.69
C PHE C 310 50.92 54.05 -48.98
N ASP C 311 50.08 54.95 -49.48
CA ASP C 311 49.34 54.73 -50.72
C ASP C 311 48.56 56.00 -51.09
N PRO C 312 48.61 56.42 -52.36
CA PRO C 312 47.79 57.57 -52.78
C PRO C 312 46.29 57.33 -52.65
N LYS C 313 45.82 56.09 -52.74
CA LYS C 313 44.39 55.80 -52.61
C LYS C 313 43.90 55.86 -51.17
N ILE C 314 44.81 55.90 -50.20
CA ILE C 314 44.42 55.91 -48.79
C ILE C 314 43.60 57.15 -48.47
N THR C 315 42.52 56.97 -47.74
CA THR C 315 41.73 58.08 -47.22
C THR C 315 41.73 58.04 -45.68
N SER C 316 41.16 59.10 -45.11
CA SER C 316 40.87 59.09 -43.68
C SER C 316 39.86 58.02 -43.34
N ASP C 317 38.90 57.78 -44.24
CA ASP C 317 37.88 56.74 -44.01
C ASP C 317 38.51 55.36 -43.97
N TRP C 318 39.47 55.09 -44.85
CA TRP C 318 40.12 53.78 -44.91
C TRP C 318 40.87 53.47 -43.62
N THR C 319 41.76 54.39 -43.22
CA THR C 319 42.53 54.22 -41.99
C THR C 319 41.64 53.92 -40.80
N ASP C 320 40.59 54.74 -40.62
CA ASP C 320 39.71 54.57 -39.47
C ASP C 320 39.03 53.20 -39.49
N ALA C 321 38.62 52.74 -40.67
CA ALA C 321 38.03 51.41 -40.78
C ALA C 321 39.04 50.32 -40.43
N MET C 322 40.28 50.47 -40.90
CA MET C 322 41.29 49.44 -40.64
C MET C 322 41.62 49.32 -39.16
N ALA C 323 41.75 50.46 -38.46
CA ALA C 323 42.03 50.40 -37.03
C ALA C 323 40.83 49.86 -36.26
N LYS C 324 39.62 50.16 -36.72
CA LYS C 324 38.42 49.66 -36.07
C LYS C 324 38.32 48.14 -36.20
N ALA C 325 38.71 47.60 -37.36
CA ALA C 325 38.49 46.18 -37.64
C ALA C 325 39.60 45.30 -37.08
N THR C 326 40.85 45.79 -37.07
CA THR C 326 41.97 44.99 -36.61
C THR C 326 42.45 45.34 -35.20
N GLY C 327 42.20 46.56 -34.73
CA GLY C 327 42.75 46.99 -33.47
C GLY C 327 44.19 47.45 -33.52
N ALA C 328 44.84 47.37 -34.69
CA ALA C 328 46.21 47.87 -34.78
C ALA C 328 46.24 49.39 -34.76
N LYS C 329 47.39 49.92 -34.37
CA LYS C 329 47.68 51.33 -34.59
C LYS C 329 47.97 51.54 -36.08
N VAL C 330 47.14 52.36 -36.72
CA VAL C 330 47.19 52.52 -38.17
C VAL C 330 47.40 53.99 -38.48
N ILE C 331 48.59 54.35 -38.95
CA ILE C 331 48.88 55.67 -39.48
C ILE C 331 48.84 55.57 -41.00
N GLY C 332 47.79 56.13 -41.59
CA GLY C 332 47.61 56.05 -43.03
C GLY C 332 47.94 57.35 -43.72
N VAL C 333 48.94 57.33 -44.59
CA VAL C 333 49.43 58.53 -45.25
C VAL C 333 49.17 58.40 -46.75
N SER C 334 48.50 59.41 -47.32
CA SER C 334 48.02 59.34 -48.70
C SER C 334 49.08 59.98 -49.60
N LYS C 335 50.16 59.23 -49.82
CA LYS C 335 51.27 59.69 -50.64
C LYS C 335 51.89 58.48 -51.32
N GLU C 336 52.71 58.75 -52.32
CA GLU C 336 53.68 57.76 -52.78
C GLU C 336 54.84 57.71 -51.81
N PHE C 337 55.45 56.54 -51.69
CA PHE C 337 56.63 56.42 -50.85
C PHE C 337 57.81 57.08 -51.54
N ASP C 338 58.67 57.70 -50.75
CA ASP C 338 59.88 58.36 -51.27
C ASP C 338 61.03 57.37 -51.17
N PHE C 339 61.24 56.59 -52.23
CA PHE C 339 62.35 55.65 -52.27
C PHE C 339 63.67 56.30 -52.66
N LYS C 340 63.70 57.62 -52.84
CA LYS C 340 64.92 58.32 -53.20
C LYS C 340 65.64 58.92 -52.00
N SER C 341 65.00 58.96 -50.83
CA SER C 341 65.54 59.66 -49.66
C SER C 341 66.01 58.61 -48.65
N PHE C 342 67.33 58.35 -48.64
CA PHE C 342 67.93 57.38 -47.72
C PHE C 342 68.13 57.99 -46.33
N SER C 343 67.04 58.45 -45.73
CA SER C 343 67.07 59.02 -44.39
C SER C 343 66.05 58.33 -43.50
N VAL C 344 66.44 58.08 -42.25
CA VAL C 344 65.51 57.57 -41.24
C VAL C 344 64.48 58.63 -40.86
N GLN C 345 64.79 59.91 -41.06
CA GLN C 345 63.85 60.97 -40.77
C GLN C 345 62.81 61.17 -41.88
N ALA C 346 62.99 60.52 -43.02
CA ALA C 346 62.02 60.58 -44.12
C ALA C 346 60.99 59.48 -43.98
N ASN C 347 59.89 59.63 -44.71
CA ASN C 347 58.81 58.64 -44.82
C ASN C 347 58.12 58.37 -43.49
N GLN C 348 58.36 59.22 -42.47
CA GLN C 348 57.81 59.10 -41.13
C GLN C 348 58.37 57.92 -40.35
N LEU C 349 59.50 57.35 -40.79
CA LEU C 349 60.13 56.26 -40.04
C LEU C 349 60.67 56.71 -38.68
N ASN C 350 60.41 57.97 -38.31
CA ASN C 350 60.88 58.50 -37.02
C ASN C 350 60.31 57.72 -35.85
N MET C 351 59.01 57.37 -35.91
CA MET C 351 58.37 56.68 -34.79
C MET C 351 58.96 55.30 -34.55
N PHE C 352 59.56 54.67 -35.56
CA PHE C 352 60.14 53.33 -35.43
C PHE C 352 61.57 53.37 -34.90
N GLN C 353 62.01 54.49 -34.32
CA GLN C 353 63.36 54.60 -33.80
C GLN C 353 63.54 53.68 -32.61
N ASN C 354 64.65 52.92 -32.61
CA ASN C 354 64.97 51.99 -31.54
C ASN C 354 63.85 50.96 -31.36
N SER C 355 63.34 50.46 -32.48
CA SER C 355 62.25 49.51 -32.52
C SER C 355 62.52 48.46 -33.58
N LYS C 356 61.83 47.33 -33.47
CA LYS C 356 61.84 46.31 -34.50
C LYS C 356 60.83 46.67 -35.58
N LEU C 357 61.19 46.44 -36.84
CA LEU C 357 60.33 46.83 -37.95
C LEU C 357 60.47 45.85 -39.10
N SER C 358 59.35 45.53 -39.73
CA SER C 358 59.33 44.80 -40.98
C SER C 358 58.54 45.60 -42.01
N VAL C 359 58.81 45.34 -43.28
CA VAL C 359 58.28 46.15 -44.36
C VAL C 359 57.63 45.23 -45.38
N ILE C 360 56.40 45.54 -45.74
CA ILE C 360 55.64 44.81 -46.77
C ILE C 360 55.51 45.74 -47.95
N ASP C 361 56.26 45.46 -49.02
CA ASP C 361 56.27 46.32 -50.20
C ASP C 361 55.49 45.62 -51.30
N ASP C 362 54.28 46.13 -51.58
CA ASP C 362 53.45 45.61 -52.65
C ASP C 362 53.31 46.64 -53.78
N THR C 363 54.30 47.53 -53.92
CA THR C 363 54.25 48.51 -54.99
C THR C 363 54.79 47.92 -56.28
N TRP C 364 54.27 48.44 -57.39
CA TRP C 364 54.58 47.97 -58.73
C TRP C 364 54.17 49.07 -59.70
N VAL C 365 54.76 49.04 -60.89
CA VAL C 365 54.49 50.05 -61.92
C VAL C 365 54.28 49.36 -63.26
N GLU C 366 53.40 49.95 -64.07
CA GLU C 366 53.09 49.39 -65.38
C GLU C 366 54.25 49.59 -66.37
N THR C 367 54.87 50.77 -66.38
CA THR C 367 55.99 51.05 -67.27
C THR C 367 57.25 51.32 -66.46
N ASP C 368 58.39 50.84 -66.97
CA ASP C 368 59.69 50.99 -66.32
C ASP C 368 59.76 50.23 -64.99
N TYR C 369 59.22 49.01 -64.97
CA TYR C 369 59.14 48.25 -63.73
C TYR C 369 60.53 47.83 -63.26
N GLU C 370 61.36 47.31 -64.17
CA GLU C 370 62.72 46.87 -63.81
C GLU C 370 63.50 47.99 -63.16
N LYS C 371 63.39 49.20 -63.69
CA LYS C 371 64.14 50.32 -63.13
C LYS C 371 63.46 50.87 -61.88
N PHE C 372 62.14 50.72 -61.77
CA PHE C 372 61.48 50.96 -60.49
C PHE C 372 62.06 50.06 -59.40
N GLN C 373 62.19 48.76 -59.69
CA GLN C 373 62.81 47.82 -58.77
C GLN C 373 64.25 48.17 -58.43
N SER C 374 64.95 48.90 -59.31
CA SER C 374 66.30 49.33 -58.99
C SER C 374 66.30 50.40 -57.91
N GLU C 375 65.31 51.30 -57.92
CA GLU C 375 65.29 52.37 -56.93
C GLU C 375 64.90 51.85 -55.54
N LYS C 376 63.95 50.90 -55.51
CA LYS C 376 63.47 50.34 -54.24
C LYS C 376 64.52 49.42 -53.62
N GLN C 377 65.04 48.48 -54.41
CA GLN C 377 66.05 47.56 -53.90
C GLN C 377 67.24 48.30 -53.33
N ALA C 378 67.68 49.36 -54.02
CA ALA C 378 68.72 50.23 -53.49
C ALA C 378 68.26 50.94 -52.22
N TYR C 379 66.95 51.19 -52.08
CA TYR C 379 66.45 51.72 -50.82
C TYR C 379 66.40 50.64 -49.75
N PHE C 380 65.99 49.43 -50.11
CA PHE C 380 65.89 48.37 -49.12
C PHE C 380 67.26 47.91 -48.65
N GLU C 381 68.24 47.87 -49.57
CA GLU C 381 69.62 47.57 -49.19
C GLU C 381 70.19 48.63 -48.26
N TRP C 382 69.85 49.91 -48.49
CA TRP C 382 70.19 50.92 -47.48
C TRP C 382 69.48 50.62 -46.16
N LEU C 383 68.16 50.43 -46.20
CA LEU C 383 67.37 50.35 -44.97
C LEU C 383 67.65 49.08 -44.18
N ILE C 384 68.02 47.98 -44.85
CA ILE C 384 68.10 46.69 -44.17
C ILE C 384 69.23 46.65 -43.14
N ASP C 385 70.27 47.46 -43.28
CA ASP C 385 71.38 47.46 -42.32
C ASP C 385 71.42 48.71 -41.44
N ARG C 386 70.27 49.31 -41.15
CA ARG C 386 70.26 50.49 -40.28
C ARG C 386 70.65 50.12 -38.84
N THR C 387 70.81 51.16 -38.01
CA THR C 387 71.19 50.97 -36.62
C THR C 387 70.24 51.60 -35.62
N SER C 388 69.49 52.64 -36.00
CA SER C 388 68.47 53.15 -35.11
C SER C 388 67.18 52.34 -35.16
N ILE C 389 67.04 51.46 -36.15
CA ILE C 389 65.87 50.61 -36.29
C ILE C 389 66.34 49.18 -36.50
N ASP C 390 65.92 48.28 -35.61
CA ASP C 390 66.09 46.85 -35.79
C ASP C 390 65.19 46.41 -36.94
N VAL C 391 65.69 46.54 -38.17
CA VAL C 391 64.93 46.16 -39.35
C VAL C 391 65.00 44.65 -39.50
N ARG C 392 63.85 43.98 -39.42
CA ARG C 392 63.79 42.53 -39.27
C ARG C 392 63.63 41.80 -40.60
N LEU C 393 62.67 42.23 -41.44
CA LEU C 393 62.48 41.60 -42.75
C LEU C 393 61.69 42.51 -43.66
N ILE C 394 62.08 42.56 -44.94
CA ILE C 394 61.41 43.34 -45.98
C ILE C 394 61.03 42.41 -47.11
N SER C 395 59.76 42.48 -47.53
CA SER C 395 59.23 41.71 -48.65
C SER C 395 59.01 42.62 -49.85
N MET C 396 59.54 42.21 -51.01
CA MET C 396 59.46 43.01 -52.22
C MET C 396 59.17 42.11 -53.42
N LYS C 397 58.38 42.62 -54.36
CA LYS C 397 58.13 41.89 -55.59
C LYS C 397 59.39 41.91 -56.47
N TRP C 398 59.59 40.82 -57.22
CA TRP C 398 60.80 40.65 -58.00
C TRP C 398 60.46 40.09 -59.38
N ASN C 399 60.86 40.82 -60.41
CA ASN C 399 60.73 40.37 -61.81
C ASN C 399 61.85 41.06 -62.60
N ARG C 400 62.98 40.37 -62.71
CA ARG C 400 64.18 40.92 -63.33
C ARG C 400 64.48 40.15 -64.61
N SER C 401 64.41 40.86 -65.75
CA SER C 401 64.85 40.34 -67.04
C SER C 401 66.34 40.54 -67.26
N LYS C 402 66.92 41.59 -66.68
CA LYS C 402 68.34 41.83 -66.73
C LYS C 402 69.03 41.26 -65.49
N ASP C 403 70.35 41.17 -65.56
CA ASP C 403 71.14 40.67 -64.45
C ASP C 403 71.39 41.77 -63.43
N THR C 404 71.21 41.42 -62.15
CA THR C 404 71.38 42.39 -61.08
C THR C 404 72.00 41.71 -59.86
N SER C 405 72.88 42.44 -59.18
CA SER C 405 73.46 42.00 -57.93
C SER C 405 72.72 42.66 -56.77
N VAL C 406 72.54 41.92 -55.69
CA VAL C 406 71.75 42.35 -54.55
C VAL C 406 72.54 42.13 -53.26
N SER C 407 72.36 43.04 -52.31
CA SER C 407 73.00 42.97 -51.00
C SER C 407 71.97 42.60 -49.94
N HIS C 408 72.40 41.80 -48.97
CA HIS C 408 71.58 41.41 -47.81
C HIS C 408 70.29 40.73 -48.24
N LEU C 409 70.42 39.74 -49.14
CA LEU C 409 69.28 39.00 -49.68
C LEU C 409 69.26 37.59 -49.09
N LEU C 410 68.24 37.31 -48.26
CA LEU C 410 68.12 36.01 -47.64
C LEU C 410 67.35 35.01 -48.49
N ALA C 411 66.28 35.45 -49.17
CA ALA C 411 65.36 34.51 -49.79
C ALA C 411 64.79 35.08 -51.07
N LEU C 412 64.98 34.37 -52.17
CA LEU C 412 64.30 34.68 -53.43
C LEU C 412 63.31 33.56 -53.65
N LEU C 413 62.02 33.88 -53.55
CA LEU C 413 61.06 32.81 -53.37
C LEU C 413 59.94 32.89 -54.38
N PRO C 414 59.42 31.74 -54.80
CA PRO C 414 58.19 31.73 -55.60
C PRO C 414 56.99 32.11 -54.75
N GLN C 415 55.92 32.47 -55.44
CA GLN C 415 54.67 32.80 -54.78
C GLN C 415 53.82 31.53 -54.66
N PRO C 416 53.46 31.10 -53.45
CA PRO C 416 52.68 29.87 -53.31
C PRO C 416 51.25 29.99 -53.81
N TYR C 417 50.72 31.21 -53.95
CA TYR C 417 49.32 31.39 -54.34
C TYR C 417 49.16 32.27 -55.58
N GLY C 418 50.25 32.60 -56.28
CA GLY C 418 50.14 33.37 -57.50
C GLY C 418 49.83 32.57 -58.74
N ALA C 419 49.83 31.25 -58.64
CA ALA C 419 49.29 30.36 -59.66
C ALA C 419 49.87 30.61 -61.05
N SER C 420 51.06 30.09 -61.32
CA SER C 420 51.68 30.08 -62.64
C SER C 420 52.03 31.48 -63.15
N ILE C 421 52.02 32.49 -62.28
CA ILE C 421 52.45 33.84 -62.65
C ILE C 421 53.97 33.84 -62.74
N ARG C 422 54.56 34.94 -63.21
CA ARG C 422 56.00 35.05 -63.36
C ARG C 422 56.67 35.83 -62.23
N GLU C 423 56.01 36.83 -61.66
CA GLU C 423 56.59 37.61 -60.58
C GLU C 423 57.03 36.72 -59.42
N MET C 424 58.11 37.14 -58.76
CA MET C 424 58.68 36.46 -57.60
C MET C 424 58.67 37.40 -56.39
N ARG C 425 59.20 36.90 -55.27
CA ARG C 425 59.28 37.69 -54.05
C ARG C 425 60.68 37.58 -53.44
N ALA C 426 61.24 38.73 -53.09
CA ALA C 426 62.54 38.85 -52.47
C ALA C 426 62.38 39.23 -51.00
N PHE C 427 63.29 38.75 -50.16
CA PHE C 427 63.27 39.01 -48.73
C PHE C 427 64.64 39.51 -48.30
N PHE C 428 64.69 40.77 -47.88
CA PHE C 428 65.91 41.37 -47.37
C PHE C 428 66.05 41.08 -45.88
N HIS C 429 67.28 40.84 -45.43
CA HIS C 429 67.55 40.50 -44.05
C HIS C 429 68.97 40.91 -43.68
N LYS C 430 69.15 41.30 -42.41
CA LYS C 430 70.47 41.67 -41.89
C LYS C 430 71.48 40.54 -42.02
N LYS C 431 71.04 39.29 -41.99
CA LYS C 431 71.92 38.14 -42.12
C LYS C 431 71.67 37.36 -43.40
N GLY C 432 71.14 38.03 -44.43
CA GLY C 432 71.16 37.49 -45.77
C GLY C 432 72.53 37.62 -46.41
N ALA C 433 72.63 37.14 -47.65
CA ALA C 433 73.92 37.14 -48.35
C ALA C 433 74.41 38.56 -48.58
N SER C 434 75.69 38.80 -48.26
CA SER C 434 76.23 40.15 -48.37
C SER C 434 76.41 40.61 -49.81
N ASP C 435 76.51 39.68 -50.76
CA ASP C 435 76.53 40.00 -52.18
C ASP C 435 76.16 38.76 -52.97
N ILE C 436 75.38 38.96 -54.05
CA ILE C 436 75.01 37.87 -54.93
C ILE C 436 74.42 38.46 -56.21
N LYS C 437 74.78 37.90 -57.36
CA LYS C 437 74.27 38.35 -58.64
C LYS C 437 73.22 37.34 -59.10
N ILE C 438 72.00 37.82 -59.31
CA ILE C 438 70.90 37.00 -59.80
C ILE C 438 70.86 37.10 -61.33
N LEU C 439 71.09 35.98 -62.03
CA LEU C 439 70.95 36.02 -63.49
C LEU C 439 69.52 35.68 -63.88
N ALA C 440 69.16 36.04 -65.12
CA ALA C 440 67.77 35.96 -65.54
C ALA C 440 67.42 34.61 -66.14
N ALA C 441 68.42 33.81 -66.57
CA ALA C 441 68.09 32.50 -67.12
C ALA C 441 67.75 31.47 -66.03
N GLU C 442 68.40 31.54 -64.86
CA GLU C 442 67.99 30.69 -63.72
C GLU C 442 66.54 30.96 -63.36
N THR C 443 66.19 32.24 -63.18
CA THR C 443 64.87 32.59 -62.69
C THR C 443 63.80 32.26 -63.71
N GLU C 444 64.10 32.40 -65.01
CA GLU C 444 63.12 32.05 -66.03
C GLU C 444 62.90 30.54 -66.09
N LYS C 445 64.00 29.76 -66.05
CA LYS C 445 63.89 28.31 -66.04
C LYS C 445 63.25 27.79 -64.75
N TYR C 446 63.40 28.55 -63.66
CA TYR C 446 62.80 28.20 -62.38
C TYR C 446 61.28 28.42 -62.40
N MET C 447 60.88 29.64 -62.69
CA MET C 447 59.47 29.96 -62.73
C MET C 447 58.78 29.20 -63.83
N ASP C 448 59.54 28.67 -64.80
CA ASP C 448 58.97 27.71 -65.73
C ASP C 448 58.65 26.39 -65.02
N ASP C 449 59.58 25.91 -64.19
CA ASP C 449 59.30 24.74 -63.36
C ASP C 449 58.09 24.98 -62.46
N PHE C 450 58.01 26.18 -61.87
CA PHE C 450 56.94 26.48 -60.94
C PHE C 450 55.58 26.57 -61.64
N THR C 451 55.55 27.17 -62.84
CA THR C 451 54.34 27.19 -63.64
C THR C 451 53.86 25.78 -63.98
N ALA C 452 54.78 24.82 -64.06
CA ALA C 452 54.44 23.46 -64.45
C ALA C 452 53.73 22.70 -63.33
N MET C 453 54.11 22.95 -62.08
CA MET C 453 53.59 22.18 -60.96
C MET C 453 52.10 22.45 -60.75
N SER C 454 51.45 21.51 -60.08
CA SER C 454 50.01 21.57 -59.86
C SER C 454 49.66 22.65 -58.83
N VAL C 455 48.34 22.89 -58.69
CA VAL C 455 47.86 23.88 -57.73
C VAL C 455 48.35 23.52 -56.32
N SER C 456 48.19 22.26 -55.92
CA SER C 456 48.58 21.87 -54.56
C SER C 456 50.08 22.03 -54.36
N ASP C 457 50.88 21.73 -55.38
CA ASP C 457 52.34 21.80 -55.24
C ASP C 457 52.84 23.23 -55.12
N GLN C 458 52.22 24.18 -55.83
CA GLN C 458 52.61 25.58 -55.70
C GLN C 458 52.38 26.09 -54.28
N ILE C 459 51.20 25.83 -53.73
CA ILE C 459 50.86 26.31 -52.40
C ILE C 459 51.91 25.86 -51.38
N ASN C 460 52.33 24.60 -51.46
CA ASN C 460 53.19 24.03 -50.42
C ASN C 460 54.58 24.65 -50.37
N THR C 461 54.97 25.46 -51.35
CA THR C 461 56.23 26.20 -51.22
C THR C 461 56.18 27.25 -50.12
N GLN C 462 55.02 27.48 -49.49
CA GLN C 462 54.96 28.34 -48.32
C GLN C 462 55.86 27.85 -47.20
N LYS C 463 56.17 26.53 -47.17
CA LYS C 463 57.18 26.02 -46.25
C LYS C 463 58.45 26.86 -46.27
N PHE C 464 58.85 27.34 -47.45
CA PHE C 464 60.11 28.09 -47.55
C PHE C 464 60.01 29.43 -46.84
N MET C 465 58.85 30.10 -46.91
CA MET C 465 58.65 31.30 -46.12
C MET C 465 58.64 30.98 -44.64
N HIS C 466 58.07 29.82 -44.27
CA HIS C 466 57.90 29.45 -42.86
C HIS C 466 59.20 28.99 -42.21
N CYS C 467 60.22 28.62 -43.00
CA CYS C 467 61.54 28.32 -42.44
C CYS C 467 62.02 29.46 -41.55
N MET C 468 61.79 30.70 -41.99
CA MET C 468 62.29 31.85 -41.25
C MET C 468 61.61 32.04 -39.89
N ILE C 469 60.49 31.37 -39.63
CA ILE C 469 59.88 31.43 -38.30
C ILE C 469 59.87 30.02 -37.70
N THR C 470 60.93 29.26 -37.97
CA THR C 470 61.11 27.93 -37.42
C THR C 470 62.40 27.88 -36.62
N THR C 471 62.39 27.04 -35.58
CA THR C 471 63.53 26.81 -34.70
C THR C 471 63.85 25.32 -34.69
N VAL C 472 65.13 24.98 -34.80
CA VAL C 472 65.57 23.60 -34.63
C VAL C 472 65.95 23.40 -33.16
N GLY C 473 65.73 22.18 -32.68
CA GLY C 473 65.97 21.86 -31.28
C GLY C 473 65.04 20.77 -30.82
N ASP C 474 65.37 20.23 -29.64
CA ASP C 474 64.56 19.19 -29.01
C ASP C 474 63.48 19.84 -28.17
N ALA C 475 62.21 19.57 -28.51
CA ALA C 475 61.11 20.23 -27.80
C ALA C 475 61.09 19.84 -26.32
N LEU C 476 61.42 18.59 -26.01
CA LEU C 476 61.45 18.16 -24.62
C LEU C 476 62.51 18.88 -23.79
N LYS C 477 63.38 19.67 -24.42
CA LYS C 477 64.43 20.39 -23.71
C LYS C 477 64.17 21.89 -23.66
N MET C 478 63.04 22.36 -24.18
CA MET C 478 62.82 23.79 -24.30
C MET C 478 62.65 24.42 -22.93
N ASP C 479 62.95 25.72 -22.85
CA ASP C 479 62.75 26.48 -21.62
C ASP C 479 61.26 26.76 -21.42
N LEU C 480 60.73 26.38 -20.26
CA LEU C 480 59.30 26.54 -20.00
C LEU C 480 59.00 27.71 -19.07
N ASP C 481 60.00 28.54 -18.76
CA ASP C 481 59.81 29.67 -17.87
C ASP C 481 58.86 30.68 -18.50
N GLY C 482 58.30 31.53 -17.65
CA GLY C 482 57.47 32.62 -18.12
C GLY C 482 56.05 32.25 -18.53
N GLY C 483 55.54 31.11 -18.07
CA GLY C 483 54.21 30.70 -18.51
C GLY C 483 54.14 30.47 -20.00
N ARG C 484 55.21 29.90 -20.56
CA ARG C 484 55.36 29.78 -22.00
C ARG C 484 54.25 28.92 -22.61
N ALA C 485 53.70 29.36 -23.74
CA ALA C 485 52.61 28.65 -24.40
C ALA C 485 53.15 27.80 -25.54
N VAL C 486 52.74 26.53 -25.54
CA VAL C 486 53.16 25.55 -26.52
C VAL C 486 51.94 24.71 -26.92
N ILE C 487 51.80 24.43 -28.21
CA ILE C 487 50.78 23.50 -28.70
C ILE C 487 51.50 22.26 -29.25
N ALA C 488 51.13 21.09 -28.73
CA ALA C 488 51.92 19.89 -28.90
C ALA C 488 51.05 18.64 -29.00
N SER C 489 51.26 17.87 -30.06
CA SER C 489 50.69 16.53 -30.12
C SER C 489 51.71 15.54 -30.71
N TYR C 490 51.54 15.16 -31.98
CA TYR C 490 52.34 14.07 -32.55
C TYR C 490 53.83 14.37 -32.50
N SER C 491 54.23 15.58 -32.92
CA SER C 491 55.65 15.89 -33.00
C SER C 491 56.28 15.98 -31.61
N LEU C 492 55.49 16.36 -30.59
CA LEU C 492 55.95 16.26 -29.22
C LEU C 492 56.22 14.81 -28.88
N SER C 493 57.49 14.44 -28.96
CA SER C 493 57.93 13.06 -28.78
C SER C 493 59.44 13.07 -28.91
N ASN C 494 60.05 11.97 -28.51
CA ASN C 494 61.48 11.77 -28.75
C ASN C 494 61.67 10.63 -29.74
N SER C 495 62.92 10.44 -30.17
CA SER C 495 63.23 9.19 -30.85
C SER C 495 63.44 8.07 -29.85
N SER C 496 63.91 8.40 -28.65
CA SER C 496 64.16 7.46 -27.57
C SER C 496 63.04 7.51 -26.54
N ASN C 497 62.70 6.35 -25.96
CA ASN C 497 61.94 6.26 -24.71
C ASN C 497 60.83 7.32 -24.62
N SER C 498 59.98 7.37 -25.66
CA SER C 498 59.23 8.59 -25.95
C SER C 498 58.10 8.82 -24.94
N LYS C 499 57.26 7.80 -24.70
CA LYS C 499 56.11 8.00 -23.84
C LYS C 499 56.54 8.45 -22.45
N GLU C 500 57.50 7.73 -21.86
CA GLU C 500 58.04 8.12 -20.56
C GLU C 500 58.62 9.53 -20.59
N ARG C 501 59.33 9.89 -21.66
CA ARG C 501 59.92 11.22 -21.70
C ARG C 501 58.85 12.28 -21.90
N VAL C 502 57.77 11.97 -22.61
CA VAL C 502 56.73 12.99 -22.81
C VAL C 502 56.04 13.28 -21.48
N LEU C 503 55.73 12.23 -20.71
CA LEU C 503 54.99 12.43 -19.46
C LEU C 503 55.85 13.17 -18.44
N LYS C 504 57.15 12.88 -18.39
CA LYS C 504 58.02 13.64 -17.51
C LYS C 504 58.10 15.09 -17.94
N PHE C 505 58.20 15.33 -19.24
CA PHE C 505 58.20 16.70 -19.74
C PHE C 505 56.93 17.44 -19.36
N LEU C 506 55.76 16.82 -19.59
CA LEU C 506 54.48 17.43 -19.20
C LEU C 506 54.41 17.67 -17.68
N SER C 507 54.83 16.68 -16.88
CA SER C 507 54.85 16.86 -15.44
C SER C 507 55.73 18.04 -15.05
N ASP C 508 56.90 18.16 -15.68
CA ASP C 508 57.77 19.31 -15.42
C ASP C 508 57.12 20.60 -15.88
N ALA C 509 56.47 20.58 -17.06
CA ALA C 509 55.81 21.77 -17.58
C ALA C 509 54.71 22.25 -16.62
N ASN C 510 53.89 21.32 -16.11
CA ASN C 510 52.88 21.73 -15.12
C ASN C 510 53.53 22.32 -13.87
N LYS C 511 54.62 21.72 -13.39
CA LYS C 511 55.30 22.25 -12.21
C LYS C 511 55.81 23.66 -12.43
N ALA C 512 56.27 23.96 -13.65
CA ALA C 512 56.79 25.28 -14.00
C ALA C 512 55.70 26.31 -14.29
N LYS C 513 54.43 25.94 -14.19
CA LYS C 513 53.31 26.81 -14.56
C LYS C 513 53.43 27.27 -16.00
N ALA C 514 53.95 26.41 -16.87
CA ALA C 514 53.88 26.66 -18.30
C ALA C 514 52.49 26.30 -18.83
N MET C 515 52.22 26.70 -20.07
CA MET C 515 50.95 26.37 -20.74
C MET C 515 51.28 25.54 -21.98
N VAL C 516 51.60 24.27 -21.76
CA VAL C 516 51.77 23.31 -22.83
C VAL C 516 50.44 22.57 -23.04
N VAL C 517 49.83 22.76 -24.20
CA VAL C 517 48.57 22.10 -24.53
C VAL C 517 48.87 20.83 -25.31
N PHE C 518 48.38 19.70 -24.81
CA PHE C 518 48.78 18.39 -25.25
C PHE C 518 47.57 17.63 -25.81
N GLY C 519 47.74 16.98 -26.95
CA GLY C 519 46.72 16.10 -27.50
C GLY C 519 47.30 14.75 -27.88
N ALA C 520 46.46 13.71 -27.78
CA ALA C 520 46.91 12.39 -28.14
C ALA C 520 45.71 11.47 -28.34
N PRO C 521 45.85 10.43 -29.17
CA PRO C 521 44.81 9.39 -29.24
C PRO C 521 44.57 8.82 -27.86
N ASN C 522 43.30 8.54 -27.55
CA ASN C 522 42.94 7.98 -26.25
C ASN C 522 42.95 6.46 -26.35
N THR C 523 43.87 5.82 -25.61
CA THR C 523 44.10 4.38 -25.78
C THR C 523 42.81 3.58 -25.60
N HIS C 524 42.12 3.81 -24.51
CA HIS C 524 41.01 2.93 -24.18
C HIS C 524 39.80 3.22 -25.06
N ARG C 525 39.64 4.45 -25.56
CA ARG C 525 38.56 4.73 -26.51
C ARG C 525 38.83 4.07 -27.86
N LEU C 526 40.07 4.15 -28.34
CA LEU C 526 40.42 3.49 -29.60
C LEU C 526 40.24 1.98 -29.47
N ALA C 527 40.81 1.37 -28.42
CA ALA C 527 40.62 -0.07 -28.20
C ALA C 527 39.14 -0.45 -28.17
N TYR C 528 38.31 0.38 -27.54
CA TYR C 528 36.88 0.09 -27.49
C TYR C 528 36.26 0.17 -28.88
N ALA C 529 36.55 1.23 -29.62
CA ALA C 529 36.01 1.37 -30.97
C ALA C 529 36.47 0.23 -31.89
N LYS C 530 37.71 -0.25 -31.70
CA LYS C 530 38.14 -1.43 -32.45
C LYS C 530 37.41 -2.67 -32.01
N LYS C 531 37.21 -2.84 -30.69
CA LYS C 531 36.61 -4.07 -30.17
C LYS C 531 35.17 -4.26 -30.64
N VAL C 532 34.38 -3.20 -30.66
CA VAL C 532 32.98 -3.36 -31.05
C VAL C 532 32.81 -3.44 -32.55
N GLY C 533 33.88 -3.22 -33.31
CA GLY C 533 33.86 -3.41 -34.74
C GLY C 533 33.66 -2.15 -35.54
N LEU C 534 33.90 -0.98 -34.96
CA LEU C 534 33.75 0.26 -35.70
C LEU C 534 35.00 0.57 -36.51
N VAL C 535 36.15 0.59 -35.86
CA VAL C 535 37.43 0.83 -36.53
C VAL C 535 38.02 -0.52 -36.92
N LEU C 536 38.49 -0.62 -38.15
CA LEU C 536 39.04 -1.87 -38.68
C LEU C 536 40.55 -1.91 -38.46
N ASP C 537 41.07 -3.14 -38.34
CA ASP C 537 42.53 -3.32 -38.34
C ASP C 537 43.16 -2.71 -39.59
N SER C 538 42.41 -2.68 -40.70
CA SER C 538 42.90 -2.09 -41.95
C SER C 538 43.32 -0.63 -41.78
N ALA C 539 42.58 0.15 -41.00
CA ALA C 539 42.82 1.58 -40.89
C ALA C 539 43.69 1.96 -39.70
N ILE C 540 43.47 1.33 -38.54
CA ILE C 540 44.22 1.65 -37.34
C ILE C 540 44.46 0.35 -36.59
N LYS C 541 45.71 0.10 -36.22
CA LYS C 541 46.08 -1.05 -35.40
C LYS C 541 46.71 -0.57 -34.11
N MET C 542 46.77 -1.47 -33.13
CA MET C 542 47.45 -1.11 -31.90
C MET C 542 47.87 -2.38 -31.16
N SER C 543 49.02 -2.30 -30.50
CA SER C 543 49.45 -3.27 -29.50
C SER C 543 49.78 -2.48 -28.26
N LYS C 544 49.11 -2.80 -27.15
CA LYS C 544 49.09 -1.97 -25.96
C LYS C 544 48.76 -0.53 -26.36
N ASP C 545 49.60 0.43 -25.99
CA ASP C 545 49.34 1.83 -26.31
C ASP C 545 50.06 2.30 -27.56
N LEU C 546 50.66 1.39 -28.34
CA LEU C 546 51.38 1.78 -29.54
C LEU C 546 50.47 1.57 -30.74
N ILE C 547 50.22 2.65 -31.47
CA ILE C 547 49.16 2.69 -32.48
C ILE C 547 49.81 2.87 -33.82
N THR C 548 49.31 2.14 -34.81
CA THR C 548 49.72 2.30 -36.20
C THR C 548 48.54 2.84 -36.98
N PHE C 549 48.70 4.04 -37.52
CA PHE C 549 47.72 4.65 -38.40
C PHE C 549 48.10 4.41 -39.85
N SER C 550 47.10 4.54 -40.73
CA SER C 550 47.33 4.49 -42.18
C SER C 550 46.10 5.02 -42.88
N ASN C 551 46.32 5.82 -43.91
CA ASN C 551 45.26 6.31 -44.78
C ASN C 551 45.16 5.43 -46.02
N PRO C 552 44.09 5.60 -46.82
CA PRO C 552 44.02 4.89 -48.11
C PRO C 552 45.29 5.01 -48.96
N THR C 553 46.06 6.08 -48.79
CA THR C 553 47.35 6.20 -49.47
C THR C 553 48.29 5.07 -49.09
N GLY C 554 48.11 4.48 -47.90
CA GLY C 554 48.99 3.43 -47.42
C GLY C 554 50.21 3.90 -46.66
N ARG C 555 50.38 5.21 -46.50
CA ARG C 555 51.44 5.74 -45.65
C ARG C 555 51.09 5.45 -44.20
N ARG C 556 51.98 4.77 -43.49
CA ARG C 556 51.78 4.44 -42.09
C ARG C 556 52.63 5.34 -41.20
N TRP C 557 52.09 5.63 -40.02
CA TRP C 557 52.86 6.26 -38.96
C TRP C 557 52.41 5.67 -37.64
N ARG C 558 53.28 5.78 -36.66
CA ARG C 558 53.04 5.17 -35.36
C ARG C 558 53.09 6.26 -34.30
N ASP C 559 52.27 6.07 -33.26
CA ASP C 559 52.22 7.02 -32.15
C ASP C 559 51.61 6.32 -30.95
N TYR C 560 51.82 6.89 -29.78
CA TYR C 560 51.34 6.32 -28.54
C TYR C 560 49.96 6.89 -28.20
N GLY C 561 49.06 6.03 -27.76
CA GLY C 561 47.86 6.49 -27.11
C GLY C 561 48.13 6.78 -25.65
N TYR C 562 47.34 7.69 -25.09
CA TYR C 562 47.45 8.04 -23.69
C TYR C 562 46.08 7.95 -23.03
N SER C 563 46.06 7.78 -21.72
CA SER C 563 44.82 7.70 -20.97
C SER C 563 44.73 8.85 -19.97
N GLN C 564 43.52 9.04 -19.45
CA GLN C 564 43.24 10.16 -18.53
C GLN C 564 44.02 10.03 -17.23
N SER C 565 44.15 8.80 -16.71
CA SER C 565 44.87 8.60 -15.45
C SER C 565 46.37 8.82 -15.61
N GLU C 566 46.93 8.38 -16.75
CA GLU C 566 48.35 8.66 -17.02
C GLU C 566 48.62 10.15 -17.03
N LEU C 567 47.76 10.91 -17.70
CA LEU C 567 47.95 12.35 -17.80
C LEU C 567 47.74 13.04 -16.44
N TYR C 568 46.69 12.64 -15.70
CA TYR C 568 46.49 13.25 -14.40
C TYR C 568 47.69 13.02 -13.49
N ASP C 569 48.20 11.79 -13.49
CA ASP C 569 49.45 11.48 -12.77
C ASP C 569 50.58 12.44 -13.16
N ALA C 570 50.59 12.90 -14.41
CA ALA C 570 51.60 13.86 -14.83
C ALA C 570 51.14 15.30 -14.68
N GLY C 571 50.08 15.56 -13.92
CA GLY C 571 49.60 16.91 -13.70
C GLY C 571 48.75 17.52 -14.79
N TYR C 572 48.04 16.71 -15.58
CA TYR C 572 47.29 17.22 -16.72
C TYR C 572 45.84 16.76 -16.66
N VAL C 573 44.95 17.63 -17.12
CA VAL C 573 43.51 17.46 -17.00
C VAL C 573 42.89 17.53 -18.39
N GLU C 574 42.14 16.50 -18.76
CA GLU C 574 41.47 16.50 -20.05
C GLU C 574 40.42 17.62 -20.10
N ILE C 575 40.35 18.31 -21.22
CA ILE C 575 39.27 19.26 -21.51
C ILE C 575 38.79 18.98 -22.93
N THR C 576 37.49 19.18 -23.17
CA THR C 576 37.02 18.89 -24.51
C THR C 576 37.25 20.08 -25.41
N ILE C 577 37.19 19.83 -26.72
CA ILE C 577 37.22 20.92 -27.69
C ILE C 577 36.03 21.85 -27.49
N ASP C 578 34.84 21.29 -27.20
CA ASP C 578 33.65 22.13 -26.93
C ASP C 578 33.95 23.12 -25.81
N GLN C 579 34.49 22.62 -24.69
CA GLN C 579 34.80 23.51 -23.57
C GLN C 579 35.86 24.54 -23.94
N MET C 580 36.90 24.14 -24.69
CA MET C 580 37.93 25.12 -25.06
C MET C 580 37.33 26.27 -25.86
N VAL C 581 36.50 25.97 -26.86
CA VAL C 581 35.98 27.03 -27.71
C VAL C 581 34.96 27.89 -26.96
N ALA C 582 34.14 27.26 -26.09
CA ALA C 582 33.21 28.04 -25.30
C ALA C 582 33.95 28.89 -24.29
N TYR C 583 34.94 28.31 -23.61
CA TYR C 583 35.77 29.10 -22.70
C TYR C 583 36.43 30.27 -23.43
N SER C 584 36.79 30.07 -24.69
CA SER C 584 37.51 31.09 -25.46
C SER C 584 36.58 31.95 -26.28
N SER C 585 35.27 31.84 -26.07
CA SER C 585 34.32 32.44 -27.00
C SER C 585 34.55 33.94 -27.17
N ASP C 586 34.96 34.64 -26.11
CA ASP C 586 35.04 36.10 -26.21
C ASP C 586 36.24 36.59 -27.01
N VAL C 587 37.25 35.75 -27.25
CA VAL C 587 38.39 36.13 -28.08
C VAL C 587 38.46 35.32 -29.36
N TYR C 588 37.53 34.39 -29.56
CA TYR C 588 37.66 33.42 -30.64
C TYR C 588 37.40 34.11 -31.98
N ASN C 589 38.25 33.82 -32.94
CA ASN C 589 38.10 34.42 -34.27
C ASN C 589 38.50 33.41 -35.34
N GLY C 590 38.26 32.14 -35.07
CA GLY C 590 38.63 31.02 -35.92
C GLY C 590 37.48 30.51 -36.75
N VAL C 591 37.57 29.26 -37.16
CA VAL C 591 36.53 28.66 -37.94
C VAL C 591 35.62 27.81 -37.05
N GLY C 592 34.41 27.55 -37.55
CA GLY C 592 33.52 26.56 -37.00
C GLY C 592 33.60 25.25 -37.78
N TYR C 593 32.54 24.45 -37.64
CA TYR C 593 32.48 23.15 -38.28
C TYR C 593 31.01 22.82 -38.55
N PHE C 594 30.79 21.80 -39.39
CA PHE C 594 29.43 21.35 -39.66
C PHE C 594 29.15 19.94 -39.14
N ALA C 595 30.05 18.99 -39.37
CA ALA C 595 29.86 17.65 -38.88
C ALA C 595 30.88 17.35 -37.81
N ASN C 596 30.50 16.47 -36.87
CA ASN C 596 31.46 15.82 -36.00
C ASN C 596 32.11 14.64 -36.73
N SER C 597 33.27 14.22 -36.24
CA SER C 597 34.10 13.25 -36.95
C SER C 597 34.53 12.14 -36.00
N THR C 598 34.21 10.90 -36.34
CA THR C 598 34.56 9.76 -35.47
C THR C 598 36.07 9.69 -35.23
N TYR C 599 36.86 9.92 -36.28
CA TYR C 599 38.31 9.91 -36.16
C TYR C 599 38.79 10.95 -35.15
N ASN C 600 38.30 12.19 -35.26
CA ASN C 600 38.75 13.21 -34.31
C ASN C 600 38.37 12.87 -32.88
N ASP C 601 37.22 12.22 -32.68
CA ASP C 601 36.75 11.88 -31.34
C ASP C 601 37.61 10.83 -30.64
N LEU C 602 38.48 10.13 -31.38
CA LEU C 602 39.46 9.21 -30.78
C LEU C 602 40.53 9.95 -29.99
N PHE C 603 40.72 11.23 -30.23
CA PHE C 603 41.75 12.01 -29.58
C PHE C 603 41.20 12.80 -28.40
N SER C 604 42.03 12.99 -27.36
CA SER C 604 41.71 13.80 -26.20
C SER C 604 42.76 14.90 -26.07
N TRP C 605 42.33 16.01 -25.49
CA TRP C 605 43.22 17.16 -25.27
C TRP C 605 43.30 17.47 -23.78
N TYR C 606 44.47 17.98 -23.37
CA TYR C 606 44.78 18.12 -21.96
C TYR C 606 45.49 19.43 -21.71
N ILE C 607 45.19 20.04 -20.56
CA ILE C 607 45.81 21.28 -20.11
C ILE C 607 46.39 21.05 -18.72
N PRO C 608 47.42 21.80 -18.33
CA PRO C 608 48.05 21.56 -17.02
C PRO C 608 47.12 21.85 -15.85
N LYS C 609 47.31 21.06 -14.80
CA LYS C 609 46.48 21.13 -13.61
C LYS C 609 46.53 22.51 -12.95
N TRP C 610 47.67 23.20 -12.99
CA TRP C 610 47.76 24.45 -12.26
C TRP C 610 46.78 25.47 -12.81
N TYR C 611 46.57 25.47 -14.12
CA TYR C 611 45.66 26.45 -14.70
C TYR C 611 44.21 26.08 -14.38
N VAL C 612 43.88 24.78 -14.40
CA VAL C 612 42.54 24.35 -14.00
C VAL C 612 42.23 24.81 -12.57
N HIS C 613 43.19 24.61 -11.66
CA HIS C 613 42.95 25.02 -10.28
C HIS C 613 42.82 26.53 -10.19
N LYS C 614 43.64 27.26 -10.96
CA LYS C 614 43.63 28.70 -10.86
C LYS C 614 42.32 29.29 -11.40
N ARG C 615 41.82 28.78 -12.51
CA ARG C 615 40.81 29.50 -13.24
C ARG C 615 39.56 28.72 -13.62
N MET C 616 39.49 27.43 -13.33
CA MET C 616 38.37 26.66 -13.86
C MET C 616 37.61 25.87 -12.81
N LEU C 617 37.81 26.15 -11.52
CA LEU C 617 37.10 25.38 -10.50
C LEU C 617 35.65 25.82 -10.32
N MET C 618 35.31 27.05 -10.72
CA MET C 618 33.93 27.53 -10.69
C MET C 618 33.29 27.21 -12.03
N GLN C 619 32.34 26.29 -12.03
CA GLN C 619 31.80 25.77 -13.29
C GLN C 619 30.66 26.65 -13.81
N ASP C 620 31.02 27.66 -14.59
CA ASP C 620 30.04 28.30 -15.45
C ASP C 620 29.80 27.38 -16.66
N ILE C 621 28.80 27.74 -17.48
CA ILE C 621 28.38 26.85 -18.57
C ILE C 621 29.52 26.55 -19.54
N ARG C 622 30.47 27.47 -19.69
CA ARG C 622 31.55 27.23 -20.65
C ARG C 622 32.47 26.10 -20.22
N LEU C 623 32.57 25.86 -18.92
CA LEU C 623 33.47 24.86 -18.36
C LEU C 623 32.70 23.66 -17.82
N SER C 624 31.48 23.49 -18.25
CA SER C 624 30.63 22.45 -17.72
C SER C 624 30.52 21.28 -18.69
N PRO C 625 30.07 20.12 -18.22
CA PRO C 625 29.77 18.98 -19.10
C PRO C 625 28.33 18.94 -19.57
N ALA C 626 27.59 20.06 -19.49
CA ALA C 626 26.15 19.99 -19.67
C ALA C 626 25.77 19.37 -21.01
N ALA C 627 26.56 19.64 -22.05
CA ALA C 627 26.24 19.14 -23.38
C ALA C 627 26.64 17.66 -23.57
N LEU C 628 27.14 17.00 -22.54
CA LEU C 628 27.38 15.56 -22.59
C LEU C 628 26.71 14.77 -21.47
N VAL C 629 26.34 15.40 -20.34
CA VAL C 629 25.95 14.60 -19.17
C VAL C 629 24.56 14.01 -19.27
N LYS C 630 23.71 14.48 -20.17
CA LYS C 630 22.35 13.97 -20.23
C LYS C 630 21.99 13.28 -21.55
N CYS C 631 22.69 13.59 -22.66
CA CYS C 631 22.18 13.12 -23.95
C CYS C 631 22.37 11.62 -24.17
N PHE C 632 23.47 11.03 -23.65
CA PHE C 632 23.62 9.58 -23.79
C PHE C 632 22.68 8.83 -22.85
N THR C 633 22.54 9.30 -21.62
CA THR C 633 21.60 8.68 -20.70
C THR C 633 20.19 8.68 -21.27
N THR C 634 19.76 9.82 -21.84
CA THR C 634 18.40 9.92 -22.36
C THR C 634 18.24 9.02 -23.58
N LEU C 635 19.26 8.96 -24.45
CA LEU C 635 19.21 8.06 -25.60
C LEU C 635 18.97 6.63 -25.15
N ILE C 636 19.77 6.15 -24.19
CA ILE C 636 19.68 4.77 -23.74
C ILE C 636 18.32 4.48 -23.07
N ARG C 637 17.84 5.42 -22.25
CA ARG C 637 16.52 5.23 -21.61
C ARG C 637 15.41 5.13 -22.64
N ASN C 638 15.50 5.91 -23.73
CA ASN C 638 14.48 5.78 -24.78
C ASN C 638 14.58 4.42 -25.44
N ILE C 639 15.79 3.99 -25.81
CA ILE C 639 15.99 2.70 -26.49
C ILE C 639 15.60 1.53 -25.59
N CYS C 640 15.95 1.60 -24.31
CA CYS C 640 15.84 0.47 -23.40
C CYS C 640 14.61 0.53 -22.52
N TYR C 641 13.69 1.46 -22.77
CA TYR C 641 12.41 1.55 -22.04
C TYR C 641 12.62 1.75 -20.54
N VAL C 642 13.40 2.77 -20.17
CA VAL C 642 13.70 3.08 -18.77
C VAL C 642 12.92 4.32 -18.33
N PRO C 643 11.83 4.18 -17.56
CA PRO C 643 11.18 5.36 -16.99
C PRO C 643 12.12 6.19 -16.13
N HIS C 644 11.81 7.48 -16.07
CA HIS C 644 12.59 8.43 -15.27
C HIS C 644 12.79 7.96 -13.84
N GLU C 645 11.70 7.64 -13.13
CA GLU C 645 11.85 7.25 -11.73
C GLU C 645 12.52 5.87 -11.62
N THR C 646 12.22 4.96 -12.55
CA THR C 646 12.86 3.64 -12.58
C THR C 646 14.37 3.76 -12.64
N TYR C 647 14.87 4.71 -13.44
CA TYR C 647 16.30 4.95 -13.52
C TYR C 647 16.92 5.17 -12.13
N TYR C 648 16.23 5.91 -11.26
CA TYR C 648 16.77 6.16 -9.91
C TYR C 648 16.61 4.95 -9.01
N ARG C 649 15.58 4.13 -9.23
CA ARG C 649 15.49 2.85 -8.54
C ARG C 649 16.70 1.96 -8.84
N PHE C 650 17.07 1.86 -10.13
CA PHE C 650 18.23 1.04 -10.51
C PHE C 650 19.51 1.53 -9.83
N ARG C 651 19.64 2.84 -9.69
CA ARG C 651 20.77 3.41 -8.97
C ARG C 651 20.78 2.90 -7.53
N GLY C 652 19.62 2.92 -6.89
CA GLY C 652 19.54 2.42 -5.53
C GLY C 652 19.92 0.96 -5.43
N ILE C 653 19.46 0.14 -6.37
CA ILE C 653 19.76 -1.28 -6.36
C ILE C 653 21.25 -1.50 -6.52
N LEU C 654 21.89 -0.73 -7.40
CA LEU C 654 23.34 -0.85 -7.59
C LEU C 654 24.11 -0.52 -6.32
N VAL C 655 23.65 0.49 -5.57
CA VAL C 655 24.33 0.84 -4.34
C VAL C 655 24.11 -0.26 -3.29
N ASP C 656 22.88 -0.80 -3.22
CA ASP C 656 22.60 -1.96 -2.38
C ASP C 656 23.56 -3.11 -2.65
N LYS C 657 23.73 -3.48 -3.92
CA LYS C 657 24.62 -4.59 -4.24
C LYS C 657 26.06 -4.26 -3.87
N TYR C 658 26.47 -3.00 -4.08
CA TYR C 658 27.85 -2.64 -3.77
C TYR C 658 28.13 -2.72 -2.28
N LEU C 659 27.23 -2.19 -1.45
CA LEU C 659 27.44 -2.19 -0.02
C LEU C 659 27.43 -3.62 0.52
N ARG C 660 26.69 -4.53 -0.13
CA ARG C 660 26.66 -5.91 0.33
C ARG C 660 27.97 -6.62 0.01
N SER C 661 28.57 -6.30 -1.13
CA SER C 661 29.87 -6.83 -1.49
C SER C 661 30.98 -6.33 -0.55
N LYS C 662 30.74 -5.23 0.16
CA LYS C 662 31.65 -4.76 1.19
C LYS C 662 31.21 -5.23 2.58
N ASN C 663 30.31 -6.22 2.66
CA ASN C 663 29.77 -6.75 3.90
C ASN C 663 29.38 -5.65 4.87
N VAL C 664 28.80 -4.58 4.33
CA VAL C 664 27.99 -3.69 5.15
C VAL C 664 26.69 -4.39 5.47
N ASP C 665 26.26 -4.32 6.72
CA ASP C 665 25.09 -5.08 7.09
C ASP C 665 23.83 -4.32 6.69
N PRO C 666 22.86 -4.97 6.05
CA PRO C 666 21.70 -4.26 5.49
C PRO C 666 20.86 -3.50 6.51
N SER C 667 21.03 -3.71 7.82
CA SER C 667 20.30 -2.92 8.81
C SER C 667 20.88 -1.55 9.05
N GLN C 668 22.06 -1.25 8.51
CA GLN C 668 22.64 0.08 8.71
C GLN C 668 22.14 1.10 7.69
N TYR C 669 21.37 0.66 6.69
CA TYR C 669 20.90 1.57 5.67
C TYR C 669 19.60 1.05 5.08
N SER C 670 18.79 1.98 4.57
CA SER C 670 17.57 1.64 3.86
C SER C 670 17.62 2.26 2.46
N ILE C 671 17.50 1.41 1.44
CA ILE C 671 17.50 1.87 0.05
C ILE C 671 16.22 2.65 -0.23
N VAL C 672 16.37 3.84 -0.79
CA VAL C 672 15.23 4.62 -1.29
C VAL C 672 15.20 4.62 -2.82
N GLY C 673 16.31 4.95 -3.46
CA GLY C 673 16.37 4.89 -4.92
C GLY C 673 15.49 5.88 -5.64
N SER C 674 15.39 7.10 -5.15
CA SER C 674 14.68 8.16 -5.83
C SER C 674 15.67 9.23 -6.31
N GLY C 675 15.12 10.24 -6.99
CA GLY C 675 15.96 11.32 -7.49
C GLY C 675 16.58 12.16 -6.39
N SER C 676 15.97 12.18 -5.21
CA SER C 676 16.52 13.01 -4.14
C SER C 676 17.31 12.21 -3.10
N LYS C 677 16.96 10.95 -2.87
CA LYS C 677 17.66 10.10 -1.90
C LYS C 677 18.03 8.78 -2.54
N THR C 678 19.32 8.47 -2.57
CA THR C 678 19.71 7.11 -2.97
C THR C 678 19.43 6.13 -1.84
N PHE C 679 19.89 6.46 -0.63
CA PHE C 679 19.57 5.67 0.55
C PHE C 679 19.62 6.55 1.79
N THR C 680 19.15 5.99 2.90
CA THR C 680 19.16 6.63 4.20
C THR C 680 20.04 5.80 5.13
N VAL C 681 20.88 6.48 5.90
CA VAL C 681 21.76 5.78 6.82
C VAL C 681 21.00 5.49 8.11
N LEU C 682 21.03 4.24 8.55
CA LEU C 682 20.36 3.90 9.80
C LEU C 682 21.32 4.00 10.98
N SER C 683 22.45 3.34 10.87
CA SER C 683 23.48 3.40 11.89
C SER C 683 24.82 3.68 11.24
N HIS C 684 25.76 4.17 12.07
CA HIS C 684 27.09 4.58 11.62
C HIS C 684 27.84 3.41 11.03
N PHE C 685 28.29 3.57 9.79
CA PHE C 685 29.19 2.60 9.19
C PHE C 685 30.19 3.32 8.29
N GLU C 686 31.24 2.59 7.93
CA GLU C 686 32.28 3.10 7.07
C GLU C 686 32.61 2.02 6.05
N VAL C 687 33.01 2.46 4.87
CA VAL C 687 33.45 1.57 3.80
C VAL C 687 34.92 1.86 3.56
N PRO C 688 35.79 0.84 3.57
CA PRO C 688 37.19 1.07 3.19
C PRO C 688 37.30 1.53 1.75
N HIS C 689 38.27 2.43 1.53
CA HIS C 689 38.48 3.08 0.25
C HIS C 689 39.87 3.72 0.30
N GLU C 690 40.61 3.63 -0.79
CA GLU C 690 41.95 4.21 -0.80
C GLU C 690 41.91 5.73 -0.63
N CYS C 691 40.79 6.37 -0.90
CA CYS C 691 40.59 7.79 -0.64
C CYS C 691 39.76 8.02 0.61
N GLY C 692 39.52 7.00 1.41
CA GLY C 692 38.61 7.12 2.52
C GLY C 692 39.27 6.87 3.87
N PRO C 693 38.60 6.11 4.75
CA PRO C 693 37.32 5.42 4.51
C PRO C 693 36.14 6.36 4.31
N LEU C 694 35.17 5.90 3.52
CA LEU C 694 33.92 6.61 3.38
C LEU C 694 33.13 6.44 4.65
N VAL C 695 32.71 7.55 5.25
CA VAL C 695 32.03 7.57 6.54
C VAL C 695 30.58 7.95 6.34
N PHE C 696 29.68 7.23 7.01
CA PHE C 696 28.26 7.48 6.87
C PHE C 696 27.63 7.60 8.26
N GLU C 697 26.96 8.71 8.51
CA GLU C 697 26.46 9.08 9.84
C GLU C 697 24.97 8.75 9.97
N ALA C 698 24.60 8.21 11.12
CA ALA C 698 23.22 7.81 11.38
C ALA C 698 22.25 8.95 11.14
N SER C 699 21.08 8.61 10.60
CA SER C 699 19.98 9.56 10.38
C SER C 699 20.38 10.65 9.38
N THR C 700 21.03 10.25 8.29
CA THR C 700 21.25 11.15 7.17
C THR C 700 20.89 10.45 5.87
N ASP C 701 20.59 11.27 4.88
CA ASP C 701 20.31 10.84 3.51
C ASP C 701 21.57 10.95 2.65
N VAL C 702 21.80 9.94 1.82
CA VAL C 702 22.92 9.91 0.89
C VAL C 702 22.36 9.98 -0.52
N ASN C 703 22.83 10.94 -1.30
CA ASN C 703 22.43 11.13 -2.69
C ASN C 703 23.70 11.11 -3.54
N ILE C 704 23.94 10.01 -4.28
CA ILE C 704 25.23 9.88 -4.97
C ILE C 704 25.27 10.78 -6.20
N SER C 705 26.49 11.01 -6.69
CA SER C 705 26.73 11.90 -7.83
C SER C 705 26.25 11.25 -9.13
N GLY C 706 25.12 11.72 -9.67
CA GLY C 706 24.64 11.13 -10.92
C GLY C 706 25.47 11.51 -12.14
N HIS C 707 26.11 12.67 -12.11
CA HIS C 707 26.88 13.12 -13.28
C HIS C 707 28.07 12.19 -13.54
N LEU C 708 28.71 11.69 -12.48
CA LEU C 708 29.84 10.78 -12.64
C LEU C 708 29.42 9.57 -13.45
N LEU C 709 28.26 9.00 -13.12
CA LEU C 709 27.77 7.83 -13.81
C LEU C 709 27.54 8.08 -15.30
N SER C 710 26.82 9.17 -15.64
CA SER C 710 26.53 9.39 -17.06
C SER C 710 27.75 9.84 -17.85
N LEU C 711 28.65 10.61 -17.24
CA LEU C 711 29.90 10.94 -17.93
C LEU C 711 30.75 9.70 -18.20
N ALA C 712 30.63 8.66 -17.37
CA ALA C 712 31.39 7.44 -17.62
C ALA C 712 30.87 6.71 -18.85
N ILE C 713 29.56 6.75 -19.08
CA ILE C 713 29.00 6.27 -20.34
C ILE C 713 29.53 7.09 -21.51
N ALA C 714 29.37 8.42 -21.43
CA ALA C 714 29.74 9.27 -22.55
C ALA C 714 31.21 9.11 -22.91
N ALA C 715 32.07 8.81 -21.92
CA ALA C 715 33.51 8.65 -22.16
C ALA C 715 33.83 7.41 -23.00
N HIS C 716 32.88 6.49 -23.18
CA HIS C 716 33.05 5.40 -24.14
C HIS C 716 33.11 5.88 -25.58
N PHE C 717 32.49 7.02 -25.88
CA PHE C 717 32.22 7.38 -27.27
C PHE C 717 32.91 8.64 -27.75
N VAL C 718 33.18 9.61 -26.86
CA VAL C 718 33.76 10.88 -27.25
C VAL C 718 34.67 11.34 -26.11
N ALA C 719 35.47 12.35 -26.39
CA ALA C 719 36.31 12.92 -25.35
C ALA C 719 35.46 13.40 -24.19
N SER C 720 36.02 13.29 -23.01
CA SER C 720 35.29 13.32 -21.77
C SER C 720 35.66 14.54 -20.94
N PRO C 721 34.68 15.25 -20.41
CA PRO C 721 34.99 16.33 -19.46
C PRO C 721 35.10 15.82 -18.02
N MET C 722 35.34 14.52 -17.80
CA MET C 722 35.12 13.93 -16.47
C MET C 722 36.14 14.42 -15.44
N ILE C 723 37.38 14.64 -15.87
CA ILE C 723 38.44 15.01 -14.94
C ILE C 723 38.26 16.47 -14.51
N LEU C 724 37.99 17.35 -15.48
CA LEU C 724 37.70 18.74 -15.15
C LEU C 724 36.47 18.83 -14.25
N TRP C 725 35.43 18.04 -14.56
CA TRP C 725 34.26 17.99 -13.68
C TRP C 725 34.63 17.54 -12.27
N ALA C 726 35.49 16.52 -12.15
CA ALA C 726 35.84 15.99 -10.82
C ALA C 726 36.55 17.03 -9.96
N GLU C 727 37.45 17.84 -10.57
CA GLU C 727 38.11 18.92 -9.85
C GLU C 727 37.11 19.98 -9.38
N GLN C 728 36.17 20.33 -10.25
CA GLN C 728 35.09 21.22 -9.88
C GLN C 728 34.26 20.63 -8.75
N MET C 729 33.89 19.36 -8.89
CA MET C 729 33.09 18.70 -7.86
C MET C 729 33.84 18.67 -6.53
N LYS C 730 35.16 18.40 -6.56
CA LYS C 730 35.94 18.47 -5.32
C LYS C 730 35.82 19.84 -4.66
N TYR C 731 35.85 20.90 -5.47
CA TYR C 731 35.72 22.26 -4.96
C TYR C 731 34.34 22.54 -4.40
N MET C 732 33.30 21.83 -4.86
CA MET C 732 31.93 22.18 -4.54
C MET C 732 31.37 21.42 -3.32
N ALA C 733 32.24 21.04 -2.38
CA ALA C 733 31.77 20.45 -1.14
C ALA C 733 31.05 21.47 -0.26
N VAL C 734 31.28 22.76 -0.47
CA VAL C 734 30.61 23.84 0.23
C VAL C 734 30.24 24.88 -0.80
N ASP C 735 29.41 25.84 -0.38
CA ASP C 735 29.01 26.94 -1.24
C ASP C 735 30.24 27.76 -1.63
N ARG C 736 30.22 28.32 -2.84
CA ARG C 736 31.36 29.08 -3.33
C ARG C 736 30.86 30.33 -4.02
N MET C 737 31.41 31.48 -3.62
CA MET C 737 30.97 32.76 -4.16
C MET C 737 31.29 32.86 -5.66
N LEU C 738 30.35 33.41 -6.44
CA LEU C 738 30.55 33.60 -7.87
C LEU C 738 31.69 34.59 -8.13
N PRO C 739 32.46 34.39 -9.21
CA PRO C 739 33.52 35.35 -9.54
C PRO C 739 32.92 36.68 -9.97
N PRO C 740 33.42 37.79 -9.43
CA PRO C 740 32.76 39.08 -9.69
C PRO C 740 32.88 39.54 -11.13
N ASN C 741 33.90 39.10 -11.86
CA ASN C 741 34.20 39.56 -13.20
C ASN C 741 33.39 38.88 -14.29
N LEU C 742 32.50 37.94 -13.94
CA LEU C 742 31.78 37.17 -14.95
C LEU C 742 30.28 37.48 -14.91
N ASP C 743 29.68 37.58 -16.08
CA ASP C 743 28.24 37.71 -16.15
C ASP C 743 27.58 36.55 -15.42
N LYS C 744 26.75 36.90 -14.43
CA LYS C 744 26.05 35.90 -13.62
C LYS C 744 25.23 34.94 -14.48
N SER C 745 24.78 35.38 -15.66
CA SER C 745 23.99 34.52 -16.54
C SER C 745 24.75 33.28 -16.98
N LEU C 746 26.09 33.31 -17.00
CA LEU C 746 26.84 32.11 -17.37
C LEU C 746 26.69 30.99 -16.35
N PHE C 747 26.21 31.29 -15.14
CA PHE C 747 25.93 30.29 -14.13
C PHE C 747 24.47 29.87 -14.09
N PHE C 748 23.70 30.12 -15.17
CA PHE C 748 22.27 29.83 -15.16
C PHE C 748 22.00 28.35 -14.92
N ASP C 749 22.92 27.48 -15.29
CA ASP C 749 22.59 26.06 -15.26
C ASP C 749 22.90 25.41 -13.92
N ASN C 750 23.34 26.19 -12.94
CA ASN C 750 23.59 25.67 -11.60
C ASN C 750 22.78 26.48 -10.59
N LYS C 751 22.51 25.87 -9.44
CA LYS C 751 21.78 26.55 -8.37
C LYS C 751 22.65 27.59 -7.68
N VAL C 752 22.07 28.78 -7.45
CA VAL C 752 22.76 29.89 -6.81
C VAL C 752 21.97 30.30 -5.57
N THR C 753 22.66 30.53 -4.45
CA THR C 753 22.04 30.85 -3.17
C THR C 753 21.55 32.31 -3.15
N PRO C 754 20.78 32.69 -2.12
CA PRO C 754 20.42 34.13 -2.00
C PRO C 754 21.63 35.04 -1.88
N SER C 755 22.67 34.62 -1.15
CA SER C 755 23.87 35.44 -1.02
C SER C 755 24.65 35.62 -2.32
N GLY C 756 24.21 35.04 -3.43
CA GLY C 756 25.00 35.08 -4.66
C GLY C 756 26.16 34.10 -4.68
N ALA C 757 25.99 32.92 -4.10
CA ALA C 757 27.02 31.89 -4.11
C ALA C 757 26.56 30.69 -4.91
N LEU C 758 27.50 30.04 -5.58
CA LEU C 758 27.20 28.75 -6.17
C LEU C 758 26.93 27.76 -5.03
N GLN C 759 25.77 27.12 -5.06
CA GLN C 759 25.43 26.20 -3.98
C GLN C 759 26.22 24.90 -4.09
N ARG C 760 26.59 24.34 -2.94
CA ARG C 760 27.35 23.09 -2.82
C ARG C 760 26.72 21.96 -3.61
N TRP C 761 27.53 20.99 -4.05
CA TRP C 761 27.01 19.90 -4.88
C TRP C 761 26.88 18.57 -4.12
N HIS C 762 28.02 17.92 -3.84
CA HIS C 762 27.97 16.64 -3.16
C HIS C 762 29.13 16.55 -2.18
N SER C 763 28.94 15.71 -1.17
CA SER C 763 30.03 15.34 -0.27
C SER C 763 30.99 14.41 -1.01
N ARG C 764 32.20 14.28 -0.46
CA ARG C 764 33.16 13.38 -1.09
C ARG C 764 32.68 11.94 -1.05
N GLU C 765 31.92 11.57 0.00
CA GLU C 765 31.31 10.23 0.06
C GLU C 765 30.39 9.97 -1.12
N GLU C 766 29.52 10.93 -1.44
CA GLU C 766 28.54 10.72 -2.49
C GLU C 766 29.19 10.61 -3.86
N VAL C 767 30.34 11.27 -4.05
CA VAL C 767 31.09 11.18 -5.29
C VAL C 767 31.83 9.86 -5.37
N LEU C 768 32.58 9.52 -4.33
CA LEU C 768 33.35 8.29 -4.37
C LEU C 768 32.44 7.05 -4.39
N LEU C 769 31.26 7.14 -3.79
CA LEU C 769 30.31 6.03 -3.91
C LEU C 769 29.88 5.84 -5.36
N ALA C 770 29.67 6.94 -6.08
CA ALA C 770 29.33 6.81 -7.48
C ALA C 770 30.48 6.20 -8.27
N ALA C 771 31.72 6.58 -7.93
CA ALA C 771 32.87 6.01 -8.62
C ALA C 771 32.93 4.51 -8.38
N GLU C 772 32.61 4.09 -7.15
CA GLU C 772 32.65 2.67 -6.77
C GLU C 772 31.62 1.84 -7.52
N ILE C 773 30.45 2.40 -7.87
CA ILE C 773 29.44 1.62 -8.58
C ILE C 773 29.48 1.86 -10.06
N CYS C 774 30.39 2.71 -10.52
CA CYS C 774 30.45 3.12 -11.92
C CYS C 774 30.54 1.95 -12.90
N GLU C 775 31.39 0.96 -12.59
CA GLU C 775 31.56 -0.18 -13.49
C GLU C 775 30.26 -0.99 -13.62
N SER C 776 29.59 -1.25 -12.51
CA SER C 776 28.33 -1.97 -12.57
C SER C 776 27.24 -1.14 -13.24
N TYR C 777 27.29 0.19 -13.12
CA TYR C 777 26.34 1.03 -13.85
C TYR C 777 26.57 0.96 -15.35
N ALA C 778 27.83 1.07 -15.78
CA ALA C 778 28.13 0.92 -17.19
C ALA C 778 27.73 -0.43 -17.73
N ALA C 779 28.00 -1.50 -16.96
CA ALA C 779 27.63 -2.85 -17.37
C ALA C 779 26.12 -3.00 -17.52
N MET C 780 25.36 -2.38 -16.62
CA MET C 780 23.90 -2.42 -16.74
C MET C 780 23.43 -1.65 -17.97
N MET C 781 23.84 -0.39 -18.11
CA MET C 781 23.32 0.44 -19.19
C MET C 781 23.70 -0.10 -20.56
N LEU C 782 24.86 -0.75 -20.67
CA LEU C 782 25.35 -1.20 -21.96
C LEU C 782 25.33 -2.72 -22.10
N ASN C 783 24.51 -3.41 -21.29
CA ASN C 783 24.31 -4.85 -21.42
C ASN C 783 25.66 -5.58 -21.48
N ASN C 784 26.52 -5.26 -20.50
CA ASN C 784 27.88 -5.82 -20.37
C ASN C 784 28.72 -5.65 -21.63
N LYS C 785 28.37 -4.73 -22.53
CA LYS C 785 29.21 -4.41 -23.68
C LYS C 785 30.01 -3.13 -23.49
N HIS C 786 30.25 -2.76 -22.24
CA HIS C 786 31.01 -1.58 -21.84
C HIS C 786 32.50 -1.90 -21.89
N SER C 787 33.32 -0.92 -21.55
CA SER C 787 34.76 -1.13 -21.46
C SER C 787 35.20 -0.99 -20.02
N PRO C 788 35.52 -2.11 -19.34
CA PRO C 788 36.16 -2.01 -18.02
C PRO C 788 37.40 -1.14 -18.00
N ASP C 789 38.18 -1.11 -19.09
CA ASP C 789 39.39 -0.30 -19.10
C ASP C 789 39.06 1.20 -19.11
N ILE C 790 38.02 1.60 -19.85
CA ILE C 790 37.67 3.02 -19.85
C ILE C 790 37.23 3.42 -18.44
N ILE C 791 36.35 2.63 -17.84
CA ILE C 791 35.90 2.90 -16.47
C ILE C 791 37.08 2.94 -15.51
N GLY C 792 38.00 1.97 -15.64
CA GLY C 792 39.12 1.92 -14.72
C GLY C 792 40.04 3.12 -14.80
N THR C 793 40.33 3.61 -16.01
CA THR C 793 41.17 4.80 -16.07
C THR C 793 40.45 6.02 -15.47
N LEU C 794 39.14 6.14 -15.73
CA LEU C 794 38.37 7.22 -15.10
C LEU C 794 38.36 7.07 -13.60
N LYS C 795 38.12 5.84 -13.12
CA LYS C 795 38.06 5.62 -11.68
C LYS C 795 39.40 5.91 -11.02
N SER C 796 40.49 5.53 -11.67
CA SER C 796 41.80 5.82 -11.09
C SER C 796 42.06 7.32 -11.04
N ALA C 797 41.69 8.05 -12.09
CA ALA C 797 41.90 9.49 -12.09
C ALA C 797 41.04 10.19 -11.02
N ILE C 798 39.80 9.76 -10.85
CA ILE C 798 38.95 10.36 -9.82
C ILE C 798 39.53 10.12 -8.43
N ASN C 799 40.12 8.93 -8.22
CA ASN C 799 40.75 8.65 -6.93
C ASN C 799 41.99 9.51 -6.72
N LEU C 800 42.67 9.90 -7.80
CA LEU C 800 43.79 10.82 -7.63
C LEU C 800 43.29 12.23 -7.33
N VAL C 801 42.21 12.66 -7.97
CA VAL C 801 41.61 13.95 -7.64
C VAL C 801 41.27 14.01 -6.15
N PHE C 802 40.66 12.94 -5.63
CA PHE C 802 40.27 12.89 -4.23
C PHE C 802 41.29 12.16 -3.35
N LYS C 803 42.56 12.09 -3.80
CA LYS C 803 43.61 11.44 -3.02
C LYS C 803 43.67 11.96 -1.60
N ILE C 804 43.91 11.05 -0.65
CA ILE C 804 43.87 11.35 0.79
C ILE C 804 45.27 11.59 1.35
N ASP D 8 -31.78 2.52 20.80
CA ASP D 8 -31.56 2.04 19.44
C ASP D 8 -31.77 0.52 19.35
N TYR D 9 -32.25 0.06 18.20
CA TYR D 9 -32.50 -1.34 17.94
C TYR D 9 -31.56 -1.90 16.86
N CYS D 10 -30.30 -1.49 16.89
CA CYS D 10 -29.31 -2.01 15.96
C CYS D 10 -28.06 -2.42 16.75
N ILE D 11 -27.34 -3.40 16.22
CA ILE D 11 -26.00 -3.73 16.69
C ILE D 11 -25.04 -3.54 15.53
N PRO D 12 -23.75 -3.21 15.77
CA PRO D 12 -23.19 -2.93 17.10
C PRO D 12 -23.90 -1.73 17.75
N ASN D 13 -23.90 -1.65 19.07
CA ASN D 13 -24.60 -0.56 19.73
C ASN D 13 -23.68 0.14 20.70
N PHE D 14 -23.42 1.42 20.44
CA PHE D 14 -22.70 2.28 21.38
C PHE D 14 -23.62 3.24 22.12
N SER D 15 -24.78 3.56 21.55
CA SER D 15 -25.68 4.57 22.12
C SER D 15 -26.25 4.14 23.46
N GLN D 16 -27.01 3.05 23.47
CA GLN D 16 -27.62 2.56 24.71
C GLN D 16 -26.62 1.88 25.64
N THR D 17 -25.43 1.51 25.17
CA THR D 17 -24.53 0.72 26.00
C THR D 17 -23.44 1.55 26.68
N VAL D 18 -22.98 2.66 26.10
CA VAL D 18 -21.86 3.44 26.65
C VAL D 18 -22.37 4.83 27.02
N ASN D 19 -22.63 5.04 28.30
CA ASN D 19 -22.83 6.39 28.86
C ASN D 19 -21.75 6.67 29.90
N GLU D 20 -21.94 7.78 30.63
CA GLU D 20 -20.99 8.16 31.67
C GLU D 20 -20.89 7.08 32.75
N ARG D 21 -22.01 6.39 33.02
CA ARG D 21 -21.99 5.32 34.01
C ARG D 21 -21.14 4.14 33.53
N THR D 22 -21.22 3.82 32.24
CA THR D 22 -20.36 2.77 31.68
C THR D 22 -18.89 3.16 31.82
N ILE D 23 -18.56 4.42 31.52
CA ILE D 23 -17.20 4.91 31.68
C ILE D 23 -16.72 4.71 33.12
N ILE D 24 -17.58 5.02 34.10
CA ILE D 24 -17.20 4.80 35.49
C ILE D 24 -16.95 3.32 35.74
N ASP D 25 -17.81 2.46 35.18
CA ASP D 25 -17.65 1.03 35.37
C ASP D 25 -16.34 0.53 34.79
N ILE D 26 -15.89 1.11 33.69
CA ILE D 26 -14.58 0.78 33.15
C ILE D 26 -13.48 1.18 34.12
N PHE D 27 -13.56 2.39 34.69
CA PHE D 27 -12.59 2.79 35.70
C PHE D 27 -12.55 1.78 36.84
N THR D 28 -13.73 1.36 37.30
CA THR D 28 -13.82 0.38 38.37
C THR D 28 -13.16 -0.94 37.96
N ILE D 29 -13.40 -1.39 36.73
CA ILE D 29 -12.84 -2.68 36.31
C ILE D 29 -11.33 -2.61 36.24
N CYS D 30 -10.78 -1.42 36.00
CA CYS D 30 -9.32 -1.28 35.94
C CYS D 30 -8.65 -1.60 37.26
N ARG D 31 -9.39 -1.60 38.38
CA ARG D 31 -8.85 -2.04 39.66
C ARG D 31 -8.53 -3.52 39.67
N TYR D 32 -9.16 -4.30 38.80
CA TYR D 32 -9.02 -5.74 38.72
C TYR D 32 -8.13 -6.15 37.57
N ARG D 33 -7.35 -5.22 37.00
CA ARG D 33 -6.71 -5.48 35.72
C ARG D 33 -5.47 -6.37 35.80
N SER D 34 -5.17 -6.97 36.96
CA SER D 34 -3.99 -7.82 37.14
C SER D 34 -4.41 -9.22 37.61
N PRO D 35 -5.09 -10.00 36.77
CA PRO D 35 -5.59 -11.33 37.20
C PRO D 35 -4.62 -12.49 37.03
N LEU D 36 -3.45 -12.29 36.45
CA LEU D 36 -2.65 -13.43 36.00
C LEU D 36 -1.79 -14.01 37.12
N VAL D 37 -1.71 -15.34 37.17
CA VAL D 37 -0.69 -16.05 37.93
C VAL D 37 0.11 -16.89 36.93
N VAL D 38 1.44 -16.84 37.03
CA VAL D 38 2.31 -17.74 36.25
C VAL D 38 3.02 -18.67 37.23
N PHE D 39 2.80 -19.98 37.06
CA PHE D 39 3.19 -21.01 38.04
C PHE D 39 4.05 -22.07 37.34
N CYS D 40 5.33 -22.11 37.68
CA CYS D 40 6.27 -23.04 37.04
C CYS D 40 6.55 -24.24 37.95
N LEU D 41 6.35 -25.44 37.43
CA LEU D 41 6.58 -26.67 38.20
C LEU D 41 7.00 -27.77 37.24
N SER D 42 7.41 -28.91 37.80
CA SER D 42 8.06 -29.95 37.03
C SER D 42 7.18 -31.19 36.84
N HIS D 43 5.91 -31.14 37.23
CA HIS D 43 5.07 -32.34 37.29
C HIS D 43 3.77 -32.10 36.54
N ASN D 44 3.67 -32.71 35.35
CA ASN D 44 2.62 -32.34 34.43
C ASN D 44 1.26 -32.82 34.91
N GLU D 45 1.21 -33.98 35.55
CA GLU D 45 -0.05 -34.51 36.05
C GLU D 45 -0.53 -33.72 37.25
N LEU D 46 0.39 -33.25 38.09
CA LEU D 46 0.02 -32.35 39.17
C LEU D 46 -0.58 -31.06 38.64
N ALA D 47 0.07 -30.47 37.62
CA ALA D 47 -0.45 -29.26 37.00
C ALA D 47 -1.86 -29.47 36.46
N LYS D 48 -2.08 -30.58 35.73
CA LYS D 48 -3.40 -30.83 35.16
C LYS D 48 -4.47 -30.96 36.25
N LYS D 49 -4.15 -31.65 37.35
CA LYS D 49 -5.12 -31.80 38.44
C LYS D 49 -5.55 -30.44 39.01
N TYR D 50 -4.58 -29.61 39.37
CA TYR D 50 -4.91 -28.31 39.96
C TYR D 50 -5.51 -27.35 38.95
N ALA D 51 -5.11 -27.45 37.68
CA ALA D 51 -5.79 -26.66 36.64
C ALA D 51 -7.27 -27.02 36.58
N GLN D 52 -7.59 -28.32 36.56
CA GLN D 52 -8.98 -28.75 36.61
C GLN D 52 -9.66 -28.26 37.88
N ASP D 53 -8.94 -28.34 39.01
CA ASP D 53 -9.54 -28.02 40.31
C ASP D 53 -9.90 -26.54 40.41
N VAL D 54 -8.99 -25.66 39.98
CA VAL D 54 -9.27 -24.24 40.13
C VAL D 54 -10.27 -23.78 39.06
N SER D 55 -10.19 -24.37 37.88
CA SER D 55 -11.12 -24.07 36.80
C SER D 55 -12.55 -24.48 37.16
N MET D 56 -12.73 -25.72 37.61
CA MET D 56 -14.07 -26.21 37.93
C MET D 56 -14.67 -25.48 39.12
N SER D 57 -13.86 -25.07 40.09
CA SER D 57 -14.39 -24.54 41.34
C SER D 57 -14.63 -23.04 41.31
N SER D 58 -13.82 -22.28 40.57
CA SER D 58 -13.89 -20.83 40.57
C SER D 58 -14.00 -20.21 39.18
N GLY D 59 -13.97 -21.00 38.10
CA GLY D 59 -13.98 -20.44 36.76
C GLY D 59 -12.66 -19.84 36.26
N THR D 60 -11.59 -20.01 37.01
CA THR D 60 -10.28 -19.52 36.58
C THR D 60 -9.93 -20.08 35.19
N HIS D 61 -9.44 -19.20 34.31
CA HIS D 61 -8.95 -19.66 33.02
C HIS D 61 -7.54 -20.24 33.14
N VAL D 62 -7.34 -21.47 32.68
CA VAL D 62 -6.08 -22.17 32.91
C VAL D 62 -5.43 -22.51 31.58
N HIS D 63 -4.11 -22.31 31.49
CA HIS D 63 -3.28 -22.76 30.37
C HIS D 63 -2.11 -23.56 30.91
N ILE D 64 -1.70 -24.58 30.15
CA ILE D 64 -0.54 -25.39 30.51
C ILE D 64 0.42 -25.36 29.33
N ILE D 65 1.58 -24.73 29.51
CA ILE D 65 2.65 -24.77 28.53
C ILE D 65 3.52 -25.96 28.91
N ASP D 66 3.33 -27.09 28.24
CA ASP D 66 3.90 -28.35 28.69
C ASP D 66 4.96 -28.92 27.75
N GLY D 67 5.30 -28.22 26.67
CA GLY D 67 6.34 -28.70 25.79
C GLY D 67 5.88 -29.59 24.65
N SER D 68 4.57 -29.86 24.54
CA SER D 68 4.06 -30.57 23.38
C SER D 68 4.14 -29.70 22.13
N VAL D 69 4.10 -28.39 22.32
CA VAL D 69 4.23 -27.41 21.26
C VAL D 69 5.55 -26.68 21.49
N GLU D 70 6.18 -26.25 20.40
CA GLU D 70 7.41 -25.49 20.52
C GLU D 70 7.21 -24.27 21.39
N ILE D 71 8.24 -23.92 22.17
CA ILE D 71 8.06 -22.99 23.29
C ILE D 71 7.71 -21.59 22.79
N THR D 72 8.31 -21.15 21.68
CA THR D 72 8.04 -19.82 21.13
C THR D 72 6.60 -19.66 20.70
N VAL D 73 6.07 -20.63 19.95
CA VAL D 73 4.69 -20.50 19.51
C VAL D 73 3.72 -20.80 20.66
N SER D 74 4.14 -21.59 21.64
CA SER D 74 3.31 -21.83 22.82
C SER D 74 3.11 -20.53 23.61
N LEU D 75 4.20 -19.81 23.87
CA LEU D 75 4.12 -18.51 24.53
C LEU D 75 3.30 -17.51 23.70
N TYR D 76 3.52 -17.50 22.38
CA TYR D 76 2.77 -16.59 21.51
C TYR D 76 1.27 -16.84 21.63
N ARG D 77 0.85 -18.10 21.49
CA ARG D 77 -0.57 -18.43 21.51
C ARG D 77 -1.20 -18.14 22.87
N THR D 78 -0.48 -18.43 23.96
CA THR D 78 -1.04 -18.27 25.29
C THR D 78 -1.24 -16.80 25.61
N PHE D 79 -0.23 -15.98 25.37
CA PHE D 79 -0.29 -14.61 25.85
C PHE D 79 -0.99 -13.68 24.88
N ARG D 80 -1.15 -14.05 23.61
CA ARG D 80 -2.07 -13.30 22.77
C ARG D 80 -3.50 -13.45 23.28
N THR D 81 -3.88 -14.69 23.63
CA THR D 81 -5.20 -14.91 24.22
C THR D 81 -5.36 -14.16 25.54
N ILE D 82 -4.37 -14.27 26.42
CA ILE D 82 -4.49 -13.65 27.74
C ILE D 82 -4.56 -12.14 27.62
N ALA D 83 -3.84 -11.54 26.66
CA ALA D 83 -3.87 -10.09 26.48
C ALA D 83 -5.29 -9.55 26.34
N THR D 84 -6.15 -10.27 25.61
CA THR D 84 -7.52 -9.79 25.38
C THR D 84 -8.40 -9.92 26.61
N GLN D 85 -7.96 -10.64 27.65
CA GLN D 85 -8.82 -11.04 28.75
C GLN D 85 -8.51 -10.31 30.06
N LEU D 86 -7.54 -9.38 30.06
CA LEU D 86 -7.05 -8.84 31.32
C LEU D 86 -8.07 -7.97 32.04
N LEU D 87 -9.12 -7.51 31.36
CA LEU D 87 -10.18 -6.76 32.00
C LEU D 87 -11.43 -7.62 32.21
N GLY D 88 -11.27 -8.94 32.25
CA GLY D 88 -12.40 -9.85 32.40
C GLY D 88 -12.87 -10.10 33.81
N ARG D 89 -12.11 -9.67 34.82
CA ARG D 89 -12.49 -9.85 36.22
C ARG D 89 -12.63 -11.33 36.53
N MET D 90 -11.77 -12.14 35.93
CA MET D 90 -11.63 -13.56 36.20
C MET D 90 -10.15 -13.90 36.26
N GLN D 91 -9.77 -14.72 37.24
CA GLN D 91 -8.38 -15.13 37.41
C GLN D 91 -7.93 -15.90 36.17
N ILE D 92 -6.63 -15.79 35.87
CA ILE D 92 -6.00 -16.53 34.79
C ILE D 92 -4.73 -17.16 35.35
N VAL D 93 -4.54 -18.47 35.14
CA VAL D 93 -3.34 -19.17 35.60
C VAL D 93 -2.69 -19.87 34.42
N VAL D 94 -1.40 -19.57 34.21
CA VAL D 94 -0.55 -20.28 33.24
C VAL D 94 0.37 -21.18 34.06
N PHE D 95 0.18 -22.49 33.92
CA PHE D 95 1.16 -23.45 34.40
C PHE D 95 2.24 -23.65 33.35
N VAL D 96 3.50 -23.63 33.76
CA VAL D 96 4.66 -23.86 32.90
C VAL D 96 5.37 -25.10 33.43
N THR D 97 5.33 -26.21 32.68
CA THR D 97 6.00 -27.43 33.13
C THR D 97 7.19 -27.85 32.27
N VAL D 98 7.63 -27.00 31.34
CA VAL D 98 8.88 -27.26 30.63
C VAL D 98 10.06 -26.92 31.54
N ASP D 99 11.19 -27.55 31.25
CA ASP D 99 12.40 -27.36 32.05
C ASP D 99 12.92 -25.94 31.94
N LYS D 100 13.66 -25.52 32.97
CA LYS D 100 14.37 -24.24 32.91
C LYS D 100 15.29 -24.16 31.70
N SER D 101 15.70 -25.29 31.13
CA SER D 101 16.50 -25.23 29.92
C SER D 101 15.69 -24.79 28.71
N VAL D 102 14.36 -24.93 28.74
CA VAL D 102 13.54 -24.51 27.60
C VAL D 102 13.10 -23.04 27.76
N VAL D 103 12.67 -22.64 28.94
CA VAL D 103 12.47 -21.21 29.21
C VAL D 103 12.99 -20.92 30.61
N SER D 104 13.84 -19.90 30.72
CA SER D 104 14.55 -19.66 31.96
C SER D 104 13.67 -18.99 32.99
N THR D 105 14.10 -19.08 34.26
CA THR D 105 13.39 -18.39 35.33
C THR D 105 13.24 -16.91 35.02
N GLN D 106 14.31 -16.26 34.58
CA GLN D 106 14.27 -14.81 34.38
C GLN D 106 13.40 -14.43 33.18
N VAL D 107 13.42 -15.23 32.12
CA VAL D 107 12.56 -14.94 30.96
C VAL D 107 11.09 -15.11 31.34
N MET D 108 10.76 -16.21 32.03
CA MET D 108 9.37 -16.45 32.40
C MET D 108 8.89 -15.39 33.38
N LYS D 109 9.75 -15.01 34.34
CA LYS D 109 9.43 -13.93 35.26
C LYS D 109 9.23 -12.60 34.53
N SER D 110 10.13 -12.29 33.58
CA SER D 110 9.92 -11.13 32.71
C SER D 110 8.57 -11.19 32.01
N ILE D 111 8.20 -12.36 31.48
CA ILE D 111 6.93 -12.44 30.77
C ILE D 111 5.77 -12.26 31.74
N ALA D 112 5.86 -12.88 32.93
CA ALA D 112 4.78 -12.76 33.90
C ALA D 112 4.56 -11.31 34.30
N TRP D 113 5.63 -10.57 34.56
CA TRP D 113 5.46 -9.20 35.04
C TRP D 113 5.10 -8.25 33.91
N ALA D 114 5.53 -8.55 32.68
CA ALA D 114 5.02 -7.79 31.54
C ALA D 114 3.49 -7.88 31.47
N PHE D 115 2.89 -8.95 31.99
CA PHE D 115 1.45 -9.10 31.98
C PHE D 115 0.83 -8.88 33.36
N ARG D 116 1.54 -8.16 34.24
CA ARG D 116 1.07 -7.76 35.57
C ARG D 116 0.72 -8.98 36.43
N GLY D 117 1.46 -10.07 36.25
CA GLY D 117 1.15 -11.30 36.94
C GLY D 117 2.00 -11.54 38.17
N SER D 118 1.52 -12.44 39.04
CA SER D 118 2.42 -12.98 40.04
C SER D 118 3.21 -14.12 39.43
N PHE D 119 4.42 -14.32 39.94
CA PHE D 119 5.34 -15.30 39.40
C PHE D 119 5.76 -16.27 40.49
N VAL D 120 5.59 -17.56 40.22
CA VAL D 120 5.93 -18.65 41.14
C VAL D 120 6.90 -19.57 40.40
N GLU D 121 8.13 -19.70 40.90
CA GLU D 121 9.12 -20.63 40.35
C GLU D 121 9.34 -21.78 41.33
N LEU D 122 8.85 -22.96 40.96
CA LEU D 122 9.00 -24.15 41.80
C LEU D 122 9.47 -25.36 41.00
N ARG D 123 10.13 -25.13 39.88
CA ARG D 123 10.53 -26.25 39.03
C ARG D 123 11.64 -27.13 39.62
N ASN D 124 12.19 -26.78 40.77
CA ASN D 124 13.12 -27.69 41.43
C ASN D 124 12.43 -28.70 42.35
N GLN D 125 11.16 -28.50 42.71
CA GLN D 125 10.52 -29.28 43.76
C GLN D 125 10.13 -30.67 43.28
N SER D 126 10.11 -31.63 44.21
CA SER D 126 9.67 -32.99 43.96
C SER D 126 8.13 -33.04 43.96
N VAL D 127 7.60 -34.18 43.48
CA VAL D 127 6.17 -34.30 43.22
C VAL D 127 5.34 -34.18 44.49
N ASP D 128 5.87 -34.64 45.62
CA ASP D 128 5.16 -34.53 46.90
C ASP D 128 5.90 -33.59 47.86
N SER D 129 6.61 -32.62 47.30
CA SER D 129 7.09 -31.50 48.08
C SER D 129 5.93 -30.83 48.81
N SER D 130 6.05 -30.70 50.14
CA SER D 130 5.04 -29.97 50.91
C SER D 130 4.93 -28.53 50.42
N THR D 131 6.06 -27.93 50.07
CA THR D 131 6.06 -26.57 49.52
C THR D 131 5.21 -26.49 48.24
N LEU D 132 5.41 -27.46 47.33
CA LEU D 132 4.74 -27.42 46.04
C LEU D 132 3.24 -27.69 46.18
N VAL D 133 2.88 -28.72 46.96
CA VAL D 133 1.47 -29.02 47.13
C VAL D 133 0.75 -27.89 47.84
N SER D 134 1.46 -27.19 48.72
CA SER D 134 0.83 -26.12 49.50
C SER D 134 0.51 -24.92 48.61
N LYS D 135 1.45 -24.53 47.75
CA LYS D 135 1.19 -23.39 46.88
C LYS D 135 0.16 -23.74 45.79
N LEU D 136 0.06 -25.02 45.40
CA LEU D 136 -0.98 -25.43 44.46
C LEU D 136 -2.36 -25.41 45.12
N GLU D 137 -2.46 -25.93 46.35
CA GLU D 137 -3.73 -25.88 47.06
C GLU D 137 -4.15 -24.45 47.33
N ASN D 138 -3.17 -23.56 47.57
CA ASN D 138 -3.47 -22.15 47.75
C ASN D 138 -4.18 -21.55 46.53
N LEU D 139 -3.86 -22.02 45.32
CA LEU D 139 -4.57 -21.56 44.13
C LEU D 139 -6.05 -21.82 44.27
N VAL D 140 -6.41 -23.05 44.65
CA VAL D 140 -7.82 -23.41 44.79
C VAL D 140 -8.45 -22.65 45.95
N SER D 141 -7.71 -22.48 47.06
CA SER D 141 -8.32 -21.92 48.26
C SER D 141 -8.64 -20.44 48.08
N PHE D 142 -7.73 -19.70 47.46
CA PHE D 142 -7.85 -18.25 47.42
C PHE D 142 -8.56 -17.72 46.19
N ALA D 143 -8.70 -18.53 45.14
CA ALA D 143 -9.26 -18.04 43.87
C ALA D 143 -10.57 -17.30 44.10
N PRO D 144 -10.81 -16.17 43.42
CA PRO D 144 -10.03 -15.58 42.31
C PRO D 144 -8.77 -14.80 42.70
N LEU D 145 -8.52 -14.65 44.00
CA LEU D 145 -7.30 -14.04 44.53
C LEU D 145 -6.20 -15.09 44.68
N TYR D 146 -5.00 -14.61 44.97
CA TYR D 146 -3.86 -15.46 45.21
C TYR D 146 -2.90 -14.71 46.13
N ASN D 147 -2.17 -15.45 46.95
CA ASN D 147 -1.39 -14.83 48.01
C ASN D 147 0.07 -14.56 47.60
N VAL D 148 0.45 -14.84 46.37
CA VAL D 148 1.76 -14.39 45.86
C VAL D 148 1.59 -13.04 45.17
N PRO D 149 2.42 -12.04 45.50
CA PRO D 149 2.21 -10.69 44.96
C PRO D 149 2.47 -10.61 43.46
N LYS D 150 1.86 -9.62 42.84
CA LYS D 150 2.07 -9.39 41.42
C LYS D 150 3.30 -8.51 41.27
N CYS D 151 4.13 -8.83 40.29
CA CYS D 151 5.23 -7.93 39.90
C CYS D 151 6.26 -7.75 41.01
N GLY D 152 6.47 -8.77 41.83
CA GLY D 152 7.46 -8.69 42.88
C GLY D 152 7.37 -9.89 43.79
N PRO D 153 8.52 -10.30 44.33
CA PRO D 153 8.56 -11.54 45.10
C PRO D 153 8.03 -11.35 46.50
N ASP D 154 8.14 -10.14 47.05
CA ASP D 154 7.88 -9.94 48.46
C ASP D 154 6.76 -8.95 48.68
N TYR D 155 6.23 -8.98 49.90
CA TYR D 155 5.17 -8.07 50.32
C TYR D 155 5.21 -7.94 51.83
N TYR D 156 5.16 -6.70 52.32
CA TYR D 156 5.29 -6.41 53.74
C TYR D 156 4.17 -5.49 54.23
N GLY D 157 3.08 -5.37 53.48
CA GLY D 157 1.97 -4.56 53.91
C GLY D 157 1.05 -5.29 54.87
N PRO D 158 -0.12 -4.70 55.13
CA PRO D 158 -1.01 -5.24 56.18
C PRO D 158 -1.94 -6.36 55.72
N THR D 159 -2.02 -6.68 54.43
CA THR D 159 -2.90 -7.75 53.98
C THR D 159 -2.31 -9.11 54.35
N VAL D 160 -3.07 -9.93 55.07
CA VAL D 160 -2.60 -11.24 55.53
C VAL D 160 -3.56 -12.30 55.00
N TYR D 161 -3.13 -13.05 53.98
CA TYR D 161 -4.03 -13.99 53.32
C TYR D 161 -4.50 -15.11 54.23
N SER D 162 -3.65 -15.53 55.19
CA SER D 162 -4.10 -16.57 56.12
C SER D 162 -5.31 -16.11 56.93
N GLU D 163 -5.43 -14.80 57.17
CA GLU D 163 -6.57 -14.28 57.91
C GLU D 163 -7.90 -14.51 57.17
N LEU D 164 -7.88 -14.67 55.84
CA LEU D 164 -9.09 -14.96 55.07
C LEU D 164 -9.59 -16.37 55.29
N LEU D 165 -8.78 -17.24 55.89
CA LEU D 165 -9.15 -18.63 56.11
C LEU D 165 -9.52 -18.94 57.57
N SER D 166 -9.46 -17.97 58.46
CA SER D 166 -9.60 -18.21 59.89
C SER D 166 -10.96 -17.71 60.39
N LEU D 167 -11.68 -18.59 61.10
CA LEU D 167 -12.95 -18.17 61.70
C LEU D 167 -12.74 -17.13 62.79
N ALA D 168 -11.58 -17.15 63.46
CA ALA D 168 -11.30 -16.18 64.51
C ALA D 168 -11.38 -14.75 63.99
N THR D 169 -10.75 -14.46 62.85
CA THR D 169 -10.78 -13.11 62.27
C THR D 169 -12.05 -12.79 61.51
N ASN D 170 -13.07 -13.67 61.56
CA ASN D 170 -14.24 -13.54 60.69
C ASN D 170 -13.85 -13.64 59.22
N ALA D 171 -12.73 -14.31 58.97
CA ALA D 171 -12.27 -14.62 57.61
C ALA D 171 -12.24 -13.36 56.75
N ARG D 172 -11.72 -12.27 57.32
CA ARG D 172 -11.41 -11.05 56.61
C ARG D 172 -9.97 -10.62 56.91
N THR D 173 -9.44 -9.74 56.06
CA THR D 173 -8.13 -9.15 56.29
C THR D 173 -8.14 -7.73 55.75
N HIS D 174 -7.06 -7.01 56.04
CA HIS D 174 -6.93 -5.61 55.63
C HIS D 174 -6.58 -5.50 54.16
N TRP D 175 -6.90 -4.34 53.58
CA TRP D 175 -6.79 -4.12 52.13
C TRP D 175 -6.63 -2.62 51.88
N TYR D 176 -5.38 -2.17 51.80
CA TYR D 176 -5.06 -0.76 51.63
C TYR D 176 -4.43 -0.60 50.25
N ALA D 177 -5.29 -0.57 49.22
CA ALA D 177 -4.78 -0.67 47.85
C ALA D 177 -3.83 0.48 47.53
N THR D 178 -4.24 1.71 47.86
CA THR D 178 -3.45 2.86 47.45
C THR D 178 -2.09 2.89 48.15
N ILE D 179 -2.08 2.67 49.46
CA ILE D 179 -0.84 2.62 50.23
C ILE D 179 0.08 1.51 49.70
N ASP D 180 -0.48 0.31 49.47
CA ASP D 180 0.35 -0.80 48.99
C ASP D 180 0.91 -0.52 47.61
N TYR D 181 0.12 0.10 46.73
CA TYR D 181 0.62 0.36 45.39
C TYR D 181 1.67 1.46 45.38
N SER D 182 1.55 2.43 46.29
CA SER D 182 2.60 3.45 46.41
C SER D 182 3.91 2.84 46.87
N MET D 183 3.86 1.91 47.83
CA MET D 183 5.07 1.18 48.23
C MET D 183 5.65 0.44 47.03
N PHE D 184 4.80 -0.27 46.29
CA PHE D 184 5.23 -0.94 45.06
C PHE D 184 5.95 0.02 44.13
N THR D 185 5.38 1.22 43.97
CA THR D 185 5.96 2.19 43.02
C THR D 185 7.35 2.63 43.44
N ARG D 186 7.50 3.10 44.69
CA ARG D 186 8.83 3.43 45.21
C ARG D 186 9.83 2.33 44.90
N SER D 187 9.40 1.08 45.13
CA SER D 187 10.28 -0.07 44.92
C SER D 187 10.63 -0.24 43.44
N VAL D 188 9.66 -0.01 42.55
CA VAL D 188 9.92 -0.16 41.12
C VAL D 188 10.85 0.95 40.62
N LEU D 189 10.60 2.19 41.04
CA LEU D 189 11.50 3.30 40.69
C LEU D 189 12.92 2.99 41.11
N THR D 190 13.11 2.46 42.33
CA THR D 190 14.45 2.08 42.75
C THR D 190 15.01 1.00 41.87
N GLY D 191 14.20 -0.01 41.56
CA GLY D 191 14.68 -1.06 40.67
C GLY D 191 15.02 -0.55 39.29
N PHE D 192 14.36 0.50 38.85
CA PHE D 192 14.66 0.99 37.51
C PHE D 192 16.01 1.70 37.49
N VAL D 193 16.31 2.48 38.55
CA VAL D 193 17.63 3.08 38.67
C VAL D 193 18.69 1.99 38.74
N ALA D 194 18.46 0.96 39.56
CA ALA D 194 19.40 -0.15 39.66
C ALA D 194 19.67 -0.77 38.29
N LYS D 195 18.62 -0.99 37.51
CA LYS D 195 18.81 -1.52 36.17
C LYS D 195 19.57 -0.54 35.29
N TYR D 196 19.29 0.75 35.44
CA TYR D 196 20.00 1.77 34.67
C TYR D 196 21.50 1.71 34.94
N PHE D 197 21.88 1.82 36.23
CA PHE D 197 23.27 1.64 36.65
C PHE D 197 23.88 0.39 36.04
N ASN D 198 23.15 -0.71 36.08
CA ASN D 198 23.66 -1.98 35.59
C ASN D 198 23.95 -1.91 34.09
N GLU D 199 23.03 -1.31 33.33
CA GLU D 199 23.22 -1.26 31.88
C GLU D 199 24.29 -0.26 31.49
N GLU D 200 24.38 0.87 32.20
CA GLU D 200 25.41 1.88 31.97
C GLU D 200 26.79 1.42 32.46
N ALA D 201 26.89 0.27 33.12
CA ALA D 201 28.13 -0.23 33.71
C ALA D 201 28.76 0.81 34.65
N VAL D 202 27.92 1.45 35.46
CA VAL D 202 28.42 2.45 36.41
C VAL D 202 29.24 1.75 37.50
N PRO D 203 30.35 2.32 37.95
CA PRO D 203 31.09 1.72 39.07
C PRO D 203 30.23 1.62 40.32
N ILE D 204 30.31 0.48 41.00
CA ILE D 204 29.38 0.21 42.11
C ILE D 204 29.48 1.27 43.20
N ASP D 205 30.67 1.81 43.43
CA ASP D 205 30.77 2.87 44.44
C ASP D 205 30.09 4.16 43.99
N LYS D 206 29.79 4.30 42.71
CA LYS D 206 29.08 5.47 42.19
C LYS D 206 27.58 5.25 42.06
N ARG D 207 27.07 4.08 42.44
CA ARG D 207 25.65 3.80 42.33
C ARG D 207 24.95 4.44 43.53
N ILE D 208 24.70 5.73 43.38
CA ILE D 208 24.09 6.58 44.38
C ILE D 208 22.92 7.28 43.71
N VAL D 209 21.75 7.23 44.32
CA VAL D 209 20.57 7.87 43.77
C VAL D 209 20.14 8.96 44.74
N SER D 210 19.88 10.14 44.21
CA SER D 210 19.31 11.25 44.98
C SER D 210 17.78 11.12 44.99
N ILE D 211 17.21 11.16 46.18
CA ILE D 211 15.76 11.14 46.36
C ILE D 211 15.34 12.56 46.68
N VAL D 212 14.56 13.17 45.78
CA VAL D 212 14.12 14.54 46.01
C VAL D 212 12.97 14.53 46.99
N GLY D 213 13.18 15.12 48.16
CA GLY D 213 12.23 15.07 49.26
C GLY D 213 12.47 13.87 50.15
N TYR D 214 12.20 14.04 51.44
CA TYR D 214 12.47 12.96 52.38
C TYR D 214 11.38 11.90 52.24
N ASN D 215 11.80 10.67 51.93
CA ASN D 215 10.91 9.54 51.63
C ASN D 215 11.50 8.30 52.30
N PRO D 216 11.12 8.03 53.55
CA PRO D 216 11.83 7.01 54.37
C PRO D 216 12.01 5.67 53.69
N PRO D 217 10.98 5.10 53.04
CA PRO D 217 11.15 3.73 52.51
C PRO D 217 12.27 3.58 51.50
N TYR D 218 12.74 4.65 50.86
CA TYR D 218 13.78 4.52 49.84
C TYR D 218 15.10 3.99 50.41
N VAL D 219 15.35 4.13 51.70
CA VAL D 219 16.59 3.59 52.23
C VAL D 219 16.58 2.07 52.12
N TRP D 220 15.49 1.43 52.54
CA TRP D 220 15.36 -0.01 52.40
C TRP D 220 15.35 -0.44 50.93
N THR D 221 14.53 0.21 50.10
CA THR D 221 14.46 -0.26 48.71
C THR D 221 15.81 -0.12 48.03
N CYS D 222 16.54 0.95 48.34
CA CYS D 222 17.85 1.16 47.74
C CYS D 222 18.81 0.04 48.11
N LEU D 223 18.88 -0.34 49.39
CA LEU D 223 19.83 -1.37 49.78
C LEU D 223 19.36 -2.74 49.32
N ARG D 224 18.05 -2.95 49.21
CA ARG D 224 17.54 -4.15 48.56
C ARG D 224 18.07 -4.31 47.13
N HIS D 225 18.52 -3.22 46.51
CA HIS D 225 18.97 -3.24 45.12
C HIS D 225 20.45 -2.93 44.96
N GLY D 226 21.22 -2.91 46.04
CA GLY D 226 22.65 -2.67 45.92
C GLY D 226 23.02 -1.27 45.46
N ILE D 227 22.20 -0.26 45.76
CA ILE D 227 22.52 1.13 45.50
C ILE D 227 22.30 1.92 46.79
N ARG D 228 22.84 3.13 46.82
CA ARG D 228 22.82 3.90 48.05
C ARG D 228 21.99 5.17 47.91
N PRO D 229 21.09 5.43 48.85
CA PRO D 229 20.27 6.64 48.79
C PRO D 229 20.98 7.85 49.33
N THR D 230 20.60 9.01 48.80
CA THR D 230 20.82 10.28 49.47
C THR D 230 19.60 11.16 49.24
N TYR D 231 19.26 11.98 50.23
CA TYR D 231 18.07 12.81 50.11
C TYR D 231 18.46 14.24 49.77
N ILE D 232 17.50 14.99 49.24
CA ILE D 232 17.71 16.39 48.88
C ILE D 232 16.44 17.14 49.24
N GLU D 233 16.51 17.97 50.26
CA GLU D 233 15.47 18.93 50.62
C GLU D 233 16.04 20.34 50.54
N LYS D 234 15.19 21.34 50.75
CA LYS D 234 15.68 22.70 50.97
C LYS D 234 15.03 23.30 52.20
N SER D 235 13.82 22.85 52.54
CA SER D 235 13.20 23.15 53.81
C SER D 235 13.92 22.35 54.89
N LEU D 236 14.78 23.01 55.69
CA LEU D 236 15.76 22.30 56.51
C LEU D 236 15.54 22.43 58.02
N PRO D 237 14.38 22.02 58.57
CA PRO D 237 14.13 22.25 60.00
C PRO D 237 15.18 21.58 60.89
N ASN D 238 16.01 22.39 61.53
CA ASN D 238 17.06 21.85 62.39
C ASN D 238 16.42 20.99 63.48
N PRO D 239 17.09 19.91 63.91
CA PRO D 239 16.45 19.00 64.87
C PRO D 239 16.37 19.57 66.27
N GLY D 240 17.16 20.58 66.60
CA GLY D 240 17.05 21.27 67.87
C GLY D 240 17.85 20.67 69.00
N GLY D 241 18.71 19.69 68.75
CA GLY D 241 19.57 19.11 69.76
C GLY D 241 20.96 19.73 69.76
N LYS D 242 21.90 19.03 70.37
CA LYS D 242 23.23 19.58 70.57
C LYS D 242 24.15 19.22 69.40
N GLY D 243 25.39 19.68 69.47
CA GLY D 243 26.40 19.33 68.51
C GLY D 243 26.39 20.25 67.30
N PRO D 244 27.33 20.03 66.37
CA PRO D 244 27.37 20.89 65.17
C PRO D 244 26.20 20.70 64.22
N PHE D 245 25.29 19.75 64.49
CA PHE D 245 24.17 19.51 63.58
C PHE D 245 22.86 19.25 64.32
N GLY D 246 22.83 19.41 65.63
CA GLY D 246 21.60 19.31 66.37
C GLY D 246 21.07 17.91 66.56
N LEU D 247 21.89 16.90 66.32
CA LEU D 247 21.44 15.51 66.37
C LEU D 247 21.77 14.83 67.69
N ILE D 248 22.33 15.56 68.65
CA ILE D 248 22.51 15.04 70.01
C ILE D 248 21.22 15.35 70.78
N LEU D 249 20.46 14.30 71.07
CA LEU D 249 19.16 14.41 71.73
C LEU D 249 18.25 15.41 71.01
N PRO D 250 17.87 15.15 69.76
CA PRO D 250 17.04 16.09 69.03
C PRO D 250 15.63 16.17 69.62
N VAL D 251 14.94 17.27 69.30
CA VAL D 251 13.67 17.58 69.96
C VAL D 251 12.60 16.58 69.58
N ILE D 252 11.81 16.16 70.57
CA ILE D 252 10.74 15.20 70.38
C ILE D 252 9.39 15.84 70.70
N MET D 265 4.85 -1.17 56.37
CA MET D 265 6.02 -2.04 56.43
C MET D 265 6.07 -2.94 57.67
N HIS D 266 5.33 -4.06 57.63
CA HIS D 266 5.37 -5.05 58.71
C HIS D 266 6.37 -6.15 58.36
N ASN D 267 7.64 -5.76 58.37
CA ASN D 267 8.73 -6.64 58.01
C ASN D 267 9.39 -7.18 59.27
N PRO D 268 9.48 -8.50 59.48
CA PRO D 268 10.14 -9.01 60.69
C PRO D 268 11.62 -8.66 60.77
N GLN D 269 12.27 -8.42 59.64
CA GLN D 269 13.67 -8.03 59.65
C GLN D 269 13.88 -6.52 59.80
N ILE D 270 12.82 -5.73 59.76
CA ILE D 270 12.98 -4.27 59.70
C ILE D 270 13.60 -3.69 60.96
N LYS D 271 13.48 -4.37 62.10
CA LYS D 271 14.03 -3.84 63.36
C LYS D 271 15.53 -3.56 63.23
N LEU D 272 16.28 -4.54 62.75
CA LEU D 272 17.71 -4.36 62.53
C LEU D 272 18.04 -3.72 61.18
N LEU D 273 17.15 -3.86 60.18
CA LEU D 273 17.37 -3.24 58.87
C LEU D 273 17.24 -1.73 58.92
N CYS D 274 16.55 -1.18 59.93
CA CYS D 274 16.49 0.27 60.09
C CYS D 274 17.90 0.85 60.23
N LEU D 275 18.66 0.36 61.23
CA LEU D 275 20.03 0.84 61.41
C LEU D 275 20.94 0.40 60.27
N ASP D 276 20.91 -0.89 59.94
CA ASP D 276 21.93 -1.44 59.06
C ASP D 276 21.85 -0.85 57.65
N THR D 277 20.64 -0.69 57.08
CA THR D 277 20.55 -0.12 55.72
C THR D 277 21.02 1.32 55.70
N PHE D 278 20.67 2.09 56.74
CA PHE D 278 21.23 3.43 56.87
C PHE D 278 22.76 3.39 56.94
N MET D 279 23.32 2.55 57.80
CA MET D 279 24.77 2.51 57.96
C MET D 279 25.45 2.06 56.68
N LEU D 280 24.84 1.10 55.97
CA LEU D 280 25.37 0.63 54.71
C LEU D 280 25.34 1.71 53.63
N SER D 281 24.49 2.72 53.76
CA SER D 281 24.50 3.85 52.83
C SER D 281 25.69 4.77 53.03
N THR D 282 26.33 4.73 54.20
CA THR D 282 27.40 5.67 54.49
C THR D 282 28.76 5.24 53.97
N SER D 283 28.91 3.97 53.58
CA SER D 283 30.22 3.46 53.21
C SER D 283 30.06 2.10 52.56
N MET D 284 30.93 1.81 51.58
CA MET D 284 30.98 0.48 50.97
C MET D 284 31.77 -0.52 51.80
N ASN D 285 32.49 -0.07 52.82
CA ASN D 285 33.22 -0.95 53.71
C ASN D 285 32.63 -0.82 55.09
N ILE D 286 32.40 -1.97 55.74
CA ILE D 286 31.74 -2.04 57.03
C ILE D 286 32.52 -2.99 57.93
N LEU D 287 32.88 -2.50 59.12
CA LEU D 287 33.31 -3.36 60.22
C LEU D 287 32.07 -3.63 61.09
N TYR D 288 31.65 -4.90 61.17
CA TYR D 288 30.42 -5.27 61.84
C TYR D 288 30.81 -6.05 63.09
N ILE D 289 30.73 -5.40 64.26
CA ILE D 289 31.20 -5.99 65.51
C ILE D 289 30.00 -6.59 66.23
N GLY D 290 30.04 -7.91 66.45
CA GLY D 290 28.92 -8.62 67.02
C GLY D 290 27.87 -8.90 65.96
N ALA D 291 28.32 -9.45 64.84
CA ALA D 291 27.50 -9.60 63.65
C ALA D 291 26.49 -10.74 63.74
N TYR D 292 26.83 -11.82 64.43
CA TYR D 292 26.07 -13.07 64.30
C TYR D 292 24.67 -12.91 64.88
N PRO D 293 23.63 -13.46 64.23
CA PRO D 293 23.73 -14.12 62.92
C PRO D 293 23.46 -13.20 61.71
N ALA D 294 22.97 -11.97 61.94
CA ALA D 294 22.72 -10.98 60.87
C ALA D 294 21.86 -11.54 59.76
N THR D 295 20.85 -12.30 60.15
CA THR D 295 19.96 -12.93 59.19
C THR D 295 19.20 -11.90 58.36
N HIS D 296 18.92 -10.73 58.93
CA HIS D 296 18.23 -9.69 58.18
C HIS D 296 19.01 -9.19 56.96
N LEU D 297 20.32 -9.46 56.88
CA LEU D 297 21.10 -8.96 55.74
C LEU D 297 20.95 -9.84 54.52
N LEU D 298 20.47 -11.07 54.69
CA LEU D 298 20.51 -12.03 53.61
C LEU D 298 19.62 -11.62 52.43
N SER D 299 18.64 -10.75 52.64
CA SER D 299 17.77 -10.34 51.55
C SER D 299 18.31 -9.17 50.74
N LEU D 300 19.31 -8.46 51.27
CA LEU D 300 19.86 -7.30 50.59
C LEU D 300 20.80 -7.71 49.45
N GLN D 301 21.01 -6.79 48.51
CA GLN D 301 21.97 -6.98 47.43
C GLN D 301 23.17 -6.10 47.76
N LEU D 302 24.33 -6.71 48.03
CA LEU D 302 25.47 -5.99 48.59
C LEU D 302 26.75 -6.18 47.75
N ASN D 303 26.61 -6.52 46.48
CA ASN D 303 27.80 -6.60 45.63
C ASN D 303 28.48 -5.23 45.59
N GLY D 304 29.80 -5.22 45.76
CA GLY D 304 30.57 -4.00 45.91
C GLY D 304 30.87 -3.63 47.36
N TRP D 305 30.07 -4.10 48.30
CA TRP D 305 30.36 -3.89 49.72
C TRP D 305 31.38 -4.91 50.23
N THR D 306 32.15 -4.50 51.23
CA THR D 306 33.02 -5.40 51.98
C THR D 306 32.62 -5.37 53.44
N ILE D 307 32.45 -6.55 54.05
CA ILE D 307 32.03 -6.63 55.44
C ILE D 307 33.07 -7.44 56.18
N LEU D 308 33.71 -6.81 57.16
CA LEU D 308 34.57 -7.47 58.13
C LEU D 308 33.76 -7.68 59.41
N ALA D 309 33.45 -8.93 59.73
CA ALA D 309 32.52 -9.26 60.80
C ALA D 309 33.24 -10.01 61.90
N PHE D 310 33.05 -9.55 63.15
CA PHE D 310 33.65 -10.17 64.33
C PHE D 310 32.54 -10.75 65.19
N ASP D 311 32.65 -12.04 65.48
CA ASP D 311 31.79 -12.70 66.47
C ASP D 311 32.30 -14.09 66.78
N PRO D 312 32.41 -14.45 68.07
CA PRO D 312 32.80 -15.82 68.42
C PRO D 312 31.96 -16.91 67.75
N LYS D 313 30.69 -16.65 67.44
CA LYS D 313 29.81 -17.68 66.89
C LYS D 313 29.93 -17.82 65.38
N ILE D 314 30.58 -16.86 64.72
CA ILE D 314 30.81 -16.94 63.28
C ILE D 314 31.54 -18.23 62.95
N THR D 315 31.13 -18.90 61.88
CA THR D 315 31.85 -20.04 61.35
C THR D 315 32.15 -19.80 59.88
N SER D 316 32.98 -20.69 59.31
CA SER D 316 33.24 -20.66 57.89
C SER D 316 31.95 -20.74 57.08
N ASP D 317 31.02 -21.60 57.50
CA ASP D 317 29.78 -21.77 56.75
C ASP D 317 28.96 -20.49 56.77
N TRP D 318 28.91 -19.82 57.93
CA TRP D 318 28.16 -18.57 58.03
C TRP D 318 28.71 -17.53 57.06
N THR D 319 30.03 -17.44 56.95
CA THR D 319 30.65 -16.46 56.06
C THR D 319 30.30 -16.75 54.60
N ASP D 320 30.45 -18.01 54.16
CA ASP D 320 30.16 -18.35 52.78
C ASP D 320 28.71 -18.06 52.42
N ALA D 321 27.78 -18.46 53.29
CA ALA D 321 26.36 -18.24 53.02
C ALA D 321 26.06 -16.74 52.91
N MET D 322 26.66 -15.93 53.79
CA MET D 322 26.40 -14.50 53.76
C MET D 322 26.92 -13.90 52.45
N ALA D 323 28.15 -14.27 52.07
CA ALA D 323 28.71 -13.85 50.79
C ALA D 323 27.84 -14.30 49.62
N LYS D 324 27.36 -15.54 49.67
CA LYS D 324 26.60 -16.08 48.55
C LYS D 324 25.28 -15.34 48.37
N ALA D 325 24.59 -15.03 49.46
CA ALA D 325 23.24 -14.47 49.36
C ALA D 325 23.27 -13.00 48.99
N THR D 326 24.21 -12.22 49.55
CA THR D 326 24.20 -10.78 49.32
C THR D 326 25.15 -10.32 48.22
N GLY D 327 26.12 -11.14 47.84
CA GLY D 327 27.17 -10.73 46.94
C GLY D 327 28.24 -9.86 47.56
N ALA D 328 28.17 -9.59 48.87
CA ALA D 328 29.24 -8.80 49.47
C ALA D 328 30.46 -9.69 49.66
N LYS D 329 31.62 -9.03 49.72
CA LYS D 329 32.83 -9.68 50.20
C LYS D 329 32.79 -9.69 51.73
N VAL D 330 32.76 -10.89 52.32
CA VAL D 330 32.57 -11.05 53.76
C VAL D 330 33.82 -11.72 54.33
N ILE D 331 34.41 -11.10 55.34
CA ILE D 331 35.46 -11.72 56.13
C ILE D 331 34.89 -11.98 57.51
N GLY D 332 34.71 -13.26 57.86
CA GLY D 332 34.17 -13.64 59.14
C GLY D 332 35.24 -14.06 60.11
N VAL D 333 35.36 -13.33 61.23
CA VAL D 333 36.38 -13.60 62.23
C VAL D 333 35.69 -14.14 63.47
N SER D 334 36.03 -15.37 63.85
CA SER D 334 35.38 -16.08 64.95
C SER D 334 36.08 -15.77 66.28
N LYS D 335 35.97 -14.52 66.70
CA LYS D 335 36.46 -14.14 68.03
C LYS D 335 35.90 -12.78 68.39
N GLU D 336 36.15 -12.38 69.63
CA GLU D 336 35.77 -11.06 70.09
C GLU D 336 36.69 -9.99 69.50
N PHE D 337 36.11 -8.87 69.12
CA PHE D 337 36.89 -7.71 68.71
C PHE D 337 37.77 -7.25 69.86
N ASP D 338 39.03 -6.90 69.54
CA ASP D 338 40.01 -6.53 70.57
C ASP D 338 40.02 -5.02 70.73
N PHE D 339 39.21 -4.51 71.65
CA PHE D 339 39.13 -3.07 71.87
C PHE D 339 40.32 -2.52 72.66
N LYS D 340 41.31 -3.35 72.99
CA LYS D 340 42.47 -2.91 73.75
C LYS D 340 43.66 -2.54 72.87
N SER D 341 43.64 -2.92 71.59
CA SER D 341 44.79 -2.71 70.71
C SER D 341 44.52 -1.49 69.83
N PHE D 342 45.16 -0.38 70.19
CA PHE D 342 44.98 0.89 69.48
C PHE D 342 45.98 1.01 68.33
N SER D 343 45.85 0.10 67.38
CA SER D 343 46.69 0.11 66.19
C SER D 343 45.87 -0.38 65.00
N VAL D 344 46.10 0.20 63.83
CA VAL D 344 45.50 -0.34 62.62
C VAL D 344 46.09 -1.69 62.26
N GLN D 345 47.19 -2.08 62.91
CA GLN D 345 47.76 -3.42 62.74
C GLN D 345 46.92 -4.49 63.40
N ALA D 346 46.05 -4.13 64.33
CA ALA D 346 45.21 -5.10 65.01
C ALA D 346 43.84 -5.21 64.33
N ASN D 347 43.14 -6.30 64.63
CA ASN D 347 41.75 -6.51 64.24
C ASN D 347 41.58 -6.47 62.72
N GLN D 348 42.65 -6.78 61.98
CA GLN D 348 42.66 -6.87 60.52
C GLN D 348 42.19 -5.58 59.88
N LEU D 349 42.38 -4.46 60.56
CA LEU D 349 41.93 -3.19 60.03
C LEU D 349 42.73 -2.77 58.80
N ASN D 350 43.95 -3.26 58.62
N ASN D 350 43.96 -3.29 58.64
CA ASN D 350 44.77 -2.79 57.52
CA ASN D 350 44.82 -2.90 57.53
C ASN D 350 44.18 -3.12 56.16
C ASN D 350 44.18 -3.11 56.17
N MET D 351 43.17 -3.99 56.07
CA MET D 351 42.50 -4.18 54.79
C MET D 351 41.75 -2.94 54.34
N PHE D 352 41.54 -1.97 55.24
CA PHE D 352 40.84 -0.74 54.88
C PHE D 352 41.77 0.47 54.72
N GLN D 353 43.08 0.25 54.65
CA GLN D 353 43.99 1.37 54.44
C GLN D 353 43.63 2.11 53.15
N ASN D 354 43.67 3.44 53.23
CA ASN D 354 43.35 4.33 52.10
C ASN D 354 41.95 4.06 51.55
N SER D 355 41.02 3.72 52.45
CA SER D 355 39.63 3.45 52.09
C SER D 355 38.69 4.13 53.06
N LYS D 356 37.43 4.22 52.68
CA LYS D 356 36.38 4.67 53.56
C LYS D 356 35.86 3.50 54.38
N LEU D 357 35.43 3.79 55.62
CA LEU D 357 34.98 2.72 56.51
C LEU D 357 33.92 3.25 57.46
N SER D 358 32.86 2.46 57.63
CA SER D 358 31.88 2.70 58.66
C SER D 358 31.82 1.50 59.60
N VAL D 359 31.35 1.72 60.82
CA VAL D 359 31.43 0.72 61.87
C VAL D 359 30.05 0.55 62.47
N ILE D 360 29.55 -0.67 62.47
CA ILE D 360 28.32 -1.05 63.16
C ILE D 360 28.76 -1.90 64.34
N ASP D 361 28.61 -1.37 65.55
CA ASP D 361 28.99 -2.06 66.77
C ASP D 361 27.71 -2.48 67.46
N ASP D 362 27.41 -3.78 67.43
CA ASP D 362 26.23 -4.32 68.06
C ASP D 362 26.53 -5.06 69.37
N THR D 363 27.72 -4.88 69.94
CA THR D 363 28.05 -5.62 71.15
C THR D 363 27.39 -5.00 72.39
N TRP D 364 27.25 -5.85 73.41
CA TRP D 364 26.45 -5.59 74.62
C TRP D 364 26.76 -6.65 75.67
N VAL D 365 27.00 -6.26 76.93
CA VAL D 365 27.24 -7.24 77.99
C VAL D 365 26.23 -7.04 79.12
N GLU D 366 26.01 -8.13 79.87
CA GLU D 366 25.14 -8.11 81.05
C GLU D 366 25.83 -7.48 82.25
N THR D 367 27.14 -7.66 82.38
CA THR D 367 27.90 -7.27 83.55
C THR D 367 28.73 -6.03 83.26
N ASP D 368 28.61 -5.02 84.14
CA ASP D 368 29.39 -3.79 84.05
C ASP D 368 29.36 -3.21 82.64
N TYR D 369 28.14 -3.08 82.11
CA TYR D 369 27.95 -2.54 80.78
C TYR D 369 28.60 -1.17 80.63
N GLU D 370 28.60 -0.36 81.69
CA GLU D 370 29.13 0.99 81.56
C GLU D 370 30.66 0.98 81.43
N LYS D 371 31.31 0.05 82.12
CA LYS D 371 32.75 -0.15 81.92
C LYS D 371 33.04 -0.59 80.49
N PHE D 372 32.19 -1.48 79.94
CA PHE D 372 32.38 -1.95 78.57
C PHE D 372 32.21 -0.81 77.57
N GLN D 373 31.15 -0.02 77.73
CA GLN D 373 30.94 1.12 76.85
C GLN D 373 32.12 2.08 76.90
N SER D 374 32.62 2.36 78.10
CA SER D 374 33.71 3.32 78.24
C SER D 374 34.97 2.83 77.53
N GLU D 375 35.24 1.52 77.60
CA GLU D 375 36.35 0.97 76.83
C GLU D 375 36.13 1.16 75.33
N LYS D 376 34.94 0.80 74.85
CA LYS D 376 34.65 0.93 73.43
C LYS D 376 34.70 2.37 72.98
N GLN D 377 34.12 3.28 73.77
CA GLN D 377 34.08 4.69 73.42
C GLN D 377 35.48 5.25 73.26
N ALA D 378 36.38 4.90 74.17
CA ALA D 378 37.78 5.30 74.02
C ALA D 378 38.35 4.77 72.71
N TYR D 379 38.08 3.49 72.42
CA TYR D 379 38.58 2.92 71.17
C TYR D 379 38.00 3.65 69.96
N PHE D 380 36.70 3.99 70.01
CA PHE D 380 36.06 4.62 68.86
C PHE D 380 36.50 6.07 68.69
N GLU D 381 36.79 6.77 69.78
CA GLU D 381 37.36 8.11 69.66
C GLU D 381 38.73 8.05 69.02
N TRP D 382 39.47 6.98 69.27
CA TRP D 382 40.74 6.79 68.59
C TRP D 382 40.53 6.43 67.12
N LEU D 383 39.64 5.48 66.86
CA LEU D 383 39.45 4.98 65.48
C LEU D 383 38.99 6.10 64.54
N ILE D 384 38.05 6.93 64.98
CA ILE D 384 37.47 7.94 64.09
C ILE D 384 38.55 8.89 63.55
N ASP D 385 39.66 9.04 64.27
CA ASP D 385 40.70 10.00 63.93
C ASP D 385 41.81 9.42 63.05
N ARG D 386 41.71 8.18 62.63
CA ARG D 386 42.79 7.58 61.86
C ARG D 386 43.01 8.36 60.57
N THR D 387 44.26 8.40 60.11
CA THR D 387 44.56 9.05 58.85
C THR D 387 44.82 8.06 57.73
N SER D 388 45.19 6.82 58.06
CA SER D 388 45.33 5.82 57.01
C SER D 388 43.99 5.22 56.60
N ILE D 389 42.92 5.57 57.31
CA ILE D 389 41.55 5.12 57.03
C ILE D 389 40.62 6.32 57.17
N ASP D 390 39.76 6.55 56.18
CA ASP D 390 38.76 7.60 56.28
C ASP D 390 37.53 6.99 56.95
N VAL D 391 37.51 7.01 58.28
CA VAL D 391 36.38 6.44 58.99
C VAL D 391 35.23 7.44 58.92
N ARG D 392 34.08 6.97 58.42
CA ARG D 392 32.98 7.86 58.09
C ARG D 392 31.95 7.94 59.21
N LEU D 393 31.50 6.81 59.75
CA LEU D 393 30.49 6.84 60.79
C LEU D 393 30.62 5.59 61.63
N ILE D 394 30.44 5.73 62.94
CA ILE D 394 30.47 4.63 63.88
C ILE D 394 29.19 4.68 64.69
N SER D 395 28.48 3.57 64.77
CA SER D 395 27.29 3.48 65.61
C SER D 395 27.56 2.55 66.78
N MET D 396 27.09 2.97 67.96
CA MET D 396 27.29 2.24 69.19
C MET D 396 26.04 2.41 70.06
N LYS D 397 25.67 1.34 70.76
CA LYS D 397 24.63 1.40 71.76
C LYS D 397 25.08 2.27 72.94
N TRP D 398 24.11 2.97 73.53
CA TRP D 398 24.37 3.94 74.59
C TRP D 398 23.39 3.71 75.74
N ASN D 399 23.94 3.61 76.95
CA ASN D 399 23.16 3.62 78.19
C ASN D 399 24.12 3.86 79.35
N ARG D 400 24.30 5.12 79.72
CA ARG D 400 25.20 5.52 80.79
C ARG D 400 24.38 6.13 81.92
N SER D 401 24.40 5.47 83.09
CA SER D 401 23.75 6.02 84.28
C SER D 401 24.66 6.97 85.05
N LYS D 402 25.68 7.52 84.41
CA LYS D 402 26.56 8.52 84.99
C LYS D 402 26.94 9.53 83.93
N ASP D 403 27.23 10.76 84.35
CA ASP D 403 27.62 11.78 83.41
C ASP D 403 28.91 11.39 82.69
N THR D 404 28.97 11.65 81.39
CA THR D 404 30.05 11.16 80.54
C THR D 404 30.42 12.19 79.50
N SER D 405 31.72 12.50 79.38
CA SER D 405 32.21 13.32 78.29
C SER D 405 32.49 12.44 77.07
N VAL D 406 32.24 13.00 75.89
CA VAL D 406 32.38 12.27 74.63
C VAL D 406 33.03 13.19 73.61
N SER D 407 33.91 12.64 72.78
CA SER D 407 34.53 13.38 71.70
C SER D 407 34.10 12.82 70.35
N HIS D 408 34.05 13.71 69.36
CA HIS D 408 33.63 13.39 67.99
C HIS D 408 32.22 12.78 67.95
N LEU D 409 31.32 13.30 68.78
CA LEU D 409 29.95 12.80 68.85
C LEU D 409 29.07 13.65 67.95
N LEU D 410 28.61 13.07 66.85
CA LEU D 410 27.71 13.79 65.95
C LEU D 410 26.24 13.60 66.32
N ALA D 411 25.87 12.45 66.86
CA ALA D 411 24.46 12.22 67.12
C ALA D 411 24.29 11.24 68.26
N LEU D 412 23.24 11.47 69.04
CA LEU D 412 22.82 10.56 70.10
C LEU D 412 21.31 10.43 69.96
N LEU D 413 20.84 9.28 69.51
CA LEU D 413 19.47 9.13 69.07
C LEU D 413 18.78 7.98 69.77
N PRO D 414 17.46 8.00 69.85
CA PRO D 414 16.72 6.80 70.24
C PRO D 414 16.69 5.81 69.09
N GLN D 415 16.42 4.55 69.43
CA GLN D 415 16.27 3.50 68.42
C GLN D 415 14.83 3.48 67.93
N PRO D 416 14.56 3.79 66.66
CA PRO D 416 13.17 3.94 66.21
C PRO D 416 12.33 2.70 66.42
N TYR D 417 12.92 1.51 66.33
CA TYR D 417 12.23 0.25 66.58
C TYR D 417 12.61 -0.35 67.93
N GLY D 418 13.15 0.44 68.83
CA GLY D 418 13.52 -0.07 70.14
C GLY D 418 12.37 -0.29 71.08
N ALA D 419 11.19 0.25 70.76
CA ALA D 419 9.97 0.09 71.55
C ALA D 419 10.11 0.73 72.93
N SER D 420 10.37 -0.10 73.96
CA SER D 420 10.45 0.35 75.34
C SER D 420 11.85 0.21 75.94
N ILE D 421 12.83 -0.22 75.16
CA ILE D 421 14.18 -0.41 75.67
C ILE D 421 14.77 0.95 76.08
N ARG D 422 15.57 0.95 77.16
CA ARG D 422 16.15 2.17 77.69
C ARG D 422 17.31 2.70 76.83
N GLU D 423 17.79 1.91 75.88
CA GLU D 423 19.09 2.12 75.27
C GLU D 423 19.01 3.01 74.02
N MET D 424 20.00 3.89 73.89
CA MET D 424 20.09 4.84 72.79
C MET D 424 21.14 4.38 71.78
N ARG D 425 21.48 5.26 70.83
N ARG D 425 21.47 5.25 70.83
CA ARG D 425 22.47 4.97 69.81
CA ARG D 425 22.49 4.94 69.83
C ARG D 425 23.38 6.17 69.65
C ARG D 425 23.37 6.16 69.63
N ALA D 426 24.68 5.98 69.84
CA ALA D 426 25.66 7.02 69.64
C ALA D 426 26.28 6.87 68.26
N PHE D 427 26.51 8.00 67.58
CA PHE D 427 27.14 8.02 66.27
C PHE D 427 28.36 8.92 66.31
N PHE D 428 29.55 8.32 66.10
CA PHE D 428 30.81 9.05 66.10
C PHE D 428 31.17 9.48 64.70
N HIS D 429 31.78 10.67 64.59
CA HIS D 429 31.96 11.31 63.30
C HIS D 429 33.02 12.39 63.42
N LYS D 430 33.88 12.48 62.41
CA LYS D 430 34.98 13.45 62.45
C LYS D 430 34.47 14.88 62.53
N LYS D 431 33.40 15.20 61.78
CA LYS D 431 32.78 16.52 61.86
C LYS D 431 31.82 16.64 63.05
N GLY D 432 31.91 15.75 64.04
CA GLY D 432 31.10 15.84 65.24
C GLY D 432 31.70 16.76 66.28
N ALA D 433 31.04 16.78 67.45
CA ALA D 433 31.46 17.64 68.55
C ALA D 433 32.88 17.33 69.00
N SER D 434 33.71 18.37 69.05
CA SER D 434 35.07 18.23 69.59
C SER D 434 35.04 17.57 70.95
N ASP D 435 34.35 18.19 71.91
CA ASP D 435 34.09 17.60 73.21
C ASP D 435 32.73 18.07 73.67
N ILE D 436 31.98 17.16 74.29
CA ILE D 436 30.65 17.48 74.81
C ILE D 436 30.39 16.50 75.94
N LYS D 437 29.74 16.97 77.00
CA LYS D 437 29.38 16.08 78.09
C LYS D 437 27.89 15.78 78.01
N ILE D 438 27.56 14.50 78.17
CA ILE D 438 26.20 14.02 78.10
C ILE D 438 25.74 13.76 79.52
N LEU D 439 24.79 14.57 80.00
CA LEU D 439 24.28 14.41 81.36
C LEU D 439 23.30 13.25 81.42
N ALA D 440 23.53 12.34 82.39
CA ALA D 440 22.67 11.18 82.56
C ALA D 440 21.24 11.55 82.94
N ALA D 441 21.03 12.74 83.50
CA ALA D 441 19.67 13.20 83.82
C ALA D 441 18.85 13.40 82.54
N GLU D 442 19.36 14.22 81.62
CA GLU D 442 18.66 14.48 80.36
C GLU D 442 18.32 13.18 79.63
N THR D 443 19.34 12.34 79.42
CA THR D 443 19.13 11.12 78.62
C THR D 443 18.10 10.19 79.26
N GLU D 444 18.03 10.15 80.60
CA GLU D 444 17.00 9.33 81.23
C GLU D 444 15.61 9.92 80.99
N LYS D 445 15.50 11.25 81.06
CA LYS D 445 14.23 11.92 80.75
C LYS D 445 13.93 11.87 79.25
N TYR D 446 14.98 11.88 78.42
CA TYR D 446 14.77 11.77 76.98
C TYR D 446 14.11 10.45 76.64
N MET D 447 14.54 9.36 77.28
CA MET D 447 13.94 8.07 77.04
C MET D 447 12.65 7.87 77.84
N ASP D 448 12.43 8.67 78.88
CA ASP D 448 11.12 8.67 79.52
C ASP D 448 10.05 9.16 78.56
N ASP D 449 10.31 10.28 77.87
CA ASP D 449 9.41 10.77 76.83
C ASP D 449 9.31 9.78 75.67
N PHE D 450 10.44 9.21 75.26
CA PHE D 450 10.43 8.36 74.08
C PHE D 450 9.67 7.06 74.32
N THR D 451 9.85 6.44 75.49
CA THR D 451 9.18 5.17 75.75
C THR D 451 7.68 5.34 75.99
N ALA D 452 7.23 6.55 76.32
CA ALA D 452 5.81 6.81 76.51
C ALA D 452 5.07 7.00 75.19
N MET D 453 5.78 7.29 74.10
CA MET D 453 5.16 7.58 72.82
C MET D 453 4.58 6.30 72.20
N SER D 454 3.92 6.48 71.06
CA SER D 454 3.34 5.38 70.30
C SER D 454 4.36 4.79 69.34
N VAL D 455 4.17 3.51 69.02
CA VAL D 455 5.04 2.82 68.07
C VAL D 455 5.17 3.63 66.78
N SER D 456 4.07 4.22 66.33
CA SER D 456 4.09 5.01 65.10
C SER D 456 5.01 6.22 65.22
N ASP D 457 4.91 6.95 66.34
CA ASP D 457 5.76 8.11 66.53
C ASP D 457 7.20 7.71 66.80
N GLN D 458 7.40 6.54 67.43
CA GLN D 458 8.75 6.04 67.67
C GLN D 458 9.46 5.75 66.35
N ILE D 459 8.78 5.05 65.44
CA ILE D 459 9.42 4.67 64.18
C ILE D 459 9.81 5.90 63.38
N ASN D 460 9.04 6.99 63.50
CA ASN D 460 9.36 8.17 62.70
C ASN D 460 10.60 8.91 63.19
N THR D 461 11.19 8.51 64.32
CA THR D 461 12.46 9.10 64.72
C THR D 461 13.60 8.73 63.80
N GLN D 462 13.43 7.70 62.95
CA GLN D 462 14.46 7.38 61.96
C GLN D 462 14.77 8.57 61.06
N LYS D 463 13.85 9.54 60.98
CA LYS D 463 14.16 10.83 60.36
C LYS D 463 15.48 11.42 60.85
N PHE D 464 15.77 11.27 62.15
CA PHE D 464 16.99 11.84 62.70
C PHE D 464 18.24 11.15 62.13
N MET D 465 18.22 9.81 62.12
CA MET D 465 19.26 9.06 61.41
C MET D 465 19.42 9.56 59.98
N HIS D 466 18.30 9.73 59.27
CA HIS D 466 18.35 10.00 57.84
C HIS D 466 18.82 11.41 57.52
N CYS D 467 18.82 12.33 58.51
CA CYS D 467 19.47 13.63 58.34
C CYS D 467 20.90 13.50 57.89
N MET D 468 21.61 12.50 58.42
CA MET D 468 23.02 12.31 58.11
C MET D 468 23.27 11.88 56.66
N ILE D 469 22.24 11.53 55.91
CA ILE D 469 22.40 11.29 54.47
C ILE D 469 21.43 12.18 53.72
N THR D 470 21.22 13.40 54.22
CA THR D 470 20.35 14.38 53.58
C THR D 470 21.14 15.66 53.29
N THR D 471 21.11 16.07 52.02
CA THR D 471 21.79 17.28 51.57
C THR D 471 20.75 18.37 51.37
N VAL D 472 21.02 19.56 51.90
CA VAL D 472 20.18 20.71 51.62
C VAL D 472 20.68 21.40 50.36
N GLY D 473 19.75 21.99 49.62
CA GLY D 473 19.98 22.55 48.32
C GLY D 473 18.71 22.46 47.51
N ASP D 474 18.59 23.32 46.49
CA ASP D 474 17.40 23.28 45.63
C ASP D 474 17.69 22.27 44.53
N ALA D 475 16.87 21.21 44.51
CA ALA D 475 17.00 20.15 43.51
C ALA D 475 17.01 20.68 42.09
N LEU D 476 16.29 21.78 41.82
CA LEU D 476 16.23 22.28 40.44
C LEU D 476 17.55 22.85 39.94
N LYS D 477 18.43 23.28 40.85
CA LYS D 477 19.75 23.77 40.46
C LYS D 477 20.87 22.77 40.77
N MET D 478 20.51 21.56 41.18
CA MET D 478 21.49 20.54 41.51
C MET D 478 22.40 20.22 40.32
N ASP D 479 23.52 19.58 40.64
CA ASP D 479 24.51 19.19 39.65
C ASP D 479 24.09 17.89 39.00
N LEU D 480 24.10 17.85 37.66
CA LEU D 480 23.55 16.71 36.93
C LEU D 480 24.59 15.99 36.08
N ASP D 481 25.88 16.24 36.33
CA ASP D 481 26.94 15.66 35.51
C ASP D 481 27.05 14.14 35.74
N GLY D 482 27.78 13.50 34.84
CA GLY D 482 28.16 12.11 35.01
C GLY D 482 27.02 11.10 34.99
N GLY D 483 25.90 11.43 34.35
CA GLY D 483 24.78 10.50 34.30
C GLY D 483 24.13 10.28 35.66
N ARG D 484 23.94 11.35 36.42
CA ARG D 484 23.43 11.24 37.78
C ARG D 484 21.99 10.74 37.79
N ALA D 485 21.70 9.84 38.73
CA ALA D 485 20.35 9.31 38.91
C ALA D 485 19.63 10.08 40.00
N VAL D 486 18.42 10.54 39.70
CA VAL D 486 17.55 11.20 40.65
C VAL D 486 16.15 10.62 40.53
N ILE D 487 15.48 10.42 41.66
CA ILE D 487 14.06 10.08 41.69
C ILE D 487 13.32 11.27 42.28
N ALA D 488 12.33 11.79 41.55
CA ALA D 488 11.64 12.99 42.01
C ALA D 488 10.19 12.99 41.56
N SER D 489 9.32 13.50 42.43
CA SER D 489 7.93 13.78 42.06
C SER D 489 7.36 14.90 42.94
N LEU D 492 8.59 17.68 43.28
CA LEU D 492 8.99 18.48 42.11
C LEU D 492 7.79 19.04 41.37
N SER D 493 6.78 18.19 41.18
CA SER D 493 5.53 18.65 40.60
C SER D 493 4.72 19.51 41.57
N ASN D 494 5.10 19.53 42.85
CA ASN D 494 4.45 20.40 43.85
C ASN D 494 4.26 21.80 43.30
N SER D 495 3.11 22.41 43.63
CA SER D 495 2.69 23.66 43.00
C SER D 495 3.65 24.81 43.28
N SER D 496 4.50 24.70 44.31
CA SER D 496 5.49 25.74 44.57
C SER D 496 6.35 26.00 43.35
N ASN D 497 6.89 24.93 42.76
CA ASN D 497 7.72 25.06 41.57
C ASN D 497 6.85 25.29 40.35
N SER D 498 7.23 26.27 39.53
CA SER D 498 6.49 26.55 38.30
C SER D 498 6.78 25.48 37.26
N LYS D 499 5.75 25.14 36.48
CA LYS D 499 5.93 24.15 35.41
C LYS D 499 7.06 24.56 34.49
N GLU D 500 7.06 25.81 34.02
CA GLU D 500 8.09 26.29 33.12
C GLU D 500 9.48 26.11 33.71
N ARG D 501 9.64 26.33 35.02
CA ARG D 501 10.93 26.11 35.64
C ARG D 501 11.23 24.62 35.79
N VAL D 502 10.23 23.81 36.11
CA VAL D 502 10.44 22.37 36.16
C VAL D 502 10.70 21.84 34.75
N LEU D 503 9.94 22.32 33.77
CA LEU D 503 10.10 21.87 32.39
C LEU D 503 11.55 22.05 31.92
N LYS D 504 12.11 23.24 32.14
CA LYS D 504 13.45 23.51 31.63
C LYS D 504 14.48 22.69 32.38
N PHE D 505 14.28 22.53 33.70
CA PHE D 505 15.17 21.68 34.49
C PHE D 505 15.25 20.27 33.89
N LEU D 506 14.09 19.67 33.59
CA LEU D 506 14.08 18.34 32.97
C LEU D 506 14.76 18.37 31.60
N SER D 507 14.52 19.43 30.83
CA SER D 507 15.08 19.54 29.49
C SER D 507 16.61 19.57 29.52
N ASP D 508 17.18 20.39 30.42
CA ASP D 508 18.63 20.39 30.60
C ASP D 508 19.10 19.04 31.13
N ALA D 509 18.30 18.42 32.01
CA ALA D 509 18.66 17.09 32.52
C ALA D 509 18.80 16.09 31.39
N ASN D 510 17.87 16.13 30.43
CA ASN D 510 17.93 15.22 29.29
C ASN D 510 19.11 15.58 28.39
N LYS D 511 19.30 16.87 28.11
CA LYS D 511 20.47 17.33 27.37
C LYS D 511 21.75 16.87 28.05
N ALA D 512 21.83 17.02 29.38
CA ALA D 512 23.02 16.59 30.11
C ALA D 512 23.17 15.09 30.21
N LYS D 513 22.26 14.29 29.62
CA LYS D 513 22.32 12.83 29.67
C LYS D 513 22.30 12.30 31.11
N ALA D 514 21.61 13.02 31.99
CA ALA D 514 21.32 12.57 33.33
C ALA D 514 20.09 11.64 33.33
N MET D 515 20.02 10.81 34.36
CA MET D 515 18.92 9.85 34.52
C MET D 515 18.03 10.31 35.66
N VAL D 516 17.26 11.37 35.39
CA VAL D 516 16.28 11.90 36.33
C VAL D 516 14.92 11.30 36.00
N VAL D 517 14.32 10.60 36.97
CA VAL D 517 13.01 9.95 36.79
C VAL D 517 11.95 10.84 37.43
N PHE D 518 10.97 11.27 36.63
CA PHE D 518 10.02 12.30 37.03
C PHE D 518 8.61 11.76 37.02
N GLY D 519 7.80 12.22 37.99
CA GLY D 519 6.42 11.81 38.07
C GLY D 519 5.47 12.90 38.51
N ALA D 520 4.29 12.96 37.90
CA ALA D 520 3.35 14.03 38.16
C ALA D 520 1.94 13.54 37.85
N PRO D 521 0.93 14.12 38.49
CA PRO D 521 -0.45 13.85 38.05
C PRO D 521 -0.60 14.20 36.57
N ASN D 522 -1.38 13.39 35.87
CA ASN D 522 -1.59 13.57 34.44
C ASN D 522 -2.84 14.42 34.26
N THR D 523 -2.65 15.66 33.79
CA THR D 523 -3.71 16.66 33.80
C THR D 523 -4.98 16.16 33.14
N HIS D 524 -4.85 15.56 31.96
CA HIS D 524 -6.03 15.21 31.18
C HIS D 524 -6.69 13.92 31.66
N ARG D 525 -5.93 12.93 32.13
CA ARG D 525 -6.59 11.78 32.74
C ARG D 525 -7.37 12.21 33.97
N LEU D 526 -6.79 13.09 34.79
CA LEU D 526 -7.48 13.55 35.98
C LEU D 526 -8.70 14.38 35.62
N ALA D 527 -8.59 15.21 34.58
CA ALA D 527 -9.74 15.99 34.15
C ALA D 527 -10.86 15.06 33.69
N TYR D 528 -10.51 14.07 32.87
CA TYR D 528 -11.50 13.10 32.38
C TYR D 528 -12.19 12.39 33.53
N ALA D 529 -11.42 11.94 34.54
CA ALA D 529 -12.02 11.22 35.65
C ALA D 529 -13.02 12.10 36.40
N LYS D 530 -12.73 13.39 36.53
CA LYS D 530 -13.69 14.31 37.15
C LYS D 530 -14.87 14.60 36.23
N LYS D 531 -14.59 14.74 34.93
CA LYS D 531 -15.65 15.06 33.98
C LYS D 531 -16.74 13.98 33.95
N VAL D 532 -16.34 12.71 34.04
CA VAL D 532 -17.31 11.63 33.98
C VAL D 532 -17.92 11.30 35.34
N GLY D 533 -17.49 11.97 36.40
CA GLY D 533 -18.09 11.76 37.70
C GLY D 533 -17.42 10.73 38.60
N LEU D 534 -16.19 10.34 38.29
CA LEU D 534 -15.50 9.36 39.13
C LEU D 534 -14.91 10.02 40.37
N VAL D 535 -13.96 10.94 40.16
CA VAL D 535 -13.33 11.67 41.25
C VAL D 535 -14.22 12.82 41.67
N LEU D 536 -14.52 12.91 42.97
CA LEU D 536 -15.40 13.92 43.50
C LEU D 536 -14.63 15.18 43.90
N ASP D 537 -15.38 16.27 44.12
CA ASP D 537 -14.78 17.55 44.51
C ASP D 537 -14.24 17.51 45.94
N SER D 538 -14.80 16.66 46.79
CA SER D 538 -14.37 16.56 48.18
C SER D 538 -13.07 15.78 48.34
N ALA D 539 -12.58 15.12 47.28
CA ALA D 539 -11.31 14.40 47.31
C ALA D 539 -10.22 15.10 46.51
N ILE D 540 -10.50 15.48 45.27
CA ILE D 540 -9.52 16.12 44.41
C ILE D 540 -10.20 17.28 43.68
N LYS D 541 -9.49 18.41 43.55
CA LYS D 541 -10.00 19.56 42.81
C LYS D 541 -8.96 20.12 41.85
N MET D 542 -9.46 20.69 40.77
CA MET D 542 -8.60 21.16 39.70
C MET D 542 -9.11 22.48 39.15
N SER D 543 -8.16 23.35 38.81
CA SER D 543 -8.42 24.55 38.01
C SER D 543 -7.27 24.68 37.03
N LYS D 544 -7.58 24.69 35.74
CA LYS D 544 -6.56 24.58 34.70
C LYS D 544 -5.70 23.34 34.98
N ASP D 545 -4.44 23.55 35.37
CA ASP D 545 -3.53 22.45 35.67
C ASP D 545 -2.97 22.53 37.08
N LEU D 546 -3.69 23.17 38.00
CA LEU D 546 -3.39 23.14 39.43
C LEU D 546 -4.36 22.19 40.11
N ILE D 547 -3.82 21.23 40.87
CA ILE D 547 -4.61 20.19 41.52
C ILE D 547 -4.50 20.34 43.04
N THR D 548 -5.62 20.10 43.72
CA THR D 548 -5.71 20.20 45.18
C THR D 548 -6.20 18.86 45.74
N PHE D 549 -5.34 18.17 46.49
CA PHE D 549 -5.63 16.87 47.06
C PHE D 549 -6.09 16.98 48.51
N SER D 550 -6.94 16.04 48.92
CA SER D 550 -7.43 16.00 50.28
C SER D 550 -6.79 14.85 51.07
N ARG D 558 -0.20 20.60 47.36
CA ARG D 558 -0.96 20.75 46.13
C ARG D 558 -0.02 20.72 44.96
N ASP D 559 -0.56 20.45 43.77
CA ASP D 559 0.24 19.88 42.71
C ASP D 559 -0.15 20.46 41.36
N TYR D 560 0.83 20.54 40.47
CA TYR D 560 0.61 20.97 39.10
C TYR D 560 0.62 19.75 38.19
N GLY D 561 -0.47 19.56 37.45
CA GLY D 561 -0.54 18.45 36.53
C GLY D 561 0.35 18.65 35.31
N TYR D 562 0.81 17.53 34.75
CA TYR D 562 1.57 17.55 33.52
C TYR D 562 0.92 16.61 32.51
N SER D 563 1.32 16.76 31.25
CA SER D 563 0.76 15.97 30.16
C SER D 563 1.90 15.51 29.26
N GLN D 564 1.63 14.45 28.48
CA GLN D 564 2.69 13.74 27.76
C GLN D 564 3.33 14.61 26.67
N SER D 565 2.57 15.55 26.09
CA SER D 565 3.14 16.39 25.03
C SER D 565 4.11 17.42 25.59
N GLU D 566 3.72 18.10 26.67
CA GLU D 566 4.64 19.01 27.37
C GLU D 566 5.97 18.33 27.64
N LEU D 567 5.92 17.12 28.21
CA LEU D 567 7.16 16.46 28.62
C LEU D 567 7.95 15.96 27.43
N TYR D 568 7.29 15.56 26.34
CA TYR D 568 8.08 15.12 25.19
C TYR D 568 8.88 16.26 24.60
N ASP D 569 8.33 17.47 24.57
CA ASP D 569 9.10 18.63 24.14
C ASP D 569 10.35 18.79 24.98
N ALA D 570 10.21 18.70 26.32
CA ALA D 570 11.33 18.75 27.27
C ALA D 570 12.22 17.52 27.24
N GLY D 571 12.09 16.66 26.23
CA GLY D 571 12.93 15.50 26.08
C GLY D 571 12.58 14.31 26.97
N TYR D 572 11.30 14.13 27.31
CA TYR D 572 10.91 13.07 28.24
C TYR D 572 9.79 12.21 27.68
N VAL D 573 9.94 10.89 27.85
CA VAL D 573 9.03 9.86 27.35
C VAL D 573 8.32 9.19 28.53
N GLU D 574 7.00 9.06 28.46
CA GLU D 574 6.29 8.34 29.51
C GLU D 574 6.63 6.85 29.45
N ILE D 575 6.78 6.24 30.62
CA ILE D 575 6.90 4.80 30.73
C ILE D 575 6.01 4.37 31.89
N THR D 576 5.33 3.22 31.74
CA THR D 576 4.46 2.78 32.81
C THR D 576 5.28 2.08 33.89
N ILE D 577 4.75 2.09 35.13
CA ILE D 577 5.35 1.28 36.20
C ILE D 577 5.44 -0.18 35.76
N ASP D 578 4.39 -0.70 35.10
CA ASP D 578 4.42 -2.05 34.54
C ASP D 578 5.68 -2.30 33.74
N GLN D 579 5.95 -1.41 32.78
CA GLN D 579 7.10 -1.58 31.91
C GLN D 579 8.40 -1.50 32.70
N MET D 580 8.48 -0.60 33.68
CA MET D 580 9.72 -0.42 34.43
C MET D 580 10.10 -1.69 35.18
N VAL D 581 9.14 -2.32 35.86
CA VAL D 581 9.48 -3.47 36.67
C VAL D 581 9.80 -4.66 35.78
N ALA D 582 9.04 -4.83 34.68
CA ALA D 582 9.35 -5.87 33.73
C ALA D 582 10.71 -5.62 33.09
N TYR D 583 10.95 -4.38 32.63
CA TYR D 583 12.27 -4.07 32.09
C TYR D 583 13.36 -4.39 33.09
N SER D 584 13.15 -4.03 34.36
CA SER D 584 14.16 -4.21 35.41
C SER D 584 14.11 -5.58 36.06
N SER D 585 13.39 -6.54 35.46
CA SER D 585 13.04 -7.78 36.13
C SER D 585 14.27 -8.54 36.62
N ASP D 586 15.35 -8.56 35.84
CA ASP D 586 16.46 -9.41 36.25
C ASP D 586 17.34 -8.80 37.36
N VAL D 587 17.10 -7.56 37.76
CA VAL D 587 17.74 -7.02 38.96
C VAL D 587 16.74 -6.65 40.04
N TYR D 588 15.45 -6.82 39.79
CA TYR D 588 14.45 -6.35 40.74
C TYR D 588 14.51 -7.17 42.01
N ASN D 589 14.35 -6.50 43.15
CA ASN D 589 14.37 -7.19 44.44
C ASN D 589 13.44 -6.49 45.42
N GLY D 590 12.38 -5.89 44.92
CA GLY D 590 11.47 -5.12 45.72
C GLY D 590 10.21 -5.89 46.03
N VAL D 591 9.13 -5.15 46.27
CA VAL D 591 7.86 -5.74 46.61
C VAL D 591 6.97 -5.78 45.38
N GLY D 592 5.93 -6.60 45.45
CA GLY D 592 4.85 -6.59 44.51
C GLY D 592 3.63 -5.89 45.08
N TYR D 593 2.48 -6.15 44.47
CA TYR D 593 1.22 -5.60 44.93
C TYR D 593 0.15 -6.66 44.73
N PHE D 594 -1.04 -6.39 45.26
CA PHE D 594 -2.19 -7.25 45.06
C PHE D 594 -3.30 -6.52 44.33
N ALA D 595 -3.61 -5.30 44.73
CA ALA D 595 -4.70 -4.52 44.16
C ALA D 595 -4.14 -3.39 43.30
N ASN D 596 -4.78 -3.14 42.15
CA ASN D 596 -4.55 -1.88 41.47
C ASN D 596 -5.34 -0.77 42.16
N SER D 597 -4.92 0.47 41.95
CA SER D 597 -5.48 1.60 42.68
C SER D 597 -5.80 2.73 41.71
N THR D 598 -7.03 3.25 41.79
CA THR D 598 -7.42 4.36 40.91
C THR D 598 -6.59 5.61 41.16
N TYR D 599 -6.30 5.91 42.43
CA TYR D 599 -5.55 7.12 42.74
C TYR D 599 -4.18 7.11 42.09
N ASN D 600 -3.45 5.99 42.22
CA ASN D 600 -2.12 5.90 41.62
C ASN D 600 -2.16 5.97 40.10
N ASP D 601 -3.24 5.46 39.47
CA ASP D 601 -3.32 5.45 38.01
C ASP D 601 -3.43 6.86 37.43
N LEU D 602 -3.87 7.83 38.23
CA LEU D 602 -3.95 9.23 37.79
C LEU D 602 -2.59 9.85 37.53
N PHE D 603 -1.50 9.21 37.95
CA PHE D 603 -0.16 9.75 37.82
C PHE D 603 0.56 9.09 36.65
N SER D 604 1.51 9.82 36.06
CA SER D 604 2.36 9.30 35.00
C SER D 604 3.82 9.46 35.38
N TRP D 605 4.66 8.59 34.82
CA TRP D 605 6.09 8.57 35.07
C TRP D 605 6.84 8.70 33.75
N TYR D 606 7.96 9.43 33.78
CA TYR D 606 8.67 9.81 32.56
C TYR D 606 10.16 9.61 32.76
N ILE D 607 10.82 9.15 31.70
CA ILE D 607 12.26 8.91 31.70
C ILE D 607 12.85 9.68 30.51
N PRO D 608 14.13 10.04 30.56
CA PRO D 608 14.69 10.92 29.53
C PRO D 608 14.84 10.26 28.16
N LYS D 609 14.62 11.07 27.13
CA LYS D 609 14.62 10.60 25.74
C LYS D 609 15.94 9.96 25.34
N TRP D 610 17.06 10.57 25.74
CA TRP D 610 18.36 10.03 25.35
C TRP D 610 18.51 8.58 25.76
N TYR D 611 17.94 8.20 26.92
CA TYR D 611 18.10 6.83 27.35
C TYR D 611 17.16 5.90 26.59
N VAL D 612 15.93 6.35 26.32
CA VAL D 612 15.00 5.57 25.50
C VAL D 612 15.63 5.26 24.15
N HIS D 613 16.25 6.26 23.51
CA HIS D 613 16.82 6.04 22.19
C HIS D 613 18.03 5.12 22.26
N LYS D 614 18.82 5.23 23.33
CA LYS D 614 20.04 4.43 23.45
C LYS D 614 19.73 2.97 23.71
N ARG D 615 18.70 2.68 24.53
CA ARG D 615 18.53 1.35 25.08
C ARG D 615 17.18 0.69 24.81
N MET D 616 16.11 1.45 24.58
CA MET D 616 14.77 0.89 24.63
C MET D 616 14.03 0.90 23.30
N LEU D 617 14.71 1.17 22.18
CA LEU D 617 14.00 1.27 20.91
C LEU D 617 13.66 -0.10 20.34
N MET D 618 14.46 -1.12 20.65
CA MET D 618 14.20 -2.48 20.18
C MET D 618 13.37 -3.20 21.24
N GLN D 619 12.07 -3.35 20.96
CA GLN D 619 11.10 -3.76 21.98
C GLN D 619 10.99 -5.28 22.04
N ASP D 620 11.36 -5.87 23.18
CA ASP D 620 10.97 -7.23 23.48
C ASP D 620 9.79 -7.18 24.45
N ILE D 621 9.37 -8.33 24.96
CA ILE D 621 8.14 -8.39 25.73
C ILE D 621 8.17 -7.46 26.94
N ARG D 622 9.35 -7.19 27.50
CA ARG D 622 9.43 -6.43 28.76
C ARG D 622 8.92 -4.99 28.59
N LEU D 623 9.10 -4.38 27.43
CA LEU D 623 8.56 -3.04 27.22
C LEU D 623 7.28 -3.03 26.40
N SER D 624 6.82 -4.20 25.98
CA SER D 624 5.66 -4.29 25.10
C SER D 624 4.40 -3.73 25.74
N PRO D 625 3.51 -3.11 24.96
CA PRO D 625 2.23 -2.67 25.51
C PRO D 625 1.15 -3.74 25.42
N ALA D 626 1.52 -5.00 25.18
CA ALA D 626 0.54 -6.06 24.96
C ALA D 626 -0.53 -6.11 26.04
N ALA D 627 -0.14 -5.93 27.31
CA ALA D 627 -1.09 -6.00 28.42
C ALA D 627 -2.05 -4.82 28.48
N LEU D 628 -1.96 -3.88 27.54
CA LEU D 628 -2.94 -2.81 27.43
C LEU D 628 -3.63 -2.73 26.08
N VAL D 629 -3.03 -3.27 25.01
CA VAL D 629 -3.51 -2.94 23.67
C VAL D 629 -4.68 -3.79 23.18
N LYS D 630 -5.08 -4.82 23.93
CA LYS D 630 -6.23 -5.63 23.52
C LYS D 630 -7.34 -5.70 24.56
N CYS D 631 -7.04 -5.49 25.86
CA CYS D 631 -8.07 -5.75 26.87
C CYS D 631 -9.16 -4.69 26.88
N PHE D 632 -8.82 -3.42 26.63
CA PHE D 632 -9.85 -2.39 26.56
C PHE D 632 -10.75 -2.57 25.34
N THR D 633 -10.14 -2.78 24.17
CA THR D 633 -10.92 -3.04 22.96
C THR D 633 -11.83 -4.24 23.13
N THR D 634 -11.30 -5.35 23.66
CA THR D 634 -12.13 -6.55 23.80
C THR D 634 -13.30 -6.30 24.74
N LEU D 635 -13.07 -5.62 25.86
CA LEU D 635 -14.16 -5.33 26.78
C LEU D 635 -15.27 -4.53 26.07
N ILE D 636 -14.89 -3.49 25.34
CA ILE D 636 -15.88 -2.63 24.67
C ILE D 636 -16.63 -3.41 23.59
N ARG D 637 -15.92 -4.23 22.80
CA ARG D 637 -16.59 -5.06 21.79
C ARG D 637 -17.58 -6.01 22.44
N ASN D 638 -17.24 -6.56 23.61
CA ASN D 638 -18.16 -7.47 24.30
C ASN D 638 -19.40 -6.70 24.79
N ILE D 639 -19.19 -5.51 25.35
CA ILE D 639 -20.32 -4.72 25.85
C ILE D 639 -21.20 -4.22 24.71
N CYS D 640 -20.60 -3.89 23.58
CA CYS D 640 -21.28 -3.13 22.54
C CYS D 640 -21.69 -3.98 21.35
N TYR D 641 -21.56 -5.31 21.46
CA TYR D 641 -22.00 -6.25 20.43
C TYR D 641 -21.26 -6.04 19.10
N VAL D 642 -19.93 -5.96 19.15
CA VAL D 642 -19.12 -5.65 17.99
C VAL D 642 -18.40 -6.92 17.54
N PRO D 643 -18.81 -7.55 16.43
CA PRO D 643 -18.07 -8.70 15.91
C PRO D 643 -16.64 -8.34 15.53
N HIS D 644 -15.79 -9.38 15.52
CA HIS D 644 -14.37 -9.20 15.21
C HIS D 644 -14.18 -8.58 13.82
N GLU D 645 -14.85 -9.13 12.80
CA GLU D 645 -14.66 -8.57 11.45
C GLU D 645 -15.34 -7.22 11.31
N THR D 646 -16.50 -7.04 11.96
CA THR D 646 -17.21 -5.77 11.95
C THR D 646 -16.35 -4.62 12.50
N TYR D 647 -15.54 -4.90 13.53
CA TYR D 647 -14.63 -3.90 14.07
C TYR D 647 -13.70 -3.34 12.98
N TYR D 648 -13.15 -4.23 12.13
CA TYR D 648 -12.28 -3.78 11.05
C TYR D 648 -13.06 -3.10 9.92
N ARG D 649 -14.32 -3.46 9.68
CA ARG D 649 -15.12 -2.69 8.74
C ARG D 649 -15.29 -1.26 9.23
N PHE D 650 -15.54 -1.11 10.54
CA PHE D 650 -15.70 0.21 11.14
C PHE D 650 -14.45 1.08 10.91
N ARG D 651 -13.27 0.48 11.04
CA ARG D 651 -12.04 1.26 10.82
C ARG D 651 -11.91 1.67 9.36
N GLY D 652 -12.24 0.78 8.43
CA GLY D 652 -12.24 1.15 7.02
C GLY D 652 -13.17 2.32 6.73
N ILE D 653 -14.35 2.32 7.36
CA ILE D 653 -15.30 3.42 7.18
C ILE D 653 -14.68 4.73 7.68
N LEU D 654 -14.00 4.69 8.83
CA LEU D 654 -13.41 5.89 9.39
C LEU D 654 -12.29 6.41 8.51
N VAL D 655 -11.59 5.51 7.84
CA VAL D 655 -10.53 5.95 6.94
C VAL D 655 -11.13 6.54 5.66
N ASP D 656 -12.22 5.93 5.17
CA ASP D 656 -12.98 6.51 4.06
C ASP D 656 -13.41 7.95 4.36
N LYS D 657 -14.00 8.18 5.54
CA LYS D 657 -14.41 9.53 5.88
C LYS D 657 -13.22 10.49 5.93
N TYR D 658 -12.07 10.04 6.46
CA TYR D 658 -10.91 10.93 6.51
C TYR D 658 -10.37 11.23 5.11
N LEU D 659 -10.18 10.20 4.27
CA LEU D 659 -9.72 10.43 2.91
C LEU D 659 -10.67 11.35 2.14
N ARG D 660 -11.98 11.14 2.29
CA ARG D 660 -12.93 12.04 1.66
C ARG D 660 -12.76 13.47 2.16
N SER D 661 -12.58 13.65 3.48
CA SER D 661 -12.46 14.99 4.03
C SER D 661 -11.20 15.70 3.57
N LYS D 662 -10.20 14.95 3.11
CA LYS D 662 -8.97 15.52 2.55
C LYS D 662 -9.05 15.64 1.03
N ASN D 663 -10.21 15.35 0.45
CA ASN D 663 -10.48 15.53 -0.99
C ASN D 663 -9.59 14.63 -1.86
N VAL D 664 -9.33 13.42 -1.37
CA VAL D 664 -8.84 12.35 -2.22
C VAL D 664 -10.02 11.78 -3.01
N ASP D 665 -9.91 11.72 -4.34
CA ASP D 665 -11.04 11.20 -5.13
C ASP D 665 -11.29 9.73 -4.82
N PRO D 666 -12.52 9.34 -4.49
CA PRO D 666 -12.78 7.94 -4.10
C PRO D 666 -12.40 6.92 -5.17
N SER D 667 -12.25 7.33 -6.44
CA SER D 667 -11.82 6.35 -7.44
C SER D 667 -10.36 5.98 -7.30
N GLN D 668 -9.60 6.69 -6.46
CA GLN D 668 -8.19 6.38 -6.30
C GLN D 668 -7.92 5.29 -5.25
N TYR D 669 -8.95 4.84 -4.53
CA TYR D 669 -8.76 3.84 -3.48
C TYR D 669 -10.00 2.96 -3.36
N SER D 670 -9.79 1.76 -2.81
CA SER D 670 -10.88 0.81 -2.59
C SER D 670 -10.87 0.42 -1.12
N ILE D 671 -11.90 0.86 -0.38
CA ILE D 671 -12.04 0.48 1.03
C ILE D 671 -12.25 -1.03 1.11
N VAL D 672 -11.41 -1.70 1.91
CA VAL D 672 -11.58 -3.12 2.20
C VAL D 672 -12.11 -3.35 3.62
N GLY D 673 -11.48 -2.70 4.60
CA GLY D 673 -12.00 -2.78 5.96
C GLY D 673 -11.91 -4.16 6.58
N SER D 674 -10.81 -4.86 6.37
CA SER D 674 -10.53 -6.13 7.02
C SER D 674 -9.34 -5.98 7.96
N GLY D 675 -8.95 -7.08 8.59
CA GLY D 675 -7.84 -7.02 9.53
C GLY D 675 -6.52 -6.82 8.84
N SER D 676 -6.34 -7.47 7.68
CA SER D 676 -5.09 -7.42 6.96
C SER D 676 -5.01 -6.29 5.94
N LYS D 677 -6.13 -5.68 5.54
CA LYS D 677 -6.06 -4.43 4.80
C LYS D 677 -7.24 -3.53 5.11
N THR D 678 -6.90 -2.26 5.42
CA THR D 678 -7.92 -1.22 5.54
C THR D 678 -8.42 -0.80 4.16
N PHE D 679 -7.50 -0.42 3.27
CA PHE D 679 -7.86 -0.08 1.90
C PHE D 679 -6.71 -0.39 0.95
N THR D 680 -7.03 -0.42 -0.33
CA THR D 680 -6.06 -0.63 -1.42
C THR D 680 -5.92 0.67 -2.22
N VAL D 681 -4.69 0.98 -2.63
CA VAL D 681 -4.43 2.17 -3.43
C VAL D 681 -4.52 1.78 -4.90
N LEU D 682 -5.47 2.39 -5.62
CA LEU D 682 -5.67 2.15 -7.05
C LEU D 682 -4.78 3.01 -7.93
N SER D 683 -4.53 4.26 -7.52
CA SER D 683 -3.61 5.14 -8.24
C SER D 683 -2.95 6.08 -7.23
N HIS D 684 -1.75 6.55 -7.59
CA HIS D 684 -0.91 7.29 -6.65
C HIS D 684 -1.60 8.57 -6.19
N PHE D 685 -1.51 8.83 -4.89
CA PHE D 685 -1.92 10.12 -4.34
C PHE D 685 -1.20 10.34 -3.02
N GLU D 686 -1.29 11.59 -2.54
CA GLU D 686 -0.67 12.02 -1.30
C GLU D 686 -1.65 12.90 -0.54
N VAL D 687 -1.39 13.06 0.76
CA VAL D 687 -2.21 13.86 1.64
C VAL D 687 -1.27 14.77 2.41
N PRO D 688 -1.43 16.10 2.37
CA PRO D 688 -0.55 16.98 3.14
C PRO D 688 -0.57 16.60 4.61
N HIS D 689 0.59 16.70 5.24
CA HIS D 689 0.74 16.36 6.65
C HIS D 689 1.94 17.12 7.21
N GLU D 690 1.76 17.70 8.40
CA GLU D 690 2.83 18.45 9.07
C GLU D 690 4.12 17.66 9.15
N CYS D 691 4.04 16.33 9.12
CA CYS D 691 5.23 15.48 9.06
C CYS D 691 5.77 15.29 7.64
N GLY D 692 5.27 16.05 6.67
CA GLY D 692 5.52 15.74 5.28
C GLY D 692 4.38 14.92 4.74
N PRO D 693 4.12 15.01 3.43
CA PRO D 693 2.92 14.37 2.88
C PRO D 693 2.91 12.86 3.09
N LEU D 694 1.73 12.35 3.44
CA LEU D 694 1.50 10.91 3.43
C LEU D 694 1.41 10.44 1.99
N VAL D 695 2.26 9.48 1.61
CA VAL D 695 2.46 9.10 0.22
C VAL D 695 1.87 7.71 0.00
N PHE D 696 0.90 7.60 -0.92
CA PHE D 696 0.22 6.33 -1.19
C PHE D 696 0.51 5.91 -2.62
N GLU D 697 1.28 4.83 -2.78
CA GLU D 697 1.71 4.36 -4.09
C GLU D 697 0.67 3.44 -4.69
N ALA D 698 0.53 3.50 -6.00
CA ALA D 698 -0.44 2.68 -6.71
C ALA D 698 -0.20 1.20 -6.46
N SER D 699 -1.28 0.42 -6.53
CA SER D 699 -1.20 -1.03 -6.37
C SER D 699 -0.54 -1.43 -5.05
N THR D 700 -0.88 -0.73 -3.97
CA THR D 700 -0.45 -1.14 -2.63
C THR D 700 -1.66 -1.33 -1.72
N ASP D 701 -1.48 -2.13 -0.66
CA ASP D 701 -2.47 -2.30 0.40
C ASP D 701 -2.01 -1.56 1.64
N VAL D 702 -2.91 -0.75 2.20
CA VAL D 702 -2.64 0.07 3.37
C VAL D 702 -3.35 -0.54 4.58
N ASN D 703 -2.59 -0.80 5.64
CA ASN D 703 -3.09 -1.38 6.88
C ASN D 703 -2.70 -0.46 8.02
N ILE D 704 -3.64 0.29 8.56
CA ILE D 704 -3.30 1.27 9.58
C ILE D 704 -3.03 0.56 10.91
N SER D 705 -2.40 1.29 11.84
CA SER D 705 -1.89 0.69 13.08
C SER D 705 -3.00 0.60 14.11
N GLY D 706 -3.48 -0.61 14.37
CA GLY D 706 -4.47 -0.78 15.43
C GLY D 706 -3.96 -0.38 16.81
N HIS D 707 -2.67 -0.62 17.09
CA HIS D 707 -2.14 -0.36 18.44
C HIS D 707 -2.35 1.10 18.83
N LEU D 708 -2.11 2.01 17.90
CA LEU D 708 -2.30 3.42 18.20
C LEU D 708 -3.73 3.70 18.63
N LEU D 709 -4.70 3.21 17.84
CA LEU D 709 -6.10 3.41 18.20
C LEU D 709 -6.40 2.81 19.56
N SER D 710 -5.97 1.56 19.80
CA SER D 710 -6.21 0.90 21.09
C SER D 710 -5.53 1.63 22.24
N LEU D 711 -4.24 1.95 22.10
CA LEU D 711 -3.54 2.66 23.16
C LEU D 711 -4.22 3.98 23.49
N ALA D 712 -4.92 4.58 22.53
CA ALA D 712 -5.53 5.87 22.80
C ALA D 712 -6.73 5.74 23.72
N ILE D 713 -7.52 4.67 23.53
CA ILE D 713 -8.57 4.34 24.49
C ILE D 713 -7.98 4.06 25.88
N ALA D 714 -6.98 3.18 25.95
CA ALA D 714 -6.39 2.83 27.23
C ALA D 714 -5.90 4.05 27.98
N ALA D 715 -5.37 5.04 27.23
CA ALA D 715 -4.85 6.28 27.80
C ALA D 715 -5.89 7.11 28.53
N HIS D 716 -7.19 6.82 28.36
CA HIS D 716 -8.22 7.53 29.13
C HIS D 716 -8.33 7.06 30.57
N PHE D 717 -7.82 5.88 30.87
CA PHE D 717 -8.12 5.23 32.13
C PHE D 717 -6.89 4.95 32.98
N VAL D 718 -5.77 4.62 32.34
CA VAL D 718 -4.54 4.29 33.04
C VAL D 718 -3.38 4.92 32.30
N ALA D 719 -2.21 4.87 32.92
CA ALA D 719 -0.99 5.42 32.34
C ALA D 719 -0.68 4.70 31.04
N SER D 720 -0.03 5.43 30.13
CA SER D 720 0.06 5.00 28.76
C SER D 720 1.50 4.72 28.33
N PRO D 721 1.72 3.66 27.57
CA PRO D 721 3.03 3.49 26.93
C PRO D 721 3.09 4.11 25.54
N MET D 722 2.18 5.06 25.26
CA MET D 722 1.97 5.51 23.88
C MET D 722 3.25 6.06 23.25
N ILE D 723 3.92 6.99 23.94
CA ILE D 723 5.10 7.64 23.37
C ILE D 723 6.22 6.62 23.16
N LEU D 724 6.50 5.81 24.19
CA LEU D 724 7.53 4.79 24.03
C LEU D 724 7.16 3.83 22.91
N TRP D 725 5.89 3.43 22.81
CA TRP D 725 5.51 2.57 21.71
C TRP D 725 5.76 3.25 20.37
N ALA D 726 5.43 4.54 20.27
CA ALA D 726 5.61 5.29 19.02
C ALA D 726 7.07 5.31 18.60
N GLU D 727 7.98 5.52 19.56
CA GLU D 727 9.40 5.54 19.26
C GLU D 727 9.86 4.16 18.78
N GLN D 728 9.34 3.09 19.39
CA GLN D 728 9.72 1.75 18.95
C GLN D 728 9.08 1.40 17.61
N MET D 729 7.92 1.99 17.31
CA MET D 729 7.27 1.74 16.02
C MET D 729 8.06 2.40 14.88
N LYS D 730 8.39 3.68 15.02
CA LYS D 730 9.26 4.35 14.05
C LYS D 730 10.54 3.58 13.83
N TYR D 731 11.18 3.14 14.91
CA TYR D 731 12.40 2.35 14.79
C TYR D 731 12.17 1.06 14.00
N MET D 732 10.95 0.51 14.05
CA MET D 732 10.61 -0.70 13.29
C MET D 732 9.97 -0.37 11.94
N ALA D 733 10.21 0.83 11.41
CA ALA D 733 9.88 1.09 10.02
C ALA D 733 10.63 0.18 9.06
N VAL D 734 11.72 -0.46 9.50
CA VAL D 734 12.49 -1.39 8.68
C VAL D 734 12.74 -2.67 9.46
N ASP D 735 13.09 -3.73 8.73
CA ASP D 735 13.47 -4.98 9.34
C ASP D 735 14.73 -4.79 10.18
N ARG D 736 14.82 -5.53 11.28
CA ARG D 736 15.97 -5.52 12.16
C ARG D 736 16.36 -6.96 12.48
N MET D 737 17.57 -7.13 13.01
CA MET D 737 18.03 -8.45 13.41
C MET D 737 17.97 -8.59 14.92
N LEU D 738 17.74 -9.81 15.35
CA LEU D 738 17.65 -10.16 16.76
C LEU D 738 18.93 -9.72 17.51
N PRO D 739 18.81 -8.90 18.55
CA PRO D 739 19.94 -8.68 19.45
C PRO D 739 20.46 -10.00 19.98
N PRO D 740 21.66 -10.41 19.55
CA PRO D 740 22.14 -11.75 19.90
C PRO D 740 22.55 -11.91 21.37
N ASN D 741 22.58 -10.82 22.14
CA ASN D 741 22.90 -10.92 23.56
C ASN D 741 21.68 -11.25 24.42
N LEU D 742 20.46 -11.01 23.94
CA LEU D 742 19.26 -11.23 24.72
C LEU D 742 18.64 -12.59 24.41
N ASP D 743 18.03 -13.19 25.43
CA ASP D 743 17.35 -14.47 25.23
C ASP D 743 16.31 -14.35 24.11
N LYS D 744 16.34 -15.30 23.19
CA LYS D 744 15.43 -15.23 22.05
C LYS D 744 13.98 -15.28 22.48
N SER D 745 13.68 -16.00 23.56
CA SER D 745 12.30 -16.15 24.00
C SER D 745 11.65 -14.83 24.37
N LEU D 746 12.43 -13.81 24.72
CA LEU D 746 11.87 -12.49 24.97
C LEU D 746 11.23 -11.87 23.74
N PHE D 747 11.47 -12.41 22.55
CA PHE D 747 10.90 -11.88 21.31
C PHE D 747 9.79 -12.78 20.76
N PHE D 748 9.12 -13.54 21.63
CA PHE D 748 8.08 -14.46 21.18
C PHE D 748 6.91 -13.71 20.52
N ASP D 749 6.70 -12.45 20.86
CA ASP D 749 5.59 -11.64 20.34
C ASP D 749 6.05 -10.69 19.23
N ASN D 750 7.25 -10.92 18.67
CA ASN D 750 7.77 -10.15 17.56
C ASN D 750 7.74 -11.02 16.30
N LYS D 751 7.15 -10.50 15.23
CA LYS D 751 7.05 -11.30 14.01
C LYS D 751 8.41 -11.35 13.30
N VAL D 752 8.71 -12.51 12.74
CA VAL D 752 10.00 -12.79 12.12
C VAL D 752 9.78 -13.21 10.66
N THR D 753 10.57 -12.64 9.76
CA THR D 753 10.51 -12.98 8.35
C THR D 753 11.04 -14.39 8.12
N PRO D 754 10.76 -14.98 6.95
CA PRO D 754 11.44 -16.24 6.59
C PRO D 754 12.94 -16.09 6.49
N SER D 755 13.46 -14.86 6.38
CA SER D 755 14.89 -14.62 6.51
C SER D 755 15.39 -14.96 7.91
N GLY D 756 14.53 -14.83 8.91
CA GLY D 756 14.96 -14.91 10.29
C GLY D 756 15.20 -13.58 10.96
N ALA D 757 14.81 -12.47 10.33
CA ALA D 757 14.92 -11.14 10.91
C ALA D 757 13.61 -10.70 11.53
N LEU D 758 13.69 -9.75 12.45
CA LEU D 758 12.49 -9.12 13.02
C LEU D 758 11.83 -8.26 11.96
N GLN D 759 10.64 -8.67 11.54
CA GLN D 759 9.91 -7.99 10.48
C GLN D 759 9.51 -6.58 10.91
N ARG D 760 9.60 -5.63 9.97
CA ARG D 760 9.13 -4.28 10.22
C ARG D 760 7.62 -4.29 10.52
N TRP D 761 7.16 -3.26 11.21
CA TRP D 761 5.79 -3.27 11.71
C TRP D 761 4.84 -2.53 10.77
N HIS D 762 4.97 -1.21 10.71
CA HIS D 762 4.12 -0.41 9.86
C HIS D 762 4.96 0.66 9.17
N SER D 763 4.39 1.21 8.10
CA SER D 763 4.95 2.39 7.46
C SER D 763 4.59 3.64 8.25
N ARG D 764 5.33 4.71 7.98
CA ARG D 764 5.01 6.03 8.50
C ARG D 764 3.58 6.43 8.15
N GLU D 765 3.13 6.15 6.93
CA GLU D 765 1.77 6.53 6.55
C GLU D 765 0.73 5.78 7.38
N GLU D 766 0.93 4.47 7.55
CA GLU D 766 -0.06 3.68 8.29
C GLU D 766 -0.17 4.13 9.75
N VAL D 767 0.93 4.56 10.36
CA VAL D 767 0.89 5.05 11.73
C VAL D 767 0.16 6.38 11.79
N LEU D 768 0.57 7.33 10.93
CA LEU D 768 0.01 8.67 11.00
C LEU D 768 -1.45 8.70 10.57
N LEU D 769 -1.82 7.86 9.59
CA LEU D 769 -3.23 7.73 9.24
C LEU D 769 -4.06 7.29 10.45
N ALA D 770 -3.53 6.38 11.25
CA ALA D 770 -4.24 5.98 12.48
C ALA D 770 -4.35 7.16 13.45
N ALA D 771 -3.28 7.96 13.57
CA ALA D 771 -3.38 9.16 14.40
C ALA D 771 -4.39 10.15 13.83
N GLU D 772 -4.49 10.23 12.50
CA GLU D 772 -5.41 11.19 11.88
C GLU D 772 -6.86 10.80 12.15
N ILE D 773 -7.15 9.49 12.24
CA ILE D 773 -8.52 9.08 12.53
C ILE D 773 -8.73 8.76 14.00
N CYS D 774 -7.70 8.93 14.85
CA CYS D 774 -7.78 8.47 16.24
C CYS D 774 -8.93 9.13 16.99
N GLU D 775 -9.19 10.41 16.74
CA GLU D 775 -10.28 11.07 17.45
C GLU D 775 -11.65 10.52 17.03
N SER D 776 -11.85 10.25 15.72
CA SER D 776 -13.14 9.70 15.32
C SER D 776 -13.32 8.28 15.86
N TYR D 777 -12.24 7.49 15.85
CA TYR D 777 -12.27 6.17 16.46
C TYR D 777 -12.70 6.24 17.92
N ALA D 778 -12.10 7.15 18.69
CA ALA D 778 -12.41 7.23 20.12
C ALA D 778 -13.85 7.66 20.36
N ALA D 779 -14.36 8.64 19.60
CA ALA D 779 -15.74 9.07 19.81
C ALA D 779 -16.73 8.00 19.40
N MET D 780 -16.39 7.19 18.39
CA MET D 780 -17.18 6.01 18.08
C MET D 780 -17.17 5.03 19.26
N MET D 781 -15.97 4.58 19.66
CA MET D 781 -15.87 3.52 20.66
C MET D 781 -16.48 3.92 22.01
N LEU D 782 -16.40 5.21 22.37
CA LEU D 782 -16.91 5.66 23.66
C LEU D 782 -18.16 6.52 23.55
N ASN D 783 -18.91 6.42 22.44
CA ASN D 783 -20.19 7.12 22.29
C ASN D 783 -20.03 8.62 22.61
N ASN D 784 -19.00 9.22 22.04
CA ASN D 784 -18.70 10.65 22.16
C ASN D 784 -18.45 11.11 23.59
N LYS D 785 -18.25 10.18 24.53
CA LYS D 785 -17.89 10.49 25.90
C LYS D 785 -16.40 10.33 26.14
N HIS D 786 -15.60 10.36 25.09
CA HIS D 786 -14.15 10.33 25.18
C HIS D 786 -13.65 11.70 25.60
N SER D 787 -12.33 11.90 25.60
CA SER D 787 -11.73 13.19 25.90
C SER D 787 -10.88 13.62 24.71
N PRO D 788 -11.30 14.62 23.94
CA PRO D 788 -10.42 15.12 22.86
C PRO D 788 -9.08 15.61 23.36
N ASP D 789 -9.01 16.10 24.61
CA ASP D 789 -7.75 16.61 25.15
C ASP D 789 -6.72 15.49 25.28
N ILE D 790 -7.15 14.33 25.79
CA ILE D 790 -6.26 13.19 25.87
C ILE D 790 -5.82 12.78 24.47
N ILE D 791 -6.76 12.73 23.52
CA ILE D 791 -6.40 12.33 22.17
C ILE D 791 -5.42 13.33 21.55
N GLY D 792 -5.68 14.62 21.74
CA GLY D 792 -4.85 15.64 21.08
C GLY D 792 -3.45 15.74 21.65
N THR D 793 -3.32 15.58 22.97
CA THR D 793 -1.99 15.47 23.58
C THR D 793 -1.19 14.35 22.95
N LEU D 794 -1.84 13.19 22.77
CA LEU D 794 -1.15 12.06 22.18
C LEU D 794 -0.91 12.29 20.70
N LYS D 795 -1.88 12.89 20.01
CA LYS D 795 -1.72 13.23 18.60
C LYS D 795 -0.48 14.09 18.39
N SER D 796 -0.41 15.24 19.07
CA SER D 796 0.71 16.14 18.86
C SER D 796 2.03 15.49 19.23
N ALA D 797 2.03 14.69 20.30
CA ALA D 797 3.25 13.99 20.69
C ALA D 797 3.68 13.00 19.61
N ILE D 798 2.72 12.25 19.06
CA ILE D 798 3.04 11.31 17.98
C ILE D 798 3.61 12.06 16.78
N ASN D 799 3.07 13.24 16.47
CA ASN D 799 3.62 14.04 15.37
C ASN D 799 5.08 14.39 15.61
N LEU D 800 5.42 14.80 16.84
CA LEU D 800 6.81 15.13 17.16
C LEU D 800 7.74 13.93 17.00
N VAL D 801 7.26 12.72 17.29
CA VAL D 801 8.09 11.52 17.16
C VAL D 801 8.42 11.23 15.71
N PHE D 802 7.50 11.53 14.78
CA PHE D 802 7.67 11.21 13.37
C PHE D 802 8.06 12.44 12.53
N LYS D 803 8.49 13.51 13.18
CA LYS D 803 8.81 14.75 12.46
C LYS D 803 9.94 14.52 11.45
N ILE D 804 9.84 15.23 10.32
CA ILE D 804 10.91 15.26 9.33
C ILE D 804 11.28 16.71 9.04
#